data_7N1H
#
_entry.id   7N1H
#
_cell.length_a   1.00
_cell.length_b   1.00
_cell.length_c   1.00
_cell.angle_alpha   90.00
_cell.angle_beta   90.00
_cell.angle_gamma   90.00
#
_symmetry.space_group_name_H-M   'P 1'
#
loop_
_entity.id
_entity.type
_entity.pdbx_description
1 polymer 'Low-density lipoprotein receptor class A domain-containing protein 3'
2 polymer 'E1 envelope glycoprotein'
3 polymer 'E2 envelope glycoprotein'
4 polymer Capsid
5 non-polymer 'CALCIUM ION'
6 non-polymer 2-acetamido-2-deoxy-beta-D-glucopyranose
#
loop_
_entity_poly.entity_id
_entity_poly.type
_entity_poly.pdbx_seq_one_letter_code
_entity_poly.pdbx_strand_id
1 'polypeptide(L)' ECNIPGNFMCSNGRCIPGAWQCDGLPDCFDKSDEKECPK O,M,N,P
2 'polypeptide(L)'
;YEHATTMPSQAGISYNTIVNRAGYAPLPISITPTKIKLIPTVNLEYVTCHYKTGMDSPAIKCCGSQECTPTYRPDEQCKV
FTGVYPFMWGGAYCFCDTENTQVSKAYVMKSDDCLADHAEAYKAHTASVQAFLNITVGEHSIVTTVYVNGETPVNFNGVK
ITAGPLSTAWTPFDRKIVQYAGEIYNYDFPEYGAGQPGAFGDIQSRTVSSSDLYANTNLVLQRPKAGAIHVPYTQAPSGF
EQWKKDKAPSLKFTAPFGCEIYTNPIRAENCAVGSIPLAFDIPDALFTRVSETPTLSAAECTLNECVYSSDFGGIATVKY
SASKSGKCAVHVPSGTATLKEAAVELTEQGSATIHFSTANIHPEFRLQICTSYVTCKGDCHPPKDHIVTHPQYHAQTFTA
AVSKTAWTWLTSLLGGSAVIIIIGLVLATIVAMYVLTNQKHN
;
D,C,B,A
3 'polypeptide(L)'
;STEELFNEYKLTRPYMARCIRCAVGSCHSPIAIEAVKSDGHDGYVRLQTSSQYGLDSSGNLKGRTMRYDMHGTIKEIPLH
QVSLYTSRPCHIVDGHGYFLLARCPAGDSITMEFKKDSVRHSCSVPYEVKFNPVGRELYTHPPEHGVEQACQVYAHDAQN
RGAYVEMHLPGSEVDSSLVSLSGSSVTVTPPDGTSALVECECGGTKISETINKTKQFSQCTKKEQCRAYRLQNDKWVYNS
DKLPKAAGATLKGKLHVPFLLADGKCTVPLAPEPMITFGFRSVSLKLHPKNPTYLITRQLADEPHYTHELISEPAVRNFT
VTEKGWEFVWGNHPPKRFWAQETAPGNPHGLPHEVITHYYHRYPMSTILGLSICAAIATVSVAASTWLFCRSRVACLTPY
RLTPNARIPFCLAVLCCARTARA
;
H,G,F,E
4 'polypeptide(L)'
;KRQRMVMKLESDKTFPIMLEGKINGYACVVGGKLFRPMHVEGKIDNDVLAALKTKKASKYDLEYADVPQNMRADTFKYTH
EKPQGYYSWHHGAVQYENGRFTVPKGVGAKGDSGRPILDNQGRVVAIVLGGVNEGSRTALSVVMWNEKGVTVKYTPENCE
QW
;
L,K,J,I
#
# COMPACT_ATOMS: atom_id res chain seq x y z
N GLU A 1 -30.38 -23.25 18.02
CA GLU A 1 -31.24 -23.42 19.18
C GLU A 1 -31.11 -22.12 20.01
N CYS A 2 -31.31 -22.21 21.33
CA CYS A 2 -31.27 -21.05 22.20
C CYS A 2 -29.86 -20.66 22.60
N ASN A 3 -29.74 -19.90 23.70
CA ASN A 3 -28.45 -19.54 24.27
C ASN A 3 -27.73 -20.78 24.79
N ILE A 4 -27.15 -21.55 23.87
CA ILE A 4 -26.45 -22.78 24.23
C ILE A 4 -25.28 -22.46 25.15
N PRO A 5 -25.06 -23.22 26.23
CA PRO A 5 -26.02 -24.16 26.80
C PRO A 5 -26.62 -23.67 28.12
N GLY A 6 -27.52 -24.46 28.71
CA GLY A 6 -28.20 -24.11 29.93
C GLY A 6 -29.70 -23.92 29.77
N ASN A 7 -30.15 -23.52 28.58
CA ASN A 7 -31.55 -23.21 28.34
C ASN A 7 -32.43 -24.45 28.43
N PHE A 8 -32.95 -24.73 29.62
CA PHE A 8 -33.84 -25.87 29.79
C PHE A 8 -35.10 -25.65 28.96
N MET A 9 -35.32 -26.52 27.98
CA MET A 9 -36.48 -26.37 27.11
C MET A 9 -37.75 -26.73 27.88
N CYS A 10 -38.71 -25.81 27.89
CA CYS A 10 -40.00 -26.07 28.51
C CYS A 10 -40.84 -26.96 27.59
N SER A 11 -42.03 -27.31 28.06
CA SER A 11 -42.95 -28.08 27.22
C SER A 11 -43.42 -27.25 26.03
N ASN A 12 -43.56 -25.94 26.21
CA ASN A 12 -43.92 -25.03 25.12
C ASN A 12 -42.71 -24.50 24.37
N GLY A 13 -41.52 -25.05 24.63
CA GLY A 13 -40.34 -24.71 23.87
C GLY A 13 -39.64 -23.44 24.30
N ARG A 14 -40.13 -22.74 25.32
CA ARG A 14 -39.44 -21.55 25.79
C ARG A 14 -38.16 -21.95 26.53
N CYS A 15 -37.21 -21.02 26.53
CA CYS A 15 -35.91 -21.21 27.17
C CYS A 15 -35.83 -20.38 28.43
N ILE A 16 -35.42 -21.01 29.53
CA ILE A 16 -35.29 -20.34 30.82
C ILE A 16 -33.86 -20.51 31.30
N PRO A 17 -33.40 -19.63 32.18
CA PRO A 17 -32.13 -19.87 32.88
C PRO A 17 -32.11 -21.22 33.57
N GLY A 18 -30.98 -21.92 33.45
CA GLY A 18 -30.84 -23.19 34.13
C GLY A 18 -30.79 -23.08 35.64
N ALA A 19 -30.52 -21.87 36.16
CA ALA A 19 -30.61 -21.63 37.59
C ALA A 19 -32.05 -21.51 38.09
N TRP A 20 -33.01 -21.36 37.17
CA TRP A 20 -34.43 -21.33 37.51
C TRP A 20 -35.11 -22.67 37.25
N GLN A 21 -34.34 -23.70 36.92
CA GLN A 21 -34.89 -25.05 36.83
C GLN A 21 -34.99 -25.62 38.23
N CYS A 22 -36.22 -25.88 38.67
CA CYS A 22 -36.50 -26.49 39.98
C CYS A 22 -36.09 -25.55 41.12
N ASP A 23 -36.49 -24.27 41.00
CA ASP A 23 -36.21 -23.29 42.02
C ASP A 23 -37.45 -22.86 42.81
N GLY A 24 -38.61 -23.44 42.52
CA GLY A 24 -39.82 -23.08 43.23
C GLY A 24 -40.59 -21.93 42.64
N LEU A 25 -40.28 -21.54 41.41
CA LEU A 25 -40.97 -20.48 40.69
C LEU A 25 -41.47 -21.02 39.36
N PRO A 26 -42.67 -20.62 38.93
CA PRO A 26 -43.20 -21.07 37.62
C PRO A 26 -42.73 -20.18 36.45
N ASP A 27 -41.54 -20.48 35.95
CA ASP A 27 -40.92 -19.66 34.92
C ASP A 27 -41.35 -20.05 33.52
N CYS A 28 -41.63 -21.33 33.28
CA CYS A 28 -42.15 -21.75 31.98
C CYS A 28 -43.56 -21.25 31.74
N PHE A 29 -44.32 -21.01 32.82
CA PHE A 29 -45.73 -20.60 32.87
C PHE A 29 -46.65 -21.80 32.67
N ASP A 30 -46.13 -22.99 32.38
CA ASP A 30 -46.92 -24.21 32.34
C ASP A 30 -46.50 -25.20 33.43
N LYS A 31 -45.63 -24.78 34.34
CA LYS A 31 -45.13 -25.56 35.47
C LYS A 31 -44.17 -26.68 35.07
N SER A 32 -43.77 -26.74 33.79
CA SER A 32 -42.96 -27.87 33.34
C SER A 32 -41.53 -27.83 33.86
N ASP A 33 -41.02 -26.65 34.22
CA ASP A 33 -39.71 -26.58 34.85
C ASP A 33 -39.74 -27.06 36.29
N GLU A 34 -40.90 -26.99 36.94
CA GLU A 34 -41.04 -27.39 38.35
C GLU A 34 -41.70 -28.75 38.52
N LYS A 35 -42.10 -29.40 37.44
CA LYS A 35 -42.58 -30.78 37.52
C LYS A 35 -41.41 -31.75 37.40
N GLU A 36 -41.58 -32.94 37.96
CA GLU A 36 -40.62 -34.04 37.92
C GLU A 36 -39.28 -33.69 38.57
N CYS A 37 -39.22 -32.57 39.28
CA CYS A 37 -37.98 -32.14 39.92
C CYS A 37 -37.52 -33.15 40.97
N PRO A 38 -36.29 -33.66 40.87
CA PRO A 38 -35.80 -34.59 41.89
C PRO A 38 -35.73 -33.93 43.25
N LYS A 39 -35.74 -34.76 44.29
CA LYS A 39 -35.74 -34.28 45.67
C LYS A 39 -34.37 -33.69 46.04
N GLU B 1 -53.66 24.92 13.65
CA GLU B 1 -54.41 24.54 14.85
C GLU B 1 -53.74 23.29 15.41
N CYS B 2 -54.49 22.44 16.11
CA CYS B 2 -53.95 21.26 16.76
C CYS B 2 -53.80 20.08 15.79
N ASN B 3 -53.73 18.87 16.35
CA ASN B 3 -53.71 17.65 15.57
C ASN B 3 -55.03 17.46 14.84
N ILE B 4 -55.22 18.20 13.74
CA ILE B 4 -56.46 18.14 12.98
C ILE B 4 -56.66 16.73 12.43
N PRO B 5 -57.87 16.16 12.50
CA PRO B 5 -58.97 16.62 13.33
C PRO B 5 -59.23 15.72 14.54
N GLY B 6 -60.21 16.08 15.37
CA GLY B 6 -60.54 15.35 16.57
C GLY B 6 -60.30 16.13 17.84
N ASN B 7 -59.35 17.06 17.82
CA ASN B 7 -58.96 17.78 19.03
C ASN B 7 -60.07 18.71 19.50
N PHE B 8 -60.94 18.21 20.40
CA PHE B 8 -62.00 19.03 20.95
C PHE B 8 -61.40 20.18 21.76
N MET B 9 -61.62 21.41 21.30
CA MET B 9 -61.05 22.56 21.99
C MET B 9 -61.76 22.77 23.32
N CYS B 10 -60.99 22.82 24.41
CA CYS B 10 -61.53 23.12 25.71
C CYS B 10 -61.82 24.61 25.82
N SER B 11 -62.37 25.02 26.98
CA SER B 11 -62.58 26.44 27.21
C SER B 11 -61.26 27.18 27.33
N ASN B 12 -60.24 26.54 27.87
CA ASN B 12 -58.90 27.11 27.96
C ASN B 12 -58.05 26.84 26.72
N GLY B 13 -58.66 26.31 25.66
CA GLY B 13 -57.96 26.13 24.40
C GLY B 13 -57.10 24.90 24.30
N ARG B 14 -57.03 24.07 25.34
CA ARG B 14 -56.26 22.84 25.24
C ARG B 14 -56.97 21.84 24.34
N CYS B 15 -56.17 20.95 23.76
CA CYS B 15 -56.66 19.92 22.84
C CYS B 15 -56.60 18.56 23.52
N ILE B 16 -57.71 17.83 23.46
CA ILE B 16 -57.81 16.51 24.07
C ILE B 16 -58.20 15.52 22.99
N PRO B 17 -57.88 14.24 23.17
CA PRO B 17 -58.45 13.20 22.31
C PRO B 17 -59.97 13.29 22.24
N GLY B 18 -60.50 13.11 21.02
CA GLY B 18 -61.94 13.11 20.85
C GLY B 18 -62.62 11.91 21.48
N ALA B 19 -61.86 10.86 21.78
CA ALA B 19 -62.39 9.72 22.52
C ALA B 19 -62.54 10.02 24.01
N TRP B 20 -61.95 11.10 24.50
CA TRP B 20 -62.12 11.54 25.88
C TRP B 20 -63.12 12.67 26.02
N GLN B 21 -63.84 13.00 24.94
CA GLN B 21 -64.94 13.94 25.04
C GLN B 21 -66.16 13.20 25.56
N CYS B 22 -66.61 13.59 26.76
CA CYS B 22 -67.80 13.03 27.40
C CYS B 22 -67.59 11.56 27.77
N ASP B 23 -66.44 11.27 28.38
CA ASP B 23 -66.12 9.92 28.84
C ASP B 23 -66.17 9.76 30.35
N GLY B 24 -66.51 10.81 31.09
CA GLY B 24 -66.58 10.72 32.53
C GLY B 24 -65.29 11.03 33.24
N LEU B 25 -64.32 11.62 32.56
CA LEU B 25 -63.04 12.01 33.12
C LEU B 25 -62.82 13.49 32.87
N PRO B 26 -62.25 14.23 33.83
CA PRO B 26 -61.96 15.67 33.62
C PRO B 26 -60.60 15.92 32.96
N ASP B 27 -60.60 15.82 31.63
CA ASP B 27 -59.36 15.92 30.87
C ASP B 27 -58.96 17.36 30.55
N CYS B 28 -59.95 18.25 30.36
CA CYS B 28 -59.63 19.66 30.16
C CYS B 28 -59.08 20.31 31.41
N PHE B 29 -59.43 19.77 32.59
CA PHE B 29 -59.13 20.25 33.93
C PHE B 29 -60.04 21.39 34.35
N ASP B 30 -60.91 21.88 33.46
CA ASP B 30 -61.94 22.85 33.83
C ASP B 30 -63.34 22.28 33.67
N LYS B 31 -63.45 20.98 33.39
CA LYS B 31 -64.71 20.23 33.24
C LYS B 31 -65.45 20.56 31.94
N SER B 32 -64.84 21.34 31.05
CA SER B 32 -65.58 21.79 29.86
C SER B 32 -65.80 20.68 28.85
N ASP B 33 -64.97 19.63 28.85
CA ASP B 33 -65.24 18.48 28.00
C ASP B 33 -66.40 17.64 28.51
N GLU B 34 -66.68 17.70 29.81
CA GLU B 34 -67.74 16.90 30.42
C GLU B 34 -69.00 17.69 30.72
N LYS B 35 -69.00 19.00 30.44
CA LYS B 35 -70.23 19.79 30.54
C LYS B 35 -70.99 19.74 29.21
N GLU B 36 -72.30 19.93 29.30
CA GLU B 36 -73.22 19.99 28.17
C GLU B 36 -73.25 18.68 27.37
N CYS B 37 -72.66 17.62 27.89
CA CYS B 37 -72.62 16.33 27.20
C CYS B 37 -74.02 15.79 26.98
N PRO B 38 -74.40 15.47 25.75
CA PRO B 38 -75.73 14.90 25.50
C PRO B 38 -75.87 13.54 26.19
N LYS B 39 -77.11 13.16 26.42
CA LYS B 39 -77.40 11.91 27.12
C LYS B 39 -77.10 10.70 26.25
N GLU C 1 -10.38 19.67 45.09
CA GLU C 1 -11.30 19.23 46.14
C GLU C 1 -12.66 19.01 45.45
N CYS C 2 -13.76 19.15 46.17
CA CYS C 2 -15.10 18.89 45.66
C CYS C 2 -15.65 20.08 44.88
N ASN C 3 -16.97 20.11 44.72
CA ASN C 3 -17.66 21.24 44.11
C ASN C 3 -17.52 22.48 44.97
N ILE C 4 -16.36 23.12 44.89
CA ILE C 4 -16.07 24.31 45.69
C ILE C 4 -17.05 25.42 45.32
N PRO C 5 -17.62 26.15 46.28
CA PRO C 5 -17.64 25.80 47.70
C PRO C 5 -19.03 25.34 48.17
N GLY C 6 -19.14 24.99 49.45
CA GLY C 6 -20.37 24.49 50.04
C GLY C 6 -20.30 23.06 50.50
N ASN C 7 -19.45 22.25 49.86
CA ASN C 7 -19.38 20.82 50.17
C ASN C 7 -18.83 20.57 51.56
N PHE C 8 -19.72 20.46 52.54
CA PHE C 8 -19.30 20.16 53.91
C PHE C 8 -18.67 18.78 53.95
N MET C 9 -17.39 18.71 54.27
CA MET C 9 -16.68 17.44 54.31
C MET C 9 -17.17 16.62 55.50
N CYS C 10 -17.62 15.40 55.24
CA CYS C 10 -18.00 14.49 56.29
C CYS C 10 -16.76 13.89 56.96
N SER C 11 -16.98 13.08 57.99
CA SER C 11 -15.86 12.39 58.62
C SER C 11 -15.22 11.39 57.66
N ASN C 12 -16.01 10.77 56.80
CA ASN C 12 -15.52 9.85 55.78
C ASN C 12 -15.14 10.56 54.48
N GLY C 13 -15.10 11.89 54.49
CA GLY C 13 -14.63 12.65 53.34
C GLY C 13 -15.63 12.84 52.24
N ARG C 14 -16.85 12.35 52.38
CA ARG C 14 -17.86 12.59 51.35
C ARG C 14 -18.33 14.03 51.39
N CYS C 15 -18.81 14.51 50.25
CA CYS C 15 -19.27 15.88 50.09
C CYS C 15 -20.79 15.89 49.96
N ILE C 16 -21.43 16.75 50.75
CA ILE C 16 -22.89 16.86 50.75
C ILE C 16 -23.25 18.30 50.45
N PRO C 17 -24.45 18.55 49.93
CA PRO C 17 -24.97 19.92 49.86
C PRO C 17 -24.90 20.63 51.20
N GLY C 18 -24.47 21.89 51.17
CA GLY C 18 -24.44 22.68 52.39
C GLY C 18 -25.80 23.00 52.94
N ALA C 19 -26.85 22.86 52.12
CA ALA C 19 -28.22 22.99 52.61
C ALA C 19 -28.69 21.77 53.38
N TRP C 20 -27.96 20.66 53.30
CA TRP C 20 -28.25 19.47 54.08
C TRP C 20 -27.36 19.33 55.30
N GLN C 21 -26.57 20.36 55.61
CA GLN C 21 -25.82 20.39 56.86
C GLN C 21 -26.76 20.84 57.97
N CYS C 22 -27.01 19.94 58.93
CA CYS C 22 -27.84 20.21 60.09
C CYS C 22 -29.30 20.45 59.68
N ASP C 23 -29.81 19.56 58.84
CA ASP C 23 -31.20 19.62 58.41
C ASP C 23 -32.07 18.51 58.98
N GLY C 24 -31.52 17.65 59.82
CA GLY C 24 -32.30 16.59 60.42
C GLY C 24 -32.34 15.31 59.61
N LEU C 25 -31.46 15.16 58.63
CA LEU C 25 -31.35 13.97 57.81
C LEU C 25 -29.92 13.46 57.86
N PRO C 26 -29.72 12.14 57.90
CA PRO C 26 -28.35 11.56 57.91
C PRO C 26 -27.78 11.37 56.51
N ASP C 27 -27.22 12.45 55.96
CA ASP C 27 -26.73 12.45 54.59
C ASP C 27 -25.31 11.93 54.47
N CYS C 28 -24.47 12.14 55.49
CA CYS C 28 -23.12 11.58 55.47
C CYS C 28 -23.14 10.07 55.62
N PHE C 29 -24.18 9.53 56.26
CA PHE C 29 -24.42 8.12 56.61
C PHE C 29 -23.63 7.73 57.86
N ASP C 30 -22.81 8.62 58.41
CA ASP C 30 -22.17 8.39 59.71
C ASP C 30 -22.63 9.39 60.76
N LYS C 31 -23.64 10.21 60.45
CA LYS C 31 -24.25 11.20 61.31
C LYS C 31 -23.36 12.42 61.57
N SER C 32 -22.23 12.53 60.87
CA SER C 32 -21.29 13.59 61.17
C SER C 32 -21.79 14.97 60.72
N ASP C 33 -22.68 15.02 59.73
CA ASP C 33 -23.28 16.30 59.36
C ASP C 33 -24.30 16.77 60.39
N GLU C 34 -24.89 15.86 61.15
CA GLU C 34 -25.91 16.19 62.13
C GLU C 34 -25.39 16.18 63.57
N LYS C 35 -24.12 15.86 63.79
CA LYS C 35 -23.51 16.01 65.10
C LYS C 35 -22.94 17.42 65.26
N GLU C 36 -22.85 17.86 66.51
CA GLU C 36 -22.29 19.15 66.90
C GLU C 36 -23.04 20.33 66.31
N CYS C 37 -24.21 20.10 65.73
CA CYS C 37 -25.00 21.16 65.12
C CYS C 37 -25.41 22.20 66.14
N PRO C 38 -25.11 23.48 65.94
CA PRO C 38 -25.53 24.51 66.90
C PRO C 38 -27.05 24.60 66.94
N LYS C 39 -27.55 25.14 68.05
CA LYS C 39 -28.98 25.23 68.28
C LYS C 39 -29.60 26.30 67.38
N GLU D 1 18.03 -54.32 36.72
CA GLU D 1 17.44 -55.14 37.76
C GLU D 1 17.15 -56.51 37.13
N CYS D 2 16.16 -57.23 37.64
CA CYS D 2 15.84 -58.58 37.17
C CYS D 2 14.98 -58.57 35.91
N ASN D 3 14.31 -59.69 35.65
CA ASN D 3 13.35 -59.79 34.57
C ASN D 3 12.17 -58.88 34.80
N ILE D 4 12.35 -57.58 34.55
CA ILE D 4 11.29 -56.59 34.77
C ILE D 4 10.10 -56.90 33.88
N PRO D 5 8.86 -56.84 34.39
CA PRO D 5 8.53 -56.79 35.81
C PRO D 5 7.94 -58.11 36.32
N GLY D 6 7.63 -58.17 37.61
CA GLY D 6 7.08 -59.35 38.25
C GLY D 6 7.99 -59.96 39.29
N ASN D 7 9.31 -59.77 39.15
CA ASN D 7 10.28 -60.39 40.03
C ASN D 7 10.20 -59.82 41.44
N PHE D 8 9.40 -60.46 42.29
CA PHE D 8 9.30 -60.02 43.68
C PHE D 8 10.64 -60.21 44.37
N MET D 9 11.25 -59.09 44.80
CA MET D 9 12.55 -59.16 45.44
C MET D 9 12.41 -59.78 46.82
N CYS D 10 13.17 -60.83 47.08
CA CYS D 10 13.21 -61.45 48.40
C CYS D 10 14.05 -60.60 49.35
N SER D 11 14.12 -61.02 50.61
CA SER D 11 14.97 -60.34 51.56
C SER D 11 16.45 -60.47 51.19
N ASN D 12 16.82 -61.62 50.62
CA ASN D 12 18.19 -61.84 50.14
C ASN D 12 18.39 -61.39 48.71
N GLY D 13 17.43 -60.66 48.13
CA GLY D 13 17.59 -60.08 46.82
C GLY D 13 17.35 -61.01 45.65
N ARG D 14 17.00 -62.27 45.89
CA ARG D 14 16.70 -63.17 44.79
C ARG D 14 15.36 -62.81 44.16
N CYS D 15 15.21 -63.16 42.89
CA CYS D 15 14.01 -62.87 42.11
C CYS D 15 13.24 -64.16 41.87
N ILE D 16 11.94 -64.12 42.16
CA ILE D 16 11.08 -65.29 41.99
C ILE D 16 9.94 -64.89 41.06
N PRO D 17 9.32 -65.86 40.39
CA PRO D 17 8.06 -65.59 39.69
C PRO D 17 7.03 -64.93 40.59
N GLY D 18 6.33 -63.93 40.05
CA GLY D 18 5.28 -63.29 40.80
C GLY D 18 4.08 -64.18 41.05
N ALA D 19 3.95 -65.27 40.29
CA ALA D 19 2.93 -66.27 40.56
C ALA D 19 3.27 -67.15 41.75
N TRP D 20 4.51 -67.13 42.22
CA TRP D 20 4.92 -67.85 43.41
C TRP D 20 5.00 -66.95 44.64
N GLN D 21 4.54 -65.72 44.53
CA GLN D 21 4.40 -64.85 45.70
C GLN D 21 3.12 -65.23 46.43
N CYS D 22 3.27 -65.73 47.66
CA CYS D 22 2.14 -66.08 48.53
C CYS D 22 1.36 -67.26 47.93
N ASP D 23 2.08 -68.29 47.51
CA ASP D 23 1.47 -69.50 46.98
C ASP D 23 1.57 -70.71 47.91
N GLY D 24 2.17 -70.54 49.09
CA GLY D 24 2.30 -71.64 50.02
C GLY D 24 3.54 -72.48 49.84
N LEU D 25 4.52 -71.98 49.09
CA LEU D 25 5.79 -72.64 48.88
C LEU D 25 6.92 -71.71 49.28
N PRO D 26 7.99 -72.21 49.90
CA PRO D 26 9.14 -71.36 50.26
C PRO D 26 10.16 -71.22 49.14
N ASP D 27 9.89 -70.28 48.23
CA ASP D 27 10.70 -70.11 47.04
C ASP D 27 11.91 -69.21 47.26
N CYS D 28 11.80 -68.22 48.16
CA CYS D 28 12.95 -67.39 48.49
C CYS D 28 13.98 -68.16 49.28
N PHE D 29 13.57 -69.21 50.01
CA PHE D 29 14.34 -70.06 50.92
C PHE D 29 14.54 -69.39 52.26
N ASP D 30 14.10 -68.15 52.45
CA ASP D 30 14.09 -67.50 53.75
C ASP D 30 12.68 -67.20 54.23
N LYS D 31 11.66 -67.67 53.51
CA LYS D 31 10.23 -67.52 53.81
C LYS D 31 9.72 -66.11 53.58
N SER D 32 10.52 -65.22 53.00
CA SER D 32 10.12 -63.82 52.89
C SER D 32 9.02 -63.61 51.84
N ASP D 33 8.90 -64.50 50.86
CA ASP D 33 7.78 -64.41 49.93
C ASP D 33 6.47 -64.84 50.56
N GLU D 34 6.53 -65.68 51.60
CA GLU D 34 5.33 -66.19 52.26
C GLU D 34 5.03 -65.51 53.58
N LYS D 35 5.86 -64.57 54.02
CA LYS D 35 5.56 -63.76 55.18
C LYS D 35 4.75 -62.52 54.77
N GLU D 36 3.97 -62.01 55.71
CA GLU D 36 3.16 -60.80 55.54
C GLU D 36 2.12 -60.92 54.43
N CYS D 37 1.90 -62.12 53.92
CA CYS D 37 0.94 -62.35 52.84
C CYS D 37 -0.46 -61.97 53.29
N PRO D 38 -1.16 -61.09 52.58
CA PRO D 38 -2.54 -60.75 52.94
C PRO D 38 -3.44 -61.97 52.83
N LYS D 39 -4.57 -61.91 53.55
CA LYS D 39 -5.50 -63.03 53.59
C LYS D 39 -6.25 -63.16 52.28
N TYR E 1 23.28 -0.49 20.26
CA TYR E 1 24.10 -0.91 19.13
C TYR E 1 23.85 -2.37 18.79
N GLU E 2 23.77 -2.67 17.49
CA GLU E 2 23.58 -4.03 17.01
C GLU E 2 24.94 -4.59 16.59
N HIS E 3 25.46 -5.53 17.37
CA HIS E 3 26.73 -6.17 17.07
C HIS E 3 26.48 -7.45 16.30
N ALA E 4 27.16 -7.60 15.15
CA ALA E 4 27.03 -8.77 14.30
C ALA E 4 28.31 -9.59 14.35
N THR E 5 28.17 -10.91 14.44
CA THR E 5 29.32 -11.81 14.47
C THR E 5 28.88 -13.17 13.95
N THR E 6 29.81 -14.12 13.95
CA THR E 6 29.54 -15.48 13.51
C THR E 6 30.16 -16.45 14.50
N MET E 7 29.35 -17.40 14.97
CA MET E 7 29.80 -18.42 15.90
C MET E 7 29.85 -19.77 15.19
N PRO E 8 31.01 -20.42 15.09
CA PRO E 8 31.05 -21.76 14.48
C PRO E 8 30.14 -22.72 15.22
N SER E 9 29.50 -23.60 14.46
CA SER E 9 28.50 -24.53 15.01
C SER E 9 29.23 -25.71 15.64
N GLN E 10 29.64 -25.54 16.90
CA GLN E 10 30.25 -26.62 17.66
C GLN E 10 29.97 -26.39 19.13
N ALA E 11 29.25 -27.32 19.75
CA ALA E 11 28.88 -27.18 21.15
C ALA E 11 30.07 -27.48 22.05
N GLY E 12 30.06 -26.86 23.23
CA GLY E 12 31.12 -27.05 24.20
C GLY E 12 32.34 -26.17 24.02
N ILE E 13 32.37 -25.33 22.99
CA ILE E 13 33.51 -24.48 22.69
C ILE E 13 33.16 -23.06 23.10
N SER E 14 33.99 -22.47 23.94
CA SER E 14 33.77 -21.09 24.40
C SER E 14 34.28 -20.12 23.34
N TYR E 15 33.41 -19.22 22.90
CA TYR E 15 33.76 -18.17 21.95
C TYR E 15 33.59 -16.82 22.63
N ASN E 16 34.68 -16.08 22.75
CA ASN E 16 34.68 -14.80 23.45
C ASN E 16 34.90 -13.67 22.46
N THR E 17 34.19 -12.57 22.68
CA THR E 17 34.34 -11.37 21.87
C THR E 17 33.99 -10.16 22.73
N ILE E 18 34.52 -9.00 22.32
CA ILE E 18 34.29 -7.74 23.02
C ILE E 18 33.68 -6.76 22.02
N VAL E 19 32.70 -5.99 22.50
CA VAL E 19 32.07 -4.94 21.71
C VAL E 19 32.66 -3.61 22.14
N ASN E 20 33.38 -2.96 21.23
CA ASN E 20 34.00 -1.67 21.48
C ASN E 20 33.27 -0.67 20.57
N ARG E 21 32.33 0.05 21.16
CA ARG E 21 31.43 0.93 20.42
C ARG E 21 31.75 2.37 20.80
N ALA E 22 32.28 3.13 19.85
CA ALA E 22 32.57 4.56 20.00
C ALA E 22 33.51 4.76 21.18
N GLY E 23 33.15 5.57 22.18
CA GLY E 23 34.02 5.91 23.28
C GLY E 23 33.80 5.13 24.56
N TYR E 24 33.03 4.04 24.52
CA TYR E 24 32.82 3.21 25.68
C TYR E 24 33.83 2.07 25.72
N ALA E 25 34.19 1.66 26.93
CA ALA E 25 35.21 0.64 27.09
C ALA E 25 34.70 -0.70 26.56
N PRO E 26 35.61 -1.58 26.12
CA PRO E 26 35.17 -2.88 25.58
C PRO E 26 34.30 -3.64 26.56
N LEU E 27 33.10 -4.01 26.10
CA LEU E 27 32.19 -4.79 26.92
C LEU E 27 32.44 -6.27 26.65
N PRO E 28 32.93 -7.03 27.63
CA PRO E 28 33.21 -8.46 27.38
C PRO E 28 31.92 -9.25 27.25
N ILE E 29 31.83 -10.04 26.18
CA ILE E 29 30.70 -10.94 25.95
C ILE E 29 31.28 -12.34 25.75
N SER E 30 30.86 -13.27 26.61
CA SER E 30 31.33 -14.65 26.57
C SER E 30 30.14 -15.55 26.31
N ILE E 31 30.19 -16.30 25.20
CA ILE E 31 29.10 -17.19 24.80
C ILE E 31 29.68 -18.58 24.61
N THR E 32 29.12 -19.56 25.32
CA THR E 32 29.53 -20.96 25.17
C THR E 32 28.33 -21.82 24.83
N PRO E 33 28.18 -22.28 23.59
CA PRO E 33 27.09 -23.22 23.26
C PRO E 33 27.35 -24.57 23.90
N THR E 34 26.34 -25.09 24.60
CA THR E 34 26.47 -26.34 25.33
C THR E 34 25.79 -27.52 24.64
N LYS E 35 24.79 -27.27 23.80
CA LYS E 35 24.07 -28.35 23.14
C LYS E 35 23.28 -27.76 21.97
N ILE E 36 23.34 -28.43 20.82
CA ILE E 36 22.64 -28.01 19.62
C ILE E 36 21.77 -29.17 19.15
N LYS E 37 20.46 -28.97 19.17
CA LYS E 37 19.50 -30.02 18.80
C LYS E 37 18.90 -29.71 17.44
N LEU E 38 19.08 -30.64 16.50
CA LEU E 38 18.45 -30.57 15.18
C LEU E 38 17.23 -31.48 15.21
N ILE E 39 16.05 -30.88 15.12
CA ILE E 39 14.80 -31.63 15.26
C ILE E 39 14.01 -31.57 13.95
N PRO E 40 13.84 -32.70 13.26
CA PRO E 40 13.06 -32.68 12.02
C PRO E 40 11.56 -32.68 12.30
N THR E 41 10.80 -32.32 11.26
CA THR E 41 9.36 -32.45 11.28
C THR E 41 8.98 -33.86 10.85
N VAL E 42 8.37 -34.63 11.75
CA VAL E 42 8.23 -36.06 11.61
C VAL E 42 6.76 -36.42 11.52
N ASN E 43 6.40 -37.23 10.53
CA ASN E 43 5.03 -37.70 10.34
C ASN E 43 5.01 -39.22 10.30
N LEU E 44 4.13 -39.82 11.08
CA LEU E 44 3.98 -41.28 11.09
C LEU E 44 3.27 -41.75 9.83
N GLU E 45 3.87 -42.72 9.14
CA GLU E 45 3.25 -43.35 7.98
C GLU E 45 2.52 -44.64 8.34
N TYR E 46 3.21 -45.58 8.97
CA TYR E 46 2.61 -46.84 9.38
C TYR E 46 3.60 -47.56 10.29
N VAL E 47 3.14 -48.66 10.89
CA VAL E 47 3.97 -49.49 11.74
C VAL E 47 4.00 -50.90 11.16
N THR E 48 5.04 -51.65 11.55
CA THR E 48 5.21 -53.01 11.07
C THR E 48 5.88 -53.83 12.17
N CYS E 49 5.65 -55.14 12.13
CA CYS E 49 6.14 -56.04 13.15
C CYS E 49 5.95 -57.47 12.65
N HIS E 50 6.40 -58.44 13.44
CA HIS E 50 6.17 -59.83 13.14
C HIS E 50 4.69 -60.17 13.31
N TYR E 51 4.28 -61.29 12.73
CA TYR E 51 2.87 -61.61 12.60
C TYR E 51 2.63 -63.08 12.96
N LYS E 52 1.36 -63.40 13.16
CA LYS E 52 0.92 -64.76 13.44
C LYS E 52 -0.17 -65.15 12.43
N THR E 53 -0.09 -66.37 11.93
CA THR E 53 -1.05 -66.86 10.94
C THR E 53 -2.25 -67.44 11.67
N GLY E 54 -3.33 -66.65 11.73
CA GLY E 54 -4.56 -67.13 12.33
C GLY E 54 -5.18 -68.23 11.49
N MET E 55 -5.42 -69.39 12.10
CA MET E 55 -5.94 -70.55 11.38
C MET E 55 -7.23 -70.99 12.06
N ASP E 56 -8.32 -71.03 11.28
CA ASP E 56 -9.60 -71.43 11.83
C ASP E 56 -9.71 -72.94 11.92
N SER E 57 -10.69 -73.39 12.69
CA SER E 57 -10.91 -74.82 12.86
C SER E 57 -11.47 -75.42 11.57
N PRO E 58 -11.00 -76.61 11.19
CA PRO E 58 -11.49 -77.24 9.95
C PRO E 58 -12.99 -77.45 9.99
N ALA E 59 -13.66 -77.06 8.89
CA ALA E 59 -15.09 -77.32 8.71
C ALA E 59 -15.23 -78.64 7.97
N ILE E 60 -15.40 -79.72 8.71
CA ILE E 60 -15.47 -81.07 8.16
C ILE E 60 -16.93 -81.50 8.10
N LYS E 61 -17.42 -81.73 6.88
CA LYS E 61 -18.76 -82.24 6.65
C LYS E 61 -18.66 -83.71 6.25
N CYS E 62 -19.23 -84.59 7.07
CA CYS E 62 -19.18 -86.03 6.83
C CYS E 62 -20.33 -86.44 5.92
N CYS E 63 -20.00 -87.18 4.86
CA CYS E 63 -20.99 -87.70 3.90
C CYS E 63 -21.81 -86.56 3.29
N GLY E 64 -21.12 -85.52 2.87
CA GLY E 64 -21.81 -84.37 2.31
C GLY E 64 -20.82 -83.38 1.71
N SER E 65 -21.30 -82.16 1.47
CA SER E 65 -20.49 -81.14 0.83
C SER E 65 -20.79 -79.79 1.44
N GLN E 66 -19.74 -79.02 1.69
CA GLN E 66 -19.86 -77.65 2.18
C GLN E 66 -19.78 -76.66 1.03
N GLU E 67 -20.22 -75.43 1.30
CA GLU E 67 -20.11 -74.33 0.36
C GLU E 67 -19.30 -73.22 1.01
N CYS E 68 -18.34 -72.67 0.27
CA CYS E 68 -17.48 -71.63 0.81
C CYS E 68 -18.17 -70.27 0.71
N THR E 69 -17.84 -69.40 1.65
CA THR E 69 -18.42 -68.06 1.72
C THR E 69 -17.32 -67.02 1.87
N PRO E 70 -17.56 -65.79 1.41
CA PRO E 70 -16.57 -64.74 1.57
C PRO E 70 -16.29 -64.46 3.05
N THR E 71 -15.02 -64.23 3.37
CA THR E 71 -14.60 -63.86 4.71
C THR E 71 -13.74 -62.61 4.62
N TYR E 72 -14.01 -61.63 5.48
CA TYR E 72 -13.36 -60.33 5.40
C TYR E 72 -12.27 -60.26 6.47
N ARG E 73 -11.11 -60.85 6.13
CA ARG E 73 -9.93 -60.83 6.97
C ARG E 73 -8.72 -60.49 6.13
N PRO E 74 -7.70 -59.86 6.72
CA PRO E 74 -6.49 -59.54 5.95
C PRO E 74 -5.83 -60.81 5.42
N ASP E 75 -5.53 -60.78 4.12
CA ASP E 75 -4.92 -61.92 3.42
C ASP E 75 -5.65 -63.22 3.73
N GLU E 76 -6.98 -63.16 3.68
CA GLU E 76 -7.81 -64.31 4.02
C GLU E 76 -7.85 -65.28 2.84
N GLN E 77 -7.51 -66.54 3.11
CA GLN E 77 -7.57 -67.60 2.12
C GLN E 77 -8.48 -68.72 2.62
N CYS E 78 -9.24 -69.31 1.70
CA CYS E 78 -10.15 -70.39 2.02
C CYS E 78 -10.28 -71.30 0.81
N LYS E 79 -10.25 -72.60 1.05
CA LYS E 79 -10.28 -73.58 -0.02
C LYS E 79 -11.00 -74.83 0.45
N VAL E 80 -11.70 -75.48 -0.48
CA VAL E 80 -12.46 -76.68 -0.19
C VAL E 80 -11.67 -77.89 -0.67
N PHE E 81 -11.59 -78.92 0.17
CA PHE E 81 -10.89 -80.15 -0.15
C PHE E 81 -11.84 -81.33 -0.02
N THR E 82 -11.80 -82.22 -1.01
CA THR E 82 -12.69 -83.37 -1.06
C THR E 82 -11.86 -84.65 -1.01
N GLY E 83 -12.53 -85.75 -0.66
CA GLY E 83 -11.85 -87.03 -0.58
C GLY E 83 -11.02 -87.22 0.67
N VAL E 84 -11.54 -86.83 1.83
CA VAL E 84 -10.81 -86.89 3.09
C VAL E 84 -11.57 -87.80 4.04
N TYR E 85 -10.82 -88.54 4.86
CA TYR E 85 -11.39 -89.44 5.87
C TYR E 85 -10.67 -89.16 7.18
N PRO E 86 -11.09 -88.11 7.88
CA PRO E 86 -10.35 -87.67 9.07
C PRO E 86 -10.41 -88.68 10.20
N PHE E 87 -9.31 -88.74 10.95
CA PHE E 87 -9.21 -89.58 12.13
C PHE E 87 -9.00 -88.72 13.37
N MET E 88 -9.52 -89.19 14.50
CA MET E 88 -9.33 -88.57 15.80
C MET E 88 -8.83 -89.61 16.79
N TRP E 89 -8.49 -89.14 17.98
CA TRP E 89 -8.06 -90.04 19.05
C TRP E 89 -9.11 -91.10 19.35
N GLY E 90 -10.39 -90.76 19.15
CA GLY E 90 -11.49 -91.66 19.41
C GLY E 90 -11.91 -92.55 18.25
N GLY E 91 -11.16 -92.57 17.16
CA GLY E 91 -11.49 -93.38 16.01
C GLY E 91 -11.77 -92.53 14.78
N ALA E 92 -12.11 -93.23 13.70
CA ALA E 92 -12.41 -92.56 12.44
C ALA E 92 -13.55 -91.57 12.62
N TYR E 93 -13.30 -90.32 12.20
CA TYR E 93 -14.29 -89.26 12.38
C TYR E 93 -15.51 -89.50 11.49
N CYS E 94 -15.29 -89.74 10.20
CA CYS E 94 -16.38 -89.86 9.24
C CYS E 94 -16.42 -91.29 8.71
N PHE E 95 -17.63 -91.85 8.64
CA PHE E 95 -17.81 -93.17 8.07
C PHE E 95 -17.47 -93.18 6.58
N CYS E 96 -18.07 -92.28 5.81
CA CYS E 96 -17.95 -92.33 4.36
C CYS E 96 -16.50 -92.14 3.92
N ASP E 97 -16.13 -92.85 2.85
CA ASP E 97 -14.80 -92.71 2.26
C ASP E 97 -14.77 -91.72 1.10
N THR E 98 -15.90 -91.53 0.43
CA THR E 98 -16.05 -90.54 -0.63
C THR E 98 -17.17 -89.57 -0.25
N GLU E 99 -17.37 -88.57 -1.09
CA GLU E 99 -18.37 -87.52 -0.87
C GLU E 99 -18.17 -86.85 0.49
N ASN E 100 -16.91 -86.68 0.88
CA ASN E 100 -16.54 -86.01 2.12
C ASN E 100 -15.88 -84.67 1.80
N THR E 101 -16.17 -83.67 2.63
CA THR E 101 -15.68 -82.32 2.41
C THR E 101 -15.00 -81.81 3.67
N GLN E 102 -13.78 -81.30 3.50
CA GLN E 102 -13.01 -80.69 4.59
C GLN E 102 -12.60 -79.30 4.12
N VAL E 103 -13.18 -78.27 4.73
CA VAL E 103 -12.89 -76.88 4.38
C VAL E 103 -11.84 -76.34 5.34
N SER E 104 -10.76 -75.81 4.79
CA SER E 104 -9.68 -75.21 5.57
C SER E 104 -9.66 -73.71 5.32
N LYS E 105 -9.61 -72.93 6.40
CA LYS E 105 -9.60 -71.48 6.33
C LYS E 105 -8.50 -70.92 7.21
N ALA E 106 -7.78 -69.93 6.71
CA ALA E 106 -6.69 -69.32 7.45
C ALA E 106 -6.60 -67.85 7.08
N TYR E 107 -5.99 -67.07 7.98
CA TYR E 107 -5.85 -65.63 7.79
C TYR E 107 -4.62 -65.15 8.54
N VAL E 108 -4.19 -63.95 8.21
CA VAL E 108 -3.01 -63.34 8.82
C VAL E 108 -3.45 -62.27 9.79
N MET E 109 -2.89 -62.29 11.00
CA MET E 109 -3.21 -61.32 12.03
C MET E 109 -1.93 -60.87 12.72
N LYS E 110 -2.00 -59.68 13.32
CA LYS E 110 -0.84 -59.14 14.03
C LYS E 110 -0.49 -59.99 15.23
N SER E 111 0.81 -60.07 15.53
CA SER E 111 1.29 -60.79 16.68
C SER E 111 0.92 -60.06 17.97
N ASP E 112 0.68 -60.84 19.03
CA ASP E 112 0.35 -60.25 20.32
C ASP E 112 1.51 -59.48 20.93
N ASP E 113 2.74 -59.76 20.51
CA ASP E 113 3.90 -59.01 20.99
C ASP E 113 4.10 -57.69 20.25
N CYS E 114 3.37 -57.46 19.17
CA CYS E 114 3.59 -56.28 18.33
C CYS E 114 3.42 -54.99 19.12
N LEU E 115 2.54 -54.98 20.13
CA LEU E 115 2.28 -53.76 20.87
C LEU E 115 3.54 -53.14 21.45
N ALA E 116 4.43 -53.97 21.98
CA ALA E 116 5.68 -53.47 22.56
C ALA E 116 6.83 -53.48 21.56
N ASP E 117 6.94 -54.53 20.74
CA ASP E 117 8.05 -54.71 19.82
C ASP E 117 7.55 -54.46 18.42
N HIS E 118 7.78 -53.26 17.90
CA HIS E 118 7.36 -52.89 16.56
C HIS E 118 8.28 -51.81 16.03
N ALA E 119 8.33 -51.70 14.70
CA ALA E 119 9.03 -50.62 14.04
C ALA E 119 8.04 -49.60 13.52
N GLU E 120 8.44 -48.33 13.54
CA GLU E 120 7.59 -47.22 13.11
C GLU E 120 8.28 -46.51 11.95
N ALA E 121 7.59 -46.46 10.80
CA ALA E 121 8.12 -45.85 9.60
C ALA E 121 7.65 -44.40 9.54
N TYR E 122 8.60 -43.47 9.50
CA TYR E 122 8.28 -42.05 9.46
C TYR E 122 8.82 -41.44 8.18
N LYS E 123 8.24 -40.30 7.79
CA LYS E 123 8.78 -39.43 6.76
C LYS E 123 9.09 -38.08 7.38
N ALA E 124 10.29 -37.56 7.12
CA ALA E 124 10.74 -36.32 7.72
C ALA E 124 11.14 -35.33 6.65
N HIS E 125 10.92 -34.05 6.95
CA HIS E 125 11.28 -32.96 6.05
C HIS E 125 11.32 -31.67 6.85
N THR E 126 11.89 -30.63 6.23
CA THR E 126 11.90 -29.26 6.76
C THR E 126 12.28 -29.26 8.25
N ALA E 127 13.54 -29.56 8.50
CA ALA E 127 14.02 -29.69 9.86
C ALA E 127 14.43 -28.33 10.43
N SER E 128 14.21 -28.17 11.73
CA SER E 128 14.58 -26.96 12.45
C SER E 128 15.54 -27.31 13.57
N VAL E 129 16.43 -26.37 13.88
CA VAL E 129 17.49 -26.59 14.86
C VAL E 129 17.20 -25.74 16.10
N GLN E 130 17.28 -26.36 17.27
CA GLN E 130 17.13 -25.66 18.54
C GLN E 130 18.44 -25.79 19.31
N ALA E 131 18.99 -24.66 19.75
CA ALA E 131 20.29 -24.61 20.38
C ALA E 131 20.18 -24.10 21.82
N PHE E 132 21.10 -24.56 22.66
CA PHE E 132 21.18 -24.15 24.06
C PHE E 132 22.51 -23.41 24.25
N LEU E 133 22.44 -22.08 24.28
CA LEU E 133 23.62 -21.23 24.40
C LEU E 133 23.71 -20.67 25.80
N ASN E 134 24.90 -20.75 26.40
CA ASN E 134 25.21 -20.03 27.63
C ASN E 134 25.83 -18.70 27.24
N ILE E 135 25.08 -17.62 27.44
CA ILE E 135 25.46 -16.28 26.98
C ILE E 135 25.64 -15.41 28.22
N THR E 136 26.83 -14.82 28.36
CA THR E 136 27.13 -13.88 29.43
C THR E 136 27.50 -12.54 28.80
N VAL E 137 26.67 -11.53 29.04
CA VAL E 137 26.87 -10.18 28.50
C VAL E 137 27.01 -9.23 29.68
N GLY E 138 28.24 -8.80 29.96
CA GLY E 138 28.49 -7.87 31.04
C GLY E 138 28.16 -8.41 32.42
N GLU E 139 28.70 -9.59 32.75
CA GLU E 139 28.49 -10.22 34.05
C GLU E 139 27.01 -10.52 34.28
N HIS E 140 26.33 -10.97 33.23
CA HIS E 140 24.94 -11.42 33.30
C HIS E 140 24.87 -12.84 32.77
N SER E 141 25.10 -13.81 33.64
CA SER E 141 25.13 -15.21 33.24
C SER E 141 23.70 -15.76 33.21
N ILE E 142 23.29 -16.28 32.06
CA ILE E 142 21.95 -16.84 31.87
C ILE E 142 22.06 -18.16 31.12
N VAL E 143 21.00 -18.96 31.22
CA VAL E 143 20.87 -20.20 30.47
C VAL E 143 19.78 -19.97 29.42
N THR E 144 20.18 -19.90 28.16
CA THR E 144 19.28 -19.50 27.08
C THR E 144 18.90 -20.72 26.24
N THR E 145 17.59 -20.94 26.09
CA THR E 145 17.06 -21.92 25.15
C THR E 145 16.39 -21.15 24.02
N VAL E 146 16.97 -21.21 22.83
CA VAL E 146 16.54 -20.37 21.71
C VAL E 146 16.75 -21.13 20.42
N TYR E 147 15.83 -20.93 19.48
CA TYR E 147 15.94 -21.55 18.16
C TYR E 147 16.99 -20.83 17.33
N VAL E 148 17.38 -21.46 16.21
CA VAL E 148 18.40 -20.88 15.34
C VAL E 148 17.71 -20.05 14.26
N ASN E 149 16.44 -19.76 14.45
CA ASN E 149 15.70 -18.93 13.52
C ASN E 149 15.81 -17.48 13.96
N GLY E 150 16.21 -16.61 13.02
CA GLY E 150 16.39 -15.22 13.36
C GLY E 150 15.12 -14.43 13.50
N GLU E 151 13.97 -15.05 13.24
CA GLU E 151 12.69 -14.36 13.40
C GLU E 151 12.37 -14.14 14.89
N THR E 152 12.78 -15.06 15.76
CA THR E 152 12.35 -15.07 17.16
C THR E 152 13.54 -14.84 18.07
N PRO E 153 13.79 -13.60 18.48
CA PRO E 153 14.85 -13.33 19.46
C PRO E 153 14.37 -13.61 20.88
N VAL E 154 15.34 -13.65 21.79
CA VAL E 154 15.09 -13.77 23.22
C VAL E 154 15.76 -12.60 23.92
N ASN E 155 15.05 -11.97 24.84
CA ASN E 155 15.50 -10.74 25.49
C ASN E 155 15.64 -11.02 26.99
N PHE E 156 16.88 -10.94 27.47
CA PHE E 156 17.18 -11.09 28.89
C PHE E 156 17.98 -9.88 29.34
N ASN E 157 17.51 -9.22 30.41
CA ASN E 157 18.17 -8.04 30.98
C ASN E 157 18.36 -6.94 29.94
N GLY E 158 17.40 -6.80 29.02
CA GLY E 158 17.44 -5.75 28.02
C GLY E 158 18.24 -6.07 26.78
N VAL E 159 18.89 -7.22 26.72
CA VAL E 159 19.71 -7.61 25.58
C VAL E 159 18.88 -8.50 24.67
N LYS E 160 18.60 -8.02 23.46
CA LYS E 160 17.84 -8.78 22.47
C LYS E 160 18.83 -9.52 21.58
N ILE E 161 18.84 -10.85 21.68
CA ILE E 161 19.80 -11.69 20.98
C ILE E 161 19.08 -12.41 19.85
N THR E 162 19.57 -12.23 18.62
CA THR E 162 19.05 -12.89 17.44
C THR E 162 20.04 -13.97 17.00
N ALA E 163 19.55 -15.20 16.88
CA ALA E 163 20.38 -16.34 16.50
C ALA E 163 19.96 -16.86 15.13
N GLY E 164 20.93 -17.02 14.24
CA GLY E 164 20.70 -17.60 12.93
C GLY E 164 20.28 -16.58 11.90
N PRO E 165 19.69 -17.05 10.79
CA PRO E 165 19.41 -18.45 10.44
C PRO E 165 20.67 -19.26 10.13
N LEU E 166 20.64 -20.55 10.48
CA LEU E 166 21.76 -21.44 10.19
C LEU E 166 22.11 -21.41 8.71
N SER E 167 23.40 -21.31 8.42
CA SER E 167 23.85 -21.16 7.04
C SER E 167 23.86 -22.47 6.26
N THR E 168 23.82 -23.61 6.95
CA THR E 168 23.84 -24.91 6.29
C THR E 168 22.47 -25.56 6.39
N ALA E 169 21.91 -25.93 5.24
CA ALA E 169 20.60 -26.56 5.19
C ALA E 169 20.67 -28.08 5.27
N TRP E 170 21.87 -28.65 5.21
CA TRP E 170 22.03 -30.10 5.26
C TRP E 170 21.51 -30.66 6.58
N THR E 171 20.85 -31.80 6.50
CA THR E 171 20.38 -32.53 7.66
C THR E 171 20.82 -33.99 7.57
N PRO E 172 21.09 -34.64 8.70
CA PRO E 172 21.51 -36.04 8.65
C PRO E 172 20.39 -37.01 8.35
N PHE E 173 19.13 -36.61 8.53
CA PHE E 173 18.00 -37.50 8.32
C PHE E 173 17.56 -37.49 6.87
N ASP E 174 17.23 -38.66 6.35
CA ASP E 174 16.75 -38.80 4.99
C ASP E 174 15.23 -38.66 4.96
N ARG E 175 14.67 -38.73 3.74
CA ARG E 175 13.22 -38.62 3.58
C ARG E 175 12.49 -39.71 4.37
N LYS E 176 12.99 -40.93 4.31
CA LYS E 176 12.37 -42.06 5.02
C LYS E 176 13.19 -42.41 6.25
N ILE E 177 12.49 -42.65 7.36
CA ILE E 177 13.12 -42.99 8.64
C ILE E 177 12.37 -44.17 9.25
N VAL E 178 13.14 -45.13 9.77
CA VAL E 178 12.59 -46.29 10.47
C VAL E 178 13.19 -46.31 11.87
N GLN E 179 12.33 -46.27 12.89
CA GLN E 179 12.74 -46.28 14.29
C GLN E 179 12.40 -47.64 14.90
N TYR E 180 13.41 -48.47 15.08
CA TYR E 180 13.24 -49.80 15.67
C TYR E 180 13.82 -49.77 17.09
N ALA E 181 12.94 -49.64 18.08
CA ALA E 181 13.30 -49.76 19.50
C ALA E 181 14.48 -48.86 19.86
N GLY E 182 14.45 -47.62 19.37
CA GLY E 182 15.50 -46.68 19.64
C GLY E 182 16.64 -46.70 18.64
N GLU E 183 16.65 -47.65 17.73
CA GLU E 183 17.67 -47.74 16.68
C GLU E 183 17.06 -47.17 15.40
N ILE E 184 17.55 -46.02 14.97
CA ILE E 184 17.01 -45.30 13.83
C ILE E 184 17.87 -45.61 12.61
N TYR E 185 17.21 -45.99 11.52
CA TYR E 185 17.89 -46.43 10.30
C TYR E 185 17.42 -45.60 9.12
N ASN E 186 18.35 -45.35 8.19
CA ASN E 186 18.02 -44.76 6.90
C ASN E 186 17.66 -45.89 5.96
N TYR E 187 16.35 -46.14 5.80
CA TYR E 187 15.89 -47.28 5.02
C TYR E 187 14.71 -46.85 4.14
N ASP E 188 14.80 -47.19 2.85
CA ASP E 188 13.74 -46.89 1.89
C ASP E 188 12.63 -47.93 2.05
N PHE E 189 11.85 -47.78 3.11
CA PHE E 189 10.76 -48.71 3.36
C PHE E 189 9.66 -48.54 2.32
N PRO E 190 8.90 -49.60 2.04
CA PRO E 190 7.84 -49.48 1.03
C PRO E 190 6.67 -48.66 1.54
N GLU E 191 5.94 -48.08 0.59
CA GLU E 191 4.78 -47.26 0.90
C GLU E 191 3.61 -48.12 1.38
N TYR E 192 2.70 -47.49 2.11
CA TYR E 192 1.55 -48.17 2.67
C TYR E 192 0.73 -48.85 1.59
N GLY E 193 0.57 -50.16 1.70
CA GLY E 193 -0.17 -50.94 0.73
C GLY E 193 0.68 -51.58 -0.35
N ALA E 194 1.98 -51.30 -0.39
CA ALA E 194 2.87 -51.87 -1.40
C ALA E 194 3.79 -52.95 -0.82
N GLY E 195 3.49 -53.44 0.38
CA GLY E 195 4.37 -54.43 0.99
C GLY E 195 4.42 -55.71 0.18
N GLN E 196 5.61 -56.32 0.14
CA GLN E 196 5.82 -57.56 -0.58
C GLN E 196 6.05 -58.71 0.39
N PRO E 197 5.75 -59.94 0.00
CA PRO E 197 5.98 -61.08 0.91
C PRO E 197 7.47 -61.32 1.12
N GLY E 198 7.83 -61.54 2.37
CA GLY E 198 9.22 -61.78 2.74
C GLY E 198 10.09 -60.55 2.78
N ALA E 199 9.51 -59.36 2.70
CA ALA E 199 10.25 -58.11 2.73
C ALA E 199 9.75 -57.25 3.89
N PHE E 200 10.62 -56.36 4.35
CA PHE E 200 10.28 -55.43 5.42
C PHE E 200 8.99 -54.67 5.08
N GLY E 201 8.01 -54.78 5.96
CA GLY E 201 6.71 -54.20 5.72
C GLY E 201 5.72 -55.14 5.07
N ASP E 202 5.89 -56.45 5.23
CA ASP E 202 4.90 -57.39 4.74
C ASP E 202 3.59 -57.26 5.49
N ILE E 203 3.63 -56.94 6.78
CA ILE E 203 2.46 -56.66 7.59
C ILE E 203 2.52 -55.21 8.02
N GLN E 204 1.56 -54.41 7.58
CA GLN E 204 1.53 -52.99 7.86
C GLN E 204 0.24 -52.62 8.59
N SER E 205 0.35 -51.64 9.48
CA SER E 205 -0.79 -51.09 10.21
C SER E 205 -0.67 -49.58 10.26
N ARG E 206 -1.71 -48.89 9.80
CA ARG E 206 -1.70 -47.43 9.74
C ARG E 206 -1.29 -46.83 11.08
N THR E 207 -1.93 -47.27 12.16
CA THR E 207 -1.57 -46.86 13.52
C THR E 207 -1.52 -48.10 14.40
N VAL E 208 -1.04 -47.91 15.63
CA VAL E 208 -0.91 -49.02 16.57
C VAL E 208 -2.29 -49.57 16.92
N SER E 209 -3.26 -48.69 17.14
CA SER E 209 -4.60 -49.10 17.54
C SER E 209 -5.51 -49.43 16.36
N SER E 210 -5.06 -49.18 15.13
CA SER E 210 -5.91 -49.43 13.97
C SER E 210 -6.21 -50.91 13.83
N SER E 211 -7.49 -51.25 13.71
CA SER E 211 -7.89 -52.64 13.53
C SER E 211 -7.62 -53.12 12.10
N ASP E 212 -7.91 -52.26 11.12
CA ASP E 212 -7.60 -52.61 9.74
C ASP E 212 -6.10 -52.60 9.52
N LEU E 213 -5.63 -53.56 8.72
CA LEU E 213 -4.21 -53.68 8.44
C LEU E 213 -4.03 -54.29 7.07
N TYR E 214 -2.86 -54.03 6.47
CA TYR E 214 -2.50 -54.59 5.17
C TYR E 214 -1.61 -55.80 5.39
N ALA E 215 -1.90 -56.88 4.66
CA ALA E 215 -1.14 -58.12 4.79
C ALA E 215 -0.87 -58.69 3.41
N ASN E 216 0.40 -58.99 3.14
CA ASN E 216 0.81 -59.65 1.89
C ASN E 216 1.87 -60.68 2.27
N THR E 217 1.42 -61.88 2.60
CA THR E 217 2.30 -62.95 3.04
C THR E 217 2.42 -64.08 2.01
N ASN E 218 1.67 -64.02 0.91
CA ASN E 218 1.61 -65.09 -0.07
C ASN E 218 1.10 -66.39 0.58
N LEU E 219 0.01 -66.26 1.33
CA LEU E 219 -0.58 -67.41 2.01
C LEU E 219 -1.25 -68.33 1.00
N VAL E 220 -0.82 -69.59 0.96
CA VAL E 220 -1.37 -70.60 0.08
C VAL E 220 -1.76 -71.81 0.91
N LEU E 221 -3.02 -72.22 0.80
CA LEU E 221 -3.48 -73.41 1.50
C LEU E 221 -3.08 -74.67 0.72
N GLN E 222 -2.80 -75.73 1.46
CA GLN E 222 -2.31 -76.97 0.88
C GLN E 222 -3.31 -78.10 1.14
N ARG E 223 -3.06 -79.24 0.49
CA ARG E 223 -3.91 -80.40 0.68
C ARG E 223 -3.58 -81.09 2.00
N PRO E 224 -4.55 -81.34 2.86
CA PRO E 224 -4.27 -81.99 4.14
C PRO E 224 -3.92 -83.46 3.96
N LYS E 225 -3.29 -84.02 4.98
CA LYS E 225 -2.96 -85.45 4.97
C LYS E 225 -4.20 -86.29 5.18
N ALA E 226 -4.27 -87.40 4.45
CA ALA E 226 -5.38 -88.32 4.59
C ALA E 226 -5.34 -88.97 5.97
N GLY E 227 -6.46 -88.89 6.70
CA GLY E 227 -6.54 -89.44 8.02
C GLY E 227 -6.02 -88.55 9.12
N ALA E 228 -5.63 -87.32 8.81
CA ALA E 228 -5.09 -86.39 9.79
C ALA E 228 -5.88 -85.08 9.72
N ILE E 229 -6.31 -84.58 10.87
CA ILE E 229 -7.01 -83.30 10.96
C ILE E 229 -5.99 -82.23 11.31
N HIS E 230 -5.80 -81.29 10.38
CA HIS E 230 -4.86 -80.19 10.53
C HIS E 230 -5.13 -79.21 9.39
N VAL E 231 -4.62 -78.00 9.56
CA VAL E 231 -4.78 -76.97 8.54
C VAL E 231 -3.43 -76.69 7.90
N PRO E 232 -3.13 -77.29 6.76
CA PRO E 232 -1.86 -77.01 6.09
C PRO E 232 -1.88 -75.62 5.45
N TYR E 233 -0.70 -75.02 5.33
CA TYR E 233 -0.60 -73.67 4.84
C TYR E 233 0.80 -73.42 4.32
N THR E 234 0.93 -72.36 3.52
CA THR E 234 2.21 -71.89 3.01
C THR E 234 2.29 -70.39 3.24
N GLN E 235 3.43 -69.92 3.72
CA GLN E 235 3.60 -68.48 3.95
C GLN E 235 5.06 -68.10 3.81
N ALA E 236 5.29 -66.86 3.43
CA ALA E 236 6.64 -66.32 3.36
C ALA E 236 7.17 -66.08 4.78
N PRO E 237 8.46 -66.28 5.00
CA PRO E 237 9.03 -65.98 6.32
C PRO E 237 8.78 -64.53 6.71
N SER E 238 8.61 -64.30 8.00
CA SER E 238 8.37 -62.96 8.52
C SER E 238 9.44 -62.00 8.03
N GLY E 239 9.03 -61.02 7.23
CA GLY E 239 9.97 -60.04 6.72
C GLY E 239 10.55 -59.17 7.82
N PHE E 240 9.81 -58.99 8.92
CA PHE E 240 10.35 -58.26 10.07
C PHE E 240 11.63 -58.93 10.58
N GLU E 241 11.59 -60.25 10.77
CA GLU E 241 12.78 -60.97 11.24
C GLU E 241 13.93 -60.85 10.25
N GLN E 242 13.65 -61.02 8.96
CA GLN E 242 14.70 -60.92 7.95
C GLN E 242 15.35 -59.55 7.98
N TRP E 243 14.54 -58.49 8.03
CA TRP E 243 15.09 -57.13 8.13
C TRP E 243 15.90 -56.96 9.40
N LYS E 244 15.38 -57.45 10.54
CA LYS E 244 16.12 -57.38 11.79
C LYS E 244 17.48 -58.06 11.67
N LYS E 245 17.57 -59.12 10.87
CA LYS E 245 18.85 -59.80 10.68
C LYS E 245 19.77 -59.00 9.76
N ASP E 246 19.20 -58.36 8.73
CA ASP E 246 19.96 -57.57 7.77
C ASP E 246 19.80 -56.07 7.99
N LYS E 247 19.47 -55.67 9.22
CA LYS E 247 19.15 -54.28 9.51
C LYS E 247 20.30 -53.31 9.24
N ALA E 248 21.54 -53.80 9.17
CA ALA E 248 22.72 -52.98 8.88
C ALA E 248 22.98 -52.00 10.03
N PRO E 249 24.17 -51.40 10.11
CA PRO E 249 24.43 -50.44 11.18
C PRO E 249 23.45 -49.26 11.15
N SER E 250 23.19 -48.72 12.33
CA SER E 250 22.16 -47.70 12.48
C SER E 250 22.66 -46.35 11.99
N LEU E 251 21.71 -45.45 11.74
CA LEU E 251 22.06 -44.09 11.33
C LEU E 251 22.91 -43.41 12.39
N LYS E 252 22.61 -43.66 13.67
CA LYS E 252 23.38 -43.06 14.76
C LYS E 252 24.87 -43.34 14.61
N PHE E 253 25.23 -44.53 14.13
CA PHE E 253 26.63 -44.88 13.96
C PHE E 253 27.20 -44.39 12.64
N THR E 254 26.34 -44.15 11.64
CA THR E 254 26.79 -43.79 10.31
C THR E 254 26.65 -42.31 10.00
N ALA E 255 25.96 -41.55 10.85
CA ALA E 255 25.70 -40.14 10.56
C ALA E 255 27.02 -39.37 10.50
N PRO E 256 27.23 -38.56 9.47
CA PRO E 256 28.48 -37.79 9.38
C PRO E 256 28.49 -36.61 10.34
N PHE E 257 29.63 -35.94 10.37
CA PHE E 257 29.87 -34.76 11.22
C PHE E 257 29.76 -35.09 12.70
N GLY E 258 29.93 -36.35 13.08
CA GLY E 258 29.81 -36.73 14.47
C GLY E 258 28.44 -36.52 15.04
N CYS E 259 27.42 -36.48 14.19
CA CYS E 259 26.06 -36.24 14.65
C CYS E 259 25.57 -37.40 15.50
N GLU E 260 25.05 -37.09 16.68
CA GLU E 260 24.49 -38.08 17.59
C GLU E 260 22.97 -38.06 17.48
N ILE E 261 22.38 -39.25 17.41
CA ILE E 261 20.95 -39.40 17.19
C ILE E 261 20.31 -39.92 18.47
N TYR E 262 19.23 -39.26 18.89
CA TYR E 262 18.49 -39.65 20.08
C TYR E 262 17.02 -39.79 19.74
N THR E 263 16.33 -40.63 20.48
CA THR E 263 14.96 -41.01 20.14
C THR E 263 13.97 -40.36 21.09
N ASN E 264 12.70 -40.77 20.96
CA ASN E 264 11.50 -40.32 21.67
C ASN E 264 11.15 -38.89 21.23
N PRO E 265 11.82 -37.80 21.70
CA PRO E 265 11.70 -36.59 20.86
C PRO E 265 12.78 -36.58 19.78
N ILE E 266 12.48 -37.26 18.67
CA ILE E 266 13.42 -37.50 17.58
C ILE E 266 14.20 -36.23 17.26
N ARG E 267 15.52 -36.32 17.34
CA ARG E 267 16.36 -35.13 17.30
C ARG E 267 17.80 -35.54 17.00
N ALA E 268 18.56 -34.59 16.48
CA ALA E 268 19.98 -34.76 16.24
C ALA E 268 20.75 -33.76 17.08
N GLU E 269 21.86 -34.22 17.67
CA GLU E 269 22.64 -33.38 18.57
C GLU E 269 24.11 -33.40 18.19
N ASN E 270 24.80 -32.31 18.53
CA ASN E 270 26.25 -32.19 18.40
C ASN E 270 26.70 -32.39 16.96
N CYS E 271 25.92 -31.88 16.02
CA CYS E 271 26.25 -31.98 14.61
C CYS E 271 27.20 -30.83 14.26
N ALA E 272 28.49 -31.15 14.13
CA ALA E 272 29.52 -30.13 13.94
C ALA E 272 29.67 -29.83 12.46
N VAL E 273 28.77 -28.98 11.96
CA VAL E 273 28.81 -28.54 10.57
C VAL E 273 28.29 -27.12 10.50
N GLY E 274 29.00 -26.27 9.76
CA GLY E 274 28.49 -24.95 9.45
C GLY E 274 28.83 -23.92 10.51
N SER E 275 28.05 -22.83 10.47
CA SER E 275 28.17 -21.74 11.43
C SER E 275 26.83 -21.05 11.53
N ILE E 276 26.69 -20.23 12.57
CA ILE E 276 25.43 -19.56 12.86
C ILE E 276 25.69 -18.07 13.08
N PRO E 277 25.05 -17.17 12.32
CA PRO E 277 25.19 -15.75 12.58
C PRO E 277 24.44 -15.33 13.83
N LEU E 278 24.95 -14.30 14.49
CA LEU E 278 24.36 -13.78 15.71
C LEU E 278 24.24 -12.27 15.64
N ALA E 279 23.13 -11.74 16.15
CA ALA E 279 22.88 -10.31 16.21
C ALA E 279 22.51 -9.94 17.64
N PHE E 280 23.14 -8.89 18.17
CA PHE E 280 23.00 -8.51 19.57
C PHE E 280 22.54 -7.06 19.64
N ASP E 281 21.24 -6.85 19.85
CA ASP E 281 20.69 -5.51 20.02
C ASP E 281 20.83 -5.16 21.50
N ILE E 282 21.86 -4.40 21.84
CA ILE E 282 22.19 -4.06 23.22
C ILE E 282 21.96 -2.56 23.40
N PRO E 283 21.20 -2.14 24.41
CA PRO E 283 20.98 -0.71 24.63
C PRO E 283 22.26 -0.01 25.07
N ASP E 284 22.36 1.27 24.71
CA ASP E 284 23.51 2.07 25.12
C ASP E 284 23.61 2.23 26.62
N ALA E 285 22.49 2.08 27.35
CA ALA E 285 22.51 2.20 28.80
C ALA E 285 23.48 1.22 29.46
N LEU E 286 23.74 0.08 28.82
CA LEU E 286 24.62 -0.93 29.40
C LEU E 286 26.09 -0.65 29.14
N PHE E 287 26.42 0.30 28.26
CA PHE E 287 27.81 0.64 28.00
C PHE E 287 28.38 1.49 29.13
N THR E 288 29.66 1.29 29.41
CA THR E 288 30.37 2.01 30.47
C THR E 288 31.41 2.93 29.87
N ARG E 289 31.44 4.17 30.35
CA ARG E 289 32.40 5.15 29.86
C ARG E 289 33.82 4.82 30.31
N VAL E 290 34.79 5.18 29.47
CA VAL E 290 36.20 4.90 29.76
C VAL E 290 36.64 5.59 31.05
N SER E 291 36.06 6.75 31.37
CA SER E 291 36.44 7.47 32.57
C SER E 291 36.14 6.70 33.84
N GLU E 292 35.22 5.72 33.78
CA GLU E 292 34.93 4.87 34.92
C GLU E 292 35.85 3.66 35.00
N THR E 293 36.54 3.33 33.92
CA THR E 293 37.45 2.20 33.84
C THR E 293 38.88 2.66 34.06
N PRO E 294 39.77 1.76 34.50
CA PRO E 294 41.16 2.14 34.68
C PRO E 294 41.85 2.44 33.37
N THR E 295 42.83 3.34 33.43
CA THR E 295 43.63 3.71 32.26
C THR E 295 44.98 3.02 32.35
N LEU E 296 45.35 2.32 31.27
CA LEU E 296 46.53 1.49 31.26
C LEU E 296 47.69 2.18 30.54
N SER E 297 48.88 2.07 31.12
CA SER E 297 50.10 2.59 30.51
C SER E 297 51.24 1.65 30.85
N ALA E 298 52.42 1.93 30.30
CA ALA E 298 53.64 1.15 30.54
C ALA E 298 53.40 -0.34 30.28
N ALA E 299 52.77 -0.63 29.14
CA ALA E 299 52.44 -1.99 28.77
C ALA E 299 53.57 -2.61 27.96
N GLU E 300 53.86 -3.88 28.24
CA GLU E 300 54.93 -4.60 27.55
C GLU E 300 54.53 -6.07 27.45
N CYS E 301 54.42 -6.59 26.23
CA CYS E 301 53.99 -7.96 25.99
C CYS E 301 55.21 -8.82 25.73
N THR E 302 55.39 -9.86 26.54
CA THR E 302 56.47 -10.81 26.36
C THR E 302 55.90 -12.23 26.36
N LEU E 303 56.54 -13.11 25.58
CA LEU E 303 56.12 -14.50 25.47
C LEU E 303 57.10 -15.36 26.28
N ASN E 304 56.67 -15.77 27.47
CA ASN E 304 57.52 -16.61 28.30
C ASN E 304 57.66 -18.02 27.72
N GLU E 305 56.56 -18.56 27.21
CA GLU E 305 56.55 -19.89 26.63
C GLU E 305 55.31 -20.01 25.74
N CYS E 306 55.40 -20.89 24.75
CA CYS E 306 54.29 -21.09 23.82
C CYS E 306 54.38 -22.50 23.26
N VAL E 307 53.30 -23.25 23.40
CA VAL E 307 53.19 -24.59 22.82
C VAL E 307 51.97 -24.60 21.93
N TYR E 308 52.18 -24.75 20.63
CA TYR E 308 51.06 -24.93 19.70
C TYR E 308 50.53 -26.34 19.89
N SER E 309 49.43 -26.48 20.63
CA SER E 309 48.93 -27.81 20.95
C SER E 309 47.45 -27.72 21.28
N SER E 310 46.92 -28.82 21.82
CA SER E 310 45.50 -28.91 22.14
C SER E 310 45.08 -27.80 23.11
N ASP E 311 45.79 -27.68 24.23
CA ASP E 311 45.38 -26.78 25.29
C ASP E 311 46.00 -25.40 25.06
N PHE E 312 45.80 -24.50 26.03
CA PHE E 312 46.36 -23.16 25.93
C PHE E 312 47.86 -23.17 26.18
N GLY E 313 48.63 -23.67 25.21
CA GLY E 313 50.05 -23.80 25.42
C GLY E 313 50.84 -22.52 25.30
N GLY E 314 50.22 -21.45 24.80
CA GLY E 314 50.85 -20.15 24.83
C GLY E 314 50.67 -19.49 26.20
N ILE E 315 51.75 -18.93 26.71
CA ILE E 315 51.77 -18.30 28.02
C ILE E 315 52.42 -16.93 27.86
N ALA E 316 51.61 -15.89 27.72
CA ALA E 316 52.10 -14.53 27.59
C ALA E 316 51.95 -13.79 28.91
N THR E 317 52.98 -13.04 29.27
CA THR E 317 52.99 -12.22 30.48
C THR E 317 53.18 -10.76 30.07
N VAL E 318 52.29 -9.89 30.55
CA VAL E 318 52.29 -8.49 30.18
C VAL E 318 52.45 -7.65 31.45
N LYS E 319 53.50 -6.85 31.50
CA LYS E 319 53.67 -5.87 32.57
C LYS E 319 52.87 -4.62 32.24
N TYR E 320 52.26 -4.03 33.26
CA TYR E 320 51.37 -2.90 33.05
C TYR E 320 51.42 -1.99 34.27
N SER E 321 50.98 -0.75 34.04
CA SER E 321 50.73 0.22 35.11
C SER E 321 49.31 0.73 34.96
N ALA E 322 48.46 0.44 35.94
CA ALA E 322 47.04 0.77 35.88
C ALA E 322 46.72 1.92 36.82
N SER E 323 45.93 2.87 36.33
CA SER E 323 45.51 3.99 37.18
C SER E 323 44.57 3.53 38.29
N LYS E 324 43.78 2.49 38.04
CA LYS E 324 42.87 1.96 39.04
C LYS E 324 42.89 0.43 38.98
N SER E 325 42.45 -0.17 40.08
CA SER E 325 42.28 -1.62 40.11
C SER E 325 40.97 -2.02 39.42
N GLY E 326 40.91 -3.28 39.00
CA GLY E 326 39.73 -3.79 38.34
C GLY E 326 40.03 -4.75 37.21
N LYS E 327 38.99 -5.24 36.54
CA LYS E 327 39.13 -6.19 35.45
C LYS E 327 39.13 -5.46 34.12
N CYS E 328 39.94 -5.95 33.18
CA CYS E 328 39.99 -5.42 31.83
C CYS E 328 39.61 -6.53 30.85
N ALA E 329 38.80 -6.18 29.85
CA ALA E 329 38.50 -7.12 28.78
C ALA E 329 39.72 -7.28 27.88
N VAL E 330 39.93 -8.51 27.42
CA VAL E 330 41.07 -8.84 26.55
C VAL E 330 40.55 -9.52 25.30
N HIS E 331 41.17 -9.22 24.16
CA HIS E 331 40.78 -9.77 22.88
C HIS E 331 41.89 -9.54 21.87
N VAL E 332 42.11 -10.52 21.02
CA VAL E 332 43.01 -10.39 19.87
C VAL E 332 42.15 -10.08 18.65
N PRO E 333 42.34 -8.92 18.00
CA PRO E 333 41.49 -8.59 16.83
C PRO E 333 41.56 -9.62 15.73
N SER E 334 42.74 -10.20 15.49
CA SER E 334 42.90 -11.22 14.46
C SER E 334 42.57 -12.60 15.02
N GLY E 335 41.96 -13.43 14.18
CA GLY E 335 41.63 -14.79 14.58
C GLY E 335 42.81 -15.74 14.68
N THR E 336 44.01 -15.29 14.31
CA THR E 336 45.19 -16.13 14.41
C THR E 336 45.39 -16.65 15.83
N ALA E 337 45.23 -15.79 16.82
CA ALA E 337 45.37 -16.15 18.23
C ALA E 337 44.04 -15.98 18.95
N THR E 338 43.77 -16.87 19.89
CA THR E 338 42.56 -16.81 20.70
C THR E 338 42.95 -16.89 22.17
N LEU E 339 42.30 -16.07 23.00
CA LEU E 339 42.65 -15.96 24.41
C LEU E 339 41.78 -16.88 25.25
N LYS E 340 42.34 -17.33 26.38
CA LYS E 340 41.62 -18.23 27.27
C LYS E 340 40.49 -17.50 27.99
N GLU E 341 40.82 -16.41 28.69
CA GLU E 341 39.84 -15.66 29.46
C GLU E 341 39.35 -14.45 28.68
N ALA E 342 38.10 -14.07 28.95
CA ALA E 342 37.55 -12.88 28.33
C ALA E 342 37.97 -11.61 29.06
N ALA E 343 38.23 -11.69 30.36
CA ALA E 343 38.68 -10.54 31.13
C ALA E 343 39.63 -11.00 32.22
N VAL E 344 40.59 -10.13 32.54
CA VAL E 344 41.62 -10.43 33.53
C VAL E 344 41.59 -9.35 34.60
N GLU E 345 41.62 -9.77 35.86
CA GLU E 345 41.67 -8.82 36.98
C GLU E 345 43.08 -8.26 37.08
N LEU E 346 43.21 -6.95 36.92
CA LEU E 346 44.52 -6.31 36.89
C LEU E 346 44.81 -5.60 38.21
N THR E 347 46.08 -5.63 38.60
CA THR E 347 46.56 -4.91 39.77
C THR E 347 46.85 -3.47 39.40
N GLU E 348 47.63 -2.78 40.24
CA GLU E 348 47.92 -1.37 40.01
C GLU E 348 49.15 -1.19 39.12
N GLN E 349 50.30 -1.68 39.56
CA GLN E 349 51.55 -1.59 38.81
C GLN E 349 52.26 -2.93 38.77
N GLY E 350 51.53 -4.00 38.56
CA GLY E 350 52.09 -5.34 38.52
C GLY E 350 52.23 -5.88 37.11
N SER E 351 52.07 -7.20 36.98
CA SER E 351 52.13 -7.86 35.70
C SER E 351 51.05 -8.93 35.64
N ALA E 352 50.51 -9.15 34.44
CA ALA E 352 49.43 -10.09 34.23
C ALA E 352 49.89 -11.20 33.29
N THR E 353 49.44 -12.42 33.56
CA THR E 353 49.74 -13.57 32.71
C THR E 353 48.43 -14.08 32.13
N ILE E 354 48.43 -14.32 30.82
CA ILE E 354 47.24 -14.78 30.12
C ILE E 354 47.61 -15.96 29.23
N HIS E 355 46.76 -16.98 29.24
CA HIS E 355 46.95 -18.15 28.39
C HIS E 355 46.27 -17.94 27.04
N PHE E 356 46.87 -18.52 26.00
CA PHE E 356 46.33 -18.42 24.66
C PHE E 356 46.80 -19.62 23.85
N SER E 357 46.35 -19.68 22.60
CA SER E 357 46.84 -20.65 21.64
C SER E 357 46.64 -20.11 20.24
N THR E 358 47.63 -20.31 19.37
CA THR E 358 47.62 -19.75 18.03
C THR E 358 48.05 -20.80 17.02
N ALA E 359 47.40 -20.79 15.86
CA ALA E 359 47.77 -21.71 14.79
C ALA E 359 49.14 -21.39 14.21
N ASN E 360 49.55 -20.13 14.27
CA ASN E 360 50.79 -19.68 13.64
C ASN E 360 51.94 -19.87 14.61
N ILE E 361 52.87 -20.74 14.24
CA ILE E 361 54.02 -21.05 15.09
C ILE E 361 54.91 -19.83 15.33
N HIS E 362 54.74 -18.77 14.52
CA HIS E 362 55.45 -17.51 14.70
C HIS E 362 54.43 -16.42 15.00
N PRO E 363 54.05 -16.24 16.27
CA PRO E 363 53.02 -15.25 16.62
C PRO E 363 53.39 -13.86 16.14
N GLU E 364 52.44 -13.21 15.48
CA GLU E 364 52.55 -11.79 15.14
C GLU E 364 51.14 -11.22 15.15
N PHE E 365 50.75 -10.63 16.29
CA PHE E 365 49.39 -10.18 16.48
C PHE E 365 49.36 -9.12 17.56
N ARG E 366 48.26 -8.39 17.62
CA ARG E 366 48.03 -7.35 18.62
C ARG E 366 47.16 -7.90 19.74
N LEU E 367 47.43 -7.41 20.96
CA LEU E 367 46.65 -7.79 22.14
C LEU E 367 46.04 -6.53 22.74
N GLN E 368 44.71 -6.51 22.80
CA GLN E 368 43.97 -5.39 23.37
C GLN E 368 43.62 -5.68 24.82
N ILE E 369 43.95 -4.74 25.71
CA ILE E 369 43.57 -4.81 27.11
C ILE E 369 42.94 -3.47 27.48
N CYS E 370 41.66 -3.51 27.89
CA CYS E 370 40.82 -2.31 28.04
C CYS E 370 40.95 -1.48 26.76
N THR E 371 41.16 -0.17 26.85
CA THR E 371 41.18 0.69 25.67
C THR E 371 42.52 0.69 24.94
N SER E 372 43.58 0.20 25.58
CA SER E 372 44.90 0.17 24.97
C SER E 372 45.16 -1.20 24.35
N TYR E 373 46.16 -1.24 23.48
CA TYR E 373 46.58 -2.49 22.85
C TYR E 373 48.07 -2.42 22.52
N VAL E 374 48.70 -3.59 22.51
CA VAL E 374 50.12 -3.71 22.22
C VAL E 374 50.34 -4.86 21.25
N THR E 375 51.53 -4.89 20.66
CA THR E 375 51.90 -5.94 19.71
C THR E 375 52.70 -7.01 20.43
N CYS E 376 52.29 -8.26 20.27
CA CYS E 376 52.97 -9.41 20.83
C CYS E 376 53.61 -10.22 19.72
N LYS E 377 54.74 -10.87 20.05
CA LYS E 377 55.50 -11.60 19.05
C LYS E 377 56.40 -12.60 19.76
N GLY E 378 56.60 -13.76 19.15
CA GLY E 378 57.41 -14.79 19.75
C GLY E 378 57.65 -15.94 18.80
N ASP E 379 58.06 -17.07 19.37
CA ASP E 379 58.38 -18.25 18.60
C ASP E 379 57.88 -19.48 19.37
N CYS E 380 56.91 -20.18 18.79
CA CYS E 380 56.30 -21.33 19.43
C CYS E 380 56.97 -22.61 18.97
N HIS E 381 56.85 -23.66 19.80
CA HIS E 381 57.33 -24.94 19.33
C HIS E 381 56.19 -25.80 18.79
N PRO E 382 56.44 -26.61 17.76
CA PRO E 382 55.40 -27.53 17.25
C PRO E 382 54.84 -28.42 18.36
N PRO E 383 53.70 -29.07 18.11
CA PRO E 383 53.03 -29.83 19.18
C PRO E 383 53.89 -30.95 19.76
N LYS E 384 53.67 -31.22 21.04
CA LYS E 384 54.45 -32.19 21.80
C LYS E 384 53.72 -33.52 21.94
N ASP E 385 52.54 -33.51 22.55
CA ASP E 385 51.69 -34.70 22.65
C ASP E 385 50.82 -34.73 21.40
N HIS E 386 51.07 -35.69 20.52
CA HIS E 386 50.55 -35.64 19.16
C HIS E 386 49.14 -36.19 19.01
N ILE E 387 48.62 -36.92 19.99
CA ILE E 387 47.23 -37.40 19.97
C ILE E 387 46.52 -36.80 21.17
N VAL E 388 45.38 -36.15 20.92
CA VAL E 388 44.60 -35.48 21.95
C VAL E 388 43.13 -35.84 21.77
N THR E 389 42.34 -35.55 22.81
CA THR E 389 40.94 -35.95 22.82
C THR E 389 40.09 -35.09 21.87
N HIS E 390 40.00 -33.78 22.16
CA HIS E 390 39.15 -32.90 21.36
C HIS E 390 39.52 -31.43 21.56
N PRO E 391 40.57 -30.95 20.90
CA PRO E 391 41.02 -29.58 21.11
C PRO E 391 40.20 -28.56 20.31
N GLN E 392 40.42 -27.30 20.65
CA GLN E 392 39.73 -26.15 20.08
C GLN E 392 40.63 -25.40 19.11
N TYR E 393 40.18 -24.20 18.71
CA TYR E 393 40.96 -23.22 17.96
C TYR E 393 41.70 -23.84 16.77
N HIS E 394 40.90 -24.43 15.88
CA HIS E 394 41.41 -25.07 14.66
C HIS E 394 41.26 -24.14 13.45
N ALA E 395 41.49 -22.84 13.65
CA ALA E 395 41.42 -21.88 12.55
C ALA E 395 42.30 -22.30 11.39
N GLN E 396 43.59 -22.56 11.65
CA GLN E 396 44.53 -23.05 10.66
C GLN E 396 44.62 -22.08 9.47
N THR E 397 44.99 -20.84 9.78
CA THR E 397 45.19 -19.82 8.76
C THR E 397 46.13 -20.33 7.67
N PHE E 398 45.83 -19.94 6.43
CA PHE E 398 46.61 -20.43 5.29
C PHE E 398 48.09 -20.10 5.44
N THR E 399 48.42 -18.85 5.74
CA THR E 399 49.81 -18.44 5.97
C THR E 399 50.23 -18.63 7.42
N ALA E 400 50.06 -19.85 7.93
CA ALA E 400 50.52 -20.20 9.27
C ALA E 400 51.62 -21.25 9.31
N ALA E 401 51.80 -22.02 8.22
CA ALA E 401 52.83 -23.05 8.17
C ALA E 401 54.20 -22.52 7.78
N VAL E 402 54.42 -21.21 7.94
CA VAL E 402 55.71 -20.63 7.59
C VAL E 402 56.71 -20.90 8.70
N SER E 403 58.00 -20.75 8.37
CA SER E 403 59.07 -20.98 9.32
C SER E 403 60.11 -19.87 9.24
N LYS E 404 59.63 -18.63 9.10
CA LYS E 404 60.44 -17.41 9.09
C LYS E 404 61.74 -17.53 8.32
N THR E 405 62.75 -18.19 8.91
CA THR E 405 64.06 -18.30 8.28
C THR E 405 63.99 -19.11 6.99
N ALA E 406 63.51 -20.35 7.08
CA ALA E 406 63.37 -21.18 5.88
C ALA E 406 62.41 -20.54 4.88
N TRP E 407 61.35 -19.88 5.38
CA TRP E 407 60.45 -19.17 4.49
C TRP E 407 61.18 -18.10 3.69
N THR E 408 62.07 -17.35 4.36
CA THR E 408 62.87 -16.35 3.66
C THR E 408 63.84 -17.01 2.68
N TRP E 409 64.41 -18.15 3.06
CA TRP E 409 65.23 -18.91 2.13
C TRP E 409 64.46 -19.25 0.86
N LEU E 410 63.22 -19.70 1.01
CA LEU E 410 62.40 -20.04 -0.15
C LEU E 410 62.03 -18.79 -0.94
N THR E 411 61.77 -17.68 -0.24
CA THR E 411 61.56 -16.39 -0.90
C THR E 411 62.77 -16.03 -1.76
N SER E 412 63.97 -16.31 -1.27
CA SER E 412 65.16 -16.10 -2.10
C SER E 412 65.20 -17.11 -3.24
N LEU E 413 64.63 -18.29 -3.04
CA LEU E 413 64.59 -19.27 -4.12
C LEU E 413 63.47 -18.99 -5.12
N LEU E 414 62.34 -18.44 -4.67
CA LEU E 414 61.25 -18.05 -5.55
C LEU E 414 61.15 -16.53 -5.55
N GLY E 415 61.43 -15.91 -6.70
CA GLY E 415 61.44 -14.48 -6.83
C GLY E 415 62.85 -13.89 -6.78
N GLY E 416 63.77 -14.54 -6.05
CA GLY E 416 65.15 -14.13 -6.12
C GLY E 416 65.72 -14.30 -7.51
N SER E 417 65.45 -15.44 -8.14
CA SER E 417 65.81 -15.62 -9.54
C SER E 417 65.05 -14.66 -10.43
N ALA E 418 63.83 -14.28 -10.04
CA ALA E 418 63.11 -13.25 -10.77
C ALA E 418 63.84 -11.92 -10.70
N VAL E 419 64.34 -11.56 -9.51
CA VAL E 419 65.15 -10.34 -9.39
C VAL E 419 66.40 -10.46 -10.25
N ILE E 420 67.03 -11.63 -10.26
CA ILE E 420 68.24 -11.83 -11.06
C ILE E 420 67.94 -11.63 -12.53
N ILE E 421 66.83 -12.18 -13.02
CA ILE E 421 66.53 -12.07 -14.45
C ILE E 421 66.04 -10.67 -14.79
N ILE E 422 65.45 -9.95 -13.83
CA ILE E 422 65.12 -8.55 -14.07
C ILE E 422 66.40 -7.73 -14.23
N ILE E 423 67.39 -7.97 -13.36
CA ILE E 423 68.67 -7.29 -13.50
C ILE E 423 69.32 -7.65 -14.83
N GLY E 424 69.25 -8.92 -15.22
CA GLY E 424 69.80 -9.33 -16.50
C GLY E 424 69.10 -8.68 -17.68
N LEU E 425 67.77 -8.56 -17.61
CA LEU E 425 67.02 -7.87 -18.65
C LEU E 425 67.46 -6.41 -18.75
N VAL E 426 67.60 -5.74 -17.60
CA VAL E 426 68.03 -4.34 -17.61
C VAL E 426 69.42 -4.23 -18.23
N LEU E 427 70.34 -5.12 -17.86
CA LEU E 427 71.69 -5.08 -18.40
C LEU E 427 71.69 -5.34 -19.91
N ALA E 428 70.87 -6.30 -20.36
CA ALA E 428 70.78 -6.59 -21.79
C ALA E 428 70.23 -5.40 -22.56
N THR E 429 69.20 -4.74 -22.02
CA THR E 429 68.67 -3.53 -22.66
C THR E 429 69.73 -2.45 -22.72
N ILE E 430 70.50 -2.27 -21.64
CA ILE E 430 71.55 -1.26 -21.62
C ILE E 430 72.61 -1.58 -22.68
N VAL E 431 73.01 -2.85 -22.79
CA VAL E 431 74.00 -3.24 -23.78
C VAL E 431 73.48 -3.01 -25.20
N ALA E 432 72.21 -3.35 -25.45
CA ALA E 432 71.61 -3.09 -26.75
C ALA E 432 71.60 -1.60 -27.06
N MET E 433 71.26 -0.77 -26.08
CA MET E 433 71.24 0.67 -26.30
C MET E 433 72.65 1.19 -26.56
N TYR E 434 73.65 0.65 -25.87
CA TYR E 434 75.03 1.03 -26.14
C TYR E 434 75.45 0.65 -27.55
N VAL E 435 75.07 -0.53 -28.01
CA VAL E 435 75.40 -0.95 -29.38
C VAL E 435 74.73 -0.02 -30.40
N LEU E 436 73.45 0.29 -30.18
CA LEU E 436 72.75 1.20 -31.08
C LEU E 436 73.39 2.57 -31.08
N THR E 437 73.77 3.07 -29.90
CA THR E 437 74.43 4.36 -29.80
C THR E 437 75.78 4.36 -30.51
N ASN E 438 76.53 3.27 -30.37
CA ASN E 438 77.83 3.17 -31.04
C ASN E 438 77.66 3.13 -32.55
N GLN E 439 76.62 2.46 -33.03
CA GLN E 439 76.40 2.38 -34.47
C GLN E 439 75.92 3.71 -35.03
N LYS E 440 74.94 4.35 -34.38
CA LYS E 440 74.41 5.62 -34.86
C LYS E 440 75.34 6.79 -34.60
N HIS E 441 76.34 6.62 -33.72
CA HIS E 441 77.23 7.72 -33.36
C HIS E 441 77.86 8.36 -34.60
N ASN E 442 78.36 7.54 -35.51
CA ASN E 442 78.89 8.09 -36.76
C ASN E 442 77.77 8.56 -37.68
N SER F 1 -7.25 -64.16 44.60
CA SER F 1 -7.12 -62.71 44.58
C SER F 1 -7.14 -62.18 43.15
N THR F 2 -8.21 -61.44 42.82
CA THR F 2 -8.38 -60.75 41.54
C THR F 2 -8.66 -61.76 40.43
N GLU F 3 -9.37 -61.33 39.39
CA GLU F 3 -9.79 -62.25 38.32
C GLU F 3 -8.60 -62.78 37.54
N GLU F 4 -7.47 -62.07 37.54
CA GLU F 4 -6.29 -62.55 36.85
C GLU F 4 -5.80 -63.86 37.45
N LEU F 5 -5.90 -64.00 38.77
CA LEU F 5 -5.56 -65.25 39.43
C LEU F 5 -6.74 -66.20 39.54
N PHE F 6 -7.97 -65.67 39.64
CA PHE F 6 -9.15 -66.51 39.53
C PHE F 6 -9.19 -67.19 38.16
N ASN F 7 -8.92 -66.42 37.10
CA ASN F 7 -8.66 -66.94 35.76
C ASN F 7 -9.93 -67.41 35.07
N GLU F 8 -10.00 -67.22 33.76
CA GLU F 8 -11.05 -67.81 32.94
C GLU F 8 -10.89 -69.32 32.80
N TYR F 9 -9.81 -69.88 33.35
CA TYR F 9 -9.58 -71.32 33.42
C TYR F 9 -10.83 -72.12 33.76
N LYS F 10 -11.64 -71.60 34.69
CA LYS F 10 -12.86 -72.31 35.07
C LYS F 10 -13.79 -72.47 33.88
N LEU F 11 -13.75 -71.53 32.95
CA LEU F 11 -14.57 -71.60 31.75
C LEU F 11 -13.94 -72.39 30.62
N THR F 12 -12.61 -72.46 30.56
CA THR F 12 -11.98 -72.99 29.35
C THR F 12 -11.91 -74.51 29.31
N ARG F 13 -10.97 -75.12 30.08
CA ARG F 13 -10.67 -76.55 30.13
C ARG F 13 -9.61 -76.87 29.08
N PRO F 14 -8.58 -77.67 29.42
CA PRO F 14 -7.59 -78.05 28.41
C PRO F 14 -8.16 -78.97 27.36
N TYR F 15 -7.46 -79.02 26.22
CA TYR F 15 -7.88 -79.82 25.07
C TYR F 15 -6.68 -80.51 24.44
N MET F 16 -6.97 -81.39 23.49
CA MET F 16 -5.97 -82.21 22.81
C MET F 16 -5.78 -81.76 21.37
N ALA F 17 -4.60 -82.06 20.82
CA ALA F 17 -4.27 -81.73 19.45
C ALA F 17 -3.23 -82.71 18.93
N ARG F 18 -3.06 -82.72 17.61
CA ARG F 18 -2.13 -83.62 16.96
C ARG F 18 -0.69 -83.15 17.07
N CYS F 19 0.20 -84.08 17.41
CA CYS F 19 1.64 -83.87 17.36
C CYS F 19 2.23 -84.63 16.18
N ILE F 20 3.27 -84.04 15.57
CA ILE F 20 3.93 -84.69 14.44
C ILE F 20 4.51 -86.04 14.86
N ARG F 21 5.23 -86.05 15.97
CA ARG F 21 5.79 -87.27 16.53
C ARG F 21 5.50 -87.30 18.02
N CYS F 22 4.95 -88.42 18.48
CA CYS F 22 4.65 -88.64 19.89
C CYS F 22 5.60 -89.64 20.53
N ALA F 23 6.74 -89.90 19.85
CA ALA F 23 7.71 -90.98 20.05
C ALA F 23 7.62 -91.88 18.83
N VAL F 24 6.77 -92.90 18.91
CA VAL F 24 6.53 -93.80 17.79
C VAL F 24 5.31 -93.26 17.04
N GLY F 25 5.55 -92.31 16.14
CA GLY F 25 4.50 -91.80 15.28
C GLY F 25 3.71 -90.66 15.90
N SER F 26 2.72 -90.21 15.14
CA SER F 26 1.85 -89.12 15.57
C SER F 26 0.78 -89.62 16.53
N CYS F 27 0.11 -88.68 17.18
CA CYS F 27 -0.98 -88.98 18.11
C CYS F 27 -1.72 -87.69 18.43
N HIS F 28 -2.91 -87.83 18.99
CA HIS F 28 -3.72 -86.71 19.45
C HIS F 28 -3.49 -86.51 20.95
N SER F 29 -2.46 -85.75 21.28
CA SER F 29 -2.08 -85.58 22.68
C SER F 29 -2.31 -84.15 23.15
N PRO F 30 -2.63 -83.95 24.43
CA PRO F 30 -2.80 -82.58 24.94
C PRO F 30 -1.51 -81.79 25.03
N ILE F 31 -0.35 -82.45 24.96
CA ILE F 31 0.93 -81.75 25.07
C ILE F 31 1.21 -80.84 23.88
N ALA F 32 0.45 -80.97 22.79
CA ALA F 32 0.76 -80.29 21.54
C ALA F 32 0.95 -78.80 21.75
N ILE F 33 2.01 -78.27 21.16
CA ILE F 33 2.35 -76.85 21.27
C ILE F 33 1.76 -76.11 20.08
N GLU F 34 0.93 -75.11 20.36
CA GLU F 34 0.28 -74.36 19.28
C GLU F 34 1.25 -73.38 18.64
N ALA F 35 1.95 -72.59 19.45
CA ALA F 35 2.84 -71.56 18.92
C ALA F 35 3.94 -71.26 19.93
N VAL F 36 5.05 -70.73 19.42
CA VAL F 36 6.20 -70.37 20.22
C VAL F 36 6.66 -68.98 19.83
N LYS F 37 6.89 -68.13 20.82
CA LYS F 37 7.43 -66.79 20.60
C LYS F 37 8.82 -66.70 21.20
N SER F 38 9.72 -66.00 20.52
CA SER F 38 11.11 -65.90 20.94
C SER F 38 11.63 -64.48 20.77
N ASP F 39 10.80 -63.49 21.12
CA ASP F 39 11.18 -62.10 20.97
C ASP F 39 12.00 -61.56 22.14
N GLY F 40 11.89 -62.18 23.31
CA GLY F 40 12.62 -61.70 24.46
C GLY F 40 14.12 -61.81 24.25
N HIS F 41 14.84 -60.78 24.69
CA HIS F 41 16.29 -60.74 24.49
C HIS F 41 17.06 -61.55 25.52
N ASP F 42 16.45 -61.93 26.63
CA ASP F 42 17.15 -62.65 27.70
C ASP F 42 17.21 -64.15 27.49
N GLY F 43 16.61 -64.67 26.41
CA GLY F 43 16.67 -66.09 26.13
C GLY F 43 15.50 -66.92 26.66
N TYR F 44 14.52 -66.30 27.30
CA TYR F 44 13.36 -67.03 27.78
C TYR F 44 12.40 -67.31 26.65
N VAL F 45 11.72 -68.45 26.74
CA VAL F 45 10.78 -68.90 25.70
C VAL F 45 9.37 -68.82 26.26
N ARG F 46 8.43 -68.42 25.40
CA ARG F 46 7.02 -68.39 25.75
C ARG F 46 6.30 -69.38 24.82
N LEU F 47 6.00 -70.56 25.34
CA LEU F 47 5.33 -71.60 24.58
C LEU F 47 3.84 -71.58 24.89
N GLN F 48 3.03 -71.74 23.85
CA GLN F 48 1.59 -71.89 23.98
C GLN F 48 1.24 -73.34 23.66
N THR F 49 0.76 -74.07 24.65
CA THR F 49 0.40 -75.47 24.50
C THR F 49 -1.12 -75.62 24.39
N SER F 50 -1.54 -76.80 23.97
CA SER F 50 -2.97 -77.08 23.88
C SER F 50 -3.61 -77.35 25.24
N SER F 51 -2.82 -77.72 26.24
CA SER F 51 -3.34 -77.94 27.58
C SER F 51 -3.22 -76.66 28.42
N GLN F 52 -3.80 -76.72 29.62
CA GLN F 52 -3.77 -75.63 30.57
C GLN F 52 -3.28 -76.14 31.91
N TYR F 53 -2.62 -75.27 32.66
CA TYR F 53 -2.12 -75.64 33.98
C TYR F 53 -1.98 -74.40 34.84
N GLY F 54 -1.64 -74.63 36.12
CA GLY F 54 -1.62 -73.62 37.15
C GLY F 54 -2.80 -73.69 38.10
N LEU F 55 -3.96 -74.14 37.60
CA LEU F 55 -5.12 -74.39 38.43
C LEU F 55 -5.53 -75.85 38.27
N ASP F 56 -6.01 -76.45 39.36
CA ASP F 56 -6.36 -77.86 39.37
C ASP F 56 -7.77 -78.07 38.81
N SER F 57 -8.26 -79.31 38.88
CA SER F 57 -9.54 -79.65 38.26
C SER F 57 -10.71 -78.93 38.92
N SER F 58 -10.57 -78.55 40.18
CA SER F 58 -11.63 -77.85 40.91
C SER F 58 -11.51 -76.34 40.84
N GLY F 59 -10.47 -75.82 40.19
CA GLY F 59 -10.26 -74.40 40.09
C GLY F 59 -9.45 -73.79 41.22
N ASN F 60 -8.79 -74.61 42.03
CA ASN F 60 -7.95 -74.09 43.10
C ASN F 60 -6.56 -73.75 42.60
N LEU F 61 -5.96 -72.73 43.21
CA LEU F 61 -4.63 -72.26 42.80
C LEU F 61 -3.59 -73.28 43.25
N LYS F 62 -3.01 -74.00 42.29
CA LYS F 62 -1.95 -74.96 42.59
C LYS F 62 -1.00 -74.99 41.40
N GLY F 63 0.11 -74.26 41.51
CA GLY F 63 1.12 -74.22 40.47
C GLY F 63 2.04 -75.41 40.43
N ARG F 64 1.92 -76.33 41.38
CA ARG F 64 2.79 -77.49 41.44
C ARG F 64 2.44 -78.56 40.41
N THR F 65 1.25 -78.50 39.84
CA THR F 65 0.73 -79.55 38.96
C THR F 65 0.35 -78.97 37.60
N MET F 66 0.15 -79.88 36.65
CA MET F 66 -0.28 -79.51 35.31
C MET F 66 -1.41 -80.43 34.87
N ARG F 67 -2.32 -79.88 34.07
CA ARG F 67 -3.56 -80.55 33.70
C ARG F 67 -3.56 -80.87 32.21
N TYR F 68 -3.79 -82.14 31.88
CA TYR F 68 -3.80 -82.60 30.51
C TYR F 68 -5.01 -83.50 30.27
N ASP F 69 -5.55 -83.41 29.06
CA ASP F 69 -6.74 -84.17 28.67
C ASP F 69 -6.28 -85.52 28.16
N MET F 70 -6.46 -86.56 28.98
CA MET F 70 -6.06 -87.92 28.60
C MET F 70 -7.25 -88.61 27.95
N HIS F 71 -7.36 -88.44 26.62
CA HIS F 71 -8.44 -89.02 25.83
C HIS F 71 -9.81 -88.65 26.37
N GLY F 72 -10.55 -89.65 26.86
CA GLY F 72 -11.90 -89.41 27.34
C GLY F 72 -11.99 -88.80 28.72
N THR F 73 -10.90 -88.78 29.47
CA THR F 73 -10.85 -88.21 30.80
C THR F 73 -9.75 -87.16 30.87
N ILE F 74 -9.67 -86.48 32.01
CA ILE F 74 -8.68 -85.45 32.23
C ILE F 74 -7.89 -85.79 33.48
N LYS F 75 -6.56 -85.80 33.36
CA LYS F 75 -5.68 -86.18 34.45
C LYS F 75 -4.74 -85.03 34.76
N GLU F 76 -4.14 -85.08 35.95
CA GLU F 76 -3.20 -84.05 36.40
C GLU F 76 -1.98 -84.70 37.03
N ILE F 77 -0.82 -84.14 36.73
CA ILE F 77 0.45 -84.62 37.30
C ILE F 77 1.24 -83.42 37.78
N PRO F 78 2.20 -83.62 38.69
CA PRO F 78 3.04 -82.52 39.14
C PRO F 78 3.79 -81.86 37.99
N LEU F 79 3.89 -80.52 38.07
CA LEU F 79 4.57 -79.77 37.02
C LEU F 79 6.06 -80.08 36.98
N HIS F 80 6.67 -80.32 38.14
CA HIS F 80 8.10 -80.61 38.20
C HIS F 80 8.48 -81.85 37.40
N GLN F 81 7.54 -82.77 37.17
CA GLN F 81 7.84 -83.93 36.35
C GLN F 81 8.00 -83.56 34.87
N VAL F 82 7.33 -82.50 34.43
CA VAL F 82 7.38 -82.11 33.02
C VAL F 82 8.74 -81.50 32.71
N SER F 83 9.39 -82.02 31.66
CA SER F 83 10.68 -81.53 31.21
C SER F 83 10.60 -81.16 29.74
N LEU F 84 11.52 -80.29 29.33
CA LEU F 84 11.59 -79.90 27.92
C LEU F 84 13.02 -79.48 27.60
N TYR F 85 13.35 -79.56 26.32
CA TYR F 85 14.69 -79.23 25.85
C TYR F 85 14.65 -78.86 24.37
N THR F 86 15.68 -78.14 23.94
CA THR F 86 15.87 -77.88 22.51
C THR F 86 17.18 -78.49 22.04
N SER F 87 18.32 -78.00 22.52
CA SER F 87 19.58 -78.70 22.44
C SER F 87 20.00 -79.31 23.77
N ARG F 88 19.66 -78.65 24.86
CA ARG F 88 19.97 -79.08 26.22
C ARG F 88 18.71 -78.88 27.06
N PRO F 89 18.60 -79.58 28.20
CA PRO F 89 17.39 -79.44 29.02
C PRO F 89 17.13 -77.99 29.41
N CYS F 90 15.85 -77.61 29.32
CA CYS F 90 15.43 -76.27 29.67
C CYS F 90 15.04 -76.20 31.15
N HIS F 91 14.92 -74.98 31.66
CA HIS F 91 14.48 -74.72 33.02
C HIS F 91 13.13 -74.02 32.98
N ILE F 92 12.10 -74.67 33.51
CA ILE F 92 10.78 -74.07 33.57
C ILE F 92 10.78 -72.95 34.60
N VAL F 93 10.24 -71.79 34.22
CA VAL F 93 10.26 -70.61 35.07
C VAL F 93 8.90 -70.42 35.71
N ASP F 94 7.85 -70.32 34.89
CA ASP F 94 6.51 -70.07 35.39
C ASP F 94 5.51 -70.54 34.34
N GLY F 95 4.23 -70.50 34.71
CA GLY F 95 3.19 -70.88 33.79
C GLY F 95 1.84 -70.41 34.27
N HIS F 96 0.91 -70.27 33.32
CA HIS F 96 -0.44 -69.80 33.62
C HIS F 96 -1.34 -70.15 32.45
N GLY F 97 -2.30 -71.04 32.68
CA GLY F 97 -3.22 -71.43 31.63
C GLY F 97 -2.51 -72.14 30.49
N TYR F 98 -2.70 -71.63 29.28
CA TYR F 98 -2.13 -72.24 28.09
C TYR F 98 -0.64 -71.98 27.92
N PHE F 99 -0.09 -70.97 28.59
CA PHE F 99 1.22 -70.45 28.24
C PHE F 99 2.26 -70.93 29.25
N LEU F 100 3.51 -71.02 28.78
CA LEU F 100 4.60 -71.57 29.55
C LEU F 100 5.85 -70.72 29.32
N LEU F 101 6.49 -70.29 30.39
CA LEU F 101 7.71 -69.50 30.33
C LEU F 101 8.85 -70.31 30.90
N ALA F 102 9.91 -70.51 30.10
CA ALA F 102 11.02 -71.35 30.50
C ALA F 102 12.31 -70.78 29.92
N ARG F 103 13.42 -71.18 30.53
CA ARG F 103 14.75 -70.80 30.04
C ARG F 103 15.24 -71.92 29.14
N CYS F 104 15.07 -71.75 27.83
CA CYS F 104 15.63 -72.72 26.92
C CYS F 104 16.89 -72.17 26.23
N PRO F 105 17.85 -73.04 25.92
CA PRO F 105 18.99 -72.61 25.12
C PRO F 105 18.62 -72.55 23.64
N ALA F 106 19.59 -72.15 22.83
CA ALA F 106 19.39 -72.13 21.39
C ALA F 106 19.20 -73.55 20.86
N GLY F 107 18.53 -73.65 19.73
CA GLY F 107 18.26 -74.94 19.12
C GLY F 107 17.41 -74.79 17.88
N ASP F 108 17.27 -75.90 17.17
CA ASP F 108 16.51 -75.94 15.92
C ASP F 108 15.06 -76.38 16.11
N SER F 109 14.73 -77.02 17.22
CA SER F 109 13.37 -77.45 17.48
C SER F 109 13.17 -77.55 18.98
N ILE F 110 11.91 -77.61 19.40
CA ILE F 110 11.53 -77.67 20.81
C ILE F 110 10.85 -79.00 21.07
N THR F 111 11.38 -79.75 22.03
CA THR F 111 10.80 -81.03 22.45
C THR F 111 10.32 -80.90 23.89
N MET F 112 9.06 -81.28 24.12
CA MET F 112 8.46 -81.26 25.45
C MET F 112 7.99 -82.66 25.80
N GLU F 113 8.21 -83.05 27.05
CA GLU F 113 7.88 -84.41 27.46
C GLU F 113 7.49 -84.41 28.93
N PHE F 114 6.76 -85.46 29.30
CA PHE F 114 6.40 -85.69 30.70
C PHE F 114 6.16 -87.18 30.89
N LYS F 115 6.32 -87.63 32.13
CA LYS F 115 6.13 -89.03 32.46
C LYS F 115 4.67 -89.26 32.87
N LYS F 116 4.00 -90.15 32.14
CA LYS F 116 2.65 -90.58 32.49
C LYS F 116 2.74 -91.71 33.51
N ASP F 117 1.64 -92.41 33.72
CA ASP F 117 1.64 -93.65 34.50
C ASP F 117 2.17 -94.83 33.70
N SER F 118 2.68 -94.57 32.50
CA SER F 118 3.16 -95.59 31.58
C SER F 118 4.32 -94.98 30.79
N VAL F 119 4.62 -95.55 29.62
CA VAL F 119 5.72 -95.07 28.79
C VAL F 119 5.63 -93.57 28.63
N ARG F 120 6.77 -92.90 28.77
CA ARG F 120 6.81 -91.44 28.75
C ARG F 120 6.39 -90.91 27.38
N HIS F 121 5.71 -89.76 27.39
CA HIS F 121 5.21 -89.14 26.19
C HIS F 121 5.99 -87.87 25.88
N SER F 122 6.23 -87.63 24.59
CA SER F 122 7.02 -86.50 24.13
C SER F 122 6.41 -85.97 22.84
N CYS F 123 6.73 -84.72 22.52
CA CYS F 123 6.27 -84.13 21.27
C CYS F 123 7.25 -83.05 20.86
N SER F 124 7.66 -83.10 19.59
CA SER F 124 8.59 -82.14 19.02
C SER F 124 7.91 -81.34 17.92
N VAL F 125 8.12 -80.03 17.91
CA VAL F 125 7.58 -79.17 16.86
C VAL F 125 8.71 -78.36 16.26
N PRO F 126 8.72 -78.16 14.93
CA PRO F 126 9.79 -77.38 14.29
C PRO F 126 9.55 -75.88 14.46
N TYR F 127 10.51 -75.20 15.10
CA TYR F 127 10.45 -73.74 15.21
C TYR F 127 11.87 -73.23 15.44
N GLU F 128 12.24 -72.19 14.68
CA GLU F 128 13.57 -71.62 14.81
C GLU F 128 13.67 -70.83 16.11
N VAL F 129 14.57 -71.26 16.99
CA VAL F 129 14.83 -70.57 18.26
C VAL F 129 16.24 -70.00 18.20
N LYS F 130 16.34 -68.67 18.27
CA LYS F 130 17.63 -68.00 18.21
C LYS F 130 17.48 -66.63 18.85
N PHE F 131 17.90 -66.52 20.11
CA PHE F 131 17.73 -65.30 20.87
C PHE F 131 18.88 -64.33 20.63
N ASN F 132 18.54 -63.07 20.38
CA ASN F 132 19.54 -62.05 20.12
C ASN F 132 20.18 -61.63 21.44
N PRO F 133 21.48 -61.78 21.60
CA PRO F 133 22.13 -61.30 22.83
C PRO F 133 21.91 -59.81 23.02
N VAL F 134 21.79 -59.41 24.29
CA VAL F 134 21.52 -58.01 24.62
C VAL F 134 22.83 -57.24 24.49
N GLY F 135 22.82 -56.19 23.68
CA GLY F 135 24.00 -55.36 23.51
C GLY F 135 24.70 -55.64 22.20
N ARG F 136 25.80 -54.92 22.00
CA ARG F 136 26.62 -55.07 20.81
C ARG F 136 27.62 -56.21 20.90
N GLU F 137 27.57 -57.00 21.97
CA GLU F 137 28.44 -58.15 22.15
C GLU F 137 27.62 -59.43 22.11
N LEU F 138 28.00 -60.36 21.24
CA LEU F 138 27.23 -61.58 20.99
C LEU F 138 27.70 -62.67 21.94
N TYR F 139 26.98 -62.86 23.04
CA TYR F 139 27.30 -63.85 24.05
C TYR F 139 26.30 -64.99 23.99
N THR F 140 26.70 -66.15 24.55
CA THR F 140 25.82 -67.29 24.66
C THR F 140 25.06 -67.28 25.98
N HIS F 141 25.77 -67.08 27.08
CA HIS F 141 25.17 -66.96 28.40
C HIS F 141 25.54 -65.63 29.03
N PRO F 142 24.69 -65.08 29.91
CA PRO F 142 25.01 -63.81 30.55
C PRO F 142 26.27 -63.91 31.38
N PRO F 143 27.09 -62.87 31.40
CA PRO F 143 28.34 -62.91 32.15
C PRO F 143 28.12 -62.75 33.65
N GLU F 144 29.15 -63.12 34.40
CA GLU F 144 29.12 -62.91 35.85
C GLU F 144 29.03 -61.43 36.18
N HIS F 145 29.77 -60.60 35.46
CA HIS F 145 29.84 -59.17 35.69
C HIS F 145 29.65 -58.42 34.38
N GLY F 146 29.15 -57.19 34.48
CA GLY F 146 28.91 -56.39 33.30
C GLY F 146 28.22 -55.09 33.66
N VAL F 147 27.78 -54.39 32.62
CA VAL F 147 27.07 -53.13 32.77
C VAL F 147 25.60 -53.36 32.51
N GLU F 148 24.76 -52.47 33.05
CA GLU F 148 23.32 -52.59 32.93
C GLU F 148 22.84 -51.80 31.72
N GLN F 149 22.18 -52.48 30.79
CA GLN F 149 21.64 -51.86 29.60
C GLN F 149 20.17 -52.22 29.45
N ALA F 150 19.44 -51.35 28.75
CA ALA F 150 18.02 -51.58 28.54
C ALA F 150 17.79 -52.73 27.57
N CYS F 151 16.70 -53.47 27.81
CA CYS F 151 16.35 -54.61 26.98
C CYS F 151 14.85 -54.84 27.06
N GLN F 152 14.37 -55.76 26.24
CA GLN F 152 12.96 -56.14 26.22
C GLN F 152 12.88 -57.64 26.47
N VAL F 153 12.15 -58.03 27.51
CA VAL F 153 12.09 -59.42 27.96
C VAL F 153 10.65 -59.78 28.33
N TYR F 154 10.37 -61.08 28.32
CA TYR F 154 9.05 -61.57 28.70
C TYR F 154 8.91 -61.55 30.22
N ALA F 155 7.96 -60.77 30.71
CA ALA F 155 7.66 -60.78 32.14
C ALA F 155 6.98 -62.08 32.52
N HIS F 156 7.38 -62.64 33.67
CA HIS F 156 6.72 -63.82 34.19
C HIS F 156 5.45 -63.48 34.96
N ASP F 157 5.20 -62.20 35.24
CA ASP F 157 4.03 -61.82 36.03
C ASP F 157 2.75 -62.17 35.29
N ALA F 158 1.81 -62.77 36.01
CA ALA F 158 0.51 -63.10 35.43
C ALA F 158 -0.34 -61.88 35.15
N GLN F 159 0.05 -60.71 35.67
CA GLN F 159 -0.65 -59.47 35.37
C GLN F 159 -0.77 -59.27 33.87
N ASN F 160 -1.99 -58.97 33.43
CA ASN F 160 -2.30 -58.90 32.01
C ASN F 160 -3.30 -57.78 31.76
N ARG F 161 -2.93 -56.86 30.90
CA ARG F 161 -3.80 -55.74 30.55
C ARG F 161 -3.95 -55.54 29.06
N GLY F 162 -2.86 -55.71 28.29
CA GLY F 162 -2.88 -55.44 26.87
C GLY F 162 -3.42 -56.54 25.98
N ALA F 163 -2.80 -57.70 26.02
CA ALA F 163 -3.06 -58.76 25.05
C ALA F 163 -4.21 -59.66 25.50
N TYR F 164 -4.96 -60.15 24.51
CA TYR F 164 -6.06 -61.06 24.75
C TYR F 164 -6.30 -61.88 23.49
N VAL F 165 -6.93 -63.04 23.65
CA VAL F 165 -7.19 -63.95 22.54
C VAL F 165 -8.65 -64.37 22.56
N GLU F 166 -9.08 -64.93 21.43
CA GLU F 166 -10.46 -65.38 21.24
C GLU F 166 -10.58 -66.87 21.54
N MET F 167 -11.55 -67.22 22.38
CA MET F 167 -11.85 -68.60 22.69
C MET F 167 -13.34 -68.84 22.50
N HIS F 168 -13.69 -70.07 22.12
CA HIS F 168 -15.06 -70.37 21.73
C HIS F 168 -15.40 -71.83 22.01
N LEU F 169 -16.68 -72.15 21.87
CA LEU F 169 -17.18 -73.49 22.11
C LEU F 169 -16.56 -74.49 21.14
N PRO F 170 -16.06 -75.63 21.62
CA PRO F 170 -15.53 -76.65 20.73
C PRO F 170 -16.66 -77.36 19.96
N GLY F 171 -16.27 -77.95 18.83
CA GLY F 171 -17.19 -78.70 18.02
C GLY F 171 -17.45 -80.09 18.57
N SER F 172 -18.24 -80.86 17.83
CA SER F 172 -18.58 -82.22 18.24
C SER F 172 -17.34 -83.10 18.24
N GLU F 173 -17.16 -83.86 19.31
CA GLU F 173 -15.99 -84.72 19.51
C GLU F 173 -16.43 -86.16 19.29
N VAL F 174 -16.01 -86.76 18.17
CA VAL F 174 -16.34 -88.14 17.87
C VAL F 174 -15.69 -89.07 18.88
N ASP F 175 -16.38 -90.16 19.22
CA ASP F 175 -15.84 -91.17 20.12
C ASP F 175 -16.43 -92.52 19.72
N SER F 176 -15.64 -93.32 18.99
CA SER F 176 -16.12 -94.63 18.54
C SER F 176 -16.26 -95.63 19.67
N SER F 177 -15.60 -95.39 20.81
CA SER F 177 -15.72 -96.31 21.94
C SER F 177 -17.11 -96.28 22.56
N LEU F 178 -17.92 -95.27 22.25
CA LEU F 178 -19.29 -95.21 22.77
C LEU F 178 -20.19 -96.30 22.23
N VAL F 179 -19.86 -96.88 21.07
CA VAL F 179 -20.78 -97.71 20.32
C VAL F 179 -20.24 -99.14 20.23
N SER F 180 -21.13 -100.10 20.42
CA SER F 180 -20.80 -101.52 20.25
C SER F 180 -22.05 -102.24 19.78
N LEU F 181 -21.85 -103.47 19.32
CA LEU F 181 -22.95 -104.35 18.88
C LEU F 181 -23.25 -105.31 20.02
N SER F 182 -24.14 -104.89 20.93
CA SER F 182 -24.49 -105.67 22.10
C SER F 182 -24.74 -107.13 21.78
N GLY F 183 -25.81 -107.44 21.05
CA GLY F 183 -25.96 -108.77 20.51
C GLY F 183 -25.80 -108.82 19.01
N SER F 184 -26.55 -107.94 18.33
CA SER F 184 -26.38 -107.75 16.90
C SER F 184 -26.72 -106.34 16.44
N SER F 185 -27.11 -105.44 17.34
CA SER F 185 -27.56 -104.11 16.99
C SER F 185 -26.67 -103.04 17.64
N VAL F 186 -26.69 -101.87 17.03
CA VAL F 186 -25.89 -100.74 17.51
C VAL F 186 -26.42 -100.29 18.87
N THR F 187 -25.55 -100.30 19.87
CA THR F 187 -25.86 -99.82 21.21
C THR F 187 -24.82 -98.82 21.65
N VAL F 188 -25.28 -97.63 22.04
CA VAL F 188 -24.40 -96.51 22.36
C VAL F 188 -24.69 -96.03 23.77
N THR F 189 -23.64 -95.84 24.56
CA THR F 189 -23.79 -95.19 25.85
C THR F 189 -23.77 -93.67 25.66
N PRO F 190 -24.39 -92.91 26.56
CA PRO F 190 -24.48 -91.46 26.35
C PRO F 190 -23.13 -90.77 26.44
N PRO F 191 -22.26 -91.11 27.42
CA PRO F 191 -22.31 -91.94 28.64
C PRO F 191 -22.86 -91.14 29.81
N ASP F 192 -22.65 -91.62 31.04
CA ASP F 192 -23.18 -90.94 32.21
C ASP F 192 -22.45 -89.62 32.40
N GLY F 193 -23.08 -88.52 31.98
CA GLY F 193 -22.52 -87.19 32.10
C GLY F 193 -22.33 -86.45 30.80
N THR F 194 -22.33 -87.15 29.66
CA THR F 194 -22.13 -86.53 28.35
C THR F 194 -23.30 -86.85 27.44
N SER F 195 -23.74 -85.84 26.68
CA SER F 195 -24.79 -86.03 25.69
C SER F 195 -24.23 -86.70 24.45
N ALA F 196 -24.93 -87.73 23.97
CA ALA F 196 -24.50 -88.53 22.82
C ALA F 196 -25.22 -88.05 21.57
N LEU F 197 -24.46 -87.54 20.60
CA LEU F 197 -24.99 -87.14 19.31
C LEU F 197 -24.67 -88.23 18.30
N VAL F 198 -25.71 -88.88 17.78
CA VAL F 198 -25.56 -90.03 16.89
C VAL F 198 -26.39 -89.79 15.64
N GLU F 199 -25.80 -90.05 14.48
CA GLU F 199 -26.47 -89.92 13.19
C GLU F 199 -25.97 -91.02 12.28
N CYS F 200 -26.87 -91.60 11.49
CA CYS F 200 -26.55 -92.70 10.60
C CYS F 200 -26.70 -92.27 9.15
N GLU F 201 -25.76 -92.73 8.31
CA GLU F 201 -25.87 -92.47 6.87
C GLU F 201 -26.90 -93.37 6.20
N CYS F 202 -27.11 -94.57 6.72
CA CYS F 202 -28.03 -95.51 6.10
C CYS F 202 -29.46 -95.10 6.40
N GLY F 203 -30.42 -95.85 5.84
CA GLY F 203 -31.82 -95.49 5.99
C GLY F 203 -32.37 -95.70 7.39
N GLY F 204 -33.69 -95.72 7.51
CA GLY F 204 -34.30 -95.86 8.81
C GLY F 204 -34.24 -94.55 9.58
N THR F 205 -33.72 -94.60 10.80
CA THR F 205 -33.56 -93.44 11.65
C THR F 205 -32.15 -92.89 11.47
N LYS F 206 -32.06 -91.64 11.01
CA LYS F 206 -30.76 -91.01 10.78
C LYS F 206 -30.45 -89.89 11.77
N ILE F 207 -31.31 -89.66 12.75
CA ILE F 207 -31.11 -88.62 13.75
C ILE F 207 -31.41 -89.22 15.13
N SER F 208 -30.52 -88.98 16.08
CA SER F 208 -30.76 -89.42 17.45
C SER F 208 -30.84 -88.25 18.42
N GLU F 209 -29.78 -87.44 18.54
CA GLU F 209 -29.65 -86.42 19.57
C GLU F 209 -30.02 -86.99 20.95
N THR F 210 -29.72 -88.26 21.16
CA THR F 210 -30.05 -88.92 22.42
C THR F 210 -29.34 -88.25 23.59
N ILE F 211 -30.12 -87.67 24.49
CA ILE F 211 -29.54 -87.00 25.65
C ILE F 211 -29.02 -88.04 26.64
N ASN F 212 -29.90 -88.92 27.11
CA ASN F 212 -29.51 -89.98 28.04
C ASN F 212 -30.50 -91.13 27.86
N LYS F 213 -30.13 -92.10 27.01
CA LYS F 213 -30.92 -93.29 26.81
C LYS F 213 -30.09 -94.30 26.03
N THR F 214 -30.15 -95.56 26.45
CA THR F 214 -29.51 -96.66 25.73
C THR F 214 -30.45 -97.17 24.64
N LYS F 215 -30.08 -96.96 23.39
CA LYS F 215 -30.96 -97.27 22.27
C LYS F 215 -30.31 -98.34 21.39
N GLN F 216 -31.16 -99.15 20.77
CA GLN F 216 -30.73 -100.15 19.80
C GLN F 216 -31.11 -99.68 18.39
N PHE F 217 -30.23 -99.94 17.43
CA PHE F 217 -30.39 -99.44 16.07
C PHE F 217 -30.39 -100.61 15.11
N SER F 218 -31.51 -100.83 14.44
CA SER F 218 -31.64 -101.90 13.46
C SER F 218 -31.10 -101.46 12.11
N GLN F 219 -31.01 -102.41 11.19
CA GLN F 219 -30.51 -102.19 9.82
C GLN F 219 -29.06 -101.75 9.79
N CYS F 220 -28.31 -102.01 10.87
CA CYS F 220 -26.90 -101.65 10.97
C CYS F 220 -26.12 -102.92 11.32
N THR F 221 -25.67 -103.63 10.28
CA THR F 221 -25.00 -104.92 10.47
C THR F 221 -23.79 -104.78 11.38
N LYS F 222 -22.96 -103.76 11.15
CA LYS F 222 -21.73 -103.57 11.90
C LYS F 222 -21.73 -102.21 12.57
N LYS F 223 -21.02 -102.13 13.70
CA LYS F 223 -20.88 -100.86 14.41
C LYS F 223 -20.15 -99.81 13.58
N GLU F 224 -19.38 -100.23 12.58
CA GLU F 224 -18.74 -99.29 11.67
C GLU F 224 -19.74 -98.51 10.85
N GLN F 225 -20.98 -98.99 10.72
CA GLN F 225 -22.00 -98.31 9.94
C GLN F 225 -22.58 -97.09 10.63
N CYS F 226 -22.26 -96.85 11.89
CA CYS F 226 -22.75 -95.69 12.62
C CYS F 226 -21.59 -94.85 13.11
N ARG F 227 -21.90 -93.61 13.48
CA ARG F 227 -20.95 -92.68 14.05
C ARG F 227 -21.58 -92.00 15.26
N ALA F 228 -20.75 -91.66 16.24
CA ALA F 228 -21.22 -91.12 17.50
C ALA F 228 -20.25 -90.04 17.98
N TYR F 229 -20.78 -88.94 18.48
CA TYR F 229 -19.99 -87.81 18.92
C TYR F 229 -20.30 -87.49 20.38
N ARG F 230 -19.26 -87.10 21.12
CA ARG F 230 -19.42 -86.60 22.48
C ARG F 230 -19.59 -85.09 22.44
N LEU F 231 -20.71 -84.60 22.95
CA LEU F 231 -20.99 -83.18 23.04
C LEU F 231 -20.97 -82.73 24.49
N GLN F 232 -20.20 -81.67 24.77
CA GLN F 232 -20.13 -81.08 26.10
C GLN F 232 -20.99 -79.82 26.19
N ASN F 233 -20.68 -78.82 25.37
CA ASN F 233 -21.44 -77.57 25.31
C ASN F 233 -21.45 -76.85 26.65
N ASP F 234 -20.41 -77.10 27.44
CA ASP F 234 -20.25 -76.52 28.78
C ASP F 234 -19.12 -75.51 28.86
N LYS F 235 -18.03 -75.74 28.15
CA LYS F 235 -16.83 -74.93 28.28
C LYS F 235 -16.38 -74.43 26.91
N TRP F 236 -15.54 -73.41 26.92
CA TRP F 236 -14.96 -72.84 25.71
C TRP F 236 -13.60 -73.46 25.45
N VAL F 237 -13.11 -73.34 24.21
CA VAL F 237 -11.76 -73.75 23.91
C VAL F 237 -11.07 -72.67 23.08
N TYR F 238 -9.73 -72.73 23.11
CA TYR F 238 -8.93 -71.88 22.24
C TYR F 238 -9.22 -72.22 20.78
N ASN F 239 -9.20 -71.19 19.93
CA ASN F 239 -9.47 -71.39 18.51
C ASN F 239 -8.30 -72.14 17.90
N SER F 240 -8.27 -73.45 18.16
CA SER F 240 -7.23 -74.31 17.64
C SER F 240 -7.58 -74.78 16.23
N ASP F 241 -6.54 -74.98 15.42
CA ASP F 241 -6.71 -75.45 14.05
C ASP F 241 -6.79 -76.96 13.93
N LYS F 242 -6.72 -77.70 15.04
CA LYS F 242 -6.77 -79.16 14.99
C LYS F 242 -8.05 -79.75 15.54
N LEU F 243 -8.91 -78.95 16.18
CA LEU F 243 -10.21 -79.42 16.62
C LEU F 243 -11.31 -78.81 15.77
N PRO F 244 -12.21 -79.61 15.21
CA PRO F 244 -13.25 -79.06 14.34
C PRO F 244 -14.22 -78.18 15.12
N LYS F 245 -14.75 -77.17 14.43
CA LYS F 245 -15.66 -76.22 15.06
C LYS F 245 -17.08 -76.74 15.09
N ALA F 246 -17.89 -76.14 15.96
CA ALA F 246 -19.31 -76.43 16.01
C ALA F 246 -20.05 -75.61 14.95
N ALA F 247 -20.88 -76.29 14.16
CA ALA F 247 -21.57 -75.62 13.07
C ALA F 247 -22.77 -74.82 13.53
N GLY F 248 -23.42 -75.23 14.63
CA GLY F 248 -24.62 -74.55 15.06
C GLY F 248 -24.39 -73.11 15.48
N ALA F 249 -23.36 -72.87 16.30
CA ALA F 249 -23.08 -71.52 16.78
C ALA F 249 -21.66 -71.47 17.30
N THR F 250 -21.10 -70.26 17.33
CA THR F 250 -19.74 -70.02 17.82
C THR F 250 -19.82 -68.95 18.91
N LEU F 251 -20.15 -69.38 20.13
CA LEU F 251 -20.16 -68.46 21.26
C LEU F 251 -18.73 -68.14 21.68
N LYS F 252 -18.37 -66.87 21.65
CA LYS F 252 -16.98 -66.47 21.79
C LYS F 252 -16.88 -65.19 22.60
N GLY F 253 -15.68 -64.95 23.12
CA GLY F 253 -15.38 -63.76 23.88
C GLY F 253 -13.89 -63.53 23.91
N LYS F 254 -13.49 -62.46 24.59
CA LYS F 254 -12.09 -62.06 24.65
C LYS F 254 -11.54 -62.39 26.02
N LEU F 255 -10.40 -63.08 26.06
CA LEU F 255 -9.77 -63.48 27.31
C LEU F 255 -8.28 -63.14 27.23
N HIS F 256 -7.77 -62.53 28.31
CA HIS F 256 -6.41 -62.02 28.31
C HIS F 256 -5.40 -63.13 28.58
N VAL F 257 -4.16 -62.88 28.16
CA VAL F 257 -3.13 -63.91 28.18
C VAL F 257 -1.97 -63.44 29.05
N PRO F 258 -1.29 -64.33 29.75
CA PRO F 258 -0.18 -63.93 30.63
C PRO F 258 1.11 -63.77 29.84
N PHE F 259 2.18 -63.47 30.58
CA PHE F 259 3.54 -63.44 30.04
C PHE F 259 3.67 -62.40 28.93
N LEU F 260 3.31 -61.16 29.29
CA LEU F 260 3.42 -60.06 28.35
C LEU F 260 4.88 -59.64 28.17
N LEU F 261 5.25 -59.30 26.94
CA LEU F 261 6.58 -58.77 26.68
C LEU F 261 6.67 -57.34 27.18
N ALA F 262 7.70 -57.05 27.98
CA ALA F 262 7.81 -55.75 28.63
C ALA F 262 9.28 -55.33 28.71
N ASP F 263 9.49 -54.04 28.82
CA ASP F 263 10.83 -53.48 28.91
C ASP F 263 11.47 -53.83 30.25
N GLY F 264 12.80 -53.91 30.24
CA GLY F 264 13.51 -54.22 31.47
C GLY F 264 14.99 -53.95 31.33
N LYS F 265 15.74 -54.44 32.31
CA LYS F 265 17.18 -54.27 32.37
C LYS F 265 17.86 -55.64 32.27
N CYS F 266 18.99 -55.68 31.57
CA CYS F 266 19.73 -56.91 31.35
C CYS F 266 21.19 -56.71 31.71
N THR F 267 21.85 -57.79 32.13
CA THR F 267 23.27 -57.78 32.42
C THR F 267 24.02 -58.23 31.16
N VAL F 268 24.92 -57.38 30.68
CA VAL F 268 25.61 -57.64 29.41
C VAL F 268 27.11 -57.64 29.63
N PRO F 269 27.88 -58.35 28.82
CA PRO F 269 29.34 -58.33 28.96
C PRO F 269 29.90 -56.98 28.53
N LEU F 270 31.08 -56.68 29.05
CA LEU F 270 31.79 -55.45 28.71
C LEU F 270 33.02 -55.81 27.89
N ALA F 271 33.08 -55.25 26.68
CA ALA F 271 34.17 -55.55 25.76
C ALA F 271 35.52 -55.21 26.40
N PRO F 272 36.49 -56.12 26.38
CA PRO F 272 37.79 -55.84 27.00
C PRO F 272 38.44 -54.59 26.41
N GLU F 273 39.07 -53.82 27.29
CA GLU F 273 39.68 -52.56 26.88
C GLU F 273 40.89 -52.82 26.00
N PRO F 274 40.92 -52.31 24.78
CA PRO F 274 42.07 -52.57 23.90
C PRO F 274 43.25 -51.69 24.27
N MET F 275 44.41 -52.10 23.76
CA MET F 275 45.64 -51.32 23.88
C MET F 275 45.71 -50.30 22.75
N ILE F 276 46.10 -49.08 23.09
CA ILE F 276 46.08 -47.96 22.16
C ILE F 276 47.52 -47.48 21.96
N THR F 277 47.99 -47.52 20.72
CA THR F 277 49.33 -47.07 20.35
C THR F 277 49.22 -45.85 19.45
N PHE F 278 50.03 -44.83 19.75
CA PHE F 278 49.92 -43.53 19.10
C PHE F 278 50.93 -43.42 17.96
N GLY F 279 50.59 -42.58 16.98
CA GLY F 279 51.53 -42.32 15.89
C GLY F 279 51.09 -41.11 15.07
N PHE F 280 51.86 -40.87 14.01
CA PHE F 280 51.59 -39.76 13.09
C PHE F 280 50.31 -40.03 12.31
N ARG F 281 49.27 -39.24 12.58
CA ARG F 281 47.99 -39.32 11.86
C ARG F 281 47.44 -40.74 11.84
N SER F 282 47.71 -41.50 12.90
CA SER F 282 47.35 -42.91 12.92
C SER F 282 47.31 -43.40 14.36
N VAL F 283 46.35 -44.27 14.65
CA VAL F 283 46.20 -44.87 15.96
C VAL F 283 46.19 -46.38 15.78
N SER F 284 47.01 -47.07 16.56
CA SER F 284 47.10 -48.53 16.48
C SER F 284 46.32 -49.13 17.64
N LEU F 285 45.38 -50.02 17.32
CA LEU F 285 44.47 -50.60 18.30
C LEU F 285 44.72 -52.10 18.37
N LYS F 286 45.00 -52.60 19.58
CA LYS F 286 45.26 -54.01 19.81
C LYS F 286 44.00 -54.61 20.43
N LEU F 287 43.22 -55.32 19.62
CA LEU F 287 41.96 -55.90 20.06
C LEU F 287 42.19 -57.32 20.56
N HIS F 288 41.54 -57.65 21.67
CA HIS F 288 41.67 -58.97 22.30
C HIS F 288 40.31 -59.39 22.88
N PRO F 289 39.36 -59.72 22.02
CA PRO F 289 38.01 -60.01 22.49
C PRO F 289 37.91 -61.33 23.25
N LYS F 290 37.03 -61.33 24.26
CA LYS F 290 36.64 -62.56 24.93
C LYS F 290 35.60 -63.34 24.15
N ASN F 291 34.87 -62.67 23.26
CA ASN F 291 33.83 -63.29 22.44
C ASN F 291 33.64 -62.41 21.21
N PRO F 292 32.91 -62.91 20.18
CA PRO F 292 32.65 -62.07 19.01
C PRO F 292 32.06 -60.72 19.36
N THR F 293 32.82 -59.65 19.12
CA THR F 293 32.43 -58.30 19.50
C THR F 293 32.51 -57.39 18.28
N TYR F 294 31.48 -56.55 18.12
CA TYR F 294 31.40 -55.67 16.96
C TYR F 294 32.26 -54.44 17.19
N LEU F 295 33.18 -54.18 16.27
CA LEU F 295 33.96 -52.95 16.26
C LEU F 295 33.39 -51.99 15.23
N ILE F 296 33.10 -50.76 15.66
CA ILE F 296 32.55 -49.73 14.79
C ILE F 296 33.36 -48.45 14.99
N THR F 297 33.71 -47.80 13.89
CA THR F 297 34.47 -46.56 13.92
C THR F 297 33.91 -45.60 12.90
N ARG F 298 34.18 -44.31 13.10
CA ARG F 298 33.75 -43.29 12.15
C ARG F 298 34.61 -42.06 12.34
N GLN F 299 34.70 -41.26 11.28
CA GLN F 299 35.32 -39.95 11.35
C GLN F 299 34.29 -38.89 11.68
N LEU F 300 34.77 -37.74 12.15
CA LEU F 300 33.92 -36.60 12.46
C LEU F 300 33.85 -35.61 11.31
N ALA F 301 34.36 -35.99 10.14
CA ALA F 301 34.37 -35.12 8.97
C ALA F 301 33.08 -35.28 8.18
N ASP F 302 33.02 -34.59 7.04
CA ASP F 302 31.88 -34.74 6.12
C ASP F 302 31.84 -36.12 5.51
N GLU F 303 32.99 -36.78 5.37
CA GLU F 303 33.08 -38.13 4.82
C GLU F 303 33.43 -39.10 5.93
N PRO F 304 32.43 -39.73 6.56
CA PRO F 304 32.74 -40.58 7.73
C PRO F 304 33.54 -41.82 7.39
N HIS F 305 33.45 -42.33 6.16
CA HIS F 305 34.12 -43.57 5.76
C HIS F 305 33.80 -44.69 6.75
N TYR F 306 32.52 -44.79 7.12
CA TYR F 306 32.09 -45.71 8.16
C TYR F 306 32.57 -47.14 7.88
N THR F 307 33.25 -47.73 8.85
CA THR F 307 33.76 -49.09 8.73
C THR F 307 33.39 -49.87 9.99
N HIS F 308 32.93 -51.10 9.79
CA HIS F 308 32.51 -51.96 10.90
C HIS F 308 32.91 -53.39 10.59
N GLU F 309 33.06 -54.19 11.63
CA GLU F 309 33.45 -55.57 11.49
C GLU F 309 33.19 -56.30 12.79
N LEU F 310 32.68 -57.52 12.69
CA LEU F 310 32.57 -58.42 13.84
C LEU F 310 33.88 -59.19 13.97
N ILE F 311 34.59 -58.96 15.06
CA ILE F 311 35.92 -59.52 15.26
C ILE F 311 35.87 -60.46 16.46
N SER F 312 36.25 -61.72 16.23
CA SER F 312 36.23 -62.74 17.28
C SER F 312 37.61 -63.19 17.70
N GLU F 313 38.64 -62.94 16.90
CA GLU F 313 40.01 -63.36 17.18
C GLU F 313 40.91 -62.13 17.32
N PRO F 314 41.91 -62.21 18.19
CA PRO F 314 42.81 -61.05 18.38
C PRO F 314 43.46 -60.63 17.08
N ALA F 315 43.57 -59.30 16.91
CA ALA F 315 44.14 -58.72 15.70
C ALA F 315 44.41 -57.24 15.95
N VAL F 316 45.41 -56.71 15.27
CA VAL F 316 45.80 -55.31 15.39
C VAL F 316 45.49 -54.61 14.07
N ARG F 317 44.70 -53.54 14.14
CA ARG F 317 44.31 -52.77 12.97
C ARG F 317 44.69 -51.32 13.16
N ASN F 318 45.07 -50.67 12.07
CA ASN F 318 45.49 -49.28 12.08
C ASN F 318 44.48 -48.42 11.31
N PHE F 319 44.11 -47.29 11.90
CA PHE F 319 43.18 -46.35 11.31
C PHE F 319 43.83 -44.98 11.22
N THR F 320 43.41 -44.20 10.21
CA THR F 320 43.95 -42.87 10.00
C THR F 320 43.07 -41.85 10.70
N VAL F 321 43.69 -40.93 11.43
CA VAL F 321 42.97 -39.93 12.22
C VAL F 321 43.44 -38.55 11.76
N THR F 322 42.48 -37.71 11.39
CA THR F 322 42.75 -36.33 11.00
C THR F 322 42.35 -35.38 12.11
N GLU F 323 42.79 -34.13 11.98
CA GLU F 323 42.45 -33.11 12.96
C GLU F 323 40.95 -32.87 13.04
N LYS F 324 40.19 -33.24 12.00
CA LYS F 324 38.75 -33.09 12.03
C LYS F 324 38.10 -33.99 13.07
N GLY F 325 38.76 -35.07 13.47
CA GLY F 325 38.24 -35.91 14.53
C GLY F 325 37.91 -37.33 14.13
N TRP F 326 38.08 -38.26 15.06
CA TRP F 326 37.81 -39.67 14.84
C TRP F 326 37.21 -40.28 16.11
N GLU F 327 36.08 -40.96 15.96
CA GLU F 327 35.36 -41.55 17.08
C GLU F 327 35.60 -43.05 17.13
N PHE F 328 35.65 -43.59 18.35
CA PHE F 328 35.94 -45.00 18.59
C PHE F 328 34.88 -45.58 19.52
N VAL F 329 34.24 -46.66 19.07
CA VAL F 329 33.27 -47.41 19.87
C VAL F 329 33.67 -48.88 19.84
N TRP F 330 33.80 -49.49 21.02
CA TRP F 330 34.27 -50.86 21.14
C TRP F 330 33.32 -51.63 22.06
N GLY F 331 32.46 -52.46 21.46
CA GLY F 331 31.51 -53.23 22.24
C GLY F 331 30.59 -52.34 23.05
N ASN F 332 30.42 -52.68 24.33
CA ASN F 332 29.57 -51.93 25.24
C ASN F 332 30.34 -50.86 26.01
N HIS F 333 31.63 -50.69 25.75
CA HIS F 333 32.38 -49.64 26.41
C HIS F 333 31.89 -48.28 25.92
N PRO F 334 31.77 -47.30 26.81
CA PRO F 334 31.34 -45.95 26.39
C PRO F 334 32.21 -45.44 25.27
N PRO F 335 31.62 -44.84 24.24
CA PRO F 335 32.41 -44.34 23.11
C PRO F 335 33.48 -43.36 23.55
N LYS F 336 34.65 -43.48 22.93
CA LYS F 336 35.77 -42.58 23.15
C LYS F 336 36.16 -41.95 21.83
N ARG F 337 36.70 -40.74 21.89
CA ARG F 337 37.10 -40.01 20.70
C ARG F 337 38.54 -39.57 20.82
N PHE F 338 39.25 -39.58 19.70
CA PHE F 338 40.64 -39.13 19.65
C PHE F 338 40.82 -38.28 18.41
N TRP F 339 41.44 -37.12 18.56
CA TRP F 339 41.79 -36.26 17.45
C TRP F 339 43.30 -36.30 17.25
N ALA F 340 43.76 -35.77 16.12
CA ALA F 340 45.17 -35.79 15.77
C ALA F 340 45.68 -34.38 15.51
N GLN F 341 46.98 -34.22 15.71
CA GLN F 341 47.64 -32.94 15.49
C GLN F 341 49.07 -33.22 15.06
N GLU F 342 49.73 -32.17 14.54
CA GLU F 342 51.08 -32.24 13.99
C GLU F 342 52.02 -33.06 14.88
N THR F 343 52.50 -34.19 14.37
CA THR F 343 53.35 -35.10 15.14
C THR F 343 54.83 -34.91 14.82
N ALA F 344 55.22 -35.17 13.58
CA ALA F 344 56.61 -35.20 13.15
C ALA F 344 56.63 -35.42 11.64
N PRO F 345 57.67 -34.98 10.93
CA PRO F 345 58.86 -34.25 11.37
C PRO F 345 58.59 -32.76 11.57
N GLY F 346 57.40 -32.32 11.19
CA GLY F 346 57.05 -30.91 11.34
C GLY F 346 57.67 -30.01 10.31
N ASN F 347 57.98 -28.79 10.73
CA ASN F 347 58.64 -27.80 9.88
C ASN F 347 59.61 -26.97 10.71
N PRO F 348 60.76 -27.53 11.05
CA PRO F 348 61.78 -26.76 11.76
C PRO F 348 62.51 -25.79 10.84
N HIS F 349 63.56 -25.16 11.37
CA HIS F 349 64.39 -24.29 10.56
C HIS F 349 65.20 -25.11 9.56
N GLY F 350 65.94 -26.10 10.08
CA GLY F 350 66.74 -27.05 9.31
C GLY F 350 67.38 -26.66 7.99
N LEU F 351 68.24 -25.65 8.01
CA LEU F 351 68.83 -25.15 6.78
C LEU F 351 69.96 -26.07 6.35
N PRO F 352 70.19 -26.25 5.04
CA PRO F 352 69.12 -26.37 4.06
C PRO F 352 68.63 -27.80 3.89
N HIS F 353 67.77 -28.03 2.89
CA HIS F 353 67.20 -29.33 2.61
C HIS F 353 66.45 -29.78 3.86
N GLU F 354 66.36 -31.09 4.11
CA GLU F 354 65.72 -31.58 5.32
C GLU F 354 64.29 -31.08 5.41
N VAL F 355 64.13 -29.79 5.75
CA VAL F 355 62.82 -29.18 5.92
C VAL F 355 61.96 -29.31 4.67
N ILE F 356 62.57 -29.45 3.49
CA ILE F 356 61.76 -29.65 2.29
C ILE F 356 60.95 -30.94 2.42
N THR F 357 61.62 -32.02 2.85
CA THR F 357 60.91 -33.27 3.05
C THR F 357 60.13 -33.28 4.35
N HIS F 358 60.53 -32.48 5.34
CA HIS F 358 59.70 -32.39 6.54
C HIS F 358 58.36 -31.76 6.22
N TYR F 359 58.37 -30.71 5.38
CA TYR F 359 57.14 -30.04 4.99
C TYR F 359 56.24 -30.96 4.18
N TYR F 360 56.83 -31.96 3.51
CA TYR F 360 56.04 -32.94 2.76
C TYR F 360 54.95 -33.56 3.61
N HIS F 361 55.27 -33.89 4.86
CA HIS F 361 54.30 -34.55 5.74
C HIS F 361 53.28 -33.58 6.33
N ARG F 362 53.65 -32.30 6.46
CA ARG F 362 52.73 -31.30 7.00
C ARG F 362 51.90 -30.69 5.88
N TYR F 363 50.59 -30.65 6.09
CA TYR F 363 49.64 -30.15 5.09
C TYR F 363 49.84 -30.81 3.72
N PRO F 364 49.63 -32.13 3.62
CA PRO F 364 49.76 -32.80 2.32
C PRO F 364 48.66 -32.39 1.35
N MET F 365 48.60 -33.05 0.19
CA MET F 365 47.65 -32.72 -0.86
C MET F 365 47.91 -31.31 -1.38
N SER F 366 49.01 -31.21 -2.13
CA SER F 366 49.77 -30.03 -2.54
C SER F 366 51.23 -30.23 -2.19
N THR F 367 51.81 -29.28 -1.43
CA THR F 367 53.22 -29.35 -1.04
C THR F 367 54.12 -29.54 -2.25
N ILE F 368 54.14 -30.76 -2.80
CA ILE F 368 54.91 -31.03 -4.02
C ILE F 368 54.47 -30.11 -5.14
N LEU F 369 53.18 -29.77 -5.19
CA LEU F 369 52.68 -28.84 -6.19
C LEU F 369 53.44 -27.52 -6.15
N GLY F 370 53.54 -26.91 -4.97
CA GLY F 370 54.25 -25.64 -4.85
C GLY F 370 55.72 -25.77 -5.20
N LEU F 371 56.35 -26.87 -4.80
CA LEU F 371 57.76 -27.08 -5.15
C LEU F 371 57.94 -27.17 -6.65
N SER F 372 57.05 -27.89 -7.33
CA SER F 372 57.12 -28.01 -8.79
C SER F 372 56.87 -26.67 -9.46
N ILE F 373 55.94 -25.88 -8.91
CA ILE F 373 55.68 -24.55 -9.46
C ILE F 373 56.93 -23.68 -9.33
N CYS F 374 57.58 -23.72 -8.16
CA CYS F 374 58.79 -22.94 -7.96
C CYS F 374 59.90 -23.41 -8.88
N ALA F 375 60.04 -24.73 -9.07
CA ALA F 375 61.04 -25.25 -9.98
C ALA F 375 60.78 -24.82 -11.42
N ALA F 376 59.52 -24.84 -11.84
CA ALA F 376 59.18 -24.41 -13.20
C ALA F 376 59.46 -22.92 -13.38
N ILE F 377 59.14 -22.10 -12.38
CA ILE F 377 59.43 -20.68 -12.46
C ILE F 377 60.93 -20.44 -12.54
N ALA F 378 61.71 -21.16 -11.73
CA ALA F 378 63.15 -21.04 -11.79
C ALA F 378 63.70 -21.46 -13.15
N THR F 379 63.17 -22.54 -13.71
CA THR F 379 63.60 -22.99 -15.03
C THR F 379 63.28 -21.95 -16.09
N VAL F 380 62.09 -21.37 -16.05
CA VAL F 380 61.74 -20.32 -17.00
C VAL F 380 62.67 -19.13 -16.84
N SER F 381 62.99 -18.76 -15.60
CA SER F 381 63.92 -17.66 -15.36
C SER F 381 65.30 -17.96 -15.94
N VAL F 382 65.79 -19.18 -15.73
CA VAL F 382 67.10 -19.56 -16.28
C VAL F 382 67.08 -19.51 -17.79
N ALA F 383 66.01 -20.02 -18.41
CA ALA F 383 65.90 -20.00 -19.87
C ALA F 383 65.87 -18.57 -20.39
N ALA F 384 65.12 -17.68 -19.72
CA ALA F 384 65.07 -16.29 -20.14
C ALA F 384 66.45 -15.63 -20.01
N SER F 385 67.15 -15.91 -18.91
CA SER F 385 68.49 -15.36 -18.73
C SER F 385 69.43 -15.86 -19.83
N THR F 386 69.35 -17.14 -20.16
CA THR F 386 70.18 -17.70 -21.23
C THR F 386 69.87 -17.04 -22.56
N TRP F 387 68.58 -16.86 -22.87
CA TRP F 387 68.20 -16.20 -24.11
C TRP F 387 68.71 -14.77 -24.16
N LEU F 388 68.60 -14.04 -23.04
CA LEU F 388 69.11 -12.69 -22.98
C LEU F 388 70.62 -12.65 -23.18
N PHE F 389 71.33 -13.60 -22.57
CA PHE F 389 72.78 -13.67 -22.74
C PHE F 389 73.14 -13.98 -24.20
N CYS F 390 72.40 -14.88 -24.84
CA CYS F 390 72.66 -15.19 -26.24
C CYS F 390 72.40 -13.99 -27.14
N ARG F 391 71.31 -13.26 -26.88
CA ARG F 391 71.03 -12.06 -27.66
C ARG F 391 72.09 -11.00 -27.45
N SER F 392 72.57 -10.85 -26.21
CA SER F 392 73.65 -9.90 -25.94
C SER F 392 74.93 -10.31 -26.64
N ARG F 393 75.22 -11.62 -26.68
CA ARG F 393 76.39 -12.10 -27.40
C ARG F 393 76.26 -11.82 -28.89
N VAL F 394 75.07 -12.02 -29.46
CA VAL F 394 74.87 -11.72 -30.87
C VAL F 394 75.07 -10.23 -31.13
N ALA F 395 74.50 -9.39 -30.27
CA ALA F 395 74.64 -7.94 -30.42
C ALA F 395 76.11 -7.53 -30.30
N CYS F 396 76.85 -8.17 -29.41
CA CYS F 396 78.27 -7.86 -29.25
C CYS F 396 79.06 -8.32 -30.47
N LEU F 397 78.74 -9.51 -31.00
CA LEU F 397 79.42 -10.03 -32.18
C LEU F 397 79.09 -9.22 -33.42
N THR F 398 77.98 -8.46 -33.40
CA THR F 398 77.63 -7.62 -34.54
C THR F 398 78.76 -6.66 -34.93
N PRO F 399 79.34 -5.86 -34.03
CA PRO F 399 80.59 -5.17 -34.39
C PRO F 399 81.78 -6.10 -34.49
N TYR F 400 81.70 -7.33 -33.96
CA TYR F 400 82.81 -8.28 -34.04
C TYR F 400 82.81 -9.07 -35.34
N ARG F 401 82.25 -8.50 -36.41
CA ARG F 401 82.21 -9.20 -37.69
C ARG F 401 83.56 -8.95 -38.33
N LEU F 402 83.71 -9.17 -39.63
CA LEU F 402 85.01 -8.97 -40.28
C LEU F 402 85.56 -7.58 -40.01
N THR F 403 84.76 -6.54 -40.27
CA THR F 403 85.16 -5.15 -40.06
C THR F 403 86.58 -5.00 -40.60
N PRO F 404 86.76 -4.98 -41.93
CA PRO F 404 88.08 -5.32 -42.48
C PRO F 404 89.25 -4.60 -41.85
N ASN F 405 89.89 -5.31 -40.92
CA ASN F 405 91.18 -4.94 -40.33
C ASN F 405 91.87 -6.22 -39.90
N ALA F 406 91.07 -7.29 -39.76
CA ALA F 406 91.47 -8.57 -39.18
C ALA F 406 91.98 -8.40 -37.75
N ARG F 407 91.68 -7.26 -37.13
CA ARG F 407 92.15 -6.94 -35.78
C ARG F 407 91.07 -6.11 -35.10
N ILE F 408 90.41 -6.68 -34.08
CA ILE F 408 89.44 -5.93 -33.29
C ILE F 408 89.72 -6.01 -31.78
N PRO F 409 90.97 -5.82 -31.31
CA PRO F 409 91.21 -5.85 -29.86
C PRO F 409 90.33 -4.90 -29.06
N PHE F 410 90.10 -3.68 -29.56
CA PHE F 410 89.60 -2.60 -28.72
C PHE F 410 88.12 -2.75 -28.40
N CYS F 411 87.33 -3.29 -29.34
CA CYS F 411 85.92 -3.54 -29.05
C CYS F 411 85.77 -4.56 -27.94
N LEU F 412 86.60 -5.62 -27.97
CA LEU F 412 86.57 -6.62 -26.92
C LEU F 412 87.10 -6.07 -25.60
N ALA F 413 88.11 -5.19 -25.67
CA ALA F 413 88.65 -4.60 -24.45
C ALA F 413 87.65 -3.66 -23.79
N VAL F 414 86.83 -2.98 -24.58
CA VAL F 414 85.87 -2.04 -24.00
C VAL F 414 84.61 -2.77 -23.54
N LEU F 415 83.98 -3.55 -24.44
CA LEU F 415 82.69 -4.14 -24.12
C LEU F 415 82.84 -5.30 -23.15
N CYS F 416 83.83 -6.16 -23.37
CA CYS F 416 84.09 -7.31 -22.50
C CYS F 416 82.84 -8.15 -22.31
N CYS F 417 82.14 -8.42 -23.41
CA CYS F 417 80.90 -9.18 -23.34
C CYS F 417 81.17 -10.59 -22.86
N ALA F 418 82.15 -11.25 -23.49
CA ALA F 418 82.67 -12.56 -23.08
C ALA F 418 83.80 -12.97 -24.01
N ARG F 419 84.70 -13.81 -23.52
CA ARG F 419 85.88 -14.27 -24.26
C ARG F 419 86.47 -13.13 -25.10
N THR F 420 86.92 -12.10 -24.39
CA THR F 420 87.34 -10.84 -24.98
C THR F 420 88.84 -10.62 -24.83
N ALA F 421 89.28 -9.40 -25.16
CA ALA F 421 90.66 -9.05 -25.48
C ALA F 421 91.67 -9.78 -24.60
N ARG F 422 92.62 -10.45 -25.25
CA ARG F 422 93.65 -11.17 -24.50
C ARG F 422 94.46 -10.22 -23.64
N ALA F 423 94.80 -9.06 -24.19
CA ALA F 423 95.56 -8.04 -23.45
C ALA F 423 94.61 -7.13 -22.70
N LYS G 1 89.10 4.68 -66.59
CA LYS G 1 89.07 4.34 -65.17
C LYS G 1 88.28 3.06 -64.94
N ARG G 2 87.07 2.99 -65.51
CA ARG G 2 86.25 1.80 -65.36
C ARG G 2 86.98 0.55 -65.86
N GLN G 3 87.76 0.69 -66.94
CA GLN G 3 88.57 -0.42 -67.41
C GLN G 3 89.54 -0.88 -66.34
N ARG G 4 90.24 0.05 -65.71
CA ARG G 4 91.18 -0.32 -64.64
C ARG G 4 90.45 -0.93 -63.45
N MET G 5 89.27 -0.41 -63.12
CA MET G 5 88.50 -0.98 -62.02
C MET G 5 88.11 -2.43 -62.31
N VAL G 6 87.66 -2.71 -63.54
CA VAL G 6 87.30 -4.07 -63.91
C VAL G 6 88.53 -4.97 -63.91
N MET G 7 89.66 -4.45 -64.38
CA MET G 7 90.89 -5.23 -64.37
C MET G 7 91.31 -5.58 -62.95
N LYS G 8 91.20 -4.62 -62.02
CA LYS G 8 91.55 -4.88 -60.64
C LYS G 8 90.59 -5.87 -59.99
N LEU G 9 89.30 -5.78 -60.32
CA LEU G 9 88.32 -6.72 -59.77
C LEU G 9 88.56 -8.13 -60.32
N GLU G 10 88.96 -8.25 -61.58
CA GLU G 10 89.21 -9.57 -62.16
C GLU G 10 90.52 -10.17 -61.67
N SER G 11 91.59 -9.37 -61.61
CA SER G 11 92.87 -9.89 -61.14
C SER G 11 92.79 -10.35 -59.69
N ASP G 12 92.16 -9.56 -58.84
CA ASP G 12 91.84 -10.01 -57.50
C ASP G 12 90.79 -11.12 -57.58
N LYS G 13 90.96 -12.16 -56.77
CA LYS G 13 90.09 -13.32 -56.88
C LYS G 13 88.69 -12.95 -56.42
N THR G 14 87.78 -12.79 -57.39
CA THR G 14 86.37 -12.54 -57.13
C THR G 14 85.56 -13.53 -57.93
N PHE G 15 84.47 -14.03 -57.35
CA PHE G 15 83.73 -15.10 -57.99
C PHE G 15 82.23 -14.93 -57.79
N PRO G 16 81.44 -14.95 -58.87
CA PRO G 16 79.98 -14.84 -58.71
C PRO G 16 79.40 -16.08 -58.04
N ILE G 17 78.19 -15.92 -57.53
CA ILE G 17 77.50 -16.97 -56.80
C ILE G 17 76.58 -17.66 -57.79
N MET G 18 76.98 -18.84 -58.25
CA MET G 18 76.26 -19.58 -59.28
C MET G 18 75.21 -20.50 -58.65
N LEU G 19 74.00 -20.47 -59.19
CA LEU G 19 72.93 -21.38 -58.77
C LEU G 19 72.16 -21.79 -60.01
N GLU G 20 72.20 -23.09 -60.33
CA GLU G 20 71.53 -23.64 -61.50
C GLU G 20 71.96 -22.95 -62.79
N GLY G 21 73.22 -22.50 -62.85
CA GLY G 21 73.72 -21.86 -64.04
C GLY G 21 73.40 -20.39 -64.15
N LYS G 22 72.80 -19.80 -63.11
CA LYS G 22 72.38 -18.40 -63.13
C LYS G 22 73.21 -17.61 -62.13
N ILE G 23 73.67 -16.43 -62.55
CA ILE G 23 74.41 -15.55 -61.67
C ILE G 23 73.40 -14.81 -60.79
N ASN G 24 73.36 -15.15 -59.51
CA ASN G 24 72.44 -14.55 -58.56
C ASN G 24 73.10 -13.52 -57.66
N GLY G 25 74.38 -13.27 -57.84
CA GLY G 25 75.09 -12.33 -57.00
C GLY G 25 76.58 -12.45 -57.21
N TYR G 26 77.32 -11.74 -56.36
CA TYR G 26 78.77 -11.75 -56.41
C TYR G 26 79.32 -11.78 -54.99
N ALA G 27 80.52 -12.33 -54.85
CA ALA G 27 81.22 -12.38 -53.57
C ALA G 27 82.69 -12.09 -53.81
N CYS G 28 83.33 -11.50 -52.81
CA CYS G 28 84.72 -11.08 -52.93
C CYS G 28 85.43 -11.32 -51.61
N VAL G 29 86.75 -11.17 -51.63
CA VAL G 29 87.58 -11.35 -50.45
C VAL G 29 88.24 -10.01 -50.14
N VAL G 30 87.96 -9.48 -48.96
CA VAL G 30 88.53 -8.22 -48.49
C VAL G 30 89.14 -8.44 -47.12
N GLY G 31 90.35 -7.90 -46.92
CA GLY G 31 91.05 -8.10 -45.66
C GLY G 31 91.42 -9.53 -45.36
N GLY G 32 91.47 -10.38 -46.38
CA GLY G 32 91.88 -11.75 -46.21
C GLY G 32 90.83 -12.71 -45.71
N LYS G 33 89.55 -12.32 -45.72
CA LYS G 33 88.48 -13.24 -45.36
C LYS G 33 87.28 -13.01 -46.28
N LEU G 34 86.67 -14.11 -46.71
CA LEU G 34 85.57 -14.06 -47.66
C LEU G 34 84.29 -13.56 -46.98
N PHE G 35 83.53 -12.74 -47.72
CA PHE G 35 82.21 -12.30 -47.28
C PHE G 35 81.20 -12.64 -48.35
N ARG G 36 79.97 -12.93 -47.92
CA ARG G 36 78.91 -13.26 -48.85
C ARG G 36 77.57 -12.75 -48.33
N PRO G 37 76.78 -12.09 -49.17
CA PRO G 37 75.43 -11.69 -48.74
C PRO G 37 74.57 -12.91 -48.44
N MET G 38 73.97 -12.91 -47.24
CA MET G 38 73.25 -14.09 -46.77
C MET G 38 72.00 -14.35 -47.61
N HIS G 39 71.32 -13.29 -48.05
CA HIS G 39 70.09 -13.47 -48.83
C HIS G 39 70.34 -14.14 -50.17
N VAL G 40 71.55 -14.06 -50.71
CA VAL G 40 71.87 -14.71 -51.98
C VAL G 40 72.20 -16.17 -51.72
N GLU G 41 71.51 -17.07 -52.41
CA GLU G 41 71.74 -18.50 -52.30
C GLU G 41 72.65 -19.00 -53.42
N GLY G 42 73.38 -20.08 -53.13
CA GLY G 42 74.30 -20.68 -54.07
C GLY G 42 75.68 -20.81 -53.46
N LYS G 43 76.62 -21.25 -54.28
CA LYS G 43 78.00 -21.48 -53.86
C LYS G 43 78.95 -20.61 -54.67
N ILE G 44 80.04 -20.19 -54.03
CA ILE G 44 81.04 -19.38 -54.71
C ILE G 44 81.63 -20.15 -55.88
N ASP G 45 81.99 -19.42 -56.94
CA ASP G 45 82.56 -20.02 -58.13
C ASP G 45 84.05 -20.32 -57.94
N ASN G 46 84.38 -21.08 -56.88
CA ASN G 46 85.76 -21.45 -56.60
C ASN G 46 85.71 -22.65 -55.66
N ASP G 47 86.15 -23.81 -56.15
CA ASP G 47 86.10 -25.02 -55.35
C ASP G 47 86.95 -24.88 -54.09
N VAL G 48 88.12 -24.26 -54.21
CA VAL G 48 89.00 -24.09 -53.05
C VAL G 48 88.34 -23.20 -52.01
N LEU G 49 87.76 -22.08 -52.46
CA LEU G 49 87.05 -21.20 -51.53
C LEU G 49 85.77 -21.81 -51.02
N ALA G 50 85.08 -22.62 -51.86
CA ALA G 50 83.85 -23.27 -51.40
C ALA G 50 84.10 -24.22 -50.25
N ALA G 51 85.32 -24.75 -50.12
CA ALA G 51 85.66 -25.62 -49.01
C ALA G 51 85.64 -24.90 -47.66
N LEU G 52 85.59 -23.57 -47.66
CA LEU G 52 85.63 -22.81 -46.42
C LEU G 52 84.23 -22.73 -45.82
N LYS G 53 84.11 -23.01 -44.53
CA LYS G 53 82.84 -22.92 -43.84
C LYS G 53 82.55 -21.48 -43.44
N THR G 54 81.35 -21.00 -43.76
CA THR G 54 80.96 -19.63 -43.49
C THR G 54 80.15 -19.54 -42.21
N LYS G 55 80.17 -18.35 -41.61
CA LYS G 55 79.34 -18.02 -40.46
C LYS G 55 78.30 -16.98 -40.86
N LYS G 56 77.13 -17.05 -40.26
CA LYS G 56 76.00 -16.21 -40.62
C LYS G 56 75.92 -15.00 -39.70
N ALA G 57 75.39 -13.90 -40.24
CA ALA G 57 75.13 -12.67 -39.49
C ALA G 57 73.78 -12.13 -39.98
N SER G 58 72.70 -12.58 -39.33
CA SER G 58 71.36 -12.21 -39.76
C SER G 58 71.15 -10.70 -39.77
N LYS G 59 71.68 -10.00 -38.76
CA LYS G 59 71.42 -8.56 -38.62
C LYS G 59 71.73 -7.79 -39.91
N TYR G 60 72.82 -8.14 -40.59
CA TYR G 60 73.20 -7.46 -41.82
C TYR G 60 72.94 -8.29 -43.06
N ASP G 61 72.38 -9.50 -42.90
CA ASP G 61 72.17 -10.41 -44.02
C ASP G 61 73.47 -10.67 -44.77
N LEU G 62 74.54 -10.91 -44.02
CA LEU G 62 75.85 -11.14 -44.58
C LEU G 62 76.48 -12.36 -43.93
N GLU G 63 77.36 -13.02 -44.67
CA GLU G 63 78.13 -14.15 -44.18
C GLU G 63 79.61 -13.86 -44.28
N TYR G 64 80.41 -14.59 -43.50
CA TYR G 64 81.86 -14.42 -43.51
C TYR G 64 82.51 -15.78 -43.24
N ALA G 65 83.78 -15.88 -43.62
CA ALA G 65 84.52 -17.12 -43.46
C ALA G 65 86.01 -16.81 -43.47
N ASP G 66 86.79 -17.71 -42.87
CA ASP G 66 88.23 -17.54 -42.81
C ASP G 66 88.88 -18.02 -44.11
N VAL G 67 89.81 -17.24 -44.62
CA VAL G 67 90.54 -17.58 -45.85
C VAL G 67 91.96 -17.99 -45.48
N PRO G 68 92.51 -19.05 -46.07
CA PRO G 68 93.89 -19.44 -45.77
C PRO G 68 94.86 -18.30 -46.04
N GLN G 69 95.87 -18.18 -45.17
CA GLN G 69 96.83 -17.09 -45.26
C GLN G 69 97.48 -17.03 -46.64
N ASN G 70 97.85 -18.19 -47.19
CA ASN G 70 98.44 -18.23 -48.52
C ASN G 70 97.50 -17.63 -49.56
N MET G 71 96.19 -17.78 -49.37
CA MET G 71 95.21 -17.14 -50.22
C MET G 71 94.85 -15.74 -49.74
N ARG G 72 95.17 -15.41 -48.48
CA ARG G 72 95.07 -14.04 -47.99
C ARG G 72 96.11 -13.14 -48.63
N ALA G 73 97.05 -13.72 -49.36
CA ALA G 73 98.15 -12.98 -49.97
C ALA G 73 97.68 -11.76 -50.77
N ASP G 74 96.59 -11.89 -51.51
CA ASP G 74 96.15 -10.83 -52.41
C ASP G 74 94.64 -10.71 -52.28
N THR G 75 94.19 -9.75 -51.48
CA THR G 75 92.79 -9.46 -51.25
C THR G 75 92.56 -7.96 -51.40
N PHE G 76 91.31 -7.55 -51.21
CA PHE G 76 90.98 -6.13 -51.34
C PHE G 76 91.58 -5.34 -50.19
N LYS G 77 91.98 -4.10 -50.51
CA LYS G 77 92.53 -3.18 -49.52
C LYS G 77 91.42 -2.22 -49.10
N TYR G 78 91.10 -2.21 -47.82
CA TYR G 78 90.06 -1.33 -47.30
C TYR G 78 90.67 -0.05 -46.73
N THR G 79 89.92 1.04 -46.84
CA THR G 79 90.31 2.32 -46.26
C THR G 79 89.08 2.96 -45.61
N HIS G 80 89.35 3.81 -44.61
CA HIS G 80 88.28 4.48 -43.89
C HIS G 80 88.09 5.93 -44.35
N GLU G 81 88.98 6.44 -45.20
CA GLU G 81 88.89 7.80 -45.71
C GLU G 81 87.83 7.84 -46.79
N LYS G 82 86.64 8.32 -46.44
CA LYS G 82 85.48 8.33 -47.33
C LYS G 82 84.94 9.76 -47.46
N PRO G 83 85.67 10.63 -48.16
CA PRO G 83 85.18 11.99 -48.37
C PRO G 83 84.07 12.01 -49.41
N GLN G 84 83.31 13.11 -49.39
CA GLN G 84 82.25 13.30 -50.38
C GLN G 84 82.84 13.47 -51.77
N GLY G 85 82.10 13.04 -52.76
CA GLY G 85 82.55 13.07 -54.13
C GLY G 85 81.95 11.92 -54.91
N TYR G 86 82.73 11.39 -55.84
CA TYR G 86 82.31 10.28 -56.70
C TYR G 86 83.31 9.14 -56.61
N TYR G 87 82.79 7.92 -56.62
CA TYR G 87 83.60 6.71 -56.61
C TYR G 87 83.25 5.87 -57.84
N SER G 88 83.97 4.76 -58.00
CA SER G 88 83.79 3.89 -59.15
C SER G 88 83.45 2.48 -58.70
N TRP G 89 82.61 1.80 -59.48
CA TRP G 89 82.32 0.39 -59.24
C TRP G 89 82.00 -0.28 -60.57
N HIS G 90 81.63 -1.55 -60.50
CA HIS G 90 81.53 -2.39 -61.69
C HIS G 90 80.65 -1.76 -62.78
N HIS G 91 79.50 -1.20 -62.39
CA HIS G 91 78.57 -0.63 -63.35
C HIS G 91 78.71 0.88 -63.49
N GLY G 92 79.94 1.39 -63.34
CA GLY G 92 80.21 2.80 -63.57
C GLY G 92 80.56 3.58 -62.33
N ALA G 93 80.04 4.80 -62.22
CA ALA G 93 80.34 5.68 -61.10
C ALA G 93 79.22 5.63 -60.06
N VAL G 94 79.53 6.15 -58.87
CA VAL G 94 78.57 6.28 -57.79
C VAL G 94 78.80 7.61 -57.09
N GLN G 95 77.72 8.31 -56.81
CA GLN G 95 77.79 9.60 -56.11
C GLN G 95 77.62 9.39 -54.62
N TYR G 96 78.55 9.94 -53.84
CA TYR G 96 78.49 9.88 -52.39
C TYR G 96 78.20 11.27 -51.85
N GLU G 97 77.08 11.41 -51.14
CA GLU G 97 76.65 12.70 -50.63
C GLU G 97 75.72 12.47 -49.44
N ASN G 98 75.89 13.28 -48.41
CA ASN G 98 75.10 13.19 -47.17
C ASN G 98 75.29 11.84 -46.48
N GLY G 99 76.39 11.15 -46.74
CA GLY G 99 76.61 9.84 -46.19
C GLY G 99 75.94 8.70 -46.92
N ARG G 100 75.37 8.96 -48.09
CA ARG G 100 74.66 7.95 -48.86
C ARG G 100 75.24 7.84 -50.26
N PHE G 101 75.20 6.63 -50.81
CA PHE G 101 75.64 6.36 -52.17
C PHE G 101 74.43 6.30 -53.10
N THR G 102 74.54 6.99 -54.24
CA THR G 102 73.46 7.03 -55.22
C THR G 102 74.04 6.86 -56.61
N VAL G 103 73.31 6.18 -57.48
CA VAL G 103 73.73 6.00 -58.86
C VAL G 103 72.56 6.32 -59.78
N PRO G 104 72.84 6.69 -61.03
CA PRO G 104 71.76 6.99 -61.98
C PRO G 104 70.82 5.81 -62.17
N LYS G 105 69.55 6.12 -62.44
CA LYS G 105 68.52 5.12 -62.63
C LYS G 105 68.88 4.17 -63.77
N GLY G 106 68.44 2.92 -63.64
CA GLY G 106 68.74 1.90 -64.62
C GLY G 106 70.05 1.19 -64.39
N VAL G 107 70.79 1.55 -63.35
CA VAL G 107 72.07 0.94 -63.02
C VAL G 107 71.87 0.11 -61.75
N GLY G 108 72.08 -1.20 -61.88
CA GLY G 108 71.89 -2.09 -60.75
C GLY G 108 70.53 -2.76 -60.76
N ALA G 109 70.51 -4.05 -60.42
CA ALA G 109 69.28 -4.84 -60.44
C ALA G 109 69.53 -6.11 -59.65
N LYS G 110 68.49 -6.93 -59.53
CA LYS G 110 68.60 -8.20 -58.82
C LYS G 110 69.74 -9.04 -59.40
N GLY G 111 70.66 -9.45 -58.54
CA GLY G 111 71.82 -10.22 -58.94
C GLY G 111 73.13 -9.48 -58.86
N ASP G 112 73.11 -8.17 -58.60
CA ASP G 112 74.31 -7.37 -58.47
C ASP G 112 74.84 -7.30 -57.04
N SER G 113 74.14 -7.90 -56.07
CA SER G 113 74.57 -7.85 -54.67
C SER G 113 75.97 -8.41 -54.53
N GLY G 114 76.82 -7.69 -53.80
CA GLY G 114 78.18 -8.10 -53.53
C GLY G 114 79.23 -7.26 -54.22
N ARG G 115 78.85 -6.42 -55.17
CA ARG G 115 79.81 -5.58 -55.86
C ARG G 115 80.36 -4.51 -54.93
N PRO G 116 81.67 -4.44 -54.72
CA PRO G 116 82.25 -3.42 -53.84
C PRO G 116 82.33 -2.07 -54.55
N ILE G 117 82.58 -1.05 -53.75
CA ILE G 117 82.77 0.31 -54.24
C ILE G 117 84.22 0.72 -54.00
N LEU G 118 84.89 1.16 -55.06
CA LEU G 118 86.30 1.46 -55.02
C LEU G 118 86.54 2.97 -55.11
N ASP G 119 87.62 3.42 -54.49
CA ASP G 119 88.04 4.80 -54.56
C ASP G 119 89.02 5.00 -55.73
N ASN G 120 89.61 6.20 -55.82
CA ASN G 120 90.56 6.48 -56.89
C ASN G 120 91.83 5.65 -56.77
N GLN G 121 92.15 5.17 -55.57
CA GLN G 121 93.32 4.34 -55.34
C GLN G 121 93.01 2.85 -55.45
N GLY G 122 91.78 2.49 -55.79
CA GLY G 122 91.40 1.09 -55.88
C GLY G 122 91.10 0.44 -54.55
N ARG G 123 90.90 1.23 -53.50
CA ARG G 123 90.58 0.70 -52.18
C ARG G 123 89.07 0.63 -51.99
N VAL G 124 88.62 -0.42 -51.29
CA VAL G 124 87.20 -0.62 -51.06
C VAL G 124 86.72 0.37 -50.01
N VAL G 125 85.57 1.00 -50.27
CA VAL G 125 84.96 1.90 -49.30
C VAL G 125 83.57 1.45 -48.87
N ALA G 126 82.91 0.59 -49.63
CA ALA G 126 81.57 0.12 -49.29
C ALA G 126 81.26 -1.11 -50.13
N ILE G 127 80.23 -1.84 -49.70
CA ILE G 127 79.76 -3.03 -50.40
C ILE G 127 78.28 -2.83 -50.73
N VAL G 128 77.93 -3.04 -52.00
CA VAL G 128 76.55 -2.84 -52.43
C VAL G 128 75.76 -4.11 -52.17
N LEU G 129 74.65 -3.97 -51.45
CA LEU G 129 73.79 -5.10 -51.13
C LEU G 129 72.42 -5.04 -51.80
N GLY G 130 71.90 -3.85 -52.04
CA GLY G 130 70.60 -3.71 -52.65
C GLY G 130 70.39 -2.31 -53.18
N GLY G 131 69.13 -1.96 -53.35
CA GLY G 131 68.79 -0.62 -53.84
C GLY G 131 67.29 -0.45 -53.89
N VAL G 132 66.90 0.77 -54.26
CA VAL G 132 65.49 1.13 -54.34
C VAL G 132 65.35 2.22 -55.40
N ASN G 133 64.26 2.15 -56.17
CA ASN G 133 64.00 3.12 -57.21
C ASN G 133 63.91 4.52 -56.61
N GLU G 134 64.69 5.45 -57.15
CA GLU G 134 64.75 6.83 -56.69
C GLU G 134 64.59 7.78 -57.87
N GLY G 135 63.56 7.57 -58.67
CA GLY G 135 63.29 8.48 -59.78
C GLY G 135 64.39 8.47 -60.81
N SER G 136 64.97 9.66 -61.05
CA SER G 136 66.04 9.80 -62.04
C SER G 136 67.31 9.05 -61.63
N ARG G 137 67.43 8.64 -60.37
CA ARG G 137 68.57 7.88 -59.87
C ARG G 137 68.04 6.70 -59.07
N THR G 138 68.94 5.93 -58.48
CA THR G 138 68.55 4.95 -57.48
C THR G 138 69.57 4.96 -56.35
N ALA G 139 69.07 4.79 -55.12
CA ALA G 139 69.91 4.79 -53.93
C ALA G 139 70.24 3.37 -53.52
N LEU G 140 71.53 3.09 -53.35
CA LEU G 140 71.99 1.75 -53.02
C LEU G 140 72.07 1.59 -51.50
N SER G 141 71.68 0.42 -51.02
CA SER G 141 71.85 0.07 -49.62
C SER G 141 73.23 -0.57 -49.43
N VAL G 142 74.08 0.08 -48.64
CA VAL G 142 75.48 -0.30 -48.53
C VAL G 142 75.87 -0.37 -47.07
N VAL G 143 77.01 -1.00 -46.82
CA VAL G 143 77.63 -1.05 -45.49
C VAL G 143 79.00 -0.40 -45.59
N MET G 144 79.32 0.45 -44.62
CA MET G 144 80.60 1.14 -44.59
C MET G 144 81.15 1.11 -43.17
N TRP G 145 82.46 1.30 -43.06
CA TRP G 145 83.16 1.17 -41.78
C TRP G 145 83.97 2.42 -41.50
N ASN G 146 83.83 2.97 -40.30
CA ASN G 146 84.55 4.17 -39.93
C ASN G 146 85.96 3.83 -39.46
N GLU G 147 86.75 4.88 -39.22
CA GLU G 147 88.13 4.68 -38.75
C GLU G 147 88.18 4.01 -37.39
N LYS G 148 87.08 4.01 -36.64
CA LYS G 148 87.01 3.32 -35.36
C LYS G 148 86.62 1.86 -35.49
N GLY G 149 86.34 1.39 -36.70
CA GLY G 149 85.99 -0.01 -36.89
C GLY G 149 84.55 -0.36 -36.60
N VAL G 150 83.64 0.60 -36.69
CA VAL G 150 82.22 0.34 -36.43
C VAL G 150 81.52 0.02 -37.74
N THR G 151 80.82 -1.10 -37.78
CA THR G 151 80.04 -1.48 -38.95
C THR G 151 78.70 -0.75 -38.95
N VAL G 152 78.45 0.04 -39.98
CA VAL G 152 77.23 0.81 -40.10
C VAL G 152 76.58 0.46 -41.43
N LYS G 153 75.32 0.04 -41.38
CA LYS G 153 74.55 -0.32 -42.56
C LYS G 153 73.52 0.76 -42.83
N TYR G 154 73.60 1.37 -44.01
CA TYR G 154 72.64 2.38 -44.44
C TYR G 154 71.62 1.72 -45.36
N THR G 155 70.36 1.71 -44.94
CA THR G 155 69.30 1.05 -45.68
C THR G 155 68.16 2.04 -45.92
N PRO G 156 67.92 2.46 -47.16
CA PRO G 156 66.77 3.32 -47.44
C PRO G 156 65.46 2.64 -47.06
N GLU G 157 64.48 3.45 -46.68
CA GLU G 157 63.16 2.94 -46.34
C GLU G 157 62.56 2.20 -47.51
N ASN G 158 62.12 0.96 -47.25
CA ASN G 158 61.49 0.10 -48.25
C ASN G 158 62.46 -0.25 -49.37
N CYS G 159 63.73 -0.42 -49.02
CA CYS G 159 64.73 -0.81 -50.00
C CYS G 159 64.51 -2.24 -50.47
N GLU G 160 64.70 -2.46 -51.77
CA GLU G 160 64.54 -3.76 -52.37
C GLU G 160 65.87 -4.50 -52.43
N GLN G 161 65.81 -5.82 -52.22
CA GLN G 161 67.01 -6.66 -52.31
C GLN G 161 67.41 -6.79 -53.78
N TRP G 162 68.45 -6.06 -54.17
CA TRP G 162 68.94 -6.11 -55.54
C TRP G 162 70.21 -6.95 -55.64
N TYR H 1 -0.59 -53.51 -18.66
CA TYR H 1 -0.18 -52.31 -19.37
C TYR H 1 -0.30 -51.09 -18.46
N GLU H 2 0.70 -50.20 -18.53
CA GLU H 2 0.71 -48.96 -17.76
C GLU H 2 0.25 -47.83 -18.67
N HIS H 3 -0.95 -47.32 -18.42
CA HIS H 3 -1.51 -46.22 -19.18
C HIS H 3 -1.20 -44.90 -18.47
N ALA H 4 -0.63 -43.96 -19.20
CA ALA H 4 -0.28 -42.65 -18.67
C ALA H 4 -1.18 -41.58 -19.28
N THR H 5 -1.65 -40.66 -18.44
CA THR H 5 -2.50 -39.57 -18.89
C THR H 5 -2.35 -38.40 -17.93
N THR H 6 -3.11 -37.34 -18.19
CA THR H 6 -3.10 -36.15 -17.35
C THR H 6 -4.53 -35.70 -17.11
N MET H 7 -4.88 -35.50 -15.85
CA MET H 7 -6.20 -35.03 -15.45
C MET H 7 -6.11 -33.61 -14.94
N PRO H 8 -6.78 -32.64 -15.57
CA PRO H 8 -6.76 -31.28 -15.04
C PRO H 8 -7.29 -31.24 -13.60
N SER H 9 -6.69 -30.39 -12.78
CA SER H 9 -7.01 -30.32 -11.36
C SER H 9 -8.27 -29.47 -11.19
N GLN H 10 -9.42 -30.11 -11.33
CA GLN H 10 -10.70 -29.46 -11.09
C GLN H 10 -11.70 -30.51 -10.65
N ALA H 11 -12.22 -30.38 -9.43
CA ALA H 11 -13.15 -31.34 -8.89
C ALA H 11 -14.53 -31.16 -9.49
N GLY H 12 -15.29 -32.27 -9.56
CA GLY H 12 -16.62 -32.25 -10.10
C GLY H 12 -16.72 -32.39 -11.60
N ILE H 13 -15.59 -32.50 -12.30
CA ILE H 13 -15.56 -32.58 -13.76
C ILE H 13 -15.25 -34.02 -14.13
N SER H 14 -16.11 -34.63 -14.94
CA SER H 14 -15.90 -36.00 -15.38
C SER H 14 -14.93 -36.03 -16.55
N TYR H 15 -13.86 -36.79 -16.42
CA TYR H 15 -12.87 -36.98 -17.48
C TYR H 15 -12.88 -38.45 -17.90
N ASN H 16 -13.21 -38.69 -19.16
CA ASN H 16 -13.34 -40.04 -19.68
C ASN H 16 -12.23 -40.33 -20.68
N THR H 17 -11.72 -41.55 -20.64
CA THR H 17 -10.70 -42.00 -21.57
C THR H 17 -10.83 -43.51 -21.75
N ILE H 18 -10.32 -43.99 -22.87
CA ILE H 18 -10.35 -45.42 -23.19
C ILE H 18 -8.93 -45.88 -23.44
N VAL H 19 -8.60 -47.07 -22.95
CA VAL H 19 -7.30 -47.69 -23.16
C VAL H 19 -7.47 -48.73 -24.26
N ASN H 20 -6.82 -48.49 -25.39
CA ASN H 20 -6.84 -49.40 -26.53
C ASN H 20 -5.43 -49.96 -26.66
N ARG H 21 -5.23 -51.17 -26.14
CA ARG H 21 -3.91 -51.78 -26.05
C ARG H 21 -3.87 -52.98 -26.99
N ALA H 22 -3.06 -52.87 -28.04
CA ALA H 22 -2.81 -53.96 -28.99
C ALA H 22 -4.14 -54.40 -29.61
N GLY H 23 -4.51 -55.67 -29.52
CA GLY H 23 -5.70 -56.20 -30.16
C GLY H 23 -6.91 -56.34 -29.27
N TYR H 24 -6.92 -55.75 -28.09
CA TYR H 24 -8.08 -55.80 -27.21
C TYR H 24 -8.95 -54.59 -27.42
N ALA H 25 -10.26 -54.76 -27.24
CA ALA H 25 -11.20 -53.70 -27.49
C ALA H 25 -10.99 -52.57 -26.49
N PRO H 26 -11.36 -51.33 -26.85
CA PRO H 26 -11.16 -50.20 -25.93
C PRO H 26 -11.84 -50.44 -24.59
N LEU H 27 -11.06 -50.34 -23.52
CA LEU H 27 -11.58 -50.49 -22.17
C LEU H 27 -11.99 -49.12 -21.65
N PRO H 28 -13.28 -48.87 -21.44
CA PRO H 28 -13.70 -47.54 -20.96
C PRO H 28 -13.29 -47.32 -19.51
N ILE H 29 -12.65 -46.18 -19.26
CA ILE H 29 -12.27 -45.76 -17.92
C ILE H 29 -12.84 -44.37 -17.68
N SER H 30 -13.68 -44.25 -16.65
CA SER H 30 -14.34 -43.00 -16.32
C SER H 30 -13.90 -42.59 -14.92
N ILE H 31 -13.28 -41.42 -14.82
CA ILE H 31 -12.77 -40.90 -13.54
C ILE H 31 -13.35 -39.52 -13.31
N THR H 32 -14.03 -39.33 -12.19
CA THR H 32 -14.57 -38.03 -11.81
C THR H 32 -14.05 -37.62 -10.45
N PRO H 33 -13.12 -36.67 -10.37
CA PRO H 33 -12.70 -36.16 -9.05
C PRO H 33 -13.80 -35.35 -8.40
N THR H 34 -14.11 -35.69 -7.14
CA THR H 34 -15.20 -35.05 -6.42
C THR H 34 -14.73 -34.02 -5.39
N LYS H 35 -13.52 -34.14 -4.90
CA LYS H 35 -13.01 -33.21 -3.89
C LYS H 35 -11.50 -33.33 -3.81
N ILE H 36 -10.81 -32.19 -3.77
CA ILE H 36 -9.35 -32.14 -3.68
C ILE H 36 -8.99 -31.31 -2.47
N LYS H 37 -8.33 -31.93 -1.49
CA LYS H 37 -7.98 -31.28 -0.24
C LYS H 37 -6.47 -31.02 -0.22
N LEU H 38 -6.11 -29.75 -0.09
CA LEU H 38 -4.72 -29.33 0.10
C LEU H 38 -4.50 -29.08 1.58
N ILE H 39 -3.69 -29.93 2.22
CA ILE H 39 -3.50 -29.86 3.66
C ILE H 39 -2.05 -29.50 3.99
N PRO H 40 -1.79 -28.33 4.56
CA PRO H 40 -0.42 -27.97 4.93
C PRO H 40 0.03 -28.66 6.21
N THR H 41 1.34 -28.66 6.41
CA THR H 41 1.93 -29.10 7.66
C THR H 41 1.97 -27.91 8.62
N VAL H 42 1.25 -28.01 9.73
CA VAL H 42 0.92 -26.87 10.57
C VAL H 42 1.52 -27.08 11.95
N ASN H 43 2.23 -26.06 12.45
CA ASN H 43 2.85 -26.09 13.77
C ASN H 43 2.34 -24.90 14.58
N LEU H 44 1.89 -25.16 15.80
CA LEU H 44 1.45 -24.10 16.69
C LEU H 44 2.64 -23.32 17.24
N GLU H 45 2.60 -22.00 17.11
CA GLU H 45 3.61 -21.12 17.69
C GLU H 45 3.20 -20.58 19.06
N TYR H 46 2.05 -19.93 19.13
CA TYR H 46 1.53 -19.39 20.39
C TYR H 46 0.09 -18.95 20.16
N VAL H 47 -0.57 -18.59 21.26
CA VAL H 47 -1.94 -18.09 21.21
C VAL H 47 -1.97 -16.69 21.80
N THR H 48 -3.01 -15.94 21.44
CA THR H 48 -3.18 -14.58 21.90
C THR H 48 -4.66 -14.28 22.04
N CYS H 49 -4.98 -13.32 22.92
CA CYS H 49 -6.37 -12.98 23.23
C CYS H 49 -6.36 -11.69 24.03
N HIS H 50 -7.56 -11.20 24.35
CA HIS H 50 -7.68 -10.04 25.21
C HIS H 50 -7.27 -10.40 26.63
N TYR H 51 -7.00 -9.38 27.44
CA TYR H 51 -6.37 -9.57 28.74
C TYR H 51 -7.07 -8.71 29.78
N LYS H 52 -6.77 -9.01 31.04
CA LYS H 52 -7.27 -8.27 32.18
C LYS H 52 -6.10 -7.84 33.05
N THR H 53 -6.15 -6.60 33.52
CA THR H 53 -5.07 -6.04 34.34
C THR H 53 -5.32 -6.41 35.81
N GLY H 54 -4.61 -7.42 36.28
CA GLY H 54 -4.72 -7.82 37.67
C GLY H 54 -4.14 -6.75 38.57
N MET H 55 -4.91 -6.26 39.52
CA MET H 55 -4.50 -5.18 40.41
C MET H 55 -4.63 -5.66 41.85
N ASP H 56 -3.51 -5.59 42.58
CA ASP H 56 -3.52 -6.05 43.96
C ASP H 56 -4.08 -4.96 44.88
N SER H 57 -4.43 -5.37 46.09
CA SER H 57 -4.96 -4.43 47.06
C SER H 57 -3.86 -3.49 47.55
N PRO H 58 -4.16 -2.20 47.71
CA PRO H 58 -3.15 -1.24 48.17
C PRO H 58 -2.57 -1.64 49.52
N ALA H 59 -1.24 -1.60 49.61
CA ALA H 59 -0.53 -1.81 50.87
C ALA H 59 -0.31 -0.45 51.52
N ILE H 60 -1.24 -0.08 52.41
CA ILE H 60 -1.22 1.24 53.05
C ILE H 60 -0.66 1.08 54.46
N LYS H 61 0.48 1.72 54.71
CA LYS H 61 1.10 1.75 56.03
C LYS H 61 0.88 3.13 56.63
N CYS H 62 0.14 3.17 57.75
CA CYS H 62 -0.17 4.43 58.42
C CYS H 62 0.94 4.82 59.37
N CYS H 63 1.41 6.07 59.26
CA CYS H 63 2.46 6.60 60.12
C CYS H 63 3.74 5.76 60.06
N GLY H 64 4.14 5.43 58.85
CA GLY H 64 5.30 4.58 58.66
C GLY H 64 5.68 4.49 57.20
N SER H 65 6.52 3.50 56.90
CA SER H 65 7.05 3.34 55.55
C SER H 65 7.15 1.86 55.21
N GLN H 66 6.74 1.50 54.00
CA GLN H 66 6.87 0.15 53.48
C GLN H 66 8.12 0.02 52.63
N GLU H 67 8.53 -1.22 52.41
CA GLU H 67 9.63 -1.55 51.52
C GLU H 67 9.12 -2.46 50.41
N CYS H 68 9.48 -2.15 49.17
CA CYS H 68 9.02 -2.93 48.04
C CYS H 68 9.88 -4.17 47.85
N THR H 69 9.26 -5.23 47.33
CA THR H 69 9.93 -6.50 47.12
C THR H 69 9.68 -7.00 45.70
N PRO H 70 10.59 -7.78 45.14
CA PRO H 70 10.37 -8.33 43.81
C PRO H 70 9.13 -9.23 43.76
N THR H 71 8.38 -9.11 42.68
CA THR H 71 7.21 -9.95 42.43
C THR H 71 7.35 -10.56 41.04
N TYR H 72 7.10 -11.87 40.94
CA TYR H 72 7.32 -12.59 39.70
C TYR H 72 5.97 -12.81 39.01
N ARG H 73 5.52 -11.78 38.31
CA ARG H 73 4.30 -11.80 37.52
C ARG H 73 4.57 -11.20 36.15
N PRO H 74 3.84 -11.63 35.13
CA PRO H 74 4.04 -11.04 33.80
C PRO H 74 3.74 -9.54 33.80
N ASP H 75 4.68 -8.77 33.26
CA ASP H 75 4.58 -7.31 33.20
C ASP H 75 4.21 -6.72 34.56
N GLU H 76 4.86 -7.22 35.60
CA GLU H 76 4.56 -6.81 36.96
C GLU H 76 5.20 -5.45 37.26
N GLN H 77 4.39 -4.50 37.71
CA GLN H 77 4.88 -3.19 38.10
C GLN H 77 4.48 -2.90 39.54
N CYS H 78 5.38 -2.24 40.27
CA CYS H 78 5.15 -1.91 41.66
C CYS H 78 5.88 -0.61 41.98
N LYS H 79 5.21 0.29 42.70
CA LYS H 79 5.77 1.59 42.99
C LYS H 79 5.26 2.05 44.35
N VAL H 80 6.12 2.78 45.06
CA VAL H 80 5.82 3.30 46.40
C VAL H 80 5.43 4.77 46.27
N PHE H 81 4.35 5.14 46.95
CA PHE H 81 3.86 6.52 46.95
C PHE H 81 3.77 7.03 48.38
N THR H 82 4.27 8.24 48.61
CA THR H 82 4.30 8.84 49.93
C THR H 82 3.44 10.10 49.95
N GLY H 83 3.07 10.52 51.14
CA GLY H 83 2.25 11.71 51.30
C GLY H 83 0.79 11.51 51.00
N VAL H 84 0.21 10.41 51.48
CA VAL H 84 -1.17 10.06 51.19
C VAL H 84 -1.94 9.99 52.51
N TYR H 85 -3.20 10.40 52.47
CA TYR H 85 -4.09 10.37 53.64
C TYR H 85 -5.39 9.71 53.20
N PRO H 86 -5.42 8.38 53.15
CA PRO H 86 -6.57 7.69 52.56
C PRO H 86 -7.82 7.85 53.41
N PHE H 87 -8.97 7.91 52.71
CA PHE H 87 -10.27 7.97 53.34
C PHE H 87 -11.08 6.73 52.99
N MET H 88 -11.94 6.32 53.92
CA MET H 88 -12.88 5.22 53.73
C MET H 88 -14.28 5.69 54.09
N TRP H 89 -15.25 4.82 53.83
CA TRP H 89 -16.64 5.11 54.20
C TRP H 89 -16.77 5.39 55.69
N GLY H 90 -15.91 4.79 56.50
CA GLY H 90 -15.94 4.95 57.94
C GLY H 90 -15.12 6.09 58.49
N GLY H 91 -14.56 6.94 57.65
CA GLY H 91 -13.75 8.06 58.09
C GLY H 91 -12.32 7.94 57.59
N ALA H 92 -11.51 8.92 58.01
CA ALA H 92 -10.12 8.96 57.61
C ALA H 92 -9.40 7.70 58.05
N TYR H 93 -8.74 7.04 57.09
CA TYR H 93 -8.07 5.77 57.38
C TYR H 93 -6.88 5.98 58.30
N CYS H 94 -6.00 6.92 57.96
CA CYS H 94 -4.75 7.14 58.70
C CYS H 94 -4.79 8.50 59.37
N PHE H 95 -4.38 8.54 60.65
CA PHE H 95 -4.30 9.80 61.36
C PHE H 95 -3.23 10.71 60.76
N CYS H 96 -2.02 10.20 60.59
CA CYS H 96 -0.90 11.04 60.20
C CYS H 96 -1.12 11.65 58.81
N ASP H 97 -0.66 12.89 58.65
CA ASP H 97 -0.73 13.56 57.36
C ASP H 97 0.55 13.40 56.56
N THR H 98 1.69 13.21 57.22
CA THR H 98 2.97 12.94 56.59
C THR H 98 3.49 11.60 57.06
N GLU H 99 4.63 11.19 56.50
CA GLU H 99 5.26 9.91 56.82
C GLU H 99 4.29 8.75 56.60
N ASN H 100 3.46 8.87 55.57
CA ASN H 100 2.51 7.83 55.19
C ASN H 100 2.93 7.20 53.87
N THR H 101 2.74 5.90 53.76
CA THR H 101 3.17 5.13 52.60
C THR H 101 2.00 4.33 52.05
N GLN H 102 1.76 4.45 50.74
CA GLN H 102 0.75 3.68 50.04
C GLN H 102 1.42 3.01 48.86
N VAL H 103 1.54 1.68 48.92
CA VAL H 103 2.17 0.91 47.87
C VAL H 103 1.11 0.36 46.94
N SER H 104 1.25 0.63 45.65
CA SER H 104 0.34 0.14 44.62
C SER H 104 1.06 -0.90 43.77
N LYS H 105 0.41 -2.03 43.55
CA LYS H 105 0.97 -3.12 42.75
C LYS H 105 -0.07 -3.62 41.76
N ALA H 106 0.38 -3.86 40.53
CA ALA H 106 -0.50 -4.33 39.48
C ALA H 106 0.28 -5.24 38.55
N TYR H 107 -0.46 -6.10 37.84
CA TYR H 107 0.13 -7.06 36.92
C TYR H 107 -0.89 -7.38 35.82
N VAL H 108 -0.39 -8.00 34.75
CA VAL H 108 -1.21 -8.35 33.60
C VAL H 108 -1.44 -9.85 33.61
N MET H 109 -2.70 -10.27 33.44
CA MET H 109 -3.06 -11.68 33.42
C MET H 109 -4.04 -11.93 32.30
N LYS H 110 -4.10 -13.18 31.85
CA LYS H 110 -5.00 -13.55 30.77
C LYS H 110 -6.46 -13.40 31.21
N SER H 111 -7.31 -13.03 30.25
CA SER H 111 -8.73 -12.91 30.50
C SER H 111 -9.37 -14.28 30.70
N ASP H 112 -10.40 -14.32 31.55
CA ASP H 112 -11.11 -15.56 31.81
C ASP H 112 -11.86 -16.07 30.59
N ASP H 113 -12.16 -15.20 29.62
CA ASP H 113 -12.82 -15.60 28.39
C ASP H 113 -11.85 -16.18 27.37
N CYS H 114 -10.54 -16.04 27.59
CA CYS H 114 -9.55 -16.43 26.60
C CYS H 114 -9.66 -17.90 26.22
N LEU H 115 -10.09 -18.75 27.16
CA LEU H 115 -10.16 -20.18 26.91
C LEU H 115 -10.99 -20.50 25.67
N ALA H 116 -12.13 -19.83 25.51
CA ALA H 116 -12.99 -20.08 24.35
C ALA H 116 -12.69 -19.13 23.18
N ASP H 117 -12.43 -17.86 23.47
CA ASP H 117 -12.25 -16.84 22.44
C ASP H 117 -10.77 -16.46 22.42
N HIS H 118 -10.04 -17.04 21.47
CA HIS H 118 -8.61 -16.78 21.32
C HIS H 118 -8.22 -17.00 19.88
N ALA H 119 -7.11 -16.38 19.48
CA ALA H 119 -6.51 -16.61 18.18
C ALA H 119 -5.27 -17.49 18.34
N GLU H 120 -5.03 -18.34 17.34
CA GLU H 120 -3.91 -19.27 17.35
C GLU H 120 -3.01 -18.96 16.15
N ALA H 121 -1.75 -18.65 16.44
CA ALA H 121 -0.78 -18.31 15.41
C ALA H 121 -0.01 -19.56 15.01
N TYR H 122 -0.09 -19.92 13.73
CA TYR H 122 0.58 -21.10 13.22
C TYR H 122 1.60 -20.71 12.16
N LYS H 123 2.58 -21.60 11.96
CA LYS H 123 3.47 -21.53 10.82
C LYS H 123 3.30 -22.80 9.99
N ALA H 124 3.16 -22.63 8.69
CA ALA H 124 2.89 -23.75 7.79
C ALA H 124 3.94 -23.81 6.68
N HIS H 125 4.24 -25.03 6.26
CA HIS H 125 5.19 -25.27 5.18
C HIS H 125 4.96 -26.67 4.64
N THR H 126 5.57 -26.95 3.49
CA THR H 126 5.61 -28.27 2.88
C THR H 126 4.22 -28.93 2.91
N ALA H 127 3.34 -28.37 2.08
CA ALA H 127 1.95 -28.81 2.07
C ALA H 127 1.79 -30.00 1.14
N SER H 128 0.87 -30.90 1.52
CA SER H 128 0.54 -32.08 0.74
C SER H 128 -0.94 -32.05 0.39
N VAL H 129 -1.28 -32.62 -0.75
CA VAL H 129 -2.63 -32.59 -1.29
C VAL H 129 -3.22 -33.99 -1.24
N GLN H 130 -4.43 -34.11 -0.71
CA GLN H 130 -5.18 -35.35 -0.67
C GLN H 130 -6.45 -35.20 -1.50
N ALA H 131 -6.65 -36.10 -2.45
CA ALA H 131 -7.74 -36.00 -3.40
C ALA H 131 -8.69 -37.19 -3.26
N PHE H 132 -9.96 -36.95 -3.57
CA PHE H 132 -11.01 -37.97 -3.55
C PHE H 132 -11.50 -38.17 -4.98
N LEU H 133 -11.04 -39.24 -5.62
CA LEU H 133 -11.37 -39.53 -7.01
C LEU H 133 -12.37 -40.68 -7.07
N ASN H 134 -13.42 -40.49 -7.86
CA ASN H 134 -14.32 -41.58 -8.23
C ASN H 134 -13.82 -42.19 -9.52
N ILE H 135 -13.26 -43.40 -9.44
CA ILE H 135 -12.61 -44.05 -10.55
C ILE H 135 -13.38 -45.32 -10.90
N THR H 136 -13.84 -45.41 -12.15
CA THR H 136 -14.53 -46.60 -12.65
C THR H 136 -13.72 -47.17 -13.81
N VAL H 137 -13.18 -48.38 -13.62
CA VAL H 137 -12.36 -49.05 -14.61
C VAL H 137 -13.06 -50.36 -14.96
N GLY H 138 -13.69 -50.40 -16.14
CA GLY H 138 -14.37 -51.59 -16.59
C GLY H 138 -15.54 -52.02 -15.72
N GLU H 139 -16.46 -51.08 -15.46
CA GLU H 139 -17.66 -51.35 -14.67
C GLU H 139 -17.29 -51.77 -13.25
N HIS H 140 -16.28 -51.13 -12.68
CA HIS H 140 -15.86 -51.32 -11.30
C HIS H 140 -15.89 -49.95 -10.62
N SER H 141 -17.05 -49.58 -10.08
CA SER H 141 -17.22 -48.28 -9.45
C SER H 141 -16.74 -48.36 -8.00
N ILE H 142 -15.79 -47.49 -7.64
CA ILE H 142 -15.24 -47.44 -6.30
C ILE H 142 -15.13 -45.99 -5.86
N VAL H 143 -15.00 -45.80 -4.55
CA VAL H 143 -14.75 -44.50 -3.94
C VAL H 143 -13.33 -44.51 -3.41
N THR H 144 -12.44 -43.77 -4.06
CA THR H 144 -11.01 -43.82 -3.77
C THR H 144 -10.57 -42.58 -3.01
N THR H 145 -9.93 -42.80 -1.87
CA THR H 145 -9.27 -41.74 -1.10
C THR H 145 -7.77 -41.98 -1.23
N VAL H 146 -7.07 -41.10 -1.95
CA VAL H 146 -5.67 -41.33 -2.28
C VAL H 146 -4.96 -39.98 -2.34
N TYR H 147 -3.71 -39.97 -1.91
CA TYR H 147 -2.88 -38.77 -1.96
C TYR H 147 -2.44 -38.51 -3.40
N VAL H 148 -1.91 -37.30 -3.63
CA VAL H 148 -1.45 -36.92 -4.96
C VAL H 148 0.03 -37.25 -5.08
N ASN H 149 0.55 -38.03 -4.15
CA ASN H 149 1.94 -38.45 -4.19
C ASN H 149 2.04 -39.75 -4.96
N GLY H 150 2.92 -39.79 -5.95
CA GLY H 150 3.05 -40.98 -6.76
C GLY H 150 3.80 -42.12 -6.11
N GLU H 151 4.31 -41.91 -4.90
CA GLU H 151 4.98 -42.99 -4.19
C GLU H 151 4.00 -44.05 -3.71
N THR H 152 2.77 -43.66 -3.35
CA THR H 152 1.81 -44.54 -2.69
C THR H 152 0.60 -44.77 -3.59
N PRO H 153 0.59 -45.85 -4.35
CA PRO H 153 -0.60 -46.19 -5.15
C PRO H 153 -1.65 -46.89 -4.29
N VAL H 154 -2.85 -46.98 -4.85
CA VAL H 154 -3.95 -47.74 -4.26
C VAL H 154 -4.42 -48.76 -5.28
N ASN H 155 -4.63 -50.00 -4.81
CA ASN H 155 -4.95 -51.12 -5.68
C ASN H 155 -6.33 -51.63 -5.33
N PHE H 156 -7.28 -51.50 -6.27
CA PHE H 156 -8.62 -52.03 -6.12
C PHE H 156 -8.94 -52.92 -7.32
N ASN H 157 -9.36 -54.15 -7.04
CA ASN H 157 -9.73 -55.12 -8.08
C ASN H 157 -8.57 -55.36 -9.05
N GLY H 158 -7.34 -55.33 -8.55
CA GLY H 158 -6.18 -55.61 -9.36
C GLY H 158 -5.62 -54.42 -10.12
N VAL H 159 -6.26 -53.27 -10.06
CA VAL H 159 -5.83 -52.08 -10.78
C VAL H 159 -5.01 -51.21 -9.83
N LYS H 160 -3.73 -51.05 -10.13
CA LYS H 160 -2.84 -50.21 -9.32
C LYS H 160 -2.82 -48.82 -9.93
N ILE H 161 -3.36 -47.84 -9.22
CA ILE H 161 -3.52 -46.47 -9.72
C ILE H 161 -2.51 -45.59 -9.00
N THR H 162 -1.66 -44.92 -9.77
CA THR H 162 -0.68 -43.97 -9.26
C THR H 162 -1.14 -42.55 -9.59
N ALA H 163 -1.24 -41.71 -8.57
CA ALA H 163 -1.71 -40.33 -8.73
C ALA H 163 -0.58 -39.35 -8.41
N GLY H 164 -0.35 -38.42 -9.32
CA GLY H 164 0.63 -37.38 -9.12
C GLY H 164 2.03 -37.77 -9.56
N PRO H 165 3.05 -37.04 -9.06
CA PRO H 165 2.96 -35.87 -8.18
C PRO H 165 2.37 -34.63 -8.85
N LEU H 166 1.64 -33.84 -8.06
CA LEU H 166 1.06 -32.59 -8.56
C LEU H 166 2.14 -31.71 -9.19
N SER H 167 1.83 -31.18 -10.37
CA SER H 167 2.82 -30.41 -11.13
C SER H 167 3.00 -28.98 -10.62
N THR H 168 2.06 -28.48 -9.82
CA THR H 168 2.12 -27.12 -9.30
C THR H 168 2.44 -27.17 -7.81
N ALA H 169 3.50 -26.48 -7.42
CA ALA H 169 3.91 -26.42 -6.02
C ALA H 169 3.29 -25.27 -5.26
N TRP H 170 2.60 -24.36 -5.95
CA TRP H 170 1.98 -23.21 -5.30
C TRP H 170 0.94 -23.67 -4.28
N THR H 171 0.91 -22.97 -3.14
CA THR H 171 -0.10 -23.18 -2.12
C THR H 171 -0.72 -21.85 -1.73
N PRO H 172 -2.00 -21.85 -1.35
CA PRO H 172 -2.64 -20.59 -0.96
C PRO H 172 -2.21 -20.08 0.41
N PHE H 173 -1.65 -20.93 1.26
CA PHE H 173 -1.29 -20.54 2.61
C PHE H 173 0.11 -19.95 2.63
N ASP H 174 0.27 -18.89 3.42
CA ASP H 174 1.56 -18.24 3.58
C ASP H 174 2.33 -18.87 4.74
N ARG H 175 3.55 -18.39 4.96
CA ARG H 175 4.38 -18.91 6.05
C ARG H 175 3.68 -18.74 7.40
N LYS H 176 3.07 -17.59 7.64
CA LYS H 176 2.39 -17.31 8.88
C LYS H 176 0.87 -17.38 8.70
N ILE H 177 0.19 -18.04 9.63
CA ILE H 177 -1.25 -18.22 9.59
C ILE H 177 -1.83 -17.89 10.95
N VAL H 178 -2.94 -17.15 10.96
CA VAL H 178 -3.67 -16.81 12.18
C VAL H 178 -5.10 -17.32 12.01
N GLN H 179 -5.53 -18.19 12.93
CA GLN H 179 -6.87 -18.77 12.91
C GLN H 179 -7.69 -18.15 14.04
N TYR H 180 -8.59 -17.25 13.70
CA TYR H 180 -9.46 -16.59 14.67
C TYR H 180 -10.88 -17.15 14.50
N ALA H 181 -11.24 -18.08 15.38
CA ALA H 181 -12.61 -18.61 15.46
C ALA H 181 -13.13 -19.06 14.10
N GLY H 182 -12.29 -19.78 13.36
CA GLY H 182 -12.65 -20.28 12.05
C GLY H 182 -12.36 -19.33 10.92
N GLU H 183 -11.94 -18.11 11.21
CA GLU H 183 -11.57 -17.14 10.20
C GLU H 183 -10.04 -17.11 10.10
N ILE H 184 -9.52 -17.61 8.98
CA ILE H 184 -8.07 -17.76 8.79
C ILE H 184 -7.58 -16.57 7.99
N TYR H 185 -6.51 -15.94 8.48
CA TYR H 185 -5.98 -14.71 7.88
C TYR H 185 -4.50 -14.91 7.56
N ASN H 186 -4.08 -14.28 6.47
CA ASN H 186 -2.65 -14.18 6.11
C ASN H 186 -2.11 -12.95 6.82
N TYR H 187 -1.48 -13.13 7.98
CA TYR H 187 -1.02 -12.01 8.79
C TYR H 187 0.37 -12.30 9.32
N ASP H 188 1.27 -11.34 9.14
CA ASP H 188 2.65 -11.45 9.63
C ASP H 188 2.66 -11.12 11.13
N PHE H 189 2.19 -12.07 11.93
CA PHE H 189 2.15 -11.88 13.36
C PHE H 189 3.56 -11.85 13.94
N PRO H 190 3.77 -11.17 15.06
CA PRO H 190 5.12 -11.11 15.64
C PRO H 190 5.52 -12.42 16.28
N GLU H 191 6.82 -12.63 16.35
CA GLU H 191 7.38 -13.84 16.94
C GLU H 191 7.21 -13.84 18.46
N TYR H 192 7.24 -15.05 19.03
CA TYR H 192 7.05 -15.22 20.46
C TYR H 192 8.09 -14.43 21.25
N GLY H 193 7.61 -13.52 22.09
CA GLY H 193 8.48 -12.67 22.89
C GLY H 193 8.76 -11.32 22.30
N ALA H 194 8.30 -11.05 21.08
CA ALA H 194 8.51 -9.76 20.43
C ALA H 194 7.26 -8.91 20.38
N GLY H 195 6.23 -9.25 21.15
CA GLY H 195 4.99 -8.50 21.10
C GLY H 195 5.19 -7.06 21.55
N GLN H 196 4.48 -6.15 20.89
CA GLN H 196 4.54 -4.74 21.21
C GLN H 196 3.24 -4.28 21.85
N PRO H 197 3.27 -3.22 22.67
CA PRO H 197 2.02 -2.75 23.28
C PRO H 197 1.09 -2.14 22.24
N GLY H 198 -0.19 -2.48 22.34
CA GLY H 198 -1.19 -1.99 21.41
C GLY H 198 -1.20 -2.66 20.06
N ALA H 199 -0.45 -3.74 19.89
CA ALA H 199 -0.37 -4.47 18.63
C ALA H 199 -0.81 -5.91 18.83
N PHE H 200 -1.26 -6.53 17.75
CA PHE H 200 -1.66 -7.94 17.78
C PHE H 200 -0.54 -8.79 18.35
N GLY H 201 -0.86 -9.53 19.41
CA GLY H 201 0.13 -10.31 20.12
C GLY H 201 0.78 -9.61 21.28
N ASP H 202 0.11 -8.61 21.87
CA ASP H 202 0.64 -7.98 23.07
C ASP H 202 0.67 -8.95 24.24
N ILE H 203 -0.31 -9.85 24.32
CA ILE H 203 -0.34 -10.91 25.32
C ILE H 203 -0.22 -12.24 24.59
N GLN H 204 0.85 -12.97 24.86
CA GLN H 204 1.13 -14.22 24.19
C GLN H 204 1.24 -15.36 25.20
N SER H 205 0.81 -16.54 24.79
CA SER H 205 0.91 -17.75 25.61
C SER H 205 1.34 -18.90 24.72
N ARG H 206 2.43 -19.57 25.11
CA ARG H 206 2.98 -20.67 24.30
C ARG H 206 1.90 -21.68 23.94
N THR H 207 1.14 -22.13 24.94
CA THR H 207 0.02 -23.04 24.75
C THR H 207 -1.16 -22.53 25.56
N VAL H 208 -2.33 -23.15 25.33
CA VAL H 208 -3.53 -22.73 26.03
C VAL H 208 -3.40 -22.98 27.52
N SER H 209 -2.84 -24.13 27.90
CA SER H 209 -2.70 -24.50 29.31
C SER H 209 -1.44 -23.96 29.96
N SER H 210 -0.55 -23.34 29.18
CA SER H 210 0.71 -22.84 29.75
C SER H 210 0.44 -21.73 30.75
N SER H 211 1.00 -21.87 31.95
CA SER H 211 0.83 -20.84 32.97
C SER H 211 1.72 -19.63 32.69
N ASP H 212 2.96 -19.87 32.25
CA ASP H 212 3.85 -18.77 31.88
C ASP H 212 3.35 -18.13 30.59
N LEU H 213 3.46 -16.80 30.53
CA LEU H 213 3.00 -16.05 29.37
C LEU H 213 3.84 -14.79 29.23
N TYR H 214 3.89 -14.26 28.02
CA TYR H 214 4.60 -13.02 27.73
C TYR H 214 3.60 -11.88 27.69
N ALA H 215 3.95 -10.77 28.33
CA ALA H 215 3.09 -9.61 28.41
C ALA H 215 3.89 -8.35 28.17
N ASN H 216 3.43 -7.52 27.24
CA ASN H 216 4.04 -6.21 26.97
C ASN H 216 2.90 -5.23 26.74
N THR H 217 2.41 -4.63 27.82
CA THR H 217 1.28 -3.72 27.77
C THR H 217 1.67 -2.28 28.03
N ASN H 218 2.94 -2.02 28.37
CA ASN H 218 3.39 -0.68 28.78
C ASN H 218 2.64 -0.21 30.01
N LEU H 219 2.57 -1.10 31.02
CA LEU H 219 1.87 -0.77 32.25
C LEU H 219 2.68 0.22 33.07
N VAL H 220 2.08 1.37 33.37
CA VAL H 220 2.70 2.42 34.16
C VAL H 220 1.78 2.78 35.30
N LEU H 221 2.29 2.71 36.53
CA LEU H 221 1.50 3.10 37.70
C LEU H 221 1.54 4.62 37.86
N GLN H 222 0.43 5.15 38.35
CA GLN H 222 0.26 6.59 38.49
C GLN H 222 0.09 6.97 39.95
N ARG H 223 0.12 8.27 40.22
CA ARG H 223 -0.05 8.77 41.57
C ARG H 223 -1.54 8.74 41.96
N PRO H 224 -1.89 8.12 43.08
CA PRO H 224 -3.29 8.06 43.49
C PRO H 224 -3.81 9.41 43.94
N LYS H 225 -5.13 9.54 43.94
CA LYS H 225 -5.77 10.76 44.43
C LYS H 225 -5.67 10.87 45.95
N ALA H 226 -5.43 12.08 46.42
CA ALA H 226 -5.36 12.32 47.85
C ALA H 226 -6.74 12.10 48.47
N GLY H 227 -6.80 11.27 49.51
CA GLY H 227 -8.05 10.97 50.16
C GLY H 227 -8.88 9.89 49.52
N ALA H 228 -8.37 9.25 48.47
CA ALA H 228 -9.10 8.20 47.76
C ALA H 228 -8.23 6.95 47.68
N ILE H 229 -8.80 5.80 48.03
CA ILE H 229 -8.12 4.52 47.95
C ILE H 229 -8.49 3.87 46.62
N HIS H 230 -7.48 3.70 45.77
CA HIS H 230 -7.64 3.11 44.45
C HIS H 230 -6.26 2.85 43.89
N VAL H 231 -6.19 2.01 42.86
CA VAL H 231 -4.92 1.69 42.22
C VAL H 231 -4.92 2.29 40.83
N PRO H 232 -4.32 3.47 40.64
CA PRO H 232 -4.25 4.04 39.30
C PRO H 232 -3.23 3.31 38.45
N TYR H 233 -3.46 3.33 37.14
CA TYR H 233 -2.62 2.57 36.22
C TYR H 233 -2.74 3.16 34.82
N THR H 234 -1.78 2.80 33.99
CA THR H 234 -1.77 3.16 32.58
C THR H 234 -1.47 1.91 31.76
N GLN H 235 -2.23 1.70 30.69
CA GLN H 235 -1.98 0.54 29.84
C GLN H 235 -2.40 0.85 28.41
N ALA H 236 -1.75 0.16 27.48
CA ALA H 236 -2.12 0.26 26.08
C ALA H 236 -3.44 -0.48 25.84
N PRO H 237 -4.28 0.02 24.93
CA PRO H 237 -5.52 -0.70 24.60
C PRO H 237 -5.21 -2.11 24.13
N SER H 238 -6.12 -3.02 24.43
CA SER H 238 -5.97 -4.42 24.04
C SER H 238 -5.72 -4.52 22.53
N GLY H 239 -4.53 -5.01 22.17
CA GLY H 239 -4.20 -5.17 20.78
C GLY H 239 -5.07 -6.20 20.08
N PHE H 240 -5.57 -7.17 20.83
CA PHE H 240 -6.50 -8.15 20.27
C PHE H 240 -7.73 -7.46 19.70
N GLU H 241 -8.33 -6.54 20.47
CA GLU H 241 -9.50 -5.80 19.98
C GLU H 241 -9.17 -4.96 18.76
N GLN H 242 -8.04 -4.26 18.79
CA GLN H 242 -7.64 -3.44 17.65
C GLN H 242 -7.49 -4.28 16.40
N TRP H 243 -6.80 -5.41 16.52
CA TRP H 243 -6.65 -6.30 15.37
C TRP H 243 -8.01 -6.82 14.90
N LYS H 244 -8.87 -7.23 15.84
CA LYS H 244 -10.22 -7.67 15.47
C LYS H 244 -10.97 -6.59 14.70
N LYS H 245 -10.72 -5.32 15.00
CA LYS H 245 -11.37 -4.25 14.28
C LYS H 245 -10.75 -4.05 12.90
N ASP H 246 -9.43 -4.22 12.79
CA ASP H 246 -8.71 -4.04 11.54
C ASP H 246 -8.29 -5.37 10.93
N LYS H 247 -9.01 -6.45 11.25
CA LYS H 247 -8.62 -7.80 10.84
C LYS H 247 -8.58 -7.98 9.32
N ALA H 248 -9.25 -7.13 8.55
CA ALA H 248 -9.26 -7.19 7.09
C ALA H 248 -9.98 -8.44 6.61
N PRO H 249 -10.37 -8.54 5.34
CA PRO H 249 -11.04 -9.74 4.86
C PRO H 249 -10.17 -10.99 5.03
N SER H 250 -10.84 -12.12 5.22
CA SER H 250 -10.14 -13.35 5.56
C SER H 250 -9.49 -13.96 4.32
N LEU H 251 -8.54 -14.86 4.56
CA LEU H 251 -7.89 -15.57 3.47
C LEU H 251 -8.91 -16.35 2.64
N LYS H 252 -9.91 -16.94 3.31
CA LYS H 252 -10.95 -17.70 2.61
C LYS H 252 -11.59 -16.87 1.50
N PHE H 253 -11.77 -15.57 1.73
CA PHE H 253 -12.39 -14.71 0.74
C PHE H 253 -11.39 -14.19 -0.28
N THR H 254 -10.10 -14.16 0.06
CA THR H 254 -9.08 -13.58 -0.79
C THR H 254 -8.25 -14.61 -1.53
N ALA H 255 -8.37 -15.89 -1.18
CA ALA H 255 -7.53 -16.92 -1.78
C ALA H 255 -7.80 -17.02 -3.28
N PRO H 256 -6.77 -17.02 -4.11
CA PRO H 256 -6.99 -17.12 -5.57
C PRO H 256 -7.37 -18.54 -5.98
N PHE H 257 -7.69 -18.67 -7.27
CA PHE H 257 -8.07 -19.94 -7.90
C PHE H 257 -9.35 -20.50 -7.30
N GLY H 258 -10.18 -19.66 -6.69
CA GLY H 258 -11.40 -20.13 -6.07
C GLY H 258 -11.18 -21.09 -4.93
N CYS H 259 -10.01 -21.04 -4.31
CA CYS H 259 -9.69 -21.96 -3.23
C CYS H 259 -10.58 -21.67 -2.02
N GLU H 260 -11.20 -22.72 -1.50
CA GLU H 260 -12.04 -22.62 -0.31
C GLU H 260 -11.26 -23.13 0.89
N ILE H 261 -11.34 -22.39 2.00
CA ILE H 261 -10.57 -22.66 3.19
C ILE H 261 -11.51 -23.18 4.28
N TYR H 262 -11.14 -24.29 4.91
CA TYR H 262 -11.93 -24.87 5.98
C TYR H 262 -11.02 -25.12 7.18
N THR H 263 -11.62 -25.09 8.36
CA THR H 263 -10.86 -25.12 9.61
C THR H 263 -10.96 -26.48 10.28
N ASN H 264 -10.42 -26.54 11.51
CA ASN H 264 -10.31 -27.69 12.41
C ASN H 264 -9.29 -28.69 11.84
N PRO H 265 -9.60 -29.54 10.82
CA PRO H 265 -8.43 -30.08 10.09
C PRO H 265 -8.02 -29.13 8.95
N ILE H 266 -7.22 -28.12 9.32
CA ILE H 266 -6.82 -27.04 8.43
C ILE H 266 -6.47 -27.57 7.06
N ARG H 267 -7.16 -27.08 6.03
CA ARG H 267 -7.09 -27.67 4.70
C ARG H 267 -7.65 -26.68 3.69
N ALA H 268 -7.23 -26.87 2.43
CA ALA H 268 -7.73 -26.10 1.31
C ALA H 268 -8.43 -27.03 0.34
N GLU H 269 -9.57 -26.61 -0.19
CA GLU H 269 -10.37 -27.44 -1.07
C GLU H 269 -10.73 -26.70 -2.35
N ASN H 270 -10.94 -27.48 -3.41
CA ASN H 270 -11.45 -26.98 -4.69
C ASN H 270 -10.53 -25.91 -5.28
N CYS H 271 -9.23 -26.09 -5.12
CA CYS H 271 -8.25 -25.14 -5.65
C CYS H 271 -8.00 -25.52 -7.11
N ALA H 272 -8.59 -24.74 -8.03
CA ALA H 272 -8.55 -25.06 -9.46
C ALA H 272 -7.28 -24.47 -10.07
N VAL H 273 -6.18 -25.18 -9.90
CA VAL H 273 -4.91 -24.77 -10.48
C VAL H 273 -4.10 -26.03 -10.83
N GLY H 274 -3.52 -26.04 -12.01
CA GLY H 274 -2.58 -27.08 -12.38
C GLY H 274 -3.24 -28.31 -12.96
N SER H 275 -2.48 -29.41 -12.91
CA SER H 275 -2.95 -30.70 -13.37
C SER H 275 -2.19 -31.78 -12.62
N ILE H 276 -2.69 -33.01 -12.69
CA ILE H 276 -2.13 -34.13 -11.96
C ILE H 276 -1.90 -35.31 -12.92
N PRO H 277 -0.68 -35.82 -13.03
CA PRO H 277 -0.46 -37.02 -13.86
C PRO H 277 -1.01 -38.26 -13.18
N LEU H 278 -1.41 -39.23 -14.01
CA LEU H 278 -1.97 -40.47 -13.52
C LEU H 278 -1.33 -41.65 -14.24
N ALA H 279 -1.07 -42.71 -13.50
CA ALA H 279 -0.51 -43.95 -14.04
C ALA H 279 -1.39 -45.11 -13.61
N PHE H 280 -1.74 -45.97 -14.55
CA PHE H 280 -2.69 -47.06 -14.33
C PHE H 280 -2.03 -48.38 -14.71
N ASP H 281 -1.55 -49.12 -13.71
CA ASP H 281 -0.98 -50.45 -13.94
C ASP H 281 -2.14 -51.43 -13.91
N ILE H 282 -2.61 -51.83 -15.08
CA ILE H 282 -3.78 -52.71 -15.22
C ILE H 282 -3.30 -54.04 -15.78
N PRO H 283 -3.65 -55.16 -15.16
CA PRO H 283 -3.22 -56.46 -15.69
C PRO H 283 -3.92 -56.77 -17.01
N ASP H 284 -3.22 -57.54 -17.85
CA ASP H 284 -3.80 -57.96 -19.12
C ASP H 284 -5.02 -58.83 -18.95
N ALA H 285 -5.17 -59.49 -17.79
CA ALA H 285 -6.33 -60.34 -17.55
C ALA H 285 -7.64 -59.58 -17.68
N LEU H 286 -7.63 -58.27 -17.43
CA LEU H 286 -8.85 -57.48 -17.48
C LEU H 286 -9.22 -57.04 -18.89
N PHE H 287 -8.32 -57.20 -19.85
CA PHE H 287 -8.61 -56.82 -21.23
C PHE H 287 -9.50 -57.87 -21.90
N THR H 288 -10.38 -57.40 -22.78
CA THR H 288 -11.32 -58.25 -23.49
C THR H 288 -10.97 -58.28 -24.98
N ARG H 289 -10.95 -59.48 -25.56
CA ARG H 289 -10.63 -59.64 -26.97
C ARG H 289 -11.76 -59.11 -27.84
N VAL H 290 -11.38 -58.60 -29.02
CA VAL H 290 -12.35 -58.05 -29.96
C VAL H 290 -13.38 -59.08 -30.38
N SER H 291 -12.97 -60.35 -30.46
CA SER H 291 -13.88 -61.40 -30.89
C SER H 291 -15.05 -61.58 -29.94
N GLU H 292 -14.93 -61.13 -28.70
CA GLU H 292 -16.04 -61.17 -27.76
C GLU H 292 -16.93 -59.94 -27.84
N THR H 293 -16.47 -58.87 -28.47
CA THR H 293 -17.21 -57.64 -28.63
C THR H 293 -17.88 -57.59 -30.00
N PRO H 294 -18.95 -56.82 -30.15
CA PRO H 294 -19.61 -56.71 -31.44
C PRO H 294 -18.72 -56.00 -32.47
N THR H 295 -18.90 -56.37 -33.73
CA THR H 295 -18.18 -55.78 -34.84
C THR H 295 -19.10 -54.80 -35.55
N LEU H 296 -18.63 -53.56 -35.73
CA LEU H 296 -19.44 -52.48 -36.27
C LEU H 296 -19.13 -52.23 -37.74
N SER H 297 -20.18 -52.03 -38.52
CA SER H 297 -20.05 -51.66 -39.92
C SER H 297 -21.19 -50.71 -40.28
N ALA H 298 -21.15 -50.21 -41.52
CA ALA H 298 -22.17 -49.30 -42.04
C ALA H 298 -22.37 -48.10 -41.12
N ALA H 299 -21.25 -47.51 -40.70
CA ALA H 299 -21.28 -46.37 -39.80
C ALA H 299 -21.33 -45.06 -40.57
N GLU H 300 -22.13 -44.13 -40.08
CA GLU H 300 -22.29 -42.83 -40.72
C GLU H 300 -22.56 -41.79 -39.64
N CYS H 301 -21.68 -40.79 -39.55
CA CYS H 301 -21.77 -39.77 -38.52
C CYS H 301 -22.39 -38.51 -39.12
N THR H 302 -23.51 -38.07 -38.54
CA THR H 302 -24.18 -36.85 -38.95
C THR H 302 -24.41 -35.97 -37.74
N LEU H 303 -24.37 -34.65 -37.97
CA LEU H 303 -24.58 -33.66 -36.91
C LEU H 303 -25.98 -33.08 -37.08
N ASN H 304 -26.91 -33.54 -36.23
CA ASN H 304 -28.27 -33.01 -36.31
C ASN H 304 -28.35 -31.57 -35.80
N GLU H 305 -27.61 -31.28 -34.73
CA GLU H 305 -27.60 -29.95 -34.13
C GLU H 305 -26.36 -29.83 -33.26
N CYS H 306 -25.88 -28.61 -33.09
CA CYS H 306 -24.70 -28.36 -32.28
C CYS H 306 -24.76 -26.94 -31.75
N VAL H 307 -24.65 -26.82 -30.42
CA VAL H 307 -24.59 -25.52 -29.75
C VAL H 307 -23.31 -25.49 -28.95
N TYR H 308 -22.38 -24.61 -29.33
CA TYR H 308 -21.18 -24.39 -28.54
C TYR H 308 -21.59 -23.60 -27.31
N SER H 309 -21.75 -24.26 -26.17
CA SER H 309 -22.25 -23.58 -24.98
C SER H 309 -21.82 -24.36 -23.74
N SER H 310 -22.41 -23.98 -22.60
CA SER H 310 -22.06 -24.59 -21.33
C SER H 310 -22.29 -26.10 -21.35
N ASP H 311 -23.48 -26.53 -21.74
CA ASP H 311 -23.85 -27.93 -21.66
C ASP H 311 -23.47 -28.65 -22.95
N PHE H 312 -23.86 -29.92 -23.05
CA PHE H 312 -23.57 -30.71 -24.23
C PHE H 312 -24.45 -30.29 -25.40
N GLY H 313 -24.18 -29.12 -25.98
CA GLY H 313 -25.04 -28.61 -27.03
C GLY H 313 -24.84 -29.26 -28.38
N GLY H 314 -23.78 -30.06 -28.55
CA GLY H 314 -23.64 -30.85 -29.74
C GLY H 314 -24.45 -32.14 -29.64
N ILE H 315 -25.16 -32.46 -30.71
CA ILE H 315 -26.03 -33.63 -30.76
C ILE H 315 -25.72 -34.36 -32.06
N ALA H 316 -24.88 -35.39 -31.98
CA ALA H 316 -24.52 -36.19 -33.13
C ALA H 316 -25.27 -37.51 -33.10
N THR H 317 -25.78 -37.91 -34.27
CA THR H 317 -26.48 -39.17 -34.43
C THR H 317 -25.73 -40.02 -35.45
N VAL H 318 -25.41 -41.25 -35.08
CA VAL H 318 -24.62 -42.15 -35.91
C VAL H 318 -25.45 -43.39 -36.20
N LYS H 319 -25.69 -43.66 -37.48
CA LYS H 319 -26.30 -44.92 -37.89
C LYS H 319 -25.23 -46.01 -37.98
N TYR H 320 -25.60 -47.21 -37.56
CA TYR H 320 -24.63 -48.31 -37.48
C TYR H 320 -25.32 -49.63 -37.74
N SER H 321 -24.51 -50.63 -38.08
CA SER H 321 -24.94 -52.02 -38.16
C SER H 321 -24.00 -52.85 -37.30
N ALA H 322 -24.52 -53.44 -36.23
CA ALA H 322 -23.71 -54.16 -35.26
C ALA H 322 -23.95 -55.66 -35.40
N SER H 323 -22.86 -56.43 -35.36
CA SER H 323 -22.98 -57.88 -35.42
C SER H 323 -23.62 -58.45 -34.17
N LYS H 324 -23.42 -57.79 -33.02
CA LYS H 324 -24.01 -58.24 -31.76
C LYS H 324 -24.51 -57.03 -30.98
N SER H 325 -25.42 -57.27 -30.05
CA SER H 325 -25.87 -56.24 -29.14
C SER H 325 -24.86 -56.04 -28.02
N GLY H 326 -24.93 -54.87 -27.39
CA GLY H 326 -24.03 -54.55 -26.30
C GLY H 326 -23.57 -53.10 -26.29
N LYS H 327 -22.72 -52.76 -25.33
CA LYS H 327 -22.22 -51.39 -25.19
C LYS H 327 -20.87 -51.26 -25.88
N CYS H 328 -20.64 -50.11 -26.49
CA CYS H 328 -19.36 -49.78 -27.11
C CYS H 328 -18.77 -48.56 -26.44
N ALA H 329 -17.47 -48.59 -26.19
CA ALA H 329 -16.77 -47.41 -25.69
C ALA H 329 -16.64 -46.37 -26.80
N VAL H 330 -16.78 -45.10 -26.42
CA VAL H 330 -16.70 -44.00 -27.37
C VAL H 330 -15.67 -42.99 -26.86
N HIS H 331 -14.92 -42.41 -27.79
CA HIS H 331 -13.87 -41.45 -27.46
C HIS H 331 -13.47 -40.71 -28.72
N VAL H 332 -13.21 -39.42 -28.57
CA VAL H 332 -12.62 -38.60 -29.63
C VAL H 332 -11.12 -38.51 -29.37
N PRO H 333 -10.27 -39.00 -30.28
CA PRO H 333 -8.82 -38.95 -30.02
C PRO H 333 -8.31 -37.53 -29.78
N SER H 334 -8.84 -36.54 -30.49
CA SER H 334 -8.42 -35.16 -30.32
C SER H 334 -9.21 -34.51 -29.19
N GLY H 335 -8.54 -33.64 -28.43
CA GLY H 335 -9.19 -32.92 -27.36
C GLY H 335 -10.13 -31.83 -27.79
N THR H 336 -10.22 -31.54 -29.10
CA THR H 336 -11.13 -30.51 -29.58
C THR H 336 -12.56 -30.78 -29.16
N ALA H 337 -13.00 -32.04 -29.27
CA ALA H 337 -14.35 -32.44 -28.88
C ALA H 337 -14.28 -33.43 -27.72
N THR H 338 -15.24 -33.33 -26.80
CA THR H 338 -15.34 -34.23 -25.68
C THR H 338 -16.76 -34.80 -25.62
N LEU H 339 -16.85 -36.10 -25.33
CA LEU H 339 -18.13 -36.79 -25.35
C LEU H 339 -18.75 -36.84 -23.97
N LYS H 340 -20.09 -36.89 -23.95
CA LYS H 340 -20.81 -36.92 -22.67
C LYS H 340 -20.64 -38.26 -21.98
N GLU H 341 -20.98 -39.35 -22.66
CA GLU H 341 -20.92 -40.68 -22.09
C GLU H 341 -19.63 -41.39 -22.51
N ALA H 342 -19.15 -42.27 -21.62
CA ALA H 342 -17.97 -43.07 -21.94
C ALA H 342 -18.32 -44.27 -22.81
N ALA H 343 -19.54 -44.80 -22.68
CA ALA H 343 -19.97 -45.93 -23.48
C ALA H 343 -21.46 -45.80 -23.77
N VAL H 344 -21.86 -46.30 -24.94
CA VAL H 344 -23.24 -46.22 -25.41
C VAL H 344 -23.72 -47.63 -25.72
N GLU H 345 -24.92 -47.96 -25.23
CA GLU H 345 -25.53 -49.25 -25.52
C GLU H 345 -26.05 -49.24 -26.95
N LEU H 346 -25.52 -50.12 -27.80
CA LEU H 346 -25.87 -50.13 -29.20
C LEU H 346 -26.84 -51.27 -29.53
N THR H 347 -27.75 -50.99 -30.47
CA THR H 347 -28.68 -51.99 -30.98
C THR H 347 -28.01 -52.82 -32.06
N GLU H 348 -28.80 -53.51 -32.88
CA GLU H 348 -28.25 -54.37 -33.92
C GLU H 348 -28.01 -53.59 -35.21
N GLN H 349 -29.06 -53.03 -35.79
CA GLN H 349 -28.97 -52.27 -37.03
C GLN H 349 -29.74 -50.96 -36.92
N GLY H 350 -29.60 -50.28 -35.79
CA GLY H 350 -30.29 -49.03 -35.54
C GLY H 350 -29.38 -47.83 -35.70
N SER H 351 -29.66 -46.79 -34.90
CA SER H 351 -28.86 -45.58 -34.88
C SER H 351 -28.71 -45.11 -33.44
N ALA H 352 -27.56 -44.52 -33.15
CA ALA H 352 -27.22 -44.06 -31.81
C ALA H 352 -27.04 -42.55 -31.82
N THR H 353 -27.48 -41.90 -30.74
CA THR H 353 -27.33 -40.47 -30.56
C THR H 353 -26.43 -40.23 -29.35
N ILE H 354 -25.43 -39.36 -29.51
CA ILE H 354 -24.48 -39.07 -28.45
C ILE H 354 -24.33 -37.55 -28.33
N HIS H 355 -24.31 -37.07 -27.10
CA HIS H 355 -24.10 -35.65 -26.82
C HIS H 355 -22.62 -35.36 -26.67
N PHE H 356 -22.24 -34.15 -27.09
CA PHE H 356 -20.86 -33.71 -27.01
C PHE H 356 -20.81 -32.19 -26.94
N SER H 357 -19.61 -31.65 -26.81
CA SER H 357 -19.38 -30.22 -26.91
C SER H 357 -17.95 -29.98 -27.36
N THR H 358 -17.76 -29.02 -28.26
CA THR H 358 -16.46 -28.75 -28.84
C THR H 358 -16.19 -27.26 -28.85
N ALA H 359 -14.93 -26.89 -28.59
CA ALA H 359 -14.54 -25.48 -28.64
C ALA H 359 -14.57 -24.94 -30.08
N ASN H 360 -14.36 -25.80 -31.06
CA ASN H 360 -14.24 -25.38 -32.45
C ASN H 360 -15.63 -25.32 -33.07
N ILE H 361 -16.06 -24.11 -33.47
CA ILE H 361 -17.38 -23.91 -34.04
C ILE H 361 -17.55 -24.66 -35.36
N HIS H 362 -16.45 -25.11 -35.97
CA HIS H 362 -16.47 -25.93 -37.17
C HIS H 362 -15.88 -27.30 -36.85
N PRO H 363 -16.69 -28.23 -36.36
CA PRO H 363 -16.16 -29.55 -35.96
C PRO H 363 -15.46 -30.25 -37.11
N GLU H 364 -14.25 -30.75 -36.82
CA GLU H 364 -13.54 -31.62 -37.75
C GLU H 364 -12.70 -32.58 -36.89
N PHE H 365 -13.27 -33.76 -36.63
CA PHE H 365 -12.65 -34.70 -35.71
C PHE H 365 -13.16 -36.10 -36.02
N ARG H 366 -12.44 -37.09 -35.49
CA ARG H 366 -12.80 -38.49 -35.62
C ARG H 366 -13.53 -38.97 -34.38
N LEU H 367 -14.48 -39.89 -34.57
CA LEU H 367 -15.23 -40.48 -33.48
C LEU H 367 -15.01 -41.99 -33.51
N GLN H 368 -14.45 -42.53 -32.42
CA GLN H 368 -14.20 -43.95 -32.29
C GLN H 368 -15.33 -44.61 -31.52
N ILE H 369 -15.88 -45.69 -32.09
CA ILE H 369 -16.89 -46.50 -31.43
C ILE H 369 -16.44 -47.96 -31.53
N CYS H 370 -16.21 -48.60 -30.38
CA CYS H 370 -15.54 -49.90 -30.30
C CYS H 370 -14.26 -49.83 -31.13
N THR H 371 -13.97 -50.81 -31.97
CA THR H 371 -12.71 -50.85 -32.71
C THR H 371 -12.72 -50.00 -33.97
N SER H 372 -13.89 -49.57 -34.43
CA SER H 372 -14.00 -48.75 -35.63
C SER H 372 -14.07 -47.27 -35.25
N TYR H 373 -13.83 -46.43 -36.25
CA TYR H 373 -13.93 -44.99 -36.07
C TYR H 373 -14.31 -44.34 -37.40
N VAL H 374 -14.99 -43.20 -37.30
CA VAL H 374 -15.45 -42.45 -38.47
C VAL H 374 -15.15 -40.98 -38.24
N THR H 375 -15.20 -40.21 -39.34
CA THR H 375 -14.96 -38.78 -39.29
C THR H 375 -16.28 -38.03 -39.22
N CYS H 376 -16.39 -37.13 -38.26
CA CYS H 376 -17.57 -36.30 -38.08
C CYS H 376 -17.24 -34.85 -38.41
N LYS H 377 -18.23 -34.13 -38.93
CA LYS H 377 -18.01 -32.76 -39.38
C LYS H 377 -19.35 -32.04 -39.43
N GLY H 378 -19.34 -30.76 -39.11
CA GLY H 378 -20.57 -29.99 -39.09
C GLY H 378 -20.29 -28.51 -38.89
N ASP H 379 -21.34 -27.79 -38.50
CA ASP H 379 -21.26 -26.35 -38.30
C ASP H 379 -22.08 -25.99 -37.08
N CYS H 380 -21.42 -25.50 -36.04
CA CYS H 380 -22.07 -25.16 -34.79
C CYS H 380 -22.45 -23.68 -34.76
N HIS H 381 -23.43 -23.35 -33.92
CA HIS H 381 -23.71 -21.94 -33.74
C HIS H 381 -23.05 -21.41 -32.47
N PRO H 382 -22.60 -20.15 -32.47
CA PRO H 382 -22.04 -19.54 -31.25
C PRO H 382 -23.00 -19.64 -30.08
N PRO H 383 -22.52 -19.41 -28.85
CA PRO H 383 -23.35 -19.62 -27.66
C PRO H 383 -24.60 -18.76 -27.64
N LYS H 384 -25.65 -19.30 -27.03
CA LYS H 384 -26.97 -18.67 -26.98
C LYS H 384 -27.21 -17.97 -25.65
N ASP H 385 -27.19 -18.72 -24.55
CA ASP H 385 -27.29 -18.17 -23.21
C ASP H 385 -25.89 -17.80 -22.76
N HIS H 386 -25.61 -16.50 -22.65
CA HIS H 386 -24.24 -16.02 -22.55
C HIS H 386 -23.67 -16.02 -21.14
N ILE H 387 -24.50 -16.14 -20.11
CA ILE H 387 -24.02 -16.27 -18.73
C ILE H 387 -24.47 -17.61 -18.20
N VAL H 388 -23.52 -18.39 -17.67
CA VAL H 388 -23.78 -19.72 -17.15
C VAL H 388 -23.10 -19.89 -15.80
N THR H 389 -23.49 -20.94 -15.08
CA THR H 389 -23.01 -21.13 -13.72
C THR H 389 -21.56 -21.61 -13.69
N HIS H 390 -21.29 -22.80 -14.24
CA HIS H 390 -19.94 -23.35 -14.19
C HIS H 390 -19.76 -24.46 -15.23
N PRO H 391 -19.53 -24.12 -16.49
CA PRO H 391 -19.43 -25.14 -17.54
C PRO H 391 -18.05 -25.78 -17.59
N GLN H 392 -17.98 -26.87 -18.37
CA GLN H 392 -16.81 -27.70 -18.53
C GLN H 392 -16.14 -27.45 -19.89
N TYR H 393 -15.21 -28.33 -20.24
CA TYR H 393 -14.60 -28.42 -21.57
C TYR H 393 -14.16 -27.05 -22.11
N HIS H 394 -13.28 -26.41 -21.35
CA HIS H 394 -12.73 -25.11 -21.69
C HIS H 394 -11.35 -25.23 -22.34
N ALA H 395 -11.17 -26.26 -23.17
CA ALA H 395 -9.90 -26.45 -23.87
C ALA H 395 -9.48 -25.20 -24.64
N GLN H 396 -10.38 -24.68 -25.48
CA GLN H 396 -10.16 -23.44 -26.23
C GLN H 396 -8.88 -23.53 -27.08
N THR H 397 -8.87 -24.52 -27.96
CA THR H 397 -7.77 -24.71 -28.90
C THR H 397 -7.47 -23.41 -29.64
N PHE H 398 -6.18 -23.16 -29.88
CA PHE H 398 -5.76 -21.91 -30.52
C PHE H 398 -6.45 -21.71 -31.86
N THR H 399 -6.40 -22.73 -32.73
CA THR H 399 -7.08 -22.66 -34.03
C THR H 399 -8.53 -23.11 -33.94
N ALA H 400 -9.30 -22.50 -33.05
CA ALA H 400 -10.73 -22.78 -32.94
C ALA H 400 -11.60 -21.59 -33.27
N ALA H 401 -11.07 -20.36 -33.27
CA ALA H 401 -11.86 -19.17 -33.56
C ALA H 401 -11.96 -18.89 -35.05
N VAL H 402 -11.74 -19.90 -35.90
CA VAL H 402 -11.84 -19.70 -37.33
C VAL H 402 -13.29 -19.71 -37.77
N SER H 403 -13.54 -19.20 -38.96
CA SER H 403 -14.90 -19.14 -39.50
C SER H 403 -14.91 -19.59 -40.96
N LYS H 404 -14.15 -20.63 -41.26
CA LYS H 404 -14.08 -21.28 -42.57
C LYS H 404 -14.08 -20.32 -43.74
N THR H 405 -15.25 -19.76 -44.07
CA THR H 405 -15.36 -18.88 -45.24
C THR H 405 -14.55 -17.61 -45.04
N ALA H 406 -14.83 -16.85 -43.97
CA ALA H 406 -14.07 -15.65 -43.69
C ALA H 406 -12.59 -15.96 -43.46
N TRP H 407 -12.30 -17.10 -42.83
CA TRP H 407 -10.91 -17.51 -42.66
C TRP H 407 -10.23 -17.66 -44.02
N THR H 408 -10.91 -18.27 -44.99
CA THR H 408 -10.35 -18.39 -46.34
C THR H 408 -10.21 -17.02 -47.00
N TRP H 409 -11.17 -16.13 -46.77
CA TRP H 409 -11.05 -14.76 -47.24
C TRP H 409 -9.77 -14.11 -46.72
N LEU H 410 -9.49 -14.28 -45.44
CA LEU H 410 -8.28 -13.71 -44.85
C LEU H 410 -7.04 -14.40 -45.39
N THR H 411 -7.12 -15.71 -45.60
CA THR H 411 -6.03 -16.43 -46.26
C THR H 411 -5.74 -15.83 -47.64
N SER H 412 -6.78 -15.44 -48.36
CA SER H 412 -6.57 -14.75 -49.63
C SER H 412 -5.99 -13.36 -49.39
N LEU H 413 -6.31 -12.74 -48.25
CA LEU H 413 -5.74 -11.43 -47.93
C LEU H 413 -4.32 -11.53 -47.40
N LEU H 414 -3.99 -12.59 -46.66
CA LEU H 414 -2.64 -12.83 -46.17
C LEU H 414 -2.07 -14.04 -46.90
N GLY H 415 -1.03 -13.81 -47.71
CA GLY H 415 -0.44 -14.84 -48.51
C GLY H 415 -0.91 -14.83 -49.96
N GLY H 416 -2.13 -14.38 -50.21
CA GLY H 416 -2.57 -14.17 -51.57
C GLY H 416 -1.74 -13.09 -52.26
N SER H 417 -1.50 -11.99 -51.57
CA SER H 417 -0.57 -10.98 -52.08
C SER H 417 0.84 -11.54 -52.17
N ALA H 418 1.20 -12.47 -51.28
CA ALA H 418 2.49 -13.14 -51.41
C ALA H 418 2.56 -13.95 -52.69
N VAL H 419 1.48 -14.66 -53.03
CA VAL H 419 1.44 -15.37 -54.31
C VAL H 419 1.54 -14.39 -55.47
N ILE H 420 0.85 -13.26 -55.36
CA ILE H 420 0.89 -12.24 -56.41
C ILE H 420 2.31 -11.74 -56.62
N ILE H 421 3.02 -11.45 -55.53
CA ILE H 421 4.36 -10.90 -55.65
C ILE H 421 5.35 -11.98 -56.08
N ILE H 422 5.08 -13.25 -55.76
CA ILE H 422 5.92 -14.33 -56.29
C ILE H 422 5.76 -14.41 -57.80
N ILE H 423 4.52 -14.33 -58.29
CA ILE H 423 4.28 -14.32 -59.73
C ILE H 423 4.96 -13.11 -60.37
N GLY H 424 4.86 -11.95 -59.73
CA GLY H 424 5.53 -10.77 -60.24
C GLY H 424 7.04 -10.90 -60.28
N LEU H 425 7.63 -11.51 -59.24
CA LEU H 425 9.06 -11.77 -59.24
C LEU H 425 9.45 -12.69 -60.38
N VAL H 426 8.68 -13.76 -60.60
CA VAL H 426 8.98 -14.67 -61.70
C VAL H 426 8.90 -13.94 -63.03
N LEU H 427 7.86 -13.12 -63.22
CA LEU H 427 7.73 -12.38 -64.47
C LEU H 427 8.87 -11.38 -64.66
N ALA H 428 9.28 -10.71 -63.59
CA ALA H 428 10.38 -9.76 -63.69
C ALA H 428 11.69 -10.47 -64.03
N THR H 429 11.93 -11.63 -63.42
CA THR H 429 13.11 -12.42 -63.77
C THR H 429 13.07 -12.86 -65.24
N ILE H 430 11.90 -13.28 -65.72
CA ILE H 430 11.76 -13.69 -67.11
C ILE H 430 12.04 -12.52 -68.05
N VAL H 431 11.51 -11.33 -67.72
CA VAL H 431 11.74 -10.15 -68.55
C VAL H 431 13.22 -9.79 -68.56
N ALA H 432 13.87 -9.84 -67.39
CA ALA H 432 15.31 -9.57 -67.34
C ALA H 432 16.09 -10.56 -68.18
N MET H 433 15.73 -11.84 -68.12
CA MET H 433 16.41 -12.84 -68.93
C MET H 433 16.18 -12.62 -70.42
N TYR H 434 14.97 -12.19 -70.79
CA TYR H 434 14.70 -11.85 -72.19
C TYR H 434 15.54 -10.67 -72.64
N VAL H 435 15.68 -9.65 -71.80
CA VAL H 435 16.50 -8.49 -72.15
C VAL H 435 17.96 -8.92 -72.33
N LEU H 436 18.47 -9.72 -71.40
CA LEU H 436 19.85 -10.21 -71.51
C LEU H 436 20.03 -11.05 -72.77
N THR H 437 19.06 -11.90 -73.08
CA THR H 437 19.14 -12.72 -74.28
C THR H 437 19.11 -11.86 -75.54
N ASN H 438 18.28 -10.82 -75.55
CA ASN H 438 18.20 -9.94 -76.70
C ASN H 438 19.51 -9.17 -76.88
N GLN H 439 20.14 -8.78 -75.78
CA GLN H 439 21.40 -8.04 -75.88
C GLN H 439 22.54 -8.95 -76.33
N LYS H 440 22.66 -10.12 -75.71
CA LYS H 440 23.73 -11.05 -76.06
C LYS H 440 23.52 -11.76 -77.39
N HIS H 441 22.29 -11.73 -77.91
CA HIS H 441 21.97 -12.45 -79.15
C HIS H 441 22.92 -12.07 -80.27
N ASN H 442 23.17 -10.78 -80.46
CA ASN H 442 24.14 -10.35 -81.46
C ASN H 442 25.57 -10.64 -81.00
N SER I 1 -28.59 -28.56 45.56
CA SER I 1 -28.11 -29.62 44.67
C SER I 1 -26.74 -29.26 44.10
N THR I 2 -25.73 -30.04 44.49
CA THR I 2 -24.36 -29.94 43.99
C THR I 2 -23.69 -28.67 44.51
N GLU I 3 -22.36 -28.69 44.64
CA GLU I 3 -21.64 -27.57 45.21
C GLU I 3 -21.73 -26.32 44.36
N GLU I 4 -21.98 -26.47 43.05
CA GLU I 4 -22.14 -25.31 42.18
C GLU I 4 -23.32 -24.46 42.60
N LEU I 5 -24.40 -25.09 43.06
CA LEU I 5 -25.55 -24.36 43.59
C LEU I 5 -25.42 -24.10 45.09
N PHE I 6 -24.77 -25.00 45.83
CA PHE I 6 -24.43 -24.69 47.21
C PHE I 6 -23.55 -23.47 47.30
N ASN I 7 -22.53 -23.39 46.43
CA ASN I 7 -21.74 -22.18 46.20
C ASN I 7 -20.78 -21.90 47.33
N GLU I 8 -19.60 -21.37 46.99
CA GLU I 8 -18.68 -20.84 47.98
C GLU I 8 -19.17 -19.56 48.62
N TYR I 9 -20.32 -19.04 48.16
CA TYR I 9 -21.00 -17.89 48.74
C TYR I 9 -20.99 -17.90 50.27
N LYS I 10 -21.20 -19.08 50.87
CA LYS I 10 -21.20 -19.16 52.32
C LYS I 10 -19.87 -18.73 52.90
N LEU I 11 -18.78 -18.93 52.16
CA LEU I 11 -17.46 -18.54 52.61
C LEU I 11 -17.12 -17.10 52.25
N THR I 12 -17.70 -16.54 51.19
CA THR I 12 -17.19 -15.27 50.68
C THR I 12 -17.73 -14.05 51.42
N ARG I 13 -19.00 -13.67 51.15
CA ARG I 13 -19.70 -12.49 51.67
C ARG I 13 -19.45 -11.31 50.74
N PRO I 14 -20.47 -10.52 50.40
CA PRO I 14 -20.25 -9.35 49.56
C PRO I 14 -19.45 -8.26 50.27
N TYR I 15 -18.86 -7.37 49.47
CA TYR I 15 -18.02 -6.30 49.98
C TYR I 15 -18.30 -5.01 49.22
N MET I 16 -17.71 -3.91 49.70
CA MET I 16 -17.91 -2.57 49.18
C MET I 16 -16.66 -2.09 48.46
N ALA I 17 -16.86 -1.15 47.53
CA ALA I 17 -15.78 -0.55 46.78
C ALA I 17 -16.18 0.85 46.33
N ARG I 18 -15.17 1.62 45.89
CA ARG I 18 -15.40 2.99 45.47
C ARG I 18 -15.99 3.06 44.07
N CYS I 19 -17.00 3.91 43.91
CA CYS I 19 -17.53 4.29 42.60
C CYS I 19 -17.12 5.71 42.27
N ILE I 20 -16.89 5.95 40.96
CA ILE I 20 -16.50 7.28 40.52
C ILE I 20 -17.58 8.30 40.85
N ARG I 21 -18.82 7.97 40.51
CA ARG I 21 -19.98 8.80 40.82
C ARG I 21 -21.07 7.92 41.41
N CYS I 22 -21.60 8.34 42.57
CA CYS I 22 -22.68 7.65 43.24
C CYS I 22 -24.00 8.42 43.13
N ALA I 23 -24.06 9.36 42.20
CA ALA I 23 -25.04 10.44 42.01
C ALA I 23 -24.33 11.75 42.30
N VAL I 24 -24.38 12.20 43.55
CA VAL I 24 -23.68 13.40 43.97
C VAL I 24 -22.33 12.95 44.51
N GLY I 25 -21.35 12.80 43.60
CA GLY I 25 -20.00 12.49 44.00
C GLY I 25 -19.73 11.01 44.19
N SER I 26 -18.49 10.72 44.59
CA SER I 26 -18.07 9.35 44.81
C SER I 26 -18.55 8.84 46.17
N CYS I 27 -18.43 7.53 46.37
CA CYS I 27 -18.79 6.90 47.63
C CYS I 27 -18.25 5.47 47.62
N HIS I 28 -18.22 4.87 48.80
CA HIS I 28 -17.81 3.47 48.97
C HIS I 28 -19.07 2.60 49.01
N SER I 29 -19.54 2.19 47.83
CA SER I 29 -20.79 1.46 47.75
C SER I 29 -20.55 0.02 47.29
N PRO I 30 -21.38 -0.93 47.72
CA PRO I 30 -21.22 -2.32 47.25
C PRO I 30 -21.60 -2.52 45.81
N ILE I 31 -22.30 -1.58 45.19
CA ILE I 31 -22.73 -1.72 43.80
C ILE I 31 -21.56 -1.68 42.82
N ALA I 32 -20.38 -1.27 43.27
CA ALA I 32 -19.26 -1.01 42.38
C ALA I 32 -18.98 -2.20 41.48
N ILE I 33 -18.78 -1.92 40.19
CA ILE I 33 -18.52 -2.95 39.19
C ILE I 33 -17.02 -3.10 39.01
N GLU I 34 -16.51 -4.31 39.23
CA GLU I 34 -15.07 -4.53 39.11
C GLU I 34 -14.63 -4.60 37.66
N ALA I 35 -15.34 -5.39 36.84
CA ALA I 35 -14.93 -5.58 35.46
C ALA I 35 -16.15 -5.96 34.63
N VAL I 36 -16.04 -5.71 33.33
CA VAL I 36 -17.10 -6.02 32.37
C VAL I 36 -16.48 -6.73 31.18
N LYS I 37 -17.10 -7.83 30.75
CA LYS I 37 -16.68 -8.54 29.56
C LYS I 37 -17.78 -8.45 28.50
N SER I 38 -17.37 -8.31 27.24
CA SER I 38 -18.32 -8.11 26.15
C SER I 38 -17.90 -8.94 24.93
N ASP I 39 -17.46 -10.17 25.17
CA ASP I 39 -17.01 -11.03 24.08
C ASP I 39 -18.14 -11.77 23.39
N GLY I 40 -19.27 -11.97 24.08
CA GLY I 40 -20.36 -12.71 23.48
C GLY I 40 -20.91 -11.98 22.26
N HIS I 41 -21.24 -12.75 21.23
CA HIS I 41 -21.72 -12.18 19.98
C HIS I 41 -23.21 -11.83 20.00
N ASP I 42 -23.96 -12.35 20.96
CA ASP I 42 -25.40 -12.13 21.00
C ASP I 42 -25.80 -10.83 21.71
N GLY I 43 -24.84 -10.06 22.23
CA GLY I 43 -25.14 -8.81 22.87
C GLY I 43 -25.34 -8.86 24.37
N TYR I 44 -25.20 -10.02 24.99
CA TYR I 44 -25.33 -10.12 26.44
C TYR I 44 -24.05 -9.63 27.13
N VAL I 45 -24.23 -9.05 28.31
CA VAL I 45 -23.13 -8.48 29.07
C VAL I 45 -22.91 -9.33 30.31
N ARG I 46 -21.63 -9.51 30.68
CA ARG I 46 -21.26 -10.21 31.90
C ARG I 46 -20.54 -9.22 32.80
N LEU I 47 -21.25 -8.69 33.78
CA LEU I 47 -20.70 -7.72 34.71
C LEU I 47 -20.25 -8.42 35.99
N GLN I 48 -19.10 -8.02 36.50
CA GLN I 48 -18.60 -8.48 37.80
C GLN I 48 -18.70 -7.32 38.77
N THR I 49 -19.56 -7.46 39.78
CA THR I 49 -19.76 -6.43 40.77
C THR I 49 -19.04 -6.79 42.07
N SER I 50 -18.93 -5.80 42.96
CA SER I 50 -18.31 -6.04 44.24
C SER I 50 -19.21 -6.78 45.22
N SER I 51 -20.53 -6.76 44.99
CA SER I 51 -21.46 -7.49 45.82
C SER I 51 -21.75 -8.87 45.25
N GLN I 52 -22.47 -9.67 46.03
CA GLN I 52 -22.87 -11.02 45.63
C GLN I 52 -24.37 -11.17 45.81
N TYR I 53 -24.97 -12.01 44.98
CA TYR I 53 -26.40 -12.26 45.06
C TYR I 53 -26.73 -13.62 44.48
N GLY I 54 -28.00 -14.01 44.61
CA GLY I 54 -28.48 -15.32 44.28
C GLY I 54 -28.74 -16.19 45.50
N LEU I 55 -27.98 -15.99 46.58
CA LEU I 55 -28.21 -16.66 47.85
C LEU I 55 -28.42 -15.60 48.93
N ASP I 56 -29.31 -15.88 49.88
CA ASP I 56 -29.66 -14.92 50.91
C ASP I 56 -28.63 -14.96 52.05
N SER I 57 -28.91 -14.21 53.13
CA SER I 57 -27.94 -14.07 54.21
C SER I 57 -27.69 -15.39 54.93
N SER I 58 -28.64 -16.30 54.90
CA SER I 58 -28.52 -17.59 55.56
C SER I 58 -27.96 -18.68 54.65
N GLY I 59 -27.72 -18.37 53.38
CA GLY I 59 -27.23 -19.34 52.43
C GLY I 59 -28.30 -20.12 51.70
N ASN I 60 -29.55 -19.69 51.76
CA ASN I 60 -30.62 -20.37 51.06
C ASN I 60 -30.71 -19.88 49.62
N LEU I 61 -31.12 -20.78 48.73
CA LEU I 61 -31.22 -20.46 47.31
C LEU I 61 -32.44 -19.55 47.08
N LYS I 62 -32.17 -18.28 46.77
CA LYS I 62 -33.25 -17.33 46.49
C LYS I 62 -32.72 -16.34 45.47
N GLY I 63 -33.06 -16.56 44.19
CA GLY I 63 -32.66 -15.69 43.11
C GLY I 63 -33.47 -14.42 42.98
N ARG I 64 -34.52 -14.26 43.79
CA ARG I 64 -35.39 -13.10 43.69
C ARG I 64 -34.77 -11.86 44.32
N THR I 65 -33.73 -12.01 45.13
CA THR I 65 -33.17 -10.92 45.92
C THR I 65 -31.68 -10.77 45.62
N MET I 66 -31.13 -9.63 46.05
CA MET I 66 -29.72 -9.35 45.90
C MET I 66 -29.17 -8.80 47.21
N ARG I 67 -27.91 -9.11 47.48
CA ARG I 67 -27.28 -8.84 48.77
C ARG I 67 -26.19 -7.79 48.61
N TYR I 68 -26.27 -6.73 49.40
CA TYR I 68 -25.31 -5.63 49.33
C TYR I 68 -24.89 -5.23 50.74
N ASP I 69 -23.62 -4.86 50.88
CA ASP I 69 -23.04 -4.48 52.16
C ASP I 69 -23.32 -3.00 52.39
N MET I 70 -24.27 -2.70 53.27
CA MET I 70 -24.64 -1.32 53.58
C MET I 70 -23.81 -0.86 54.76
N HIS I 71 -22.62 -0.32 54.47
CA HIS I 71 -21.69 0.18 55.47
C HIS I 71 -21.38 -0.88 56.53
N GLY I 72 -21.79 -0.63 57.77
CA GLY I 72 -21.48 -1.55 58.86
C GLY I 72 -22.34 -2.79 58.92
N THR I 73 -23.45 -2.81 58.18
CA THR I 73 -24.35 -3.95 58.14
C THR I 73 -24.53 -4.41 56.71
N ILE I 74 -25.25 -5.51 56.53
CA ILE I 74 -25.51 -6.08 55.21
C ILE I 74 -27.01 -6.20 55.04
N LYS I 75 -27.52 -5.66 53.94
CA LYS I 75 -28.95 -5.65 53.65
C LYS I 75 -29.22 -6.38 52.34
N GLU I 76 -30.48 -6.77 52.15
CA GLU I 76 -30.89 -7.46 50.94
C GLU I 76 -32.20 -6.88 50.42
N ILE I 77 -32.30 -6.74 49.10
CA ILE I 77 -33.50 -6.23 48.46
C ILE I 77 -33.82 -7.14 47.28
N PRO I 78 -35.08 -7.12 46.81
CA PRO I 78 -35.43 -7.93 45.64
C PRO I 78 -34.59 -7.55 44.42
N LEU I 79 -34.22 -8.58 43.64
CA LEU I 79 -33.41 -8.37 42.45
C LEU I 79 -34.17 -7.58 41.39
N HIS I 80 -35.48 -7.80 41.29
CA HIS I 80 -36.28 -7.11 40.28
C HIS I 80 -36.25 -5.60 40.44
N GLN I 81 -35.97 -5.10 41.64
CA GLN I 81 -35.84 -3.66 41.83
C GLN I 81 -34.59 -3.10 41.17
N VAL I 82 -33.53 -3.92 41.06
CA VAL I 82 -32.28 -3.44 40.49
C VAL I 82 -32.42 -3.25 38.99
N SER I 83 -32.05 -2.08 38.50
CA SER I 83 -32.10 -1.76 37.08
C SER I 83 -30.74 -1.28 36.62
N LEU I 84 -30.49 -1.40 35.32
CA LEU I 84 -29.25 -0.93 34.73
C LEU I 84 -29.49 -0.58 33.27
N TYR I 85 -28.62 0.29 32.75
CA TYR I 85 -28.74 0.76 31.38
C TYR I 85 -27.38 1.23 30.90
N THR I 86 -27.23 1.28 29.57
CA THR I 86 -26.06 1.92 28.96
C THR I 86 -26.50 3.09 28.10
N SER I 87 -27.24 2.85 27.01
CA SER I 87 -28.00 3.89 26.33
C SER I 87 -29.50 3.79 26.62
N ARG I 88 -30.00 2.57 26.79
CA ARG I 88 -31.39 2.28 27.07
C ARG I 88 -31.43 1.25 28.19
N PRO I 89 -32.56 1.13 28.89
CA PRO I 89 -32.64 0.16 30.00
C PRO I 89 -32.30 -1.25 29.54
N CYS I 90 -31.51 -1.94 30.35
CA CYS I 90 -31.12 -3.33 30.07
C CYS I 90 -32.13 -4.30 30.68
N HIS I 91 -32.05 -5.55 30.24
CA HIS I 91 -32.87 -6.63 30.77
C HIS I 91 -31.96 -7.62 31.50
N ILE I 92 -32.16 -7.76 32.80
CA ILE I 92 -31.38 -8.72 33.58
C ILE I 92 -31.82 -10.13 33.22
N VAL I 93 -30.85 -11.01 32.97
CA VAL I 93 -31.13 -12.37 32.51
C VAL I 93 -30.96 -13.34 33.66
N ASP I 94 -29.78 -13.33 34.29
CA ASP I 94 -29.49 -14.26 35.36
C ASP I 94 -28.34 -13.69 36.20
N GLY I 95 -28.05 -14.36 37.31
CA GLY I 95 -26.95 -13.95 38.14
C GLY I 95 -26.57 -15.04 39.12
N HIS I 96 -25.31 -14.96 39.58
CA HIS I 96 -24.79 -15.96 40.51
C HIS I 96 -23.54 -15.39 41.18
N GLY I 97 -23.61 -15.17 42.48
CA GLY I 97 -22.47 -14.62 43.20
C GLY I 97 -22.13 -13.22 42.74
N TYR I 98 -20.86 -13.02 42.35
CA TYR I 98 -20.38 -11.72 41.94
C TYR I 98 -20.84 -11.31 40.55
N PHE I 99 -21.25 -12.25 39.72
CA PHE I 99 -21.39 -11.99 38.29
C PHE I 99 -22.85 -11.80 37.90
N LEU I 100 -23.07 -11.04 36.83
CA LEU I 100 -24.41 -10.65 36.40
C LEU I 100 -24.47 -10.75 34.88
N LEU I 101 -25.49 -11.43 34.38
CA LEU I 101 -25.70 -11.57 32.94
C LEU I 101 -26.99 -10.85 32.56
N ALA I 102 -26.88 -9.91 31.63
CA ALA I 102 -28.02 -9.08 31.26
C ALA I 102 -27.93 -8.75 29.77
N ARG I 103 -29.08 -8.38 29.20
CA ARG I 103 -29.15 -7.94 27.81
C ARG I 103 -29.05 -6.43 27.79
N CYS I 104 -27.84 -5.92 27.55
CA CYS I 104 -27.70 -4.48 27.40
C CYS I 104 -27.52 -4.11 25.94
N PRO I 105 -28.01 -2.94 25.54
CA PRO I 105 -27.73 -2.44 24.19
C PRO I 105 -26.33 -1.82 24.13
N ALA I 106 -25.97 -1.36 22.95
CA ALA I 106 -24.70 -0.67 22.78
C ALA I 106 -24.69 0.64 23.56
N GLY I 107 -23.49 1.09 23.92
CA GLY I 107 -23.35 2.31 24.67
C GLY I 107 -21.89 2.56 25.01
N ASP I 108 -21.65 3.74 25.57
CA ASP I 108 -20.31 4.17 25.92
C ASP I 108 -19.95 3.90 27.38
N SER I 109 -20.94 3.68 28.25
CA SER I 109 -20.68 3.40 29.64
C SER I 109 -21.86 2.61 30.20
N ILE I 110 -21.63 1.98 31.35
CA ILE I 110 -22.63 1.15 32.01
C ILE I 110 -23.01 1.79 33.33
N THR I 111 -24.31 2.04 33.52
CA THR I 111 -24.84 2.58 34.76
C THR I 111 -25.74 1.55 35.41
N MET I 112 -25.50 1.28 36.68
CA MET I 112 -26.30 0.34 37.46
C MET I 112 -26.87 1.06 38.67
N GLU I 113 -28.13 0.77 38.97
CA GLU I 113 -28.80 1.48 40.05
C GLU I 113 -29.83 0.56 40.71
N PHE I 114 -30.17 0.90 41.95
CA PHE I 114 -31.23 0.22 42.67
C PHE I 114 -31.81 1.18 43.70
N LYS I 115 -33.05 0.91 44.09
CA LYS I 115 -33.74 1.74 45.07
C LYS I 115 -33.48 1.19 46.47
N LYS I 116 -32.91 2.03 47.32
CA LYS I 116 -32.72 1.70 48.73
C LYS I 116 -34.01 2.06 49.48
N ASP I 117 -33.93 2.09 50.81
CA ASP I 117 -35.01 2.63 51.63
C ASP I 117 -35.02 4.15 51.64
N SER I 118 -34.19 4.77 50.82
CA SER I 118 -34.02 6.22 50.76
C SER I 118 -33.69 6.57 49.31
N VAL I 119 -33.08 7.74 49.11
CA VAL I 119 -32.73 8.20 47.77
C VAL I 119 -32.02 7.10 47.01
N ARG I 120 -32.40 6.91 45.75
CA ARG I 120 -31.88 5.82 44.95
C ARG I 120 -30.39 6.00 44.69
N HIS I 121 -29.68 4.88 44.66
CA HIS I 121 -28.25 4.85 44.46
C HIS I 121 -27.90 4.32 43.08
N SER I 122 -26.87 4.92 42.47
CA SER I 122 -26.45 4.56 41.12
C SER I 122 -24.93 4.64 41.05
N CYS I 123 -24.37 3.97 40.06
CA CYS I 123 -22.93 4.01 39.84
C CYS I 123 -22.65 3.75 38.37
N SER I 124 -21.83 4.61 37.77
CA SER I 124 -21.44 4.50 36.37
C SER I 124 -19.94 4.25 36.27
N VAL I 125 -19.56 3.31 35.40
CA VAL I 125 -18.15 3.02 35.15
C VAL I 125 -17.89 3.12 33.65
N PRO I 126 -16.74 3.68 33.25
CA PRO I 126 -16.42 3.79 31.81
C PRO I 126 -15.91 2.47 31.26
N TYR I 127 -16.63 1.95 30.26
CA TYR I 127 -16.17 0.75 29.56
C TYR I 127 -16.81 0.73 28.17
N GLU I 128 -16.01 0.46 27.15
CA GLU I 128 -16.51 0.42 25.79
C GLU I 128 -17.33 -0.85 25.58
N VAL I 129 -18.61 -0.68 25.27
CA VAL I 129 -19.52 -1.79 24.98
C VAL I 129 -19.90 -1.70 23.51
N LYS I 130 -19.52 -2.73 22.74
CA LYS I 130 -19.82 -2.75 21.31
C LYS I 130 -19.78 -4.21 20.86
N PHE I 131 -20.96 -4.81 20.74
CA PHE I 131 -21.06 -6.23 20.40
C PHE I 131 -21.04 -6.44 18.89
N ASN I 132 -20.23 -7.39 18.45
CA ASN I 132 -20.10 -7.69 17.03
C ASN I 132 -21.32 -8.50 16.59
N PRO I 133 -22.11 -8.00 15.62
CA PRO I 133 -23.23 -8.80 15.12
C PRO I 133 -22.76 -10.13 14.55
N VAL I 134 -23.58 -11.16 14.73
CA VAL I 134 -23.23 -12.50 14.28
C VAL I 134 -23.44 -12.56 12.77
N GLY I 135 -22.40 -12.96 12.04
CA GLY I 135 -22.51 -13.08 10.60
C GLY I 135 -21.85 -11.90 9.89
N ARG I 136 -21.93 -11.97 8.56
CA ARG I 136 -21.38 -10.93 7.70
C ARG I 136 -22.34 -9.76 7.50
N GLU I 137 -23.47 -9.75 8.20
CA GLU I 137 -24.42 -8.64 8.14
C GLU I 137 -24.47 -7.94 9.48
N LEU I 138 -24.27 -6.61 9.47
CA LEU I 138 -24.16 -5.82 10.69
C LEU I 138 -25.55 -5.32 11.08
N TYR I 139 -26.17 -6.02 12.02
CA TYR I 139 -27.50 -5.68 12.51
C TYR I 139 -27.41 -5.12 13.92
N THR I 140 -28.46 -4.40 14.33
CA THR I 140 -28.55 -3.89 15.69
C THR I 140 -29.27 -4.87 16.60
N HIS I 141 -30.43 -5.37 16.17
CA HIS I 141 -31.18 -6.37 16.89
C HIS I 141 -31.38 -7.60 16.02
N PRO I 142 -31.52 -8.79 16.62
CA PRO I 142 -31.73 -10.00 15.83
C PRO I 142 -33.02 -9.93 15.04
N PRO I 143 -33.03 -10.46 13.82
CA PRO I 143 -34.23 -10.37 12.98
C PRO I 143 -35.30 -11.38 13.43
N GLU I 144 -36.52 -11.14 12.94
CA GLU I 144 -37.60 -12.08 13.18
C GLU I 144 -37.29 -13.43 12.55
N HIS I 145 -36.75 -13.42 11.33
CA HIS I 145 -36.44 -14.63 10.57
C HIS I 145 -35.02 -14.56 10.03
N GLY I 146 -34.45 -15.73 9.83
CA GLY I 146 -33.09 -15.80 9.32
C GLY I 146 -32.60 -17.24 9.29
N VAL I 147 -31.30 -17.38 9.04
CA VAL I 147 -30.64 -18.67 8.98
C VAL I 147 -29.84 -18.88 10.26
N GLU I 148 -29.57 -20.13 10.58
CA GLU I 148 -28.87 -20.49 11.81
C GLU I 148 -27.38 -20.61 11.50
N GLN I 149 -26.57 -19.81 12.20
CA GLN I 149 -25.13 -19.85 12.04
C GLN I 149 -24.46 -20.02 13.41
N ALA I 150 -23.25 -20.56 13.38
CA ALA I 150 -22.51 -20.78 14.61
C ALA I 150 -22.04 -19.45 15.20
N CYS I 151 -22.00 -19.40 16.53
CA CYS I 151 -21.57 -18.19 17.24
C CYS I 151 -21.04 -18.59 18.61
N GLN I 152 -20.48 -17.61 19.30
CA GLN I 152 -19.97 -17.80 20.66
C GLN I 152 -20.66 -16.80 21.57
N VAL I 153 -21.32 -17.32 22.61
CA VAL I 153 -22.15 -16.52 23.50
C VAL I 153 -21.93 -16.94 24.94
N TYR I 154 -22.26 -16.04 25.86
CA TYR I 154 -22.14 -16.32 27.28
C TYR I 154 -23.30 -17.20 27.73
N ALA I 155 -23.00 -18.40 28.20
CA ALA I 155 -24.03 -19.26 28.77
C ALA I 155 -24.50 -18.70 30.11
N HIS I 156 -25.81 -18.74 30.32
CA HIS I 156 -26.36 -18.36 31.62
C HIS I 156 -26.28 -19.47 32.65
N ASP I 157 -25.94 -20.69 32.24
CA ASP I 157 -25.92 -21.82 33.16
C ASP I 157 -24.85 -21.60 34.23
N ALA I 158 -25.23 -21.85 35.48
CA ALA I 158 -24.29 -21.74 36.58
C ALA I 158 -23.23 -22.83 36.57
N GLN I 159 -23.41 -23.87 35.75
CA GLN I 159 -22.40 -24.91 35.60
C GLN I 159 -21.05 -24.30 35.26
N ASN I 160 -20.02 -24.73 36.00
CA ASN I 160 -18.70 -24.12 35.90
C ASN I 160 -17.65 -25.20 36.06
N ARG I 161 -16.78 -25.32 35.08
CA ARG I 161 -15.70 -26.30 35.13
C ARG I 161 -14.34 -25.70 34.80
N GLY I 162 -14.27 -24.79 33.83
CA GLY I 162 -13.01 -24.24 33.38
C GLY I 162 -12.43 -23.12 34.22
N ALA I 163 -13.17 -22.01 34.32
CA ALA I 163 -12.64 -20.78 34.89
C ALA I 163 -12.80 -20.72 36.39
N TYR I 164 -11.84 -20.09 37.05
CA TYR I 164 -11.85 -19.90 38.50
C TYR I 164 -11.00 -18.68 38.82
N VAL I 165 -11.26 -18.09 40.00
CA VAL I 165 -10.57 -16.89 40.44
C VAL I 165 -10.07 -17.09 41.86
N GLU I 166 -9.16 -16.20 42.27
CA GLU I 166 -8.53 -16.24 43.58
C GLU I 166 -9.26 -15.31 44.53
N MET I 167 -9.64 -15.83 45.70
CA MET I 167 -10.25 -15.03 46.76
C MET I 167 -9.49 -15.26 48.06
N HIS I 168 -9.47 -14.25 48.92
CA HIS I 168 -8.63 -14.29 50.11
C HIS I 168 -9.24 -13.43 51.21
N LEU I 169 -8.65 -13.57 52.40
CA LEU I 169 -9.10 -12.83 53.57
C LEU I 169 -8.97 -11.32 53.37
N PRO I 170 -9.99 -10.54 53.69
CA PRO I 170 -9.85 -9.08 53.59
C PRO I 170 -8.97 -8.53 54.71
N GLY I 171 -8.44 -7.34 54.45
CA GLY I 171 -7.63 -6.64 55.42
C GLY I 171 -8.47 -5.95 56.50
N SER I 172 -7.77 -5.26 57.39
CA SER I 172 -8.44 -4.55 58.47
C SER I 172 -9.33 -3.44 57.92
N GLU I 173 -10.55 -3.36 58.42
CA GLU I 173 -11.55 -2.40 57.97
C GLU I 173 -11.70 -1.33 59.04
N VAL I 174 -11.19 -0.12 58.75
CA VAL I 174 -11.29 0.98 59.70
C VAL I 174 -12.75 1.39 59.88
N ASP I 175 -13.10 1.81 61.10
CA ASP I 175 -14.45 2.29 61.39
C ASP I 175 -14.33 3.33 62.50
N SER I 176 -14.39 4.61 62.12
CA SER I 176 -14.26 5.69 63.10
C SER I 176 -15.50 5.80 63.99
N SER I 177 -16.63 5.24 63.58
CA SER I 177 -17.81 5.31 64.42
C SER I 177 -17.69 4.46 65.69
N LEU I 178 -16.70 3.57 65.76
CA LEU I 178 -16.47 2.76 66.94
C LEU I 178 -16.02 3.58 68.15
N VAL I 179 -15.43 4.75 67.92
CA VAL I 179 -14.70 5.47 68.95
C VAL I 179 -15.39 6.80 69.23
N SER I 180 -15.49 7.14 70.52
CA SER I 180 -16.00 8.42 70.97
C SER I 180 -15.30 8.80 72.26
N LEU I 181 -15.47 10.07 72.65
CA LEU I 181 -14.93 10.59 73.91
C LEU I 181 -16.06 10.61 74.92
N SER I 182 -16.24 9.48 75.63
CA SER I 182 -17.31 9.33 76.60
C SER I 182 -17.47 10.55 77.51
N GLY I 183 -16.49 10.80 78.39
CA GLY I 183 -16.47 12.06 79.08
C GLY I 183 -15.34 12.95 78.64
N SER I 184 -14.12 12.38 78.63
CA SER I 184 -12.96 13.06 78.07
C SER I 184 -11.94 12.10 77.50
N SER I 185 -12.17 10.79 77.54
CA SER I 185 -11.19 9.80 77.13
C SER I 185 -11.74 8.95 75.99
N VAL I 186 -10.81 8.35 75.24
CA VAL I 186 -11.16 7.52 74.10
C VAL I 186 -11.87 6.26 74.60
N THR I 187 -13.09 6.03 74.11
CA THR I 187 -13.87 4.84 74.43
C THR I 187 -14.33 4.19 73.13
N VAL I 188 -14.03 2.91 72.96
CA VAL I 188 -14.27 2.19 71.72
C VAL I 188 -15.12 0.96 72.03
N THR I 189 -16.18 0.76 71.24
CA THR I 189 -16.93 -0.48 71.31
C THR I 189 -16.23 -1.54 70.45
N PRO I 190 -16.41 -2.82 70.75
CA PRO I 190 -15.68 -3.86 70.01
C PRO I 190 -16.12 -3.96 68.56
N PRO I 191 -17.44 -3.91 68.25
CA PRO I 191 -18.71 -3.94 69.00
C PRO I 191 -19.12 -5.38 69.30
N ASP I 192 -20.39 -5.60 69.65
CA ASP I 192 -20.85 -6.94 69.99
C ASP I 192 -20.87 -7.80 68.73
N GLY I 193 -19.85 -8.63 68.57
CA GLY I 193 -19.72 -9.53 67.44
C GLY I 193 -18.48 -9.33 66.60
N THR I 194 -17.81 -8.19 66.71
CA THR I 194 -16.61 -7.88 65.93
C THR I 194 -15.45 -7.57 66.85
N SER I 195 -14.27 -8.08 66.51
CA SER I 195 -13.05 -7.78 67.24
C SER I 195 -12.52 -6.40 66.87
N ALA I 196 -12.20 -5.60 67.87
CA ALA I 196 -11.74 -4.23 67.68
C ALA I 196 -10.22 -4.18 67.74
N LEU I 197 -9.60 -3.78 66.63
CA LEU I 197 -8.15 -3.58 66.56
C LEU I 197 -7.88 -2.09 66.65
N VAL I 198 -7.21 -1.67 67.73
CA VAL I 198 -6.96 -0.28 68.03
C VAL I 198 -5.48 -0.08 68.30
N GLU I 199 -4.90 0.95 67.68
CA GLU I 199 -3.50 1.31 67.87
C GLU I 199 -3.39 2.82 67.84
N CYS I 200 -2.55 3.36 68.71
CA CYS I 200 -2.35 4.81 68.83
C CYS I 200 -0.95 5.19 68.39
N GLU I 201 -0.86 6.33 67.69
CA GLU I 201 0.45 6.86 67.31
C GLU I 201 1.15 7.55 68.48
N CYS I 202 0.39 8.12 69.41
CA CYS I 202 0.98 8.86 70.51
C CYS I 202 1.54 7.88 71.55
N GLY I 203 2.16 8.41 72.59
CA GLY I 203 2.80 7.56 73.58
C GLY I 203 1.84 6.80 74.46
N GLY I 204 2.34 6.28 75.57
CA GLY I 204 1.50 5.47 76.44
C GLY I 204 1.32 4.08 75.87
N THR I 205 0.06 3.65 75.74
CA THR I 205 -0.27 2.35 75.19
C THR I 205 -0.57 2.51 73.70
N LYS I 206 0.20 1.84 72.86
CA LYS I 206 0.03 1.93 71.41
C LYS I 206 -0.52 0.66 70.79
N ILE I 207 -0.84 -0.36 71.60
CA ILE I 207 -1.38 -1.62 71.11
C ILE I 207 -2.57 -1.99 71.97
N SER I 208 -3.67 -2.38 71.33
CA SER I 208 -4.84 -2.86 72.07
C SER I 208 -5.17 -4.31 71.73
N GLU I 209 -5.45 -4.61 70.47
CA GLU I 209 -5.99 -5.91 70.05
C GLU I 209 -7.13 -6.34 70.96
N THR I 210 -7.91 -5.37 71.44
CA THR I 210 -9.02 -5.65 72.34
C THR I 210 -10.05 -6.55 71.67
N ILE I 211 -10.22 -7.76 72.20
CA ILE I 211 -11.20 -8.68 71.64
C ILE I 211 -12.61 -8.23 71.98
N ASN I 212 -12.91 -8.12 73.28
CA ASN I 212 -14.23 -7.66 73.73
C ASN I 212 -14.04 -7.02 75.11
N LYS I 213 -13.87 -5.70 75.12
CA LYS I 213 -13.76 -4.94 76.36
C LYS I 213 -13.87 -3.47 76.03
N THR I 214 -14.64 -2.74 76.84
CA THR I 214 -14.75 -1.29 76.74
C THR I 214 -13.62 -0.66 77.54
N LYS I 215 -12.69 -0.01 76.84
CA LYS I 215 -11.49 0.53 77.47
C LYS I 215 -11.45 2.04 77.32
N GLN I 216 -10.85 2.70 78.29
CA GLN I 216 -10.60 4.14 78.25
C GLN I 216 -9.13 4.40 78.01
N PHE I 217 -8.84 5.41 77.20
CA PHE I 217 -7.47 5.70 76.77
C PHE I 217 -7.12 7.13 77.16
N SER I 218 -6.14 7.26 78.05
CA SER I 218 -5.67 8.55 78.51
C SER I 218 -4.65 9.13 77.52
N GLN I 219 -4.29 10.39 77.75
CA GLN I 219 -3.32 11.12 76.92
C GLN I 219 -3.81 11.31 75.49
N CYS I 220 -5.11 11.19 75.25
CA CYS I 220 -5.72 11.36 73.93
C CYS I 220 -6.80 12.43 74.05
N THR I 221 -6.42 13.68 73.83
CA THR I 221 -7.33 14.81 74.00
C THR I 221 -8.58 14.63 73.15
N LYS I 222 -8.41 14.27 71.87
CA LYS I 222 -9.52 14.16 70.94
C LYS I 222 -9.57 12.75 70.36
N LYS I 223 -10.79 12.33 70.00
CA LYS I 223 -10.97 11.02 69.37
C LYS I 223 -10.26 10.91 68.03
N GLU I 224 -9.95 12.05 67.40
CA GLU I 224 -9.16 12.03 66.16
C GLU I 224 -7.74 11.52 66.39
N GLN I 225 -7.26 11.52 67.63
CA GLN I 225 -5.91 11.06 67.93
C GLN I 225 -5.76 9.55 67.91
N CYS I 226 -6.85 8.80 67.81
CA CYS I 226 -6.82 7.35 67.76
C CYS I 226 -7.44 6.86 66.46
N ARG I 227 -7.14 5.60 66.16
CA ARG I 227 -7.72 4.90 65.01
C ARG I 227 -8.16 3.51 65.44
N ALA I 228 -9.22 3.02 64.80
CA ALA I 228 -9.84 1.76 65.17
C ALA I 228 -10.29 1.03 63.93
N TYR I 229 -10.05 -0.28 63.90
CA TYR I 229 -10.36 -1.11 62.74
C TYR I 229 -11.30 -2.25 63.15
N ARG I 230 -12.23 -2.57 62.26
CA ARG I 230 -13.09 -3.75 62.43
C ARG I 230 -12.43 -4.94 61.75
N LEU I 231 -12.17 -5.98 62.53
CA LEU I 231 -11.60 -7.22 62.02
C LEU I 231 -12.62 -8.34 62.10
N GLN I 232 -12.81 -9.02 60.98
CA GLN I 232 -13.72 -10.17 60.90
C GLN I 232 -12.96 -11.48 60.95
N ASN I 233 -12.07 -11.71 59.99
CA ASN I 233 -11.22 -12.91 59.94
C ASN I 233 -12.06 -14.18 59.86
N ASP I 234 -13.26 -14.05 59.32
CA ASP I 234 -14.21 -15.15 59.19
C ASP I 234 -14.43 -15.57 57.75
N LYS I 235 -14.44 -14.64 56.81
CA LYS I 235 -14.80 -14.91 55.43
C LYS I 235 -13.71 -14.40 54.50
N TRP I 236 -13.74 -14.90 53.27
CA TRP I 236 -12.81 -14.49 52.22
C TRP I 236 -13.44 -13.40 51.37
N VAL I 237 -12.61 -12.66 50.63
CA VAL I 237 -13.13 -11.70 49.68
C VAL I 237 -12.39 -11.83 48.35
N TYR I 238 -13.03 -11.34 47.30
CA TYR I 238 -12.38 -11.25 45.99
C TYR I 238 -11.19 -10.31 46.09
N ASN I 239 -10.13 -10.64 45.34
CA ASN I 239 -8.92 -9.81 45.35
C ASN I 239 -9.23 -8.50 44.64
N SER I 240 -9.93 -7.63 45.37
CA SER I 240 -10.29 -6.31 44.86
C SER I 240 -9.15 -5.34 45.08
N ASP I 241 -9.04 -4.38 44.17
CA ASP I 241 -8.01 -3.34 44.24
C ASP I 241 -8.42 -2.14 45.08
N LYS I 242 -9.62 -2.14 45.65
CA LYS I 242 -10.08 -1.02 46.46
C LYS I 242 -10.16 -1.31 47.95
N LEU I 243 -10.00 -2.56 48.37
CA LEU I 243 -9.94 -2.89 49.78
C LEU I 243 -8.52 -3.29 50.16
N PRO I 244 -7.94 -2.69 51.20
CA PRO I 244 -6.57 -3.03 51.56
C PRO I 244 -6.44 -4.45 52.07
N LYS I 245 -5.27 -5.04 51.82
CA LYS I 245 -5.02 -6.43 52.19
C LYS I 245 -4.60 -6.54 53.64
N ALA I 246 -4.72 -7.76 54.18
CA ALA I 246 -4.21 -8.06 55.51
C ALA I 246 -2.73 -8.37 55.43
N ALA I 247 -1.94 -7.73 56.30
CA ALA I 247 -0.49 -7.90 56.26
C ALA I 247 -0.03 -9.18 56.92
N GLY I 248 -0.79 -9.68 57.91
CA GLY I 248 -0.35 -10.86 58.64
C GLY I 248 -0.28 -12.10 57.78
N ALA I 249 -1.32 -12.37 57.00
CA ALA I 249 -1.36 -13.55 56.16
C ALA I 249 -2.42 -13.38 55.09
N THR I 250 -2.26 -14.14 53.99
CA THR I 250 -3.18 -14.11 52.86
C THR I 250 -3.66 -15.54 52.61
N LEU I 251 -4.66 -15.97 53.37
CA LEU I 251 -5.24 -17.29 53.16
C LEU I 251 -6.12 -17.25 51.92
N LYS I 252 -5.80 -18.09 50.94
CA LYS I 252 -6.41 -17.98 49.62
C LYS I 252 -6.65 -19.36 49.05
N GLY I 253 -7.53 -19.41 48.05
CA GLY I 253 -7.87 -20.63 47.35
C GLY I 253 -8.48 -20.30 46.01
N LYS I 254 -8.83 -21.34 45.27
CA LYS I 254 -9.38 -21.20 43.92
C LYS I 254 -10.88 -21.49 43.97
N LEU I 255 -11.67 -20.58 43.41
CA LEU I 255 -13.12 -20.71 43.37
C LEU I 255 -13.61 -20.41 41.96
N HIS I 256 -14.50 -21.27 41.47
CA HIS I 256 -14.94 -21.19 40.08
C HIS I 256 -16.01 -20.12 39.90
N VAL I 257 -16.15 -19.66 38.67
CA VAL I 257 -17.01 -18.52 38.36
C VAL I 257 -18.08 -18.94 37.35
N PRO I 258 -19.28 -18.39 37.43
CA PRO I 258 -20.36 -18.79 36.51
C PRO I 258 -20.25 -18.03 35.20
N PHE I 259 -21.23 -18.28 34.33
CA PHE I 259 -21.40 -17.53 33.08
C PHE I 259 -20.18 -17.71 32.17
N LEU I 260 -19.86 -18.96 31.89
CA LEU I 260 -18.74 -19.26 31.01
C LEU I 260 -19.12 -18.98 29.55
N LEU I 261 -18.16 -18.46 28.79
CA LEU I 261 -18.36 -18.26 27.37
C LEU I 261 -18.30 -19.60 26.65
N ALA I 262 -19.31 -19.89 25.83
CA ALA I 262 -19.42 -21.18 25.19
C ALA I 262 -20.02 -21.04 23.80
N ASP I 263 -19.73 -22.03 22.95
CA ASP I 263 -20.22 -22.03 21.59
C ASP I 263 -21.73 -22.25 21.55
N GLY I 264 -22.36 -21.72 20.51
CA GLY I 264 -23.79 -21.89 20.37
C GLY I 264 -24.26 -21.52 18.97
N LYS I 265 -25.58 -21.38 18.84
CA LYS I 265 -26.22 -21.04 17.59
C LYS I 265 -26.93 -19.71 17.74
N CYS I 266 -26.90 -18.90 16.67
CA CYS I 266 -27.50 -17.58 16.67
C CYS I 266 -28.39 -17.42 15.45
N THR I 267 -29.41 -16.57 15.59
CA THR I 267 -30.30 -16.23 14.47
C THR I 267 -29.78 -14.97 13.82
N VAL I 268 -29.48 -15.04 12.52
CA VAL I 268 -28.86 -13.92 11.82
C VAL I 268 -29.72 -13.52 10.63
N PRO I 269 -29.67 -12.25 10.20
CA PRO I 269 -30.44 -11.84 9.03
C PRO I 269 -29.87 -12.45 7.76
N LEU I 270 -30.72 -12.54 6.75
CA LEU I 270 -30.32 -13.06 5.44
C LEU I 270 -30.34 -11.92 4.44
N ALA I 271 -29.19 -11.67 3.83
CA ALA I 271 -29.04 -10.57 2.88
C ALA I 271 -30.05 -10.70 1.75
N PRO I 272 -30.81 -9.64 1.43
CA PRO I 272 -31.80 -9.74 0.36
C PRO I 272 -31.17 -10.16 -0.96
N GLU I 273 -31.90 -11.00 -1.70
CA GLU I 273 -31.40 -11.54 -2.95
C GLU I 273 -31.32 -10.44 -4.00
N PRO I 274 -30.15 -10.16 -4.57
CA PRO I 274 -30.05 -9.10 -5.57
C PRO I 274 -30.58 -9.54 -6.92
N MET I 275 -30.84 -8.55 -7.77
CA MET I 275 -31.22 -8.79 -9.16
C MET I 275 -29.96 -8.94 -10.00
N ILE I 276 -29.98 -9.92 -10.90
CA ILE I 276 -28.81 -10.29 -11.69
C ILE I 276 -29.13 -10.06 -13.16
N THR I 277 -28.35 -9.20 -13.80
CA THR I 277 -28.50 -8.87 -15.21
C THR I 277 -27.28 -9.38 -15.98
N PHE I 278 -27.52 -10.03 -17.12
CA PHE I 278 -26.48 -10.72 -17.86
C PHE I 278 -25.97 -9.85 -19.00
N GLY I 279 -24.71 -10.07 -19.39
CA GLY I 279 -24.16 -9.37 -20.54
C GLY I 279 -22.87 -10.00 -21.00
N PHE I 280 -22.27 -9.37 -22.00
CA PHE I 280 -21.00 -9.81 -22.57
C PHE I 280 -19.87 -9.64 -21.55
N ARG I 281 -19.34 -10.76 -21.06
CA ARG I 281 -18.19 -10.76 -20.14
C ARG I 281 -18.44 -9.85 -18.94
N SER I 282 -19.70 -9.73 -18.52
CA SER I 282 -20.05 -8.79 -17.47
C SER I 282 -21.38 -9.20 -16.86
N VAL I 283 -21.50 -9.02 -15.55
CA VAL I 283 -22.72 -9.32 -14.81
C VAL I 283 -23.09 -8.06 -14.04
N SER I 284 -24.35 -7.65 -14.16
CA SER I 284 -24.86 -6.47 -13.49
C SER I 284 -25.66 -6.90 -12.27
N LEU I 285 -25.29 -6.37 -11.11
CA LEU I 285 -25.88 -6.77 -9.84
C LEU I 285 -26.60 -5.57 -9.23
N LYS I 286 -27.89 -5.73 -8.93
CA LYS I 286 -28.70 -4.68 -8.33
C LYS I 286 -28.85 -4.99 -6.85
N LEU I 287 -28.08 -4.29 -6.02
CA LEU I 287 -28.08 -4.51 -4.58
C LEU I 287 -29.11 -3.61 -3.91
N HIS I 288 -29.83 -4.17 -2.95
CA HIS I 288 -30.88 -3.46 -2.21
C HIS I 288 -30.87 -3.93 -0.77
N PRO I 289 -29.85 -3.54 0.00
CA PRO I 289 -29.73 -4.05 1.38
C PRO I 289 -30.78 -3.48 2.32
N LYS I 290 -31.19 -4.32 3.27
CA LYS I 290 -32.01 -3.87 4.39
C LYS I 290 -31.17 -3.21 5.49
N ASN I 291 -29.88 -3.51 5.52
CA ASN I 291 -28.96 -2.97 6.51
C ASN I 291 -27.56 -3.04 5.93
N PRO I 292 -26.57 -2.37 6.56
CA PRO I 292 -25.19 -2.47 6.06
C PRO I 292 -24.72 -3.91 5.92
N THR I 293 -24.49 -4.34 4.67
CA THR I 293 -24.13 -5.71 4.36
C THR I 293 -22.85 -5.74 3.54
N TYR I 294 -21.95 -6.65 3.90
CA TYR I 294 -20.65 -6.73 3.24
C TYR I 294 -20.80 -7.50 1.92
N LEU I 295 -20.36 -6.89 0.83
CA LEU I 295 -20.28 -7.55 -0.45
C LEU I 295 -18.84 -7.93 -0.73
N ILE I 296 -18.61 -9.21 -1.03
CA ILE I 296 -17.29 -9.73 -1.34
C ILE I 296 -17.35 -10.55 -2.63
N THR I 297 -16.38 -10.34 -3.51
CA THR I 297 -16.31 -11.04 -4.78
C THR I 297 -14.87 -11.42 -5.06
N ARG I 298 -14.70 -12.42 -5.92
CA ARG I 298 -13.37 -12.85 -6.32
C ARG I 298 -13.47 -13.61 -7.63
N GLN I 299 -12.36 -13.61 -8.37
CA GLN I 299 -12.23 -14.44 -9.55
C GLN I 299 -11.64 -15.80 -9.20
N LEU I 300 -11.83 -16.76 -10.09
CA LEU I 300 -11.29 -18.10 -9.93
C LEU I 300 -9.97 -18.27 -10.65
N ALA I 301 -9.38 -17.18 -11.13
CA ALA I 301 -8.12 -17.21 -11.86
C ALA I 301 -6.95 -17.12 -10.90
N ASP I 302 -5.74 -17.06 -11.48
CA ASP I 302 -4.54 -16.86 -10.67
C ASP I 302 -4.50 -15.47 -10.04
N GLU I 303 -5.16 -14.49 -10.66
CA GLU I 303 -5.24 -13.13 -10.16
C GLU I 303 -6.66 -12.86 -9.67
N PRO I 304 -6.94 -13.05 -8.38
CA PRO I 304 -8.32 -12.93 -7.91
C PRO I 304 -8.87 -11.51 -7.99
N HIS I 305 -8.01 -10.49 -7.93
CA HIS I 305 -8.43 -9.09 -7.91
C HIS I 305 -9.49 -8.86 -6.83
N TYR I 306 -9.24 -9.43 -5.65
CA TYR I 306 -10.23 -9.43 -4.57
C TYR I 306 -10.72 -8.02 -4.28
N THR I 307 -12.04 -7.85 -4.31
CA THR I 307 -12.67 -6.56 -4.03
C THR I 307 -13.80 -6.76 -3.02
N HIS I 308 -13.88 -5.88 -2.04
CA HIS I 308 -14.89 -5.96 -1.00
C HIS I 308 -15.33 -4.54 -0.64
N GLU I 309 -16.55 -4.45 -0.10
CA GLU I 309 -17.10 -3.16 0.28
C GLU I 309 -18.31 -3.39 1.18
N LEU I 310 -18.43 -2.57 2.22
CA LEU I 310 -19.64 -2.55 3.04
C LEU I 310 -20.61 -1.56 2.40
N ILE I 311 -21.75 -2.07 1.94
CA ILE I 311 -22.71 -1.28 1.20
C ILE I 311 -24.00 -1.21 2.01
N SER I 312 -24.45 0.00 2.32
CA SER I 312 -25.66 0.22 3.11
C SER I 312 -26.80 0.83 2.31
N GLU I 313 -26.52 1.42 1.15
CA GLU I 313 -27.52 2.07 0.33
C GLU I 313 -27.61 1.37 -1.04
N PRO I 314 -28.80 1.31 -1.62
CA PRO I 314 -28.95 0.64 -2.92
C PRO I 314 -28.03 1.23 -3.98
N ALA I 315 -27.47 0.36 -4.80
CA ALA I 315 -26.53 0.75 -5.85
C ALA I 315 -26.33 -0.43 -6.79
N VAL I 316 -26.04 -0.12 -8.05
CA VAL I 316 -25.82 -1.12 -9.08
C VAL I 316 -24.35 -1.06 -9.50
N ARG I 317 -23.66 -2.19 -9.40
CA ARG I 317 -22.25 -2.30 -9.75
C ARG I 317 -22.06 -3.40 -10.79
N ASN I 318 -21.10 -3.17 -11.69
CA ASN I 318 -20.80 -4.10 -12.76
C ASN I 318 -19.41 -4.70 -12.57
N PHE I 319 -19.32 -6.02 -12.73
CA PHE I 319 -18.07 -6.74 -12.60
C PHE I 319 -17.80 -7.52 -13.88
N THR I 320 -16.52 -7.72 -14.18
CA THR I 320 -16.12 -8.45 -15.37
C THR I 320 -15.91 -9.92 -15.03
N VAL I 321 -16.47 -10.80 -15.86
CA VAL I 321 -16.42 -12.24 -15.64
C VAL I 321 -15.77 -12.90 -16.84
N THR I 322 -14.72 -13.67 -16.59
CA THR I 322 -14.03 -14.42 -17.62
C THR I 322 -14.42 -15.90 -17.55
N GLU I 323 -14.04 -16.63 -18.60
CA GLU I 323 -14.33 -18.06 -18.64
C GLU I 323 -13.63 -18.82 -17.53
N LYS I 324 -12.57 -18.25 -16.95
CA LYS I 324 -11.88 -18.88 -15.84
C LYS I 324 -12.75 -18.97 -14.59
N GLY I 325 -13.77 -18.12 -14.47
CA GLY I 325 -14.70 -18.22 -13.36
C GLY I 325 -14.73 -17.03 -12.42
N TRP I 326 -15.90 -16.75 -11.87
CA TRP I 326 -16.11 -15.65 -10.95
C TRP I 326 -17.08 -16.08 -9.86
N GLU I 327 -16.69 -15.86 -8.61
CA GLU I 327 -17.48 -16.25 -7.45
C GLU I 327 -18.17 -15.05 -6.84
N PHE I 328 -19.38 -15.28 -6.33
CA PHE I 328 -20.21 -14.23 -5.76
C PHE I 328 -20.69 -14.65 -4.37
N VAL I 329 -20.43 -13.80 -3.38
CA VAL I 329 -20.91 -13.98 -2.02
C VAL I 329 -21.60 -12.70 -1.57
N TRP I 330 -22.83 -12.82 -1.09
CA TRP I 330 -23.64 -11.66 -0.72
C TRP I 330 -24.23 -11.89 0.68
N GLY I 331 -23.65 -11.24 1.68
CA GLY I 331 -24.12 -11.41 3.04
C GLY I 331 -24.05 -12.84 3.51
N ASN I 332 -25.14 -13.32 4.11
CA ASN I 332 -25.22 -14.69 4.60
C ASN I 332 -25.81 -15.65 3.59
N HIS I 333 -26.13 -15.19 2.39
CA HIS I 333 -26.63 -16.08 1.36
C HIS I 333 -25.52 -17.04 0.94
N PRO I 334 -25.83 -18.32 0.72
CA PRO I 334 -24.83 -19.27 0.26
C PRO I 334 -24.13 -18.77 -0.98
N PRO I 335 -22.80 -18.89 -1.04
CA PRO I 335 -22.05 -18.38 -2.21
C PRO I 335 -22.54 -18.99 -3.51
N LYS I 336 -22.62 -18.16 -4.53
CA LYS I 336 -22.99 -18.57 -5.88
C LYS I 336 -21.86 -18.21 -6.83
N ARG I 337 -21.73 -18.99 -7.89
CA ARG I 337 -20.67 -18.78 -8.87
C ARG I 337 -21.28 -18.67 -10.26
N PHE I 338 -20.69 -17.81 -11.09
CA PHE I 338 -21.12 -17.65 -12.47
C PHE I 338 -19.88 -17.57 -13.35
N TRP I 339 -19.87 -18.34 -14.43
CA TRP I 339 -18.82 -18.27 -15.44
C TRP I 339 -19.36 -17.60 -16.70
N ALA I 340 -18.46 -17.25 -17.60
CA ALA I 340 -18.83 -16.54 -18.81
C ALA I 340 -18.34 -17.31 -20.04
N GLN I 341 -19.03 -17.10 -21.15
CA GLN I 341 -18.70 -17.72 -22.42
C GLN I 341 -19.10 -16.77 -23.53
N GLU I 342 -18.60 -17.07 -24.73
CA GLU I 342 -18.80 -16.25 -25.93
C GLU I 342 -20.25 -15.77 -26.07
N THR I 343 -20.46 -14.46 -25.98
CA THR I 343 -21.80 -13.88 -26.02
C THR I 343 -22.14 -13.34 -27.40
N ALA I 344 -21.40 -12.34 -27.86
CA ALA I 344 -21.70 -11.59 -29.07
C ALA I 344 -20.56 -10.60 -29.31
N PRO I 345 -20.29 -10.20 -30.56
CA PRO I 345 -20.94 -10.58 -31.82
C PRO I 345 -20.43 -11.92 -32.35
N GLY I 346 -19.42 -12.48 -31.69
CA GLY I 346 -18.89 -13.76 -32.11
C GLY I 346 -18.00 -13.68 -33.34
N ASN I 347 -18.06 -14.74 -34.14
CA ASN I 347 -17.29 -14.81 -35.38
C ASN I 347 -18.11 -15.55 -36.43
N PRO I 348 -19.12 -14.89 -37.00
CA PRO I 348 -19.89 -15.52 -38.09
C PRO I 348 -19.12 -15.52 -39.40
N HIS I 349 -19.80 -15.92 -40.48
CA HIS I 349 -19.21 -15.86 -41.81
C HIS I 349 -19.07 -14.41 -42.25
N GLY I 350 -20.18 -13.67 -42.23
CA GLY I 350 -20.25 -12.25 -42.54
C GLY I 350 -19.33 -11.62 -43.58
N LEU I 351 -19.38 -12.09 -44.80
CA LEU I 351 -18.45 -11.62 -45.83
C LEU I 351 -18.96 -10.28 -46.36
N PRO I 352 -18.08 -9.37 -46.75
CA PRO I 352 -16.82 -9.12 -46.03
C PRO I 352 -16.97 -8.10 -44.91
N HIS I 353 -15.85 -7.69 -44.31
CA HIS I 353 -15.84 -6.74 -43.21
C HIS I 353 -16.67 -7.34 -42.08
N GLU I 354 -17.30 -6.49 -41.27
CA GLU I 354 -18.17 -6.99 -40.20
C GLU I 354 -17.40 -7.92 -39.28
N VAL I 355 -17.16 -9.14 -39.76
CA VAL I 355 -16.48 -10.17 -38.98
C VAL I 355 -15.11 -9.70 -38.47
N ILE I 356 -14.48 -8.76 -39.16
CA ILE I 356 -13.21 -8.24 -38.66
C ILE I 356 -13.41 -7.59 -37.29
N THR I 357 -14.45 -6.76 -37.17
CA THR I 357 -14.74 -6.15 -35.89
C THR I 357 -15.45 -7.12 -34.94
N HIS I 358 -16.14 -8.13 -35.47
CA HIS I 358 -16.71 -9.12 -34.58
C HIS I 358 -15.61 -9.92 -33.89
N TYR I 359 -14.56 -10.26 -34.64
CA TYR I 359 -13.43 -11.00 -34.08
C TYR I 359 -12.70 -10.17 -33.04
N TYR I 360 -12.78 -8.83 -33.14
CA TYR I 360 -12.16 -7.96 -32.15
C TYR I 360 -12.59 -8.32 -30.72
N HIS I 361 -13.87 -8.63 -30.53
CA HIS I 361 -14.37 -8.93 -29.20
C HIS I 361 -14.03 -10.35 -28.76
N ARG I 362 -13.85 -11.27 -29.69
CA ARG I 362 -13.52 -12.65 -29.35
C ARG I 362 -12.01 -12.80 -29.25
N TYR I 363 -11.56 -13.41 -28.15
CA TYR I 363 -10.14 -13.60 -27.86
C TYR I 363 -9.36 -12.29 -27.98
N PRO I 364 -9.65 -11.29 -27.13
CA PRO I 364 -8.89 -10.04 -27.17
C PRO I 364 -7.46 -10.21 -26.71
N MET I 365 -6.72 -9.11 -26.57
CA MET I 365 -5.30 -9.13 -26.21
C MET I 365 -4.49 -9.86 -27.29
N SER I 366 -4.35 -9.14 -28.41
CA SER I 366 -3.93 -9.56 -29.75
C SER I 366 -4.96 -9.09 -30.76
N THR I 367 -5.50 -10.01 -31.56
CA THR I 367 -6.49 -9.68 -32.58
C THR I 367 -5.98 -8.56 -33.50
N ILE I 368 -5.99 -7.32 -33.00
CA ILE I 368 -5.45 -6.20 -33.75
C ILE I 368 -3.99 -6.46 -34.13
N LEU I 369 -3.25 -7.14 -33.26
CA LEU I 369 -1.87 -7.50 -33.57
C LEU I 369 -1.77 -8.27 -34.89
N GLY I 370 -2.56 -9.34 -35.03
CA GLY I 370 -2.53 -10.13 -36.25
C GLY I 370 -2.95 -9.33 -37.46
N LEU I 371 -3.97 -8.47 -37.32
CA LEU I 371 -4.40 -7.64 -38.43
C LEU I 371 -3.28 -6.69 -38.87
N SER I 372 -2.59 -6.08 -37.90
CA SER I 372 -1.48 -5.19 -38.24
C SER I 372 -0.33 -5.96 -38.88
N ILE I 373 -0.08 -7.17 -38.41
CA ILE I 373 0.96 -8.01 -39.03
C ILE I 373 0.61 -8.30 -40.49
N CYS I 374 -0.66 -8.66 -40.73
CA CYS I 374 -1.10 -8.95 -42.09
C CYS I 374 -1.01 -7.69 -42.97
N ALA I 375 -1.40 -6.54 -42.41
CA ALA I 375 -1.30 -5.30 -43.17
C ALA I 375 0.14 -4.96 -43.50
N ALA I 376 1.05 -5.15 -42.55
CA ALA I 376 2.47 -4.89 -42.81
C ALA I 376 3.02 -5.82 -43.86
N ILE I 377 2.65 -7.11 -43.80
CA ILE I 377 3.09 -8.06 -44.81
C ILE I 377 2.57 -7.66 -46.19
N ALA I 378 1.29 -7.27 -46.26
CA ALA I 378 0.71 -6.83 -47.53
C ALA I 378 1.42 -5.59 -48.05
N THR I 379 1.73 -4.64 -47.17
CA THR I 379 2.45 -3.43 -47.58
C THR I 379 3.84 -3.78 -48.12
N VAL I 380 4.55 -4.67 -47.44
CA VAL I 380 5.87 -5.09 -47.92
C VAL I 380 5.75 -5.76 -49.28
N SER I 381 4.71 -6.59 -49.46
CA SER I 381 4.48 -7.25 -50.75
C SER I 381 4.23 -6.22 -51.84
N VAL I 382 3.40 -5.22 -51.56
CA VAL I 382 3.10 -4.19 -52.55
C VAL I 382 4.37 -3.41 -52.90
N ALA I 383 5.17 -3.07 -51.88
CA ALA I 383 6.41 -2.35 -52.14
C ALA I 383 7.37 -3.17 -52.99
N ALA I 384 7.49 -4.46 -52.69
CA ALA I 384 8.34 -5.34 -53.49
C ALA I 384 7.85 -5.43 -54.92
N SER I 385 6.54 -5.57 -55.11
CA SER I 385 5.98 -5.60 -56.46
C SER I 385 6.26 -4.31 -57.21
N THR I 386 6.10 -3.17 -56.54
CA THR I 386 6.40 -1.88 -57.16
C THR I 386 7.86 -1.78 -57.56
N TRP I 387 8.76 -2.20 -56.66
CA TRP I 387 10.18 -2.18 -56.98
C TRP I 387 10.51 -3.08 -58.17
N LEU I 388 9.90 -4.27 -58.21
CA LEU I 388 10.12 -5.17 -59.34
C LEU I 388 9.60 -4.55 -60.63
N PHE I 389 8.44 -3.90 -60.57
CA PHE I 389 7.90 -3.24 -61.76
C PHE I 389 8.81 -2.12 -62.23
N CYS I 390 9.34 -1.33 -61.28
CA CYS I 390 10.24 -0.25 -61.65
C CYS I 390 11.53 -0.79 -62.27
N ARG I 391 12.08 -1.86 -61.71
CA ARG I 391 13.28 -2.47 -62.29
C ARG I 391 13.00 -3.03 -63.67
N SER I 392 11.82 -3.64 -63.86
CA SER I 392 11.45 -4.14 -65.18
C SER I 392 11.30 -2.99 -66.17
N ARG I 393 10.72 -1.87 -65.73
CA ARG I 393 10.61 -0.71 -66.59
C ARG I 393 11.97 -0.15 -66.97
N VAL I 394 12.91 -0.12 -66.02
CA VAL I 394 14.27 0.33 -66.33
C VAL I 394 14.91 -0.60 -67.35
N ALA I 395 14.78 -1.92 -67.13
CA ALA I 395 15.36 -2.88 -68.04
C ALA I 395 14.74 -2.75 -69.43
N CYS I 396 13.43 -2.48 -69.50
CA CYS I 396 12.78 -2.30 -70.80
C CYS I 396 13.24 -1.02 -71.47
N LEU I 397 13.40 0.06 -70.69
CA LEU I 397 13.86 1.32 -71.24
C LEU I 397 15.32 1.25 -71.67
N THR I 398 16.07 0.27 -71.17
CA THR I 398 17.46 0.11 -71.59
C THR I 398 17.61 -0.01 -73.10
N PRO I 399 16.91 -0.91 -73.80
CA PRO I 399 16.86 -0.82 -75.27
C PRO I 399 16.07 0.37 -75.77
N TYR I 400 15.23 1.01 -74.94
CA TYR I 400 14.46 2.16 -75.36
C TYR I 400 15.23 3.47 -75.24
N ARG I 401 16.56 3.42 -75.31
CA ARG I 401 17.38 4.62 -75.20
C ARG I 401 17.36 5.24 -76.59
N LEU I 402 18.29 6.16 -76.87
CA LEU I 402 18.28 6.80 -78.18
C LEU I 402 18.32 5.79 -79.32
N THR I 403 19.27 4.85 -79.28
CA THR I 403 19.41 3.82 -80.29
C THR I 403 19.26 4.48 -81.65
N PRO I 404 20.26 5.24 -82.11
CA PRO I 404 19.99 6.27 -83.13
C PRO I 404 19.19 5.77 -84.33
N ASN I 405 17.89 6.06 -84.27
CA ASN I 405 16.97 5.91 -85.38
C ASN I 405 15.83 6.90 -85.17
N ALA I 406 15.71 7.37 -83.93
CA ALA I 406 14.59 8.18 -83.44
C ALA I 406 13.25 7.47 -83.63
N ARG I 407 13.29 6.15 -83.84
CA ARG I 407 12.09 5.34 -84.10
C ARG I 407 12.33 3.96 -83.50
N ILE I 408 11.60 3.63 -82.44
CA ILE I 408 11.66 2.29 -81.86
C ILE I 408 10.28 1.64 -81.71
N PRO I 409 9.40 1.68 -82.72
CA PRO I 409 8.10 1.00 -82.57
C PRO I 409 8.18 -0.46 -82.19
N PHE I 410 9.14 -1.21 -82.75
CA PHE I 410 9.06 -2.66 -82.72
C PHE I 410 9.44 -3.23 -81.36
N CYS I 411 10.37 -2.60 -80.65
CA CYS I 411 10.67 -3.06 -79.30
C CYS I 411 9.46 -2.91 -78.38
N LEU I 412 8.74 -1.80 -78.51
CA LEU I 412 7.54 -1.58 -77.72
C LEU I 412 6.43 -2.55 -78.14
N ALA I 413 6.33 -2.82 -79.44
CA ALA I 413 5.31 -3.75 -79.93
C ALA I 413 5.56 -5.17 -79.47
N VAL I 414 6.82 -5.57 -79.33
CA VAL I 414 7.13 -6.93 -78.91
C VAL I 414 7.07 -7.05 -77.39
N LEU I 415 7.80 -6.19 -76.67
CA LEU I 415 7.93 -6.36 -75.23
C LEU I 415 6.65 -5.95 -74.51
N CYS I 416 6.06 -4.82 -74.92
CA CYS I 416 4.83 -4.30 -74.34
C CYS I 416 4.93 -4.19 -72.81
N CYS I 417 6.06 -3.65 -72.35
CA CYS I 417 6.30 -3.54 -70.92
C CYS I 417 5.27 -2.61 -70.27
N ALA I 418 5.10 -1.42 -70.87
CA ALA I 418 4.05 -0.46 -70.51
C ALA I 418 4.16 0.75 -71.43
N ARG I 419 3.04 1.45 -71.62
CA ARG I 419 2.95 2.62 -72.50
C ARG I 419 3.76 2.40 -73.79
N THR I 420 3.36 1.37 -74.53
CA THR I 420 4.10 0.88 -75.67
C THR I 420 3.36 1.16 -76.98
N ALA I 421 3.88 0.55 -78.06
CA ALA I 421 3.63 0.93 -79.44
C ALA I 421 2.20 1.38 -79.68
N ARG I 422 2.04 2.57 -80.26
CA ARG I 422 0.70 3.09 -80.55
C ARG I 422 -0.02 2.19 -81.54
N ALA I 423 0.68 1.70 -82.55
CA ALA I 423 0.10 0.79 -83.54
C ALA I 423 0.25 -0.66 -83.07
N LYS J 1 44.24 10.97 -94.45
CA LYS J 1 42.97 10.48 -93.93
C LYS J 1 42.66 11.08 -92.56
N ARG J 2 43.64 11.00 -91.65
CA ARG J 2 43.46 11.55 -90.31
C ARG J 2 43.11 13.04 -90.38
N GLN J 3 43.71 13.77 -91.32
CA GLN J 3 43.35 15.17 -91.53
C GLN J 3 41.86 15.31 -91.83
N ARG J 4 41.36 14.50 -92.76
CA ARG J 4 39.94 14.56 -93.11
C ARG J 4 39.06 14.16 -91.94
N MET J 5 39.50 13.17 -91.16
CA MET J 5 38.74 12.76 -89.99
C MET J 5 38.63 13.88 -88.98
N VAL J 6 39.74 14.59 -88.73
CA VAL J 6 39.72 15.70 -87.80
C VAL J 6 38.85 16.84 -88.34
N MET J 7 38.93 17.09 -89.65
CA MET J 7 38.10 18.13 -90.25
C MET J 7 36.61 17.79 -90.11
N LYS J 8 36.25 16.53 -90.31
CA LYS J 8 34.85 16.13 -90.16
C LYS J 8 34.40 16.22 -88.71
N LEU J 9 35.28 15.86 -87.78
CA LEU J 9 34.92 15.96 -86.36
C LEU J 9 34.76 17.41 -85.92
N GLU J 10 35.59 18.31 -86.47
CA GLU J 10 35.48 19.72 -86.10
C GLU J 10 34.29 20.40 -86.77
N SER J 11 34.05 20.13 -88.06
CA SER J 11 32.91 20.74 -88.75
C SER J 11 31.59 20.32 -88.11
N ASP J 12 31.45 19.03 -87.84
CA ASP J 12 30.32 18.56 -87.04
C ASP J 12 30.46 19.09 -85.61
N LYS J 13 29.35 19.53 -85.04
CA LYS J 13 29.42 20.18 -83.73
C LYS J 13 29.79 19.15 -82.67
N THR J 14 31.03 19.21 -82.22
CA THR J 14 31.54 18.38 -81.13
C THR J 14 32.21 19.29 -80.12
N PHE J 15 32.03 18.98 -78.83
CA PHE J 15 32.50 19.89 -77.79
C PHE J 15 33.06 19.11 -76.61
N PRO J 16 34.28 19.41 -76.17
CA PRO J 16 34.83 18.73 -75.00
C PRO J 16 34.10 19.13 -73.74
N ILE J 17 34.27 18.30 -72.71
CA ILE J 17 33.61 18.49 -71.43
C ILE J 17 34.59 19.22 -70.51
N MET J 18 34.37 20.52 -70.32
CA MET J 18 35.27 21.37 -69.57
C MET J 18 34.89 21.37 -68.10
N LEU J 19 35.88 21.20 -67.23
CA LEU J 19 35.69 21.31 -65.79
C LEU J 19 36.90 22.00 -65.19
N GLU J 20 36.68 23.18 -64.61
CA GLU J 20 37.75 24.00 -64.02
C GLU J 20 38.87 24.29 -65.02
N GLY J 21 38.52 24.42 -66.29
CA GLY J 21 39.50 24.72 -67.32
C GLY J 21 40.25 23.52 -67.84
N LYS J 22 39.88 22.32 -67.43
CA LYS J 22 40.57 21.10 -67.83
C LYS J 22 39.66 20.26 -68.71
N ILE J 23 40.23 19.73 -69.79
CA ILE J 23 39.49 18.84 -70.68
C ILE J 23 39.48 17.45 -70.03
N ASN J 24 38.30 17.03 -69.55
CA ASN J 24 38.16 15.74 -68.90
C ASN J 24 37.48 14.70 -69.79
N GLY J 25 37.16 15.06 -71.04
CA GLY J 25 36.49 14.14 -71.91
C GLY J 25 35.95 14.88 -73.13
N TYR J 26 35.18 14.14 -73.93
CA TYR J 26 34.57 14.70 -75.12
C TYR J 26 33.15 14.17 -75.26
N ALA J 27 32.31 14.95 -75.93
CA ALA J 27 30.94 14.56 -76.20
C ALA J 27 30.58 14.99 -77.61
N CYS J 28 29.68 14.24 -78.24
CA CYS J 28 29.33 14.47 -79.63
C CYS J 28 27.84 14.21 -79.80
N VAL J 29 27.33 14.58 -80.98
CA VAL J 29 25.92 14.40 -81.32
C VAL J 29 25.85 13.43 -82.48
N VAL J 30 25.18 12.30 -82.27
CA VAL J 30 25.00 11.29 -83.30
C VAL J 30 23.51 10.96 -83.40
N GLY J 31 23.02 10.86 -84.63
CA GLY J 31 21.61 10.60 -84.85
C GLY J 31 20.68 11.68 -84.33
N GLY J 32 21.20 12.89 -84.15
CA GLY J 32 20.39 14.02 -83.73
C GLY J 32 20.10 14.11 -82.24
N LYS J 33 20.81 13.38 -81.40
CA LYS J 33 20.66 13.51 -79.96
C LYS J 33 22.03 13.39 -79.30
N LEU J 34 22.26 14.25 -78.30
CA LEU J 34 23.55 14.31 -77.63
C LEU J 34 23.73 13.12 -76.69
N PHE J 35 24.95 12.60 -76.65
CA PHE J 35 25.34 11.56 -75.71
C PHE J 35 26.55 12.03 -74.92
N ARG J 36 26.64 11.59 -73.67
CA ARG J 36 27.75 11.95 -72.82
C ARG J 36 28.09 10.81 -71.88
N PRO J 37 29.37 10.45 -71.74
CA PRO J 37 29.75 9.45 -70.75
C PRO J 37 29.45 9.92 -69.33
N MET J 38 28.72 9.09 -68.58
CA MET J 38 28.24 9.50 -67.27
C MET J 38 29.39 9.69 -66.28
N HIS J 39 30.44 8.87 -66.38
CA HIS J 39 31.54 8.97 -65.44
C HIS J 39 32.31 10.29 -65.58
N VAL J 40 32.24 10.93 -66.74
CA VAL J 40 32.92 12.21 -66.94
C VAL J 40 32.04 13.33 -66.39
N GLU J 41 32.60 14.14 -65.50
CA GLU J 41 31.90 15.27 -64.91
C GLU J 41 32.24 16.56 -65.65
N GLY J 42 31.30 17.51 -65.61
CA GLY J 42 31.45 18.80 -66.26
C GLY J 42 30.30 19.06 -67.19
N LYS J 43 30.39 20.18 -67.92
CA LYS J 43 29.36 20.63 -68.84
C LYS J 43 29.92 20.71 -70.25
N ILE J 44 29.06 20.44 -71.23
CA ILE J 44 29.46 20.52 -72.63
C ILE J 44 29.90 21.95 -72.97
N ASP J 45 30.87 22.06 -73.87
CA ASP J 45 31.38 23.35 -74.29
C ASP J 45 30.46 24.01 -75.31
N ASN J 46 29.19 24.16 -74.96
CA ASN J 46 28.20 24.79 -75.84
C ASN J 46 27.03 25.21 -74.98
N ASP J 47 26.83 26.52 -74.83
CA ASP J 47 25.75 27.02 -73.98
C ASP J 47 24.40 26.54 -74.48
N VAL J 48 24.20 26.54 -75.80
CA VAL J 48 22.91 26.12 -76.36
C VAL J 48 22.67 24.65 -76.06
N LEU J 49 23.69 23.81 -76.26
CA LEU J 49 23.56 22.40 -75.95
C LEU J 49 23.48 22.15 -74.45
N ALA J 50 24.17 22.97 -73.65
CA ALA J 50 24.13 22.80 -72.20
C ALA J 50 22.72 23.01 -71.65
N ALA J 51 21.89 23.79 -72.36
CA ALA J 51 20.51 24.00 -71.95
C ALA J 51 19.67 22.74 -72.01
N LEU J 52 20.16 21.69 -72.67
CA LEU J 52 19.39 20.46 -72.82
C LEU J 52 19.56 19.59 -71.58
N LYS J 53 18.43 19.09 -71.06
CA LYS J 53 18.46 18.21 -69.91
C LYS J 53 18.77 16.78 -70.34
N THR J 54 19.73 16.15 -69.68
CA THR J 54 20.17 14.81 -70.01
C THR J 54 19.50 13.77 -69.12
N LYS J 55 19.42 12.55 -69.63
CA LYS J 55 18.96 11.40 -68.86
C LYS J 55 20.12 10.44 -68.64
N LYS J 56 20.11 9.76 -67.50
CA LYS J 56 21.20 8.89 -67.10
C LYS J 56 20.92 7.44 -67.46
N ALA J 57 21.98 6.69 -67.73
CA ALA J 57 21.91 5.25 -67.99
C ALA J 57 23.10 4.61 -67.27
N SER J 58 22.89 4.24 -66.01
CA SER J 58 23.97 3.71 -65.19
C SER J 58 24.61 2.46 -65.81
N LYS J 59 23.79 1.58 -66.39
CA LYS J 59 24.29 0.31 -66.91
C LYS J 59 25.48 0.49 -67.83
N TYR J 60 25.45 1.50 -68.71
CA TYR J 60 26.53 1.75 -69.64
C TYR J 60 27.38 2.95 -69.25
N ASP J 61 27.07 3.61 -68.13
CA ASP J 61 27.76 4.82 -67.71
C ASP J 61 27.71 5.88 -68.80
N LEU J 62 26.53 6.05 -69.41
CA LEU J 62 26.33 6.99 -70.50
C LEU J 62 25.08 7.82 -70.23
N GLU J 63 25.07 9.03 -70.77
CA GLU J 63 23.92 9.92 -70.70
C GLU J 63 23.46 10.28 -72.11
N TYR J 64 22.20 10.72 -72.21
CA TYR J 64 21.63 11.11 -73.48
C TYR J 64 20.65 12.24 -73.26
N ALA J 65 20.36 12.98 -74.33
CA ALA J 65 19.46 14.12 -74.25
C ALA J 65 18.92 14.41 -75.65
N ASP J 66 17.77 15.06 -75.68
CA ASP J 66 17.14 15.42 -76.95
C ASP J 66 17.75 16.70 -77.51
N VAL J 67 18.04 16.69 -78.81
CA VAL J 67 18.60 17.85 -79.50
C VAL J 67 17.53 18.48 -80.37
N PRO J 68 17.40 19.81 -80.39
CA PRO J 68 16.40 20.45 -81.26
C PRO J 68 16.60 20.06 -82.72
N GLN J 69 15.49 19.86 -83.42
CA GLN J 69 15.52 19.41 -84.80
C GLN J 69 16.39 20.32 -85.67
N ASN J 70 16.27 21.64 -85.48
CA ASN J 70 17.10 22.56 -86.24
C ASN J 70 18.58 22.30 -86.00
N MET J 71 18.94 21.86 -84.80
CA MET J 71 20.31 21.46 -84.52
C MET J 71 20.57 20.00 -84.85
N ARG J 72 19.51 19.20 -85.00
CA ARG J 72 19.63 17.85 -85.54
C ARG J 72 20.01 17.85 -87.01
N ALA J 73 20.01 19.03 -87.64
CA ALA J 73 20.28 19.16 -89.06
C ALA J 73 21.57 18.47 -89.49
N ASP J 74 22.63 18.57 -88.68
CA ASP J 74 23.94 18.07 -89.06
C ASP J 74 24.55 17.37 -87.85
N THR J 75 24.41 16.04 -87.82
CA THR J 75 24.95 15.20 -86.76
C THR J 75 25.71 14.04 -87.38
N PHE J 76 26.26 13.18 -86.54
CA PHE J 76 27.00 12.03 -87.03
C PHE J 76 26.08 11.03 -87.70
N LYS J 77 26.60 10.38 -88.74
CA LYS J 77 25.87 9.34 -89.46
C LYS J 77 26.36 7.99 -88.96
N TYR J 78 25.43 7.18 -88.42
CA TYR J 78 25.79 5.86 -87.92
C TYR J 78 25.50 4.80 -88.97
N THR J 79 26.31 3.74 -88.95
CA THR J 79 26.12 2.58 -89.81
C THR J 79 26.34 1.32 -89.00
N HIS J 80 25.71 0.23 -89.45
CA HIS J 80 25.83 -1.05 -88.77
C HIS J 80 26.80 -2.00 -89.46
N GLU J 81 27.28 -1.63 -90.65
CA GLU J 81 28.23 -2.45 -91.40
C GLU J 81 29.61 -2.29 -90.78
N LYS J 82 30.01 -3.27 -89.97
CA LYS J 82 31.26 -3.23 -89.21
C LYS J 82 32.11 -4.45 -89.56
N PRO J 83 32.67 -4.49 -90.76
CA PRO J 83 33.56 -5.62 -91.11
C PRO J 83 34.91 -5.49 -90.44
N GLN J 84 35.61 -6.61 -90.38
CA GLN J 84 36.96 -6.62 -89.82
C GLN J 84 37.90 -5.81 -90.69
N GLY J 85 38.90 -5.22 -90.07
CA GLY J 85 39.84 -4.36 -90.76
C GLY J 85 40.34 -3.28 -89.82
N TYR J 86 40.58 -2.10 -90.39
CA TYR J 86 41.08 -0.95 -89.65
C TYR J 86 40.15 0.23 -89.85
N TYR J 87 39.96 1.00 -88.79
CA TYR J 87 39.16 2.22 -88.83
C TYR J 87 40.02 3.39 -88.35
N SER J 88 39.46 4.59 -88.40
CA SER J 88 40.18 5.81 -88.05
C SER J 88 39.44 6.54 -86.93
N TRP J 89 40.22 7.18 -86.05
CA TRP J 89 39.65 8.03 -85.03
C TRP J 89 40.65 9.13 -84.69
N HIS J 90 40.31 9.97 -83.71
CA HIS J 90 41.04 11.20 -83.45
C HIS J 90 42.54 10.96 -83.27
N HIS J 91 42.93 9.92 -82.55
CA HIS J 91 44.33 9.65 -82.28
C HIS J 91 44.92 8.61 -83.23
N GLY J 92 44.43 8.57 -84.47
CA GLY J 92 45.00 7.70 -85.47
C GLY J 92 44.10 6.56 -85.92
N ALA J 93 44.68 5.38 -86.09
CA ALA J 93 43.94 4.21 -86.56
C ALA J 93 43.56 3.30 -85.39
N VAL J 94 42.62 2.41 -85.67
CA VAL J 94 42.20 1.39 -84.71
C VAL J 94 42.00 0.07 -85.44
N GLN J 95 42.50 -1.01 -84.86
CA GLN J 95 42.35 -2.34 -85.44
C GLN J 95 41.11 -3.01 -84.86
N TYR J 96 40.26 -3.53 -85.74
CA TYR J 96 39.06 -4.25 -85.36
C TYR J 96 39.24 -5.72 -85.73
N GLU J 97 39.20 -6.60 -84.73
CA GLU J 97 39.43 -8.01 -84.94
C GLU J 97 38.78 -8.78 -83.80
N ASN J 98 38.14 -9.90 -84.14
CA ASN J 98 37.43 -10.75 -83.19
C ASN J 98 36.31 -10.00 -82.47
N GLY J 99 35.79 -8.94 -83.08
CA GLY J 99 34.77 -8.14 -82.46
C GLY J 99 35.27 -7.13 -81.47
N ARG J 100 36.58 -6.90 -81.39
CA ARG J 100 37.17 -5.97 -80.44
C ARG J 100 38.03 -4.95 -81.16
N PHE J 101 38.06 -3.74 -80.61
CA PHE J 101 38.89 -2.66 -81.13
C PHE J 101 40.17 -2.55 -80.30
N THR J 102 41.31 -2.45 -80.99
CA THR J 102 42.60 -2.36 -80.33
C THR J 102 43.44 -1.29 -81.03
N VAL J 103 44.24 -0.57 -80.25
CA VAL J 103 45.13 0.46 -80.80
C VAL J 103 46.51 0.26 -80.21
N PRO J 104 47.55 0.73 -80.90
CA PRO J 104 48.91 0.62 -80.36
C PRO J 104 49.07 1.29 -79.01
N LYS J 105 49.97 0.74 -78.20
CA LYS J 105 50.22 1.26 -76.86
C LYS J 105 50.66 2.71 -76.92
N GLY J 106 50.30 3.45 -75.86
CA GLY J 106 50.61 4.86 -75.79
C GLY J 106 49.60 5.76 -76.44
N VAL J 107 48.54 5.20 -77.02
CA VAL J 107 47.49 5.95 -77.68
C VAL J 107 46.24 5.87 -76.81
N GLY J 108 45.77 7.01 -76.32
CA GLY J 108 44.62 7.04 -75.46
C GLY J 108 44.99 7.09 -73.98
N ALA J 109 44.27 7.90 -73.22
CA ALA J 109 44.54 8.08 -71.80
C ALA J 109 43.33 8.74 -71.17
N LYS J 110 43.40 8.95 -69.85
CA LYS J 110 42.32 9.61 -69.13
C LYS J 110 42.00 10.96 -69.75
N GLY J 111 40.73 11.14 -70.11
CA GLY J 111 40.28 12.37 -70.75
C GLY J 111 39.89 12.22 -72.20
N ASP J 112 40.15 11.06 -72.80
CA ASP J 112 39.79 10.80 -74.19
C ASP J 112 38.41 10.18 -74.35
N SER J 113 37.72 9.88 -73.25
CA SER J 113 36.39 9.28 -73.33
C SER J 113 35.45 10.13 -74.17
N GLY J 114 34.72 9.49 -75.08
CA GLY J 114 33.76 10.15 -75.93
C GLY J 114 34.16 10.23 -77.39
N ARG J 115 35.41 9.95 -77.71
CA ARG J 115 35.86 10.00 -79.11
C ARG J 115 35.22 8.88 -79.91
N PRO J 116 34.50 9.19 -80.98
CA PRO J 116 33.88 8.14 -81.80
C PRO J 116 34.91 7.49 -82.73
N ILE J 117 34.51 6.37 -83.30
CA ILE J 117 35.31 5.63 -84.27
C ILE J 117 34.62 5.72 -85.62
N LEU J 118 35.34 6.17 -86.64
CA LEU J 118 34.79 6.42 -87.95
C LEU J 118 35.30 5.39 -88.96
N ASP J 119 34.47 5.10 -89.96
CA ASP J 119 34.84 4.20 -91.05
C ASP J 119 35.43 5.01 -92.20
N ASN J 120 35.67 4.34 -93.33
CA ASN J 120 36.24 5.02 -94.49
C ASN J 120 35.28 6.05 -95.07
N GLN J 121 33.98 5.90 -94.83
CA GLN J 121 32.98 6.85 -95.31
C GLN J 121 32.68 7.95 -94.30
N GLY J 122 33.38 7.97 -93.18
CA GLY J 122 33.12 8.96 -92.15
C GLY J 122 31.93 8.66 -91.28
N ARG J 123 31.42 7.43 -91.29
CA ARG J 123 30.30 7.05 -90.46
C ARG J 123 30.78 6.46 -89.15
N VAL J 124 30.04 6.75 -88.08
CA VAL J 124 30.41 6.27 -86.75
C VAL J 124 30.10 4.79 -86.64
N VAL J 125 31.04 4.03 -86.09
CA VAL J 125 30.83 2.60 -85.85
C VAL J 125 30.93 2.23 -84.38
N ALA J 126 31.55 3.06 -83.54
CA ALA J 126 31.69 2.77 -82.11
C ALA J 126 32.07 4.05 -81.39
N ILE J 127 31.92 4.03 -80.07
CA ILE J 127 32.28 5.15 -79.21
C ILE J 127 33.28 4.65 -78.17
N VAL J 128 34.40 5.34 -78.05
CA VAL J 128 35.45 4.93 -77.11
C VAL J 128 35.12 5.49 -75.73
N LEU J 129 35.07 4.61 -74.74
CA LEU J 129 34.78 5.01 -73.37
C LEU J 129 35.96 4.83 -72.41
N GLY J 130 36.81 3.84 -72.66
CA GLY J 130 37.94 3.61 -71.80
C GLY J 130 38.97 2.72 -72.47
N GLY J 131 39.79 2.09 -71.65
CA GLY J 131 40.81 1.19 -72.17
C GLY J 131 41.58 0.54 -71.05
N VAL J 132 42.49 -0.35 -71.44
CA VAL J 132 43.31 -1.08 -70.49
C VAL J 132 44.63 -1.42 -71.16
N ASN J 133 45.72 -1.35 -70.39
CA ASN J 133 47.03 -1.65 -70.93
C ASN J 133 47.07 -3.08 -71.45
N GLU J 134 47.50 -3.23 -72.70
CA GLU J 134 47.59 -4.52 -73.37
C GLU J 134 48.97 -4.70 -74.00
N GLY J 135 50.01 -4.49 -73.20
CA GLY J 135 51.36 -4.70 -73.69
C GLY J 135 51.73 -3.76 -74.82
N SER J 136 52.09 -4.35 -75.97
CA SER J 136 52.47 -3.56 -77.14
C SER J 136 51.33 -2.75 -77.71
N ARG J 137 50.09 -3.05 -77.32
CA ARG J 137 48.91 -2.31 -77.75
C ARG J 137 48.06 -2.02 -76.53
N THR J 138 46.90 -1.40 -76.74
CA THR J 138 45.90 -1.30 -75.69
C THR J 138 44.51 -1.55 -76.29
N ALA J 139 43.67 -2.23 -75.52
CA ALA J 139 42.32 -2.56 -75.96
C ALA J 139 41.33 -1.55 -75.40
N LEU J 140 40.52 -0.97 -76.28
CA LEU J 140 39.56 0.06 -75.88
C LEU J 140 38.23 -0.59 -75.54
N SER J 141 37.58 -0.07 -74.50
CA SER J 141 36.22 -0.47 -74.15
C SER J 141 35.25 0.41 -74.91
N VAL J 142 34.44 -0.20 -75.78
CA VAL J 142 33.60 0.53 -76.71
C VAL J 142 32.20 -0.05 -76.69
N VAL J 143 31.26 0.73 -77.24
CA VAL J 143 29.89 0.29 -77.44
C VAL J 143 29.59 0.32 -78.94
N MET J 144 28.95 -0.73 -79.43
CA MET J 144 28.60 -0.82 -80.83
C MET J 144 27.18 -1.35 -80.97
N TRP J 145 26.57 -1.10 -82.13
CA TRP J 145 25.17 -1.41 -82.35
C TRP J 145 25.02 -2.23 -83.63
N ASN J 146 24.30 -3.34 -83.53
CA ASN J 146 24.10 -4.21 -84.67
C ASN J 146 22.97 -3.69 -85.56
N GLU J 147 22.79 -4.35 -86.70
CA GLU J 147 21.73 -3.95 -87.63
C GLU J 147 20.33 -4.13 -87.04
N LYS J 148 20.21 -4.92 -85.97
CA LYS J 148 18.94 -5.08 -85.27
C LYS J 148 18.71 -4.01 -84.21
N GLY J 149 19.65 -3.11 -84.00
CA GLY J 149 19.47 -2.05 -83.02
C GLY J 149 19.74 -2.45 -81.59
N VAL J 150 20.57 -3.46 -81.35
CA VAL J 150 20.88 -3.90 -79.99
C VAL J 150 22.16 -3.22 -79.55
N THR J 151 22.09 -2.58 -78.38
CA THR J 151 23.27 -1.95 -77.78
C THR J 151 24.11 -2.98 -77.07
N VAL J 152 25.36 -3.15 -77.50
CA VAL J 152 26.28 -4.12 -76.92
C VAL J 152 27.53 -3.38 -76.48
N LYS J 153 27.90 -3.54 -75.22
CA LYS J 153 29.08 -2.91 -74.65
C LYS J 153 30.15 -3.97 -74.43
N TYR J 154 31.30 -3.80 -75.06
CA TYR J 154 32.43 -4.70 -74.90
C TYR J 154 33.42 -4.06 -73.91
N THR J 155 33.61 -4.72 -72.78
CA THR J 155 34.47 -4.20 -71.71
C THR J 155 35.51 -5.24 -71.35
N PRO J 156 36.78 -5.00 -71.63
CA PRO J 156 37.83 -5.94 -71.20
C PRO J 156 37.86 -6.07 -69.69
N GLU J 157 38.27 -7.25 -69.23
CA GLU J 157 38.39 -7.50 -67.79
C GLU J 157 39.35 -6.52 -67.15
N ASN J 158 38.89 -5.86 -66.09
CA ASN J 158 39.70 -4.89 -65.34
C ASN J 158 40.07 -3.69 -66.20
N CYS J 159 39.15 -3.29 -67.07
CA CYS J 159 39.37 -2.12 -67.91
C CYS J 159 39.35 -0.85 -67.08
N GLU J 160 40.26 0.07 -67.40
CA GLU J 160 40.37 1.35 -66.70
C GLU J 160 39.56 2.41 -67.42
N GLN J 161 38.95 3.31 -66.65
CA GLN J 161 38.20 4.44 -67.22
C GLN J 161 39.18 5.44 -67.80
N TRP J 162 39.31 5.45 -69.13
CA TRP J 162 40.21 6.38 -69.80
C TRP J 162 39.42 7.53 -70.42
N TYR K 1 37.52 49.16 36.48
CA TYR K 1 37.54 48.74 35.08
C TYR K 1 36.14 48.32 34.63
N GLU K 2 35.78 48.73 33.41
CA GLU K 2 34.50 48.36 32.82
C GLU K 2 34.72 47.19 31.87
N HIS K 3 34.25 46.02 32.25
CA HIS K 3 34.36 44.82 31.43
C HIS K 3 33.10 44.65 30.60
N ALA K 4 33.26 44.49 29.28
CA ALA K 4 32.16 44.32 28.36
C ALA K 4 32.15 42.89 27.82
N THR K 5 30.97 42.30 27.75
CA THR K 5 30.81 40.95 27.23
C THR K 5 29.40 40.79 26.68
N THR K 6 29.10 39.58 26.21
CA THR K 6 27.78 39.26 25.68
C THR K 6 27.34 37.91 26.23
N MET K 7 26.13 37.87 26.79
CA MET K 7 25.57 36.65 27.33
C MET K 7 24.41 36.19 26.45
N PRO K 8 24.48 35.01 25.84
CA PRO K 8 23.33 34.52 25.06
C PRO K 8 22.08 34.45 25.92
N SER K 9 20.94 34.79 25.31
CA SER K 9 19.67 34.87 26.02
C SER K 9 19.10 33.45 26.16
N GLN K 10 19.53 32.74 27.19
CA GLN K 10 18.99 31.43 27.51
C GLN K 10 19.12 31.20 29.00
N ALA K 11 18.00 31.04 29.68
CA ALA K 11 18.01 30.86 31.12
C ALA K 11 18.43 29.44 31.49
N GLY K 12 19.04 29.31 32.67
CA GLY K 12 19.49 28.03 33.16
C GLY K 12 20.86 27.62 32.69
N ILE K 13 21.52 28.42 31.87
CA ILE K 13 22.84 28.08 31.32
C ILE K 13 23.87 28.93 32.04
N SER K 14 24.87 28.27 32.63
CA SER K 14 25.95 28.96 33.32
C SER K 14 26.98 29.47 32.33
N TYR K 15 27.25 30.78 32.38
CA TYR K 15 28.26 31.41 31.54
C TYR K 15 29.35 31.97 32.44
N ASN K 16 30.57 31.46 32.28
CA ASN K 16 31.69 31.84 33.12
C ASN K 16 32.70 32.63 32.31
N THR K 17 33.27 33.66 32.95
CA THR K 17 34.31 34.47 32.33
C THR K 17 35.21 35.03 33.43
N ILE K 18 36.44 35.37 33.05
CA ILE K 18 37.41 35.93 33.96
C ILE K 18 37.87 37.27 33.43
N VAL K 19 38.03 38.24 34.32
CA VAL K 19 38.52 39.56 33.99
C VAL K 19 40.00 39.62 34.38
N ASN K 20 40.87 39.75 33.39
CA ASN K 20 42.30 39.84 33.60
C ASN K 20 42.69 41.26 33.18
N ARG K 21 42.85 42.13 34.17
CA ARG K 21 43.07 43.55 33.95
C ARG K 21 44.48 43.89 34.41
N ALA K 22 45.35 44.24 33.46
CA ALA K 22 46.71 44.70 33.72
C ALA K 22 47.45 43.62 34.51
N GLY K 23 48.01 43.93 35.68
CA GLY K 23 48.82 43.00 36.44
C GLY K 23 48.13 42.29 37.57
N TYR K 24 46.80 42.33 37.64
CA TYR K 24 46.06 41.62 38.66
C TYR K 24 45.63 40.26 38.16
N ALA K 25 45.56 39.30 39.08
CA ALA K 25 45.25 37.93 38.70
C ALA K 25 43.81 37.85 38.18
N PRO K 26 43.51 36.87 37.32
CA PRO K 26 42.16 36.75 36.77
C PRO K 26 41.11 36.64 37.87
N LEU K 27 40.14 37.55 37.82
CA LEU K 27 39.03 37.55 38.77
C LEU K 27 37.90 36.70 38.21
N PRO K 28 37.59 35.56 38.81
CA PRO K 28 36.52 34.72 38.26
C PRO K 28 35.14 35.35 38.47
N ILE K 29 34.37 35.42 37.40
CA ILE K 29 32.99 35.91 37.44
C ILE K 29 32.10 34.84 36.83
N SER K 30 31.14 34.35 37.63
CA SER K 30 30.23 33.30 37.21
C SER K 30 28.81 33.86 37.25
N ILE K 31 28.14 33.86 36.10
CA ILE K 31 26.79 34.39 35.98
C ILE K 31 25.90 33.31 35.38
N THR K 32 24.83 32.97 36.07
CA THR K 32 23.85 32.00 35.57
C THR K 32 22.47 32.62 35.56
N PRO K 33 21.93 32.97 34.39
CA PRO K 33 20.54 33.45 34.33
C PRO K 33 19.56 32.32 34.61
N THR K 34 18.64 32.56 35.54
CA THR K 34 17.69 31.53 35.96
C THR K 34 16.29 31.73 35.39
N LYS K 35 15.92 32.94 35.02
CA LYS K 35 14.59 33.20 34.48
C LYS K 35 14.59 34.55 33.79
N ILE K 36 13.99 34.61 32.61
CA ILE K 36 13.90 35.83 31.81
C ILE K 36 12.43 36.08 31.50
N LYS K 37 11.90 37.18 32.02
CA LYS K 37 10.48 37.52 31.86
C LYS K 37 10.34 38.67 30.86
N LEU K 38 9.59 38.41 29.78
CA LEU K 38 9.24 39.44 28.81
C LEU K 38 7.82 39.90 29.13
N ILE K 39 7.69 41.15 29.56
CA ILE K 39 6.40 41.67 30.01
C ILE K 39 5.95 42.81 29.10
N PRO K 40 4.87 42.64 28.34
CA PRO K 40 4.38 43.72 27.50
C PRO K 40 3.61 44.77 28.28
N THR K 41 3.45 45.92 27.65
CA THR K 41 2.57 46.97 28.17
C THR K 41 1.16 46.70 27.67
N VAL K 42 0.24 46.44 28.60
CA VAL K 42 -1.06 45.86 28.30
C VAL K 42 -2.15 46.85 28.69
N ASN K 43 -3.09 47.09 27.78
CA ASN K 43 -4.21 47.97 28.01
C ASN K 43 -5.51 47.22 27.75
N LEU K 44 -6.45 47.29 28.69
CA LEU K 44 -7.75 46.66 28.51
C LEU K 44 -8.61 47.44 27.54
N GLU K 45 -9.15 46.76 26.53
CA GLU K 45 -10.08 47.36 25.59
C GLU K 45 -11.54 47.13 25.97
N TYR K 46 -11.93 45.87 26.17
CA TYR K 46 -13.29 45.53 26.56
C TYR K 46 -13.32 44.05 26.93
N VAL K 47 -14.45 43.61 27.48
CA VAL K 47 -14.66 42.22 27.84
C VAL K 47 -15.87 41.70 27.08
N THR K 48 -15.93 40.38 26.95
CA THR K 48 -17.01 39.72 26.23
C THR K 48 -17.29 38.37 26.87
N CYS K 49 -18.51 37.89 26.71
CA CYS K 49 -18.97 36.65 27.34
C CYS K 49 -20.30 36.27 26.73
N HIS K 50 -20.82 35.12 27.14
CA HIS K 50 -22.15 34.70 26.73
C HIS K 50 -23.20 35.61 27.35
N TYR K 51 -24.41 35.57 26.79
CA TYR K 51 -25.44 36.54 27.13
C TYR K 51 -26.77 35.84 27.32
N LYS K 52 -27.72 36.57 27.89
CA LYS K 52 -29.08 36.11 28.09
C LYS K 52 -30.04 37.12 27.49
N THR K 53 -31.07 36.63 26.81
CA THR K 53 -32.05 37.50 26.16
C THR K 53 -33.13 37.86 27.17
N GLY K 54 -33.04 39.07 27.74
CA GLY K 54 -34.05 39.54 28.66
C GLY K 54 -35.37 39.77 27.93
N MET K 55 -36.44 39.14 28.39
CA MET K 55 -37.73 39.22 27.75
C MET K 55 -38.75 39.73 28.76
N ASP K 56 -39.42 40.83 28.41
CA ASP K 56 -40.40 41.41 29.31
C ASP K 56 -41.73 40.68 29.20
N SER K 57 -42.59 40.90 30.20
CA SER K 57 -43.90 40.29 30.20
C SER K 57 -44.78 40.90 29.12
N PRO K 58 -45.56 40.08 28.41
CA PRO K 58 -46.43 40.62 27.35
C PRO K 58 -47.41 41.65 27.89
N ALA K 59 -47.50 42.77 27.18
CA ALA K 59 -48.49 43.81 27.48
C ALA K 59 -49.72 43.54 26.63
N ILE K 60 -50.69 42.82 27.22
CA ILE K 60 -51.89 42.40 26.51
C ILE K 60 -53.03 43.33 26.91
N LYS K 61 -53.56 44.05 25.93
CA LYS K 61 -54.73 44.91 26.12
C LYS K 61 -55.93 44.24 25.49
N CYS K 62 -56.93 43.91 26.31
CA CYS K 62 -58.14 43.23 25.84
C CYS K 62 -59.15 44.25 25.34
N CYS K 63 -59.67 44.03 24.13
CA CYS K 63 -60.69 44.89 23.53
C CYS K 63 -60.20 46.34 23.44
N GLY K 64 -58.98 46.50 22.96
CA GLY K 64 -58.40 47.83 22.87
C GLY K 64 -57.08 47.80 22.12
N SER K 65 -56.33 48.89 22.25
CA SER K 65 -55.08 49.03 21.54
C SER K 65 -54.05 49.73 22.42
N GLN K 66 -52.83 49.22 22.41
CA GLN K 66 -51.71 49.82 23.11
C GLN K 66 -50.89 50.71 22.16
N GLU K 67 -50.07 51.57 22.77
CA GLU K 67 -49.14 52.41 22.03
C GLU K 67 -47.73 52.10 22.52
N CYS K 68 -46.81 51.92 21.59
CA CYS K 68 -45.43 51.59 21.94
C CYS K 68 -44.66 52.85 22.31
N THR K 69 -43.68 52.69 23.19
CA THR K 69 -42.86 53.78 23.67
C THR K 69 -41.39 53.42 23.58
N PRO K 70 -40.51 54.41 23.43
CA PRO K 70 -39.07 54.12 23.40
C PRO K 70 -38.61 53.49 24.70
N THR K 71 -37.72 52.51 24.58
CA THR K 71 -37.09 51.86 25.72
C THR K 71 -35.59 51.87 25.52
N TYR K 72 -34.86 52.24 26.57
CA TYR K 72 -33.40 52.43 26.47
C TYR K 72 -32.71 51.22 27.08
N ARG K 73 -32.62 50.17 26.27
CA ARG K 73 -31.92 48.94 26.62
C ARG K 73 -31.03 48.51 25.47
N PRO K 74 -29.93 47.82 25.75
CA PRO K 74 -29.07 47.35 24.66
C PRO K 74 -29.81 46.40 23.73
N ASP K 75 -29.72 46.68 22.43
CA ASP K 75 -30.39 45.90 21.39
C ASP K 75 -31.87 45.67 21.73
N GLU K 76 -32.53 46.75 22.17
CA GLU K 76 -33.92 46.67 22.60
C GLU K 76 -34.83 46.66 21.38
N GLN K 77 -35.70 45.64 21.31
CA GLN K 77 -36.69 45.53 20.25
C GLN K 77 -38.08 45.46 20.86
N CYS K 78 -39.03 46.11 20.19
CA CYS K 78 -40.42 46.13 20.65
C CYS K 78 -41.33 46.22 19.43
N LYS K 79 -42.40 45.44 19.44
CA LYS K 79 -43.31 45.38 18.30
C LYS K 79 -44.72 45.11 18.80
N VAL K 80 -45.69 45.67 18.10
CA VAL K 80 -47.11 45.54 18.43
C VAL K 80 -47.72 44.49 17.53
N PHE K 81 -48.51 43.59 18.12
CA PHE K 81 -49.19 42.54 17.37
C PHE K 81 -50.68 42.61 17.65
N THR K 82 -51.48 42.51 16.59
CA THR K 82 -52.93 42.63 16.67
C THR K 82 -53.56 41.31 16.22
N GLY K 83 -54.82 41.13 16.61
CA GLY K 83 -55.55 39.92 16.25
C GLY K 83 -55.18 38.71 17.07
N VAL K 84 -55.06 38.87 18.39
CA VAL K 84 -54.64 37.80 19.28
C VAL K 84 -55.76 37.54 20.28
N TYR K 85 -55.93 36.28 20.66
CA TYR K 85 -56.94 35.86 21.64
C TYR K 85 -56.24 34.95 22.64
N PRO K 86 -55.53 35.54 23.60
CA PRO K 86 -54.69 34.74 24.50
C PRO K 86 -55.50 33.83 25.41
N PHE K 87 -54.93 32.67 25.69
CA PHE K 87 -55.52 31.70 26.62
C PHE K 87 -54.60 31.52 27.82
N MET K 88 -55.21 31.24 28.96
CA MET K 88 -54.50 30.92 30.19
C MET K 88 -55.05 29.62 30.76
N TRP K 89 -54.39 29.13 31.82
CA TRP K 89 -54.86 27.93 32.51
C TRP K 89 -56.30 28.09 33.00
N GLY K 90 -56.70 29.32 33.31
CA GLY K 90 -58.03 29.60 33.81
C GLY K 90 -59.07 29.91 32.76
N GLY K 91 -58.76 29.75 31.48
CA GLY K 91 -59.69 30.03 30.40
C GLY K 91 -59.20 31.15 29.50
N ALA K 92 -60.05 31.47 28.53
CA ALA K 92 -59.72 32.53 27.57
C ALA K 92 -59.47 33.85 28.29
N TYR K 93 -58.31 34.45 28.02
CA TYR K 93 -57.93 35.68 28.71
C TYR K 93 -58.83 36.84 28.29
N CYS K 94 -58.99 37.05 26.98
CA CYS K 94 -59.73 38.18 26.45
C CYS K 94 -61.00 37.70 25.77
N PHE K 95 -62.12 38.38 26.04
CA PHE K 95 -63.37 38.05 25.38
C PHE K 95 -63.30 38.35 23.88
N CYS K 96 -62.88 39.57 23.53
CA CYS K 96 -62.96 40.00 22.13
C CYS K 96 -62.05 39.16 21.24
N ASP K 97 -62.52 38.92 20.02
CA ASP K 97 -61.74 38.19 19.03
C ASP K 97 -60.95 39.13 18.11
N THR K 98 -61.43 40.35 17.92
CA THR K 98 -60.75 41.38 17.15
C THR K 98 -60.50 42.58 18.05
N GLU K 99 -59.80 43.58 17.50
CA GLU K 99 -59.44 44.80 18.23
C GLU K 99 -58.68 44.46 19.50
N ASN K 100 -57.85 43.43 19.45
CA ASN K 100 -57.01 43.02 20.57
C ASN K 100 -55.55 43.31 20.25
N THR K 101 -54.80 43.74 21.26
CA THR K 101 -53.41 44.13 21.10
C THR K 101 -52.54 43.39 22.09
N GLN K 102 -51.47 42.77 21.59
CA GLN K 102 -50.48 42.08 22.41
C GLN K 102 -49.12 42.65 22.05
N VAL K 103 -48.52 43.39 22.98
CA VAL K 103 -47.21 44.00 22.77
C VAL K 103 -46.14 43.11 23.37
N SER K 104 -45.15 42.75 22.55
CA SER K 104 -44.03 41.93 22.98
C SER K 104 -42.76 42.79 22.99
N LYS K 105 -42.01 42.72 24.08
CA LYS K 105 -40.78 43.49 24.25
C LYS K 105 -39.68 42.59 24.76
N ALA K 106 -38.48 42.73 24.18
CA ALA K 106 -37.34 41.93 24.57
C ALA K 106 -36.07 42.76 24.43
N TYR K 107 -35.04 42.35 25.17
CA TYR K 107 -33.76 43.04 25.17
C TYR K 107 -32.65 42.05 25.49
N VAL K 108 -31.42 42.45 25.23
CA VAL K 108 -30.25 41.62 25.45
C VAL K 108 -29.51 42.14 26.68
N MET K 109 -29.16 41.23 27.60
CA MET K 109 -28.45 41.59 28.81
C MET K 109 -27.35 40.56 29.07
N LYS K 110 -26.35 40.99 29.83
CA LYS K 110 -25.23 40.11 30.15
C LYS K 110 -25.68 38.93 31.00
N SER K 111 -25.04 37.79 30.79
CA SER K 111 -25.33 36.60 31.58
C SER K 111 -24.82 36.76 33.01
N ASP K 112 -25.55 36.15 33.95
CA ASP K 112 -25.15 36.21 35.35
C ASP K 112 -23.85 35.47 35.62
N ASP K 113 -23.44 34.55 34.74
CA ASP K 113 -22.18 33.85 34.89
C ASP K 113 -20.99 34.66 34.35
N CYS K 114 -21.26 35.75 33.64
CA CYS K 114 -20.19 36.50 32.98
C CYS K 114 -19.15 37.00 33.97
N LEU K 115 -19.54 37.29 35.21
CA LEU K 115 -18.61 37.84 36.19
C LEU K 115 -17.38 36.95 36.36
N ALA K 116 -17.57 35.64 36.40
CA ALA K 116 -16.44 34.72 36.57
C ALA K 116 -15.91 34.21 35.25
N ASP K 117 -16.78 33.91 34.29
CA ASP K 117 -16.39 33.31 33.02
C ASP K 117 -16.55 34.38 31.94
N HIS K 118 -15.44 34.99 31.56
CA HIS K 118 -15.43 36.02 30.53
C HIS K 118 -14.06 36.08 29.90
N ALA K 119 -14.02 36.60 28.67
CA ALA K 119 -12.78 36.86 27.97
C ALA K 119 -12.48 38.36 28.02
N GLU K 120 -11.19 38.68 28.09
CA GLU K 120 -10.73 40.07 28.16
C GLU K 120 -9.84 40.36 26.96
N ALA K 121 -10.24 41.34 26.17
CA ALA K 121 -9.51 41.72 24.96
C ALA K 121 -8.54 42.85 25.29
N TYR K 122 -7.25 42.61 25.06
CA TYR K 122 -6.22 43.58 25.36
C TYR K 122 -5.49 43.97 24.09
N LYS K 123 -4.88 45.15 24.12
CA LYS K 123 -3.91 45.58 23.11
C LYS K 123 -2.57 45.80 23.78
N ALA K 124 -1.52 45.24 23.20
CA ALA K 124 -0.18 45.30 23.80
C ALA K 124 0.81 45.90 22.81
N HIS K 125 1.79 46.61 23.37
CA HIS K 125 2.84 47.23 22.57
C HIS K 125 4.01 47.56 23.50
N THR K 126 5.14 47.89 22.89
CA THR K 126 6.34 48.37 23.59
C THR K 126 6.63 47.52 24.83
N ALA K 127 7.06 46.30 24.57
CA ALA K 127 7.30 45.33 25.63
C ALA K 127 8.69 45.50 26.21
N SER K 128 8.80 45.25 27.52
CA SER K 128 10.06 45.32 28.24
C SER K 128 10.34 43.96 28.88
N VAL K 129 11.62 43.64 29.00
CA VAL K 129 12.06 42.34 29.49
C VAL K 129 12.71 42.52 30.85
N GLN K 130 12.30 41.70 31.81
CA GLN K 130 12.89 41.66 33.14
C GLN K 130 13.52 40.30 33.37
N ALA K 131 14.79 40.30 33.75
CA ALA K 131 15.57 39.08 33.88
C ALA K 131 16.03 38.87 35.32
N PHE K 132 16.18 37.60 35.70
CA PHE K 132 16.66 37.20 37.02
C PHE K 132 17.99 36.50 36.85
N LEU K 133 19.08 37.22 37.11
CA LEU K 133 20.44 36.70 36.92
C LEU K 133 21.06 36.38 38.28
N ASN K 134 21.64 35.19 38.38
CA ASN K 134 22.49 34.84 39.52
C ASN K 134 23.93 35.20 39.15
N ILE K 135 24.45 36.26 39.77
CA ILE K 135 25.75 36.82 39.43
C ILE K 135 26.67 36.66 40.63
N THR K 136 27.80 35.99 40.43
CA THR K 136 28.83 35.83 41.46
C THR K 136 30.11 36.46 40.97
N VAL K 137 30.55 37.53 41.64
CA VAL K 137 31.75 38.27 41.27
C VAL K 137 32.70 38.20 42.46
N GLY K 138 33.74 37.37 42.34
CA GLY K 138 34.73 37.23 43.40
C GLY K 138 34.17 36.69 44.70
N GLU K 139 33.49 35.54 44.62
CA GLU K 139 32.92 34.87 45.81
C GLU K 139 31.89 35.77 46.50
N HIS K 140 31.09 36.47 45.71
CA HIS K 140 29.98 37.28 46.19
C HIS K 140 28.72 36.81 45.50
N SER K 141 28.06 35.80 46.07
CA SER K 141 26.87 35.23 45.48
C SER K 141 25.65 36.05 45.87
N ILE K 142 24.91 36.54 44.87
CA ILE K 142 23.73 37.35 45.09
C ILE K 142 22.62 36.88 44.16
N VAL K 143 21.39 37.25 44.50
CA VAL K 143 20.22 37.02 43.66
C VAL K 143 19.77 38.37 43.12
N THR K 144 19.97 38.59 41.83
CA THR K 144 19.75 39.89 41.21
C THR K 144 18.47 39.88 40.38
N THR K 145 17.59 40.83 40.67
CA THR K 145 16.42 41.11 39.84
C THR K 145 16.65 42.45 39.16
N VAL K 146 16.84 42.42 37.85
CA VAL K 146 17.24 43.61 37.11
C VAL K 146 16.63 43.57 35.72
N TYR K 147 16.25 44.73 35.21
CA TYR K 147 15.71 44.85 33.86
C TYR K 147 16.82 44.71 32.83
N VAL K 148 16.44 44.53 31.57
CA VAL K 148 17.40 44.37 30.50
C VAL K 148 17.67 45.73 29.88
N ASN K 149 17.25 46.79 30.55
CA ASN K 149 17.51 48.14 30.09
C ASN K 149 18.82 48.63 30.67
N GLY K 150 19.70 49.12 29.81
CA GLY K 150 21.00 49.57 30.27
C GLY K 150 21.00 50.90 30.98
N GLU K 151 19.85 51.57 31.05
CA GLU K 151 19.76 52.83 31.77
C GLU K 151 19.87 52.63 33.27
N THR K 152 19.36 51.52 33.79
CA THR K 152 19.21 51.30 35.23
C THR K 152 20.11 50.14 35.69
N PRO K 153 21.31 50.43 36.16
CA PRO K 153 22.16 49.38 36.73
C PRO K 153 21.75 49.05 38.17
N VAL K 154 22.28 47.94 38.65
CA VAL K 154 22.14 47.53 40.04
C VAL K 154 23.53 47.33 40.63
N ASN K 155 23.74 47.87 41.84
CA ASN K 155 25.06 47.89 42.48
C ASN K 155 24.99 47.06 43.75
N PHE K 156 25.74 45.96 43.76
CA PHE K 156 25.87 45.11 44.94
C PHE K 156 27.35 44.94 45.27
N ASN K 157 27.72 45.23 46.51
CA ASN K 157 29.09 45.11 46.99
C ASN K 157 30.06 45.93 46.15
N GLY K 158 29.61 47.08 45.66
CA GLY K 158 30.46 47.97 44.89
C GLY K 158 30.54 47.68 43.41
N VAL K 159 29.90 46.61 42.94
CA VAL K 159 29.95 46.21 41.54
C VAL K 159 28.69 46.75 40.85
N LYS K 160 28.88 47.67 39.92
CA LYS K 160 27.77 48.25 39.16
C LYS K 160 27.61 47.45 37.86
N ILE K 161 26.50 46.72 37.75
CA ILE K 161 26.26 45.82 36.64
C ILE K 161 25.21 46.45 35.73
N THR K 162 25.54 46.64 34.46
CA THR K 162 24.62 47.15 33.45
C THR K 162 24.21 46.01 32.52
N ALA K 163 22.91 45.80 32.38
CA ALA K 163 22.36 44.73 31.57
C ALA K 163 21.61 45.30 30.38
N GLY K 164 21.94 44.82 29.18
CA GLY K 164 21.25 45.20 27.98
C GLY K 164 21.83 46.45 27.33
N PRO K 165 21.05 47.09 26.44
CA PRO K 165 19.70 46.72 26.00
C PRO K 165 19.65 45.45 25.14
N LEU K 166 18.58 44.68 25.27
CA LEU K 166 18.39 43.48 24.47
C LEU K 166 18.51 43.79 22.99
N SER K 167 19.27 42.96 22.26
CA SER K 167 19.55 43.23 20.87
C SER K 167 18.40 42.85 19.94
N THR K 168 17.46 42.04 20.41
CA THR K 168 16.33 41.59 19.60
C THR K 168 15.06 42.29 20.07
N ALA K 169 14.39 42.96 19.15
CA ALA K 169 13.15 43.66 19.47
C ALA K 169 11.91 42.81 19.28
N TRP K 170 12.06 41.61 18.70
CA TRP K 170 10.91 40.74 18.47
C TRP K 170 10.25 40.34 19.78
N THR K 171 8.93 40.30 19.77
CA THR K 171 8.14 39.84 20.89
C THR K 171 7.14 38.79 20.42
N PRO K 172 6.79 37.82 21.26
CA PRO K 172 5.83 36.79 20.86
C PRO K 172 4.39 37.28 20.82
N PHE K 173 4.08 38.38 21.49
CA PHE K 173 2.71 38.87 21.57
C PHE K 173 2.41 39.78 20.39
N ASP K 174 1.21 39.63 19.84
CA ASP K 174 0.74 40.45 18.74
C ASP K 174 0.05 41.71 19.28
N ARG K 175 -0.38 42.57 18.35
CA ARG K 175 -1.06 43.80 18.73
C ARG K 175 -2.31 43.50 19.55
N LYS K 176 -3.10 42.52 19.13
CA LYS K 176 -4.33 42.15 19.82
C LYS K 176 -4.13 40.86 20.60
N ILE K 177 -4.61 40.85 21.84
CA ILE K 177 -4.50 39.71 22.74
C ILE K 177 -5.85 39.43 23.39
N VAL K 178 -6.23 38.16 23.44
CA VAL K 178 -7.46 37.71 24.11
C VAL K 178 -7.06 36.71 25.18
N GLN K 179 -7.44 37.00 26.42
CA GLN K 179 -7.13 36.14 27.57
C GLN K 179 -8.42 35.48 28.03
N TYR K 180 -8.58 34.19 27.71
CA TYR K 180 -9.75 33.42 28.10
C TYR K 180 -9.33 32.46 29.21
N ALA K 181 -9.63 32.82 30.46
CA ALA K 181 -9.45 31.94 31.61
C ALA K 181 -8.05 31.34 31.67
N GLY K 182 -7.05 32.19 31.43
CA GLY K 182 -5.66 31.76 31.45
C GLY K 182 -5.15 31.25 30.13
N GLU K 183 -6.00 31.11 29.12
CA GLU K 183 -5.60 30.69 27.78
C GLU K 183 -5.52 31.94 26.91
N ILE K 184 -4.31 32.32 26.53
CA ILE K 184 -4.05 33.54 25.76
C ILE K 184 -3.95 33.19 24.29
N TYR K 185 -4.69 33.92 23.46
CA TYR K 185 -4.77 33.64 22.04
C TYR K 185 -4.39 34.87 21.24
N ASN K 186 -3.74 34.64 20.09
CA ASN K 186 -3.50 35.70 19.11
C ASN K 186 -4.71 35.76 18.20
N TYR K 187 -5.62 36.69 18.47
CA TYR K 187 -6.88 36.77 17.75
C TYR K 187 -7.19 38.23 17.42
N ASP K 188 -7.51 38.49 16.16
CA ASP K 188 -7.88 39.82 15.69
C ASP K 188 -9.34 40.08 16.07
N PHE K 189 -9.55 40.35 17.35
CA PHE K 189 -10.91 40.61 17.84
C PHE K 189 -11.41 41.96 17.28
N PRO K 190 -12.72 42.10 17.13
CA PRO K 190 -13.25 43.36 16.59
C PRO K 190 -13.16 44.49 17.62
N GLU K 191 -13.12 45.71 17.08
CA GLU K 191 -13.02 46.90 17.91
C GLU K 191 -14.34 47.17 18.63
N TYR K 192 -14.23 47.92 19.73
CA TYR K 192 -15.40 48.24 20.55
C TYR K 192 -16.46 48.94 19.74
N GLY K 193 -17.66 48.34 19.70
CA GLY K 193 -18.76 48.89 18.93
C GLY K 193 -18.92 48.33 17.54
N ALA K 194 -17.99 47.48 17.08
CA ALA K 194 -18.06 46.89 15.76
C ALA K 194 -18.46 45.42 15.80
N GLY K 195 -18.97 44.93 16.92
CA GLY K 195 -19.29 43.52 17.03
C GLY K 195 -20.40 43.14 16.05
N GLN K 196 -20.28 41.93 15.49
CA GLN K 196 -21.26 41.41 14.57
C GLN K 196 -22.04 40.27 15.20
N PRO K 197 -23.27 40.03 14.76
CA PRO K 197 -24.05 38.92 15.33
C PRO K 197 -23.45 37.57 14.95
N GLY K 198 -23.36 36.68 15.94
CA GLY K 198 -22.82 35.36 15.75
C GLY K 198 -21.31 35.30 15.67
N ALA K 199 -20.62 36.39 16.00
CA ALA K 199 -19.16 36.45 15.95
C ALA K 199 -18.63 36.82 17.33
N PHE K 200 -17.38 36.43 17.58
CA PHE K 200 -16.71 36.77 18.83
C PHE K 200 -16.78 38.27 19.11
N GLY K 201 -17.34 38.63 20.25
CA GLY K 201 -17.56 40.02 20.58
C GLY K 201 -18.92 40.55 20.19
N ASP K 202 -19.92 39.68 20.06
CA ASP K 202 -21.28 40.15 19.82
C ASP K 202 -21.81 40.95 21.00
N ILE K 203 -21.44 40.57 22.22
CA ILE K 203 -21.78 41.31 23.43
C ILE K 203 -20.49 41.84 24.03
N GLN K 204 -20.35 43.16 24.09
CA GLN K 204 -19.15 43.80 24.58
C GLN K 204 -19.48 44.70 25.78
N SER K 205 -18.53 44.78 26.71
CA SER K 205 -18.64 45.65 27.87
C SER K 205 -17.29 46.31 28.11
N ARG K 206 -17.29 47.65 28.16
CA ARG K 206 -16.05 48.40 28.33
C ARG K 206 -15.24 47.87 29.52
N THR K 207 -15.89 47.72 30.68
CA THR K 207 -15.28 47.15 31.86
C THR K 207 -16.24 46.13 32.47
N VAL K 208 -15.74 45.38 33.45
CA VAL K 208 -16.56 44.37 34.10
C VAL K 208 -17.73 45.00 34.83
N SER K 209 -17.48 46.11 35.52
CA SER K 209 -18.52 46.78 36.30
C SER K 209 -19.35 47.76 35.48
N SER K 210 -18.98 48.02 34.23
CA SER K 210 -19.72 48.99 33.42
C SER K 210 -21.14 48.52 33.17
N SER K 211 -22.11 49.38 33.45
CA SER K 211 -23.51 49.03 33.22
C SER K 211 -23.85 49.15 31.74
N ASP K 212 -23.36 50.17 31.06
CA ASP K 212 -23.56 50.30 29.63
C ASP K 212 -22.78 49.23 28.89
N LEU K 213 -23.37 48.68 27.84
CA LEU K 213 -22.74 47.64 27.05
C LEU K 213 -23.25 47.71 25.62
N TYR K 214 -22.45 47.17 24.70
CA TYR K 214 -22.81 47.11 23.30
C TYR K 214 -23.34 45.73 22.98
N ALA K 215 -24.46 45.67 22.25
CA ALA K 215 -25.10 44.42 21.90
C ALA K 215 -25.52 44.45 20.44
N ASN K 216 -25.11 43.41 19.70
CA ASN K 216 -25.53 43.25 18.31
C ASN K 216 -25.81 41.75 18.11
N THR K 217 -27.05 41.36 18.38
CA THR K 217 -27.46 39.97 18.31
C THR K 217 -28.41 39.68 17.15
N ASN K 218 -28.82 40.72 16.40
CA ASN K 218 -29.83 40.60 15.36
C ASN K 218 -31.15 40.07 15.94
N LEU K 219 -31.58 40.70 17.04
CA LEU K 219 -32.82 40.29 17.69
C LEU K 219 -34.01 40.74 16.85
N VAL K 220 -34.85 39.77 16.47
CA VAL K 220 -36.05 40.02 15.69
C VAL K 220 -37.23 39.37 16.41
N LEU K 221 -38.26 40.17 16.69
CA LEU K 221 -39.47 39.65 17.31
C LEU K 221 -40.35 39.00 16.26
N GLN K 222 -41.06 37.96 16.67
CA GLN K 222 -41.90 37.17 15.76
C GLN K 222 -43.35 37.25 16.19
N ARG K 223 -44.22 36.74 15.32
CA ARG K 223 -45.65 36.73 15.61
C ARG K 223 -45.97 35.61 16.60
N PRO K 224 -46.64 35.91 17.71
CA PRO K 224 -46.97 34.86 18.69
C PRO K 224 -48.04 33.92 18.17
N LYS K 225 -48.12 32.74 18.79
CA LYS K 225 -49.14 31.77 18.45
C LYS K 225 -50.51 32.21 18.94
N ALA K 226 -51.53 31.97 18.12
CA ALA K 226 -52.88 32.31 18.51
C ALA K 226 -53.33 31.41 19.66
N GLY K 227 -53.80 32.04 20.73
CA GLY K 227 -54.23 31.30 21.91
C GLY K 227 -53.14 30.93 22.87
N ALA K 228 -51.91 31.39 22.63
CA ALA K 228 -50.78 31.08 23.50
C ALA K 228 -50.09 32.37 23.91
N ILE K 229 -49.83 32.52 25.20
CA ILE K 229 -49.11 33.67 25.73
C ILE K 229 -47.64 33.31 25.86
N HIS K 230 -46.81 34.00 25.10
CA HIS K 230 -45.37 33.79 25.06
C HIS K 230 -44.75 34.92 24.26
N VAL K 231 -43.44 35.10 24.43
CA VAL K 231 -42.73 36.14 23.71
C VAL K 231 -41.81 35.47 22.69
N PRO K 232 -42.23 35.38 21.43
CA PRO K 232 -41.35 34.81 20.40
C PRO K 232 -40.24 35.78 20.04
N TYR K 233 -39.11 35.21 19.61
CA TYR K 233 -37.94 36.03 19.33
C TYR K 233 -37.02 35.27 18.39
N THR K 234 -36.11 36.02 17.77
CA THR K 234 -35.06 35.47 16.92
C THR K 234 -33.73 36.09 17.33
N GLN K 235 -32.70 35.27 17.45
CA GLN K 235 -31.39 35.78 17.82
C GLN K 235 -30.30 34.91 17.22
N ALA K 236 -29.14 35.53 17.00
CA ALA K 236 -27.97 34.79 16.54
C ALA K 236 -27.42 33.96 17.69
N PRO K 237 -26.88 32.77 17.41
CA PRO K 237 -26.24 31.98 18.47
C PRO K 237 -25.13 32.77 19.13
N SER K 238 -24.94 32.51 20.43
CA SER K 238 -23.90 33.19 21.20
C SER K 238 -22.55 33.05 20.51
N GLY K 239 -21.99 34.17 20.07
CA GLY K 239 -20.69 34.14 19.43
C GLY K 239 -19.58 33.72 20.37
N PHE K 240 -19.75 33.95 21.67
CA PHE K 240 -18.78 33.47 22.65
C PHE K 240 -18.64 31.95 22.57
N GLU K 241 -19.76 31.23 22.55
CA GLU K 241 -19.71 29.78 22.44
C GLU K 241 -19.06 29.33 21.14
N GLN K 242 -19.43 29.96 20.02
CA GLN K 242 -18.86 29.59 18.74
C GLN K 242 -17.34 29.78 18.75
N TRP K 243 -16.88 30.92 19.25
CA TRP K 243 -15.44 31.15 19.35
C TRP K 243 -14.78 30.12 20.27
N LYS K 244 -15.40 29.85 21.42
CA LYS K 244 -14.88 28.82 22.32
C LYS K 244 -14.74 27.47 21.62
N LYS K 245 -15.63 27.17 20.69
CA LYS K 245 -15.53 25.92 19.95
C LYS K 245 -14.43 25.98 18.89
N ASP K 246 -14.26 27.13 18.26
CA ASP K 246 -13.24 27.32 17.22
C ASP K 246 -12.06 28.13 17.71
N LYS K 247 -11.81 28.11 19.02
CA LYS K 247 -10.78 28.96 19.63
C LYS K 247 -9.37 28.68 19.11
N ALA K 248 -9.13 27.49 18.53
CA ALA K 248 -7.82 27.11 17.98
C ALA K 248 -6.80 26.98 19.10
N PRO K 249 -5.65 26.35 18.84
CA PRO K 249 -4.63 26.22 19.89
C PRO K 249 -4.16 27.58 20.40
N SER K 250 -3.76 27.61 21.67
CA SER K 250 -3.44 28.86 22.32
C SER K 250 -2.06 29.36 21.91
N LEU K 251 -1.82 30.65 22.15
CA LEU K 251 -0.52 31.22 21.87
C LEU K 251 0.58 30.51 22.64
N LYS K 252 0.30 30.13 23.89
CA LYS K 252 1.27 29.42 24.71
C LYS K 252 1.82 28.20 24.00
N PHE K 253 0.98 27.49 23.25
CA PHE K 253 1.41 26.29 22.54
C PHE K 253 2.04 26.62 21.19
N THR K 254 1.72 27.78 20.62
CA THR K 254 2.19 28.14 19.29
C THR K 254 3.35 29.12 19.28
N ALA K 255 3.67 29.71 20.43
CA ALA K 255 4.70 30.75 20.47
C ALA K 255 6.06 30.15 20.08
N PRO K 256 6.79 30.79 19.17
CA PRO K 256 8.10 30.26 18.77
C PRO K 256 9.16 30.49 19.83
N PHE K 257 10.34 29.94 19.56
CA PHE K 257 11.50 30.04 20.44
C PHE K 257 11.27 29.38 21.80
N GLY K 258 10.32 28.46 21.88
CA GLY K 258 10.02 27.82 23.15
C GLY K 258 9.50 28.77 24.20
N CYS K 259 8.93 29.90 23.78
CA CYS K 259 8.45 30.89 24.73
C CYS K 259 7.26 30.35 25.50
N GLU K 260 7.32 30.46 26.83
CA GLU K 260 6.25 30.03 27.70
C GLU K 260 5.44 31.24 28.15
N ILE K 261 4.12 31.12 28.11
CA ILE K 261 3.22 32.22 28.39
C ILE K 261 2.52 31.97 29.71
N TYR K 262 2.54 32.97 30.60
CA TYR K 262 1.88 32.87 31.89
C TYR K 262 0.97 34.08 32.08
N THR K 263 -0.08 33.89 32.87
CA THR K 263 -1.13 34.88 32.99
C THR K 263 -1.04 35.62 34.33
N ASN K 264 -2.08 36.43 34.60
CA ASN K 264 -2.29 37.30 35.75
C ASN K 264 -1.30 38.47 35.69
N PRO K 265 0.01 38.33 36.05
CA PRO K 265 0.92 39.36 35.51
C PRO K 265 1.42 38.96 34.13
N ILE K 266 0.62 39.27 33.11
CA ILE K 266 0.85 38.85 31.72
C ILE K 266 2.32 39.02 31.35
N ARG K 267 2.95 37.92 30.95
CA ARG K 267 4.40 37.90 30.80
C ARG K 267 4.80 36.70 29.95
N ALA K 268 5.97 36.80 29.34
CA ALA K 268 6.57 35.71 28.58
C ALA K 268 7.87 35.31 29.24
N GLU K 269 8.12 33.99 29.32
CA GLU K 269 9.29 33.48 30.01
C GLU K 269 10.03 32.48 29.13
N ASN K 270 11.34 32.39 29.37
CA ASN K 270 12.21 31.38 28.75
C ASN K 270 12.19 31.48 27.23
N CYS K 271 12.15 32.71 26.72
CA CYS K 271 12.15 32.93 25.28
C CYS K 271 13.60 32.92 24.81
N ALA K 272 14.01 31.83 24.17
CA ALA K 272 15.41 31.62 23.80
C ALA K 272 15.64 32.23 22.42
N VAL K 273 15.85 33.55 22.42
CA VAL K 273 16.16 34.28 21.20
C VAL K 273 17.09 35.44 21.53
N GLY K 274 18.13 35.61 20.74
CA GLY K 274 18.96 36.79 20.83
C GLY K 274 20.07 36.65 21.85
N SER K 275 20.58 37.82 22.26
CA SER K 275 21.62 37.91 23.27
C SER K 275 21.50 39.26 23.96
N ILE K 276 22.18 39.39 25.10
CA ILE K 276 22.10 40.59 25.92
C ILE K 276 23.51 41.08 26.26
N PRO K 277 23.87 42.32 25.92
CA PRO K 277 25.18 42.83 26.33
C PRO K 277 25.21 43.14 27.82
N LEU K 278 26.40 43.03 28.41
CA LEU K 278 26.59 43.27 29.83
C LEU K 278 27.81 44.17 30.04
N ALA K 279 27.69 45.09 30.99
CA ALA K 279 28.77 45.99 31.36
C ALA K 279 28.97 45.92 32.86
N PHE K 280 30.22 45.77 33.29
CA PHE K 280 30.56 45.54 34.69
C PHE K 280 31.55 46.60 35.14
N ASP K 281 31.05 47.63 35.83
CA ASP K 281 31.90 48.67 36.40
C ASP K 281 32.36 48.17 37.77
N ILE K 282 33.57 47.64 37.83
CA ILE K 282 34.12 47.03 39.04
C ILE K 282 35.27 47.91 39.52
N PRO K 283 35.29 48.30 40.79
CA PRO K 283 36.40 49.13 41.29
C PRO K 283 37.69 48.33 41.35
N ASP K 284 38.80 49.05 41.18
CA ASP K 284 40.12 48.42 41.27
C ASP K 284 40.40 47.85 42.65
N ALA K 285 39.72 48.35 43.69
CA ALA K 285 39.92 47.84 45.04
C ALA K 285 39.65 46.35 45.15
N LEU K 286 38.78 45.81 44.29
CA LEU K 286 38.44 44.40 44.35
C LEU K 286 39.44 43.50 43.64
N PHE K 287 40.36 44.07 42.87
CA PHE K 287 41.37 43.28 42.18
C PHE K 287 42.46 42.84 43.15
N THR K 288 42.99 41.64 42.92
CA THR K 288 44.03 41.06 43.75
C THR K 288 45.34 40.96 42.97
N ARG K 289 46.43 41.38 43.60
CA ARG K 289 47.74 41.34 42.96
C ARG K 289 48.24 39.90 42.82
N VAL K 290 49.00 39.66 41.75
CA VAL K 290 49.53 38.33 41.48
C VAL K 290 50.42 37.84 42.61
N SER K 291 51.11 38.76 43.29
CA SER K 291 52.01 38.37 44.38
C SER K 291 51.27 37.73 45.54
N GLU K 292 49.96 37.95 45.66
CA GLU K 292 49.15 37.30 46.68
C GLU K 292 48.63 35.95 46.23
N THR K 293 48.64 35.67 44.94
CA THR K 293 48.17 34.42 44.37
C THR K 293 49.32 33.47 44.13
N PRO K 294 49.06 32.16 44.08
CA PRO K 294 50.14 31.20 43.81
C PRO K 294 50.68 31.33 42.40
N THR K 295 51.96 31.02 42.25
CA THR K 295 52.63 31.04 40.96
C THR K 295 52.77 29.61 40.44
N LEU K 296 52.31 29.39 39.21
CA LEU K 296 52.23 28.06 38.63
C LEU K 296 53.39 27.80 37.68
N SER K 297 53.97 26.61 37.77
CA SER K 297 55.00 26.17 36.86
C SER K 297 54.84 24.67 36.62
N ALA K 298 55.66 24.13 35.73
CA ALA K 298 55.67 22.71 35.40
C ALA K 298 54.27 22.23 35.01
N ALA K 299 53.62 22.99 34.14
CA ALA K 299 52.27 22.69 33.71
C ALA K 299 52.30 21.82 32.45
N GLU K 300 51.40 20.84 32.41
CA GLU K 300 51.31 19.92 31.28
C GLU K 300 49.86 19.51 31.11
N CYS K 301 49.29 19.80 29.94
CA CYS K 301 47.89 19.53 29.67
C CYS K 301 47.78 18.24 28.84
N THR K 302 47.05 17.26 29.36
CA THR K 302 46.80 16.01 28.67
C THR K 302 45.31 15.73 28.64
N LEU K 303 44.86 15.09 27.57
CA LEU K 303 43.46 14.73 27.39
C LEU K 303 43.30 13.24 27.65
N ASN K 304 42.79 12.90 28.84
CA ASN K 304 42.59 11.48 29.17
C ASN K 304 41.44 10.89 28.37
N GLU K 305 40.36 11.66 28.20
CA GLU K 305 39.19 11.20 27.46
C GLU K 305 38.39 12.44 27.07
N CYS K 306 37.63 12.31 25.98
CA CYS K 306 36.81 13.40 25.49
C CYS K 306 35.63 12.83 24.72
N VAL K 307 34.43 13.22 25.11
CA VAL K 307 33.21 12.85 24.42
C VAL K 307 32.50 14.13 24.03
N TYR K 308 32.39 14.39 22.72
CA TYR K 308 31.61 15.52 22.25
C TYR K 308 30.14 15.13 22.39
N SER K 309 29.48 15.62 23.44
CA SER K 309 28.11 15.21 23.70
C SER K 309 27.42 16.26 24.56
N SER K 310 26.24 15.90 25.06
CA SER K 310 25.43 16.82 25.86
C SER K 310 26.19 17.34 27.07
N ASP K 311 26.75 16.43 27.87
CA ASP K 311 27.36 16.79 29.13
C ASP K 311 28.85 17.10 28.92
N PHE K 312 29.56 17.34 30.01
CA PHE K 312 30.98 17.64 29.94
C PHE K 312 31.78 16.38 29.63
N GLY K 313 31.71 15.91 28.38
CA GLY K 313 32.36 14.67 28.05
C GLY K 313 33.86 14.77 27.86
N GLY K 314 34.40 15.99 27.79
CA GLY K 314 35.85 16.15 27.80
C GLY K 314 36.38 16.10 29.22
N ILE K 315 37.47 15.36 29.40
CA ILE K 315 38.09 15.16 30.70
C ILE K 315 39.58 15.42 30.54
N ALA K 316 40.01 16.63 30.87
CA ALA K 316 41.42 17.00 30.78
C ALA K 316 42.06 16.99 32.16
N THR K 317 43.26 16.43 32.24
CA THR K 317 44.03 16.39 33.48
C THR K 317 45.33 17.15 33.27
N VAL K 318 45.62 18.09 34.16
CA VAL K 318 46.80 18.95 34.04
C VAL K 318 47.65 18.76 35.28
N LYS K 319 48.90 18.35 35.08
CA LYS K 319 49.88 18.31 36.15
C LYS K 319 50.49 19.69 36.33
N TYR K 320 50.73 20.07 37.59
CA TYR K 320 51.20 21.40 37.89
C TYR K 320 52.08 21.38 39.13
N SER K 321 52.87 22.44 39.27
CA SER K 321 53.63 22.70 40.50
C SER K 321 53.30 24.12 40.95
N ALA K 322 52.66 24.25 42.10
CA ALA K 322 52.17 25.53 42.60
C ALA K 322 53.03 25.99 43.77
N SER K 323 53.39 27.28 43.74
CA SER K 323 54.17 27.85 44.84
C SER K 323 53.35 27.91 46.14
N LYS K 324 52.03 28.07 46.03
CA LYS K 324 51.16 28.13 47.19
C LYS K 324 49.88 27.36 46.89
N SER K 325 49.19 26.96 47.96
CA SER K 325 47.89 26.34 47.82
C SER K 325 46.81 27.41 47.59
N GLY K 326 45.69 26.97 47.03
CA GLY K 326 44.58 27.87 46.77
C GLY K 326 43.87 27.58 45.48
N LYS K 327 42.87 28.38 45.15
CA LYS K 327 42.07 28.21 43.94
C LYS K 327 42.60 29.10 42.83
N CYS K 328 42.57 28.59 41.60
CA CYS K 328 42.95 29.34 40.41
C CYS K 328 41.76 29.44 39.48
N ALA K 329 41.57 30.62 38.90
CA ALA K 329 40.55 30.79 37.87
C ALA K 329 41.00 30.11 36.58
N VAL K 330 40.04 29.51 35.88
CA VAL K 330 40.32 28.79 34.64
C VAL K 330 39.38 29.33 33.56
N HIS K 331 39.90 29.44 32.34
CA HIS K 331 39.14 29.95 31.21
C HIS K 331 39.86 29.60 29.92
N VAL K 332 39.10 29.25 28.90
CA VAL K 332 39.62 29.07 27.54
C VAL K 332 39.35 30.37 26.77
N PRO K 333 40.39 31.07 26.30
CA PRO K 333 40.15 32.32 25.57
C PRO K 333 39.24 32.16 24.36
N SER K 334 39.36 31.06 23.64
CA SER K 334 38.53 30.81 22.47
C SER K 334 37.22 30.14 22.88
N GLY K 335 36.14 30.50 22.20
CA GLY K 335 34.85 29.92 22.48
C GLY K 335 34.68 28.49 22.00
N THR K 336 35.67 27.93 21.31
CA THR K 336 35.58 26.55 20.84
C THR K 336 35.34 25.59 21.99
N ALA K 337 36.05 25.77 23.10
CA ALA K 337 35.91 24.94 24.29
C ALA K 337 35.39 25.77 25.44
N THR K 338 34.54 25.17 26.28
CA THR K 338 34.02 25.81 27.47
C THR K 338 34.24 24.91 28.67
N LEU K 339 34.63 25.51 29.79
CA LEU K 339 34.99 24.76 30.98
C LEU K 339 33.81 24.63 31.93
N LYS K 340 33.80 23.54 32.69
CA LYS K 340 32.71 23.29 33.63
C LYS K 340 32.78 24.25 34.81
N GLU K 341 33.91 24.29 35.50
CA GLU K 341 34.07 25.12 36.69
C GLU K 341 34.78 26.42 36.33
N ALA K 342 34.46 27.48 37.07
CA ALA K 342 35.14 28.75 36.90
C ALA K 342 36.48 28.80 37.61
N ALA K 343 36.63 28.05 38.70
CA ALA K 343 37.89 28.00 39.43
C ALA K 343 38.06 26.62 40.02
N VAL K 344 39.33 26.20 40.13
CA VAL K 344 39.69 24.87 40.61
C VAL K 344 40.66 25.04 41.79
N GLU K 345 40.39 24.31 42.87
CA GLU K 345 41.28 24.34 44.03
C GLU K 345 42.51 23.50 43.71
N LEU K 346 43.69 24.12 43.72
CA LEU K 346 44.92 23.45 43.33
C LEU K 346 45.75 23.09 44.55
N THR K 347 46.43 21.95 44.45
CA THR K 347 47.36 21.49 45.48
C THR K 347 48.72 22.16 45.26
N GLU K 348 49.76 21.59 45.86
CA GLU K 348 51.10 22.17 45.76
C GLU K 348 51.83 21.66 44.53
N GLN K 349 52.06 20.35 44.45
CA GLN K 349 52.76 19.74 43.33
C GLN K 349 52.01 18.51 42.82
N GLY K 350 50.69 18.61 42.72
CA GLY K 350 49.86 17.51 42.28
C GLY K 350 49.39 17.66 40.85
N SER K 351 48.20 17.16 40.58
CA SER K 351 47.58 17.28 39.27
C SER K 351 46.09 17.58 39.44
N ALA K 352 45.55 18.35 38.50
CA ALA K 352 44.16 18.77 38.53
C ALA K 352 43.42 18.21 37.33
N THR K 353 42.17 17.84 37.54
CA THR K 353 41.30 17.34 36.49
C THR K 353 40.14 18.31 36.33
N ILE K 354 39.85 18.70 35.09
CA ILE K 354 38.79 19.65 34.79
C ILE K 354 37.92 19.09 33.66
N HIS K 355 36.62 19.22 33.81
CA HIS K 355 35.68 18.81 32.77
C HIS K 355 35.41 19.95 31.81
N PHE K 356 35.17 19.60 30.56
CA PHE K 356 34.89 20.58 29.52
C PHE K 356 34.08 19.91 28.42
N SER K 357 33.71 20.71 27.41
CA SER K 357 33.08 20.19 26.20
C SER K 357 33.35 21.17 25.07
N THR K 358 33.66 20.64 23.89
CA THR K 358 34.04 21.45 22.75
C THR K 358 33.32 20.96 21.50
N ALA K 359 32.92 21.92 20.66
CA ALA K 359 32.26 21.58 19.40
C ALA K 359 33.23 20.92 18.43
N ASN K 360 34.51 21.22 18.54
CA ASN K 360 35.52 20.74 17.59
C ASN K 360 36.02 19.38 18.04
N ILE K 361 35.77 18.35 17.22
CA ILE K 361 36.16 16.99 17.55
C ILE K 361 37.68 16.84 17.65
N HIS K 362 38.43 17.82 17.13
CA HIS K 362 39.89 17.85 17.24
C HIS K 362 40.29 19.08 18.06
N PRO K 363 40.31 18.97 19.38
CA PRO K 363 40.62 20.14 20.23
C PRO K 363 41.97 20.75 19.87
N GLU K 364 41.97 22.07 19.70
CA GLU K 364 43.21 22.84 19.57
C GLU K 364 42.95 24.21 20.18
N PHE K 365 43.30 24.36 21.45
CA PHE K 365 42.97 25.57 22.19
C PHE K 365 43.92 25.72 23.36
N ARG K 366 43.96 26.93 23.91
CA ARG K 366 44.77 27.24 25.08
C ARG K 366 43.92 27.20 26.34
N LEU K 367 44.54 26.78 27.44
CA LEU K 367 43.90 26.72 28.74
C LEU K 367 44.66 27.61 29.71
N GLN K 368 43.98 28.62 30.25
CA GLN K 368 44.58 29.54 31.21
C GLN K 368 44.23 29.11 32.62
N ILE K 369 45.25 28.99 33.47
CA ILE K 369 45.08 28.71 34.90
C ILE K 369 45.90 29.74 35.66
N CYS K 370 45.21 30.54 36.49
CA CYS K 370 45.79 31.74 37.12
C CYS K 370 46.48 32.56 36.01
N THR K 371 47.71 33.04 36.23
CA THR K 371 48.37 33.91 35.27
C THR K 371 49.04 33.16 34.14
N SER K 372 49.21 31.85 34.26
CA SER K 372 49.86 31.05 33.23
C SER K 372 48.80 30.39 32.34
N TYR K 373 49.24 29.94 31.17
CA TYR K 373 48.38 29.23 30.26
C TYR K 373 49.20 28.24 29.44
N VAL K 374 48.55 27.16 29.01
CA VAL K 374 49.19 26.11 28.23
C VAL K 374 48.27 25.74 27.07
N THR K 375 48.83 25.04 26.10
CA THR K 375 48.10 24.57 24.93
C THR K 375 47.66 23.13 25.14
N CYS K 376 46.37 22.88 24.94
CA CYS K 376 45.79 21.55 25.04
C CYS K 376 45.38 21.06 23.66
N LYS K 377 45.46 19.75 23.45
CA LYS K 377 45.18 19.16 22.16
C LYS K 377 44.86 17.68 22.33
N GLY K 378 43.95 17.18 21.52
CA GLY K 378 43.54 15.80 21.63
C GLY K 378 42.64 15.39 20.49
N ASP K 379 41.94 14.27 20.69
CA ASP K 379 41.06 13.72 19.67
C ASP K 379 39.81 13.19 20.36
N CYS K 380 38.67 13.80 20.07
CA CYS K 380 37.41 13.43 20.70
C CYS K 380 36.65 12.43 19.83
N HIS K 381 35.75 11.68 20.47
CA HIS K 381 34.90 10.83 19.66
C HIS K 381 33.53 11.49 19.45
N PRO K 382 32.92 11.27 18.28
CA PRO K 382 31.55 11.78 18.04
C PRO K 382 30.57 11.34 19.12
N PRO K 383 29.40 11.98 19.19
CA PRO K 383 28.47 11.69 20.29
C PRO K 383 28.02 10.24 20.34
N LYS K 384 27.75 9.77 21.57
CA LYS K 384 27.40 8.39 21.83
C LYS K 384 25.89 8.22 22.01
N ASP K 385 25.31 8.89 23.01
CA ASP K 385 23.86 8.91 23.21
C ASP K 385 23.29 10.04 22.37
N HIS K 386 22.56 9.69 21.32
CA HIS K 386 22.24 10.64 20.27
C HIS K 386 21.02 11.50 20.54
N ILE K 387 20.18 11.15 21.50
CA ILE K 387 19.05 11.98 21.90
C ILE K 387 19.25 12.37 23.36
N VAL K 388 19.17 13.68 23.63
CA VAL K 388 19.39 14.23 24.97
C VAL K 388 18.29 15.24 25.26
N THR K 389 18.19 15.60 26.55
CA THR K 389 17.11 16.47 27.00
C THR K 389 17.32 17.92 26.58
N HIS K 390 18.39 18.55 27.07
CA HIS K 390 18.63 19.96 26.76
C HIS K 390 20.08 20.35 27.04
N PRO K 391 21.01 20.04 26.14
CA PRO K 391 22.42 20.32 26.40
C PRO K 391 22.80 21.77 26.11
N GLN K 392 24.00 22.13 26.53
CA GLN K 392 24.57 23.46 26.43
C GLN K 392 25.62 23.53 25.34
N TYR K 393 26.37 24.64 25.33
CA TYR K 393 27.57 24.82 24.51
C TYR K 393 27.37 24.41 23.06
N HIS K 394 26.39 25.05 22.42
CA HIS K 394 26.05 24.81 21.02
C HIS K 394 26.67 25.85 20.11
N ALA K 395 27.90 26.26 20.41
CA ALA K 395 28.61 27.23 19.57
C ALA K 395 28.65 26.79 18.11
N GLN K 396 29.13 25.56 17.87
CA GLN K 396 29.17 24.97 16.53
C GLN K 396 29.95 25.85 15.56
N THR K 397 31.21 26.09 15.91
CA THR K 397 32.12 26.84 15.06
C THR K 397 32.13 26.28 13.64
N PHE K 398 32.22 27.18 12.66
CA PHE K 398 32.16 26.78 11.25
C PHE K 398 33.22 25.74 10.92
N THR K 399 34.47 26.01 11.28
CA THR K 399 35.57 25.07 11.05
C THR K 399 35.71 24.09 12.22
N ALA K 400 34.63 23.39 12.55
CA ALA K 400 34.66 22.36 13.57
C ALA K 400 34.36 20.96 13.04
N ALA K 401 33.74 20.84 11.86
CA ALA K 401 33.41 19.54 11.30
C ALA K 401 34.56 18.92 10.53
N VAL K 402 35.80 19.35 10.79
CA VAL K 402 36.95 18.79 10.10
C VAL K 402 37.33 17.45 10.73
N SER K 403 38.11 16.67 9.99
CA SER K 403 38.55 15.35 10.45
C SER K 403 40.04 15.16 10.18
N LYS K 404 40.82 16.21 10.42
CA LYS K 404 42.28 16.23 10.31
C LYS K 404 42.82 15.45 9.12
N THR K 405 42.83 14.12 9.20
CA THR K 405 43.40 13.29 8.14
C THR K 405 42.59 13.43 6.85
N ALA K 406 41.30 13.13 6.90
CA ALA K 406 40.46 13.28 5.72
C ALA K 406 40.42 14.73 5.24
N TRP K 407 40.44 15.68 6.18
CA TRP K 407 40.50 17.09 5.79
C TRP K 407 41.76 17.36 4.97
N THR K 408 42.90 16.81 5.38
CA THR K 408 44.13 16.98 4.61
C THR K 408 44.03 16.28 3.26
N TRP K 409 43.38 15.11 3.23
CA TRP K 409 43.12 14.43 1.95
C TRP K 409 42.35 15.35 1.01
N LEU K 410 41.32 16.02 1.52
CA LEU K 410 40.53 16.92 0.68
C LEU K 410 41.34 18.15 0.29
N THR K 411 42.18 18.64 1.20
CA THR K 411 43.12 19.71 0.87
C THR K 411 44.01 19.31 -0.30
N SER K 412 44.43 18.04 -0.32
CA SER K 412 45.20 17.56 -1.46
C SER K 412 44.30 17.45 -2.70
N LEU K 413 43.01 17.20 -2.51
CA LEU K 413 42.09 17.16 -3.63
C LEU K 413 41.67 18.54 -4.11
N LEU K 414 41.57 19.51 -3.21
CA LEU K 414 41.26 20.89 -3.56
C LEU K 414 42.48 21.75 -3.29
N GLY K 415 43.09 22.29 -4.35
CA GLY K 415 44.31 23.06 -4.26
C GLY K 415 45.55 22.26 -4.62
N GLY K 416 45.54 20.96 -4.37
CA GLY K 416 46.62 20.11 -4.87
C GLY K 416 46.69 20.12 -6.38
N SER K 417 45.53 19.99 -7.03
CA SER K 417 45.49 20.16 -8.49
C SER K 417 45.85 21.59 -8.88
N ALA K 418 45.54 22.57 -8.02
CA ALA K 418 45.99 23.93 -8.29
C ALA K 418 47.51 24.02 -8.27
N VAL K 419 48.14 23.36 -7.30
CA VAL K 419 49.61 23.31 -7.28
C VAL K 419 50.13 22.62 -8.54
N ILE K 420 49.46 21.53 -8.96
CA ILE K 420 49.88 20.81 -10.16
C ILE K 420 49.81 21.71 -11.38
N ILE K 421 48.72 22.46 -11.52
CA ILE K 421 48.57 23.31 -12.71
C ILE K 421 49.48 24.53 -12.62
N ILE K 422 49.83 24.98 -11.42
CA ILE K 422 50.82 26.05 -11.30
C ILE K 422 52.18 25.54 -11.78
N ILE K 423 52.56 24.33 -11.36
CA ILE K 423 53.81 23.73 -11.84
C ILE K 423 53.76 23.57 -13.37
N GLY K 424 52.63 23.12 -13.90
CA GLY K 424 52.50 22.98 -15.33
C GLY K 424 52.61 24.30 -16.07
N LEU K 425 52.00 25.36 -15.51
CA LEU K 425 52.13 26.69 -16.09
C LEU K 425 53.59 27.14 -16.11
N VAL K 426 54.30 26.94 -15.01
CA VAL K 426 55.71 27.32 -14.95
C VAL K 426 56.51 26.55 -15.99
N LEU K 427 56.26 25.24 -16.12
CA LEU K 427 56.98 24.44 -17.10
C LEU K 427 56.65 24.87 -18.53
N ALA K 428 55.39 25.20 -18.80
CA ALA K 428 55.01 25.66 -20.13
C ALA K 428 55.67 26.99 -20.46
N THR K 429 55.73 27.90 -19.49
CA THR K 429 56.42 29.17 -19.69
C THR K 429 57.90 28.95 -19.96
N ILE K 430 58.52 28.03 -19.21
CA ILE K 430 59.93 27.72 -19.41
C ILE K 430 60.17 27.15 -20.81
N VAL K 431 59.29 26.25 -21.26
CA VAL K 431 59.43 25.67 -22.60
C VAL K 431 59.26 26.74 -23.67
N ALA K 432 58.28 27.62 -23.49
CA ALA K 432 58.11 28.72 -24.44
C ALA K 432 59.34 29.61 -24.50
N MET K 433 59.91 29.93 -23.34
CA MET K 433 61.12 30.75 -23.31
C MET K 433 62.29 30.03 -23.97
N TYR K 434 62.40 28.72 -23.78
CA TYR K 434 63.43 27.96 -24.46
C TYR K 434 63.25 27.99 -25.97
N VAL K 435 62.02 27.85 -26.44
CA VAL K 435 61.76 27.91 -27.88
C VAL K 435 62.12 29.29 -28.43
N LEU K 436 61.71 30.35 -27.73
CA LEU K 436 62.05 31.70 -28.17
C LEU K 436 63.57 31.90 -28.18
N THR K 437 64.26 31.40 -27.15
CA THR K 437 65.71 31.53 -27.09
C THR K 437 66.38 30.76 -28.23
N ASN K 438 65.86 29.57 -28.54
CA ASN K 438 66.44 28.79 -29.63
C ASN K 438 66.21 29.48 -30.97
N GLN K 439 65.06 30.12 -31.15
CA GLN K 439 64.79 30.80 -32.40
C GLN K 439 65.63 32.06 -32.55
N LYS K 440 65.68 32.89 -31.49
CA LYS K 440 66.45 34.13 -31.55
C LYS K 440 67.95 33.90 -31.46
N HIS K 441 68.38 32.72 -31.03
CA HIS K 441 69.81 32.45 -30.85
C HIS K 441 70.61 32.78 -32.11
N ASN K 442 70.13 32.33 -33.25
CA ASN K 442 70.80 32.67 -34.51
C ASN K 442 70.54 34.13 -34.88
N SER L 1 -31.54 30.09 59.34
CA SER L 1 -30.26 30.75 59.51
C SER L 1 -29.91 31.60 58.29
N THR L 2 -29.87 32.92 58.50
CA THR L 2 -29.46 33.90 57.49
C THR L 2 -30.52 34.04 56.40
N GLU L 3 -30.60 35.21 55.77
CA GLU L 3 -31.65 35.46 54.79
C GLU L 3 -31.50 34.58 53.55
N GLU L 4 -30.30 34.09 53.27
CA GLU L 4 -30.10 33.20 52.13
C GLU L 4 -30.91 31.92 52.30
N LEU L 5 -31.02 31.41 53.53
CA LEU L 5 -31.85 30.25 53.80
C LEU L 5 -33.28 30.63 54.16
N PHE L 6 -33.48 31.80 54.78
CA PHE L 6 -34.83 32.31 54.95
C PHE L 6 -35.50 32.53 53.60
N ASN L 7 -34.76 33.12 52.65
CA ASN L 7 -35.14 33.18 51.24
C ASN L 7 -36.26 34.18 50.98
N GLU L 8 -36.20 34.84 49.83
CA GLU L 8 -37.32 35.65 49.35
C GLU L 8 -38.50 34.81 48.93
N TYR L 9 -38.37 33.48 48.95
CA TYR L 9 -39.45 32.53 48.69
C TYR L 9 -40.77 32.95 49.32
N LYS L 10 -40.72 33.47 50.55
CA LYS L 10 -41.95 33.89 51.21
C LYS L 10 -42.65 34.99 50.42
N LEU L 11 -41.89 35.80 49.70
CA LEU L 11 -42.46 36.87 48.88
C LEU L 11 -42.85 36.40 47.49
N THR L 12 -42.20 35.38 46.95
CA THR L 12 -42.37 35.09 45.53
C THR L 12 -43.61 34.27 45.21
N ARG L 13 -43.58 32.96 45.48
CA ARG L 13 -44.63 31.97 45.19
C ARG L 13 -44.38 31.39 43.79
N PRO L 14 -44.48 30.07 43.61
CA PRO L 14 -44.31 29.49 42.27
C PRO L 14 -45.46 29.87 41.34
N TYR L 15 -45.20 29.75 40.04
CA TYR L 15 -46.15 30.11 39.00
C TYR L 15 -46.13 29.08 37.88
N MET L 16 -47.07 29.22 36.95
CA MET L 16 -47.27 28.30 35.84
C MET L 16 -46.86 28.95 34.52
N ALA L 17 -46.51 28.10 33.56
CA ALA L 17 -46.13 28.55 32.22
C ALA L 17 -46.44 27.45 31.21
N ARG L 18 -46.41 27.83 29.94
CA ARG L 18 -46.72 26.91 28.86
C ARG L 18 -45.54 26.00 28.53
N CYS L 19 -45.82 24.71 28.38
CA CYS L 19 -44.87 23.74 27.85
C CYS L 19 -45.27 23.34 26.43
N ILE L 20 -44.25 23.09 25.60
CA ILE L 20 -44.50 22.70 24.22
C ILE L 20 -45.30 21.40 24.17
N ARG L 21 -44.85 20.40 24.93
CA ARG L 21 -45.55 19.12 25.05
C ARG L 21 -45.65 18.76 26.52
N CYS L 22 -46.87 18.43 26.95
CA CYS L 22 -47.13 17.99 28.32
C CYS L 22 -47.44 16.51 28.40
N ALA L 23 -47.08 15.77 27.34
CA ALA L 23 -47.45 14.40 26.99
C ALA L 23 -48.33 14.48 25.75
N VAL L 24 -49.64 14.56 25.95
CA VAL L 24 -50.59 14.73 24.85
C VAL L 24 -50.83 16.23 24.70
N GLY L 25 -49.95 16.88 23.94
CA GLY L 25 -50.13 18.28 23.60
C GLY L 25 -49.57 19.22 24.65
N SER L 26 -49.76 20.52 24.38
CA SER L 26 -49.28 21.57 25.26
C SER L 26 -50.23 21.75 26.45
N CYS L 27 -49.76 22.51 27.44
CA CYS L 27 -50.54 22.83 28.63
C CYS L 27 -49.83 23.92 29.40
N HIS L 28 -50.57 24.54 30.32
CA HIS L 28 -50.03 25.57 31.21
C HIS L 28 -49.66 24.91 32.54
N SER L 29 -48.44 24.38 32.60
CA SER L 29 -48.02 23.63 33.78
C SER L 29 -46.91 24.38 34.53
N PRO L 30 -46.84 24.22 35.86
CA PRO L 30 -45.76 24.86 36.62
C PRO L 30 -44.39 24.24 36.37
N ILE L 31 -44.33 23.04 35.79
CA ILE L 31 -43.05 22.38 35.55
C ILE L 31 -42.20 23.09 34.51
N ALA L 32 -42.78 24.03 33.75
CA ALA L 32 -42.11 24.62 32.61
C ALA L 32 -40.73 25.16 32.98
N ILE L 33 -39.75 24.86 32.14
CA ILE L 33 -38.37 25.28 32.36
C ILE L 33 -38.14 26.58 31.60
N GLU L 34 -37.72 27.62 32.32
CA GLU L 34 -37.49 28.91 31.68
C GLU L 34 -36.18 28.93 30.91
N ALA L 35 -35.10 28.48 31.53
CA ALA L 35 -33.79 28.53 30.90
C ALA L 35 -32.90 27.46 31.49
N VAL L 36 -31.88 27.09 30.72
CA VAL L 36 -30.91 26.07 31.11
C VAL L 36 -29.51 26.60 30.82
N LYS L 37 -28.61 26.46 31.79
CA LYS L 37 -27.21 26.83 31.61
C LYS L 37 -26.36 25.57 31.69
N SER L 38 -25.32 25.51 30.86
CA SER L 38 -24.47 24.33 30.76
C SER L 38 -23.00 24.74 30.65
N ASP L 39 -22.59 25.73 31.44
CA ASP L 39 -21.22 26.22 31.39
C ASP L 39 -20.28 25.42 32.27
N GLY L 40 -20.79 24.73 33.28
CA GLY L 40 -19.92 23.97 34.17
C GLY L 40 -19.22 22.86 33.42
N HIS L 41 -17.94 22.66 33.75
CA HIS L 41 -17.14 21.65 33.06
C HIS L 41 -17.35 20.24 33.58
N ASP L 42 -17.95 20.09 34.77
CA ASP L 42 -18.11 18.77 35.38
C ASP L 42 -19.36 18.02 34.91
N GLY L 43 -20.17 18.64 34.06
CA GLY L 43 -21.36 17.98 33.54
C GLY L 43 -22.64 18.23 34.30
N TYR L 44 -22.61 19.06 35.34
CA TYR L 44 -23.83 19.37 36.08
C TYR L 44 -24.65 20.41 35.32
N VAL L 45 -25.97 20.31 35.46
CA VAL L 45 -26.90 21.20 34.76
C VAL L 45 -27.56 22.10 35.79
N ARG L 46 -27.77 23.36 35.41
CA ARG L 46 -28.50 24.33 36.22
C ARG L 46 -29.76 24.72 35.47
N LEU L 47 -30.89 24.14 35.86
CA LEU L 47 -32.17 24.41 35.23
C LEU L 47 -32.93 25.45 36.04
N GLN L 48 -33.56 26.40 35.34
CA GLN L 48 -34.46 27.37 35.95
C GLN L 48 -35.88 27.01 35.53
N THR L 49 -36.69 26.62 36.51
CA THR L 49 -38.08 26.24 36.25
C THR L 49 -39.02 27.36 36.67
N SER L 50 -40.27 27.25 36.24
CA SER L 50 -41.28 28.22 36.61
C SER L 50 -41.77 28.04 38.04
N SER L 51 -41.60 26.86 38.63
CA SER L 51 -41.99 26.63 40.01
C SER L 51 -40.81 26.86 40.95
N GLN L 52 -41.10 26.82 42.24
CA GLN L 52 -40.11 26.98 43.29
C GLN L 52 -40.20 25.83 44.27
N TYR L 53 -39.07 25.48 44.87
CA TYR L 53 -39.04 24.40 45.85
C TYR L 53 -37.87 24.59 46.80
N GLY L 54 -37.82 23.72 47.80
CA GLY L 54 -36.90 23.82 48.91
C GLY L 54 -37.53 24.32 50.19
N LEU L 55 -38.56 25.16 50.08
CA LEU L 55 -39.37 25.61 51.22
C LEU L 55 -40.83 25.24 50.97
N ASP L 56 -41.52 24.87 52.04
CA ASP L 56 -42.90 24.41 51.93
C ASP L 56 -43.86 25.60 51.90
N SER L 57 -45.16 25.32 51.93
CA SER L 57 -46.17 26.36 51.75
C SER L 57 -46.16 27.36 52.90
N SER L 58 -45.69 26.96 54.07
CA SER L 58 -45.63 27.84 55.23
C SER L 58 -44.30 28.56 55.37
N GLY L 59 -43.34 28.28 54.49
CA GLY L 59 -42.03 28.90 54.57
C GLY L 59 -41.02 28.14 55.41
N ASN L 60 -41.31 26.90 55.78
CA ASN L 60 -40.38 26.11 56.57
C ASN L 60 -39.36 25.43 55.66
N LEU L 61 -38.15 25.24 56.19
CA LEU L 61 -37.07 24.64 55.42
C LEU L 61 -37.33 23.14 55.28
N LYS L 62 -37.68 22.69 54.08
CA LYS L 62 -37.91 21.27 53.82
C LYS L 62 -37.49 20.99 52.38
N GLY L 63 -36.28 20.47 52.21
CA GLY L 63 -35.75 20.13 50.90
C GLY L 63 -36.26 18.83 50.33
N ARG L 64 -37.05 18.08 51.10
CA ARG L 64 -37.55 16.78 50.66
C ARG L 64 -38.70 16.91 49.66
N THR L 65 -39.32 18.07 49.56
CA THR L 65 -40.53 18.27 48.77
C THR L 65 -40.33 19.39 47.75
N MET L 66 -41.25 19.45 46.80
CA MET L 66 -41.25 20.48 45.77
C MET L 66 -42.65 21.05 45.62
N ARG L 67 -42.72 22.34 45.29
CA ARG L 67 -43.96 23.09 45.28
C ARG L 67 -44.32 23.50 43.87
N TYR L 68 -45.53 23.15 43.44
CA TYR L 68 -46.00 23.45 42.09
C TYR L 68 -47.41 24.00 42.15
N ASP L 69 -47.70 24.94 41.24
CA ASP L 69 -49.00 25.61 41.19
C ASP L 69 -49.93 24.76 40.33
N MET L 70 -50.85 24.04 40.97
CA MET L 70 -51.80 23.18 40.27
C MET L 70 -53.05 24.00 39.96
N HIS L 71 -53.03 24.69 38.82
CA HIS L 71 -54.16 25.51 38.37
C HIS L 71 -54.55 26.54 39.42
N GLY L 72 -55.76 26.41 39.97
CA GLY L 72 -56.26 27.38 40.92
C GLY L 72 -55.72 27.23 42.32
N THR L 73 -55.08 26.10 42.63
CA THR L 73 -54.51 25.85 43.94
C THR L 73 -53.02 25.53 43.78
N ILE L 74 -52.34 25.37 44.91
CA ILE L 74 -50.92 25.05 44.94
C ILE L 74 -50.72 23.78 45.75
N LYS L 75 -50.03 22.81 45.16
CA LYS L 75 -49.81 21.52 45.78
C LYS L 75 -48.31 21.27 45.94
N GLU L 76 -47.97 20.32 46.81
CA GLU L 76 -46.58 19.96 47.05
C GLU L 76 -46.43 18.45 47.10
N ILE L 77 -45.35 17.96 46.51
CA ILE L 77 -45.04 16.52 46.50
C ILE L 77 -43.58 16.35 46.86
N PRO L 78 -43.19 15.16 47.32
CA PRO L 78 -41.77 14.92 47.62
C PRO L 78 -40.89 15.13 46.41
N LEU L 79 -39.70 15.70 46.66
CA LEU L 79 -38.76 15.98 45.58
C LEU L 79 -38.23 14.69 44.96
N HIS L 80 -38.03 13.65 45.77
CA HIS L 80 -37.51 12.39 45.27
C HIS L 80 -38.39 11.76 44.20
N GLN L 81 -39.68 12.11 44.17
CA GLN L 81 -40.55 11.60 43.11
C GLN L 81 -40.22 12.23 41.76
N VAL L 82 -39.72 13.47 41.76
CA VAL L 82 -39.45 14.17 40.52
C VAL L 82 -38.22 13.57 39.84
N SER L 83 -38.37 13.21 38.57
CA SER L 83 -37.29 12.64 37.78
C SER L 83 -37.09 13.47 36.51
N LEU L 84 -35.89 13.38 35.95
CA LEU L 84 -35.61 14.07 34.70
C LEU L 84 -34.50 13.32 33.96
N TYR L 85 -34.46 13.51 32.64
CA TYR L 85 -33.49 12.84 31.79
C TYR L 85 -33.29 13.64 30.53
N THR L 86 -32.15 13.40 29.86
CA THR L 86 -31.90 13.93 28.54
C THR L 86 -31.75 12.79 27.53
N SER L 87 -30.69 11.99 27.66
CA SER L 87 -30.61 10.68 27.01
C SER L 87 -30.83 9.54 27.99
N ARG L 88 -30.39 9.72 29.23
CA ARG L 88 -30.51 8.74 30.30
C ARG L 88 -30.97 9.48 31.55
N PRO L 89 -31.55 8.76 32.52
CA PRO L 89 -32.04 9.44 33.73
C PRO L 89 -30.95 10.24 34.42
N CYS L 90 -31.31 11.44 34.84
CA CYS L 90 -30.39 12.32 35.56
C CYS L 90 -30.46 12.07 37.06
N HIS L 91 -29.47 12.59 37.77
CA HIS L 91 -29.40 12.54 39.22
C HIS L 91 -29.55 13.95 39.78
N ILE L 92 -30.62 14.19 40.52
CA ILE L 92 -30.82 15.50 41.15
C ILE L 92 -29.83 15.67 42.28
N VAL L 93 -29.17 16.83 42.31
CA VAL L 93 -28.10 17.08 43.28
C VAL L 93 -28.63 17.98 44.39
N ASP L 94 -29.16 19.14 44.03
CA ASP L 94 -29.65 20.10 44.99
C ASP L 94 -30.63 21.03 44.31
N GLY L 95 -31.27 21.89 45.11
CA GLY L 95 -32.20 22.86 44.57
C GLY L 95 -32.50 23.94 45.58
N HIS L 96 -32.93 25.10 45.05
CA HIS L 96 -33.25 26.25 45.89
C HIS L 96 -34.09 27.22 45.07
N GLY L 97 -35.34 27.41 45.48
CA GLY L 97 -36.22 28.31 44.77
C GLY L 97 -36.51 27.85 43.35
N TYR L 98 -36.24 28.73 42.39
CA TYR L 98 -36.52 28.44 40.99
C TYR L 98 -35.51 27.49 40.36
N PHE L 99 -34.33 27.34 40.93
CA PHE L 99 -33.21 26.73 40.24
C PHE L 99 -32.99 25.30 40.72
N LEU L 100 -32.42 24.48 39.82
CA LEU L 100 -32.25 23.05 40.06
C LEU L 100 -30.88 22.64 39.54
N LEU L 101 -30.12 21.94 40.38
CA LEU L 101 -28.80 21.45 40.02
C LEU L 101 -28.84 19.93 40.00
N ALA L 102 -28.48 19.34 38.86
CA ALA L 102 -28.58 17.89 38.69
C ALA L 102 -27.44 17.42 37.79
N ARG L 103 -27.14 16.14 37.89
CA ARG L 103 -26.13 15.50 37.04
C ARG L 103 -26.86 14.90 35.84
N CYS L 104 -26.88 15.62 34.72
CA CYS L 104 -27.45 15.05 33.52
C CYS L 104 -26.35 14.64 32.55
N PRO L 105 -26.58 13.59 31.77
CA PRO L 105 -25.65 13.23 30.70
C PRO L 105 -25.89 14.12 29.48
N ALA L 106 -25.07 13.90 28.45
CA ALA L 106 -25.24 14.62 27.20
C ALA L 106 -26.57 14.24 26.55
N GLY L 107 -27.08 15.15 25.73
CA GLY L 107 -28.33 14.92 25.05
C GLY L 107 -28.73 16.13 24.24
N ASP L 108 -29.79 15.94 23.46
CA ASP L 108 -30.30 16.98 22.57
C ASP L 108 -31.43 17.80 23.17
N SER L 109 -32.09 17.29 24.22
CA SER L 109 -33.17 18.01 24.86
C SER L 109 -33.28 17.52 26.30
N ILE L 110 -33.98 18.31 27.12
CA ILE L 110 -34.15 18.00 28.54
C ILE L 110 -35.63 17.75 28.80
N THR L 111 -35.93 16.59 29.37
CA THR L 111 -37.28 16.22 29.75
C THR L 111 -37.36 16.09 31.28
N MET L 112 -38.33 16.77 31.87
CA MET L 112 -38.57 16.73 33.31
C MET L 112 -39.98 16.23 33.56
N GLU L 113 -40.13 15.38 34.57
CA GLU L 113 -41.41 14.77 34.85
C GLU L 113 -41.55 14.49 36.33
N PHE L 114 -42.80 14.37 36.77
CA PHE L 114 -43.11 13.98 38.13
C PHE L 114 -44.48 13.33 38.15
N LYS L 115 -44.71 12.50 39.15
CA LYS L 115 -45.97 11.80 39.31
C LYS L 115 -46.93 12.63 40.14
N LYS L 116 -48.08 12.97 39.58
CA LYS L 116 -49.14 13.64 40.30
C LYS L 116 -49.99 12.59 41.02
N ASP L 117 -51.17 13.01 41.49
CA ASP L 117 -52.15 12.06 42.00
C ASP L 117 -52.91 11.36 40.88
N SER L 118 -52.48 11.56 39.64
CA SER L 118 -53.14 11.03 38.45
C SER L 118 -52.04 10.76 37.42
N VAL L 119 -52.43 10.69 36.15
CA VAL L 119 -51.49 10.43 35.07
C VAL L 119 -50.27 11.33 35.20
N ARG L 120 -49.09 10.75 35.03
CA ARG L 120 -47.85 11.47 35.24
C ARG L 120 -47.69 12.60 34.22
N HIS L 121 -47.10 13.70 34.66
CA HIS L 121 -46.91 14.88 33.84
C HIS L 121 -45.43 15.05 33.48
N SER L 122 -45.18 15.48 32.25
CA SER L 122 -43.83 15.64 31.75
C SER L 122 -43.79 16.87 30.85
N CYS L 123 -42.58 17.40 30.65
CA CYS L 123 -42.39 18.55 29.77
C CYS L 123 -40.98 18.51 29.21
N SER L 124 -40.87 18.65 27.90
CA SER L 124 -39.59 18.67 27.20
C SER L 124 -39.36 20.02 26.56
N VAL L 125 -38.14 20.53 26.70
CA VAL L 125 -37.76 21.80 26.07
C VAL L 125 -36.49 21.58 25.24
N PRO L 126 -36.41 22.19 24.05
CA PRO L 126 -35.20 22.03 23.21
C PRO L 126 -34.06 22.91 23.70
N TYR L 127 -32.94 22.28 24.06
CA TYR L 127 -31.74 23.02 24.42
C TYR L 127 -30.53 22.13 24.21
N GLU L 128 -29.51 22.66 23.56
CA GLU L 128 -28.29 21.89 23.31
C GLU L 128 -27.52 21.72 24.60
N VAL L 129 -27.34 20.46 25.02
CA VAL L 129 -26.56 20.12 26.20
C VAL L 129 -25.32 19.36 25.75
N LYS L 130 -24.14 19.95 25.99
CA LYS L 130 -22.89 19.32 25.58
C LYS L 130 -21.78 19.90 26.46
N PHE L 131 -21.39 19.14 27.48
CA PHE L 131 -20.41 19.61 28.45
C PHE L 131 -18.99 19.31 27.99
N ASN L 132 -18.13 20.32 28.08
CA ASN L 132 -16.74 20.18 27.66
C ASN L 132 -15.97 19.40 28.71
N PRO L 133 -15.38 18.25 28.38
CA PRO L 133 -14.57 17.53 29.35
C PRO L 133 -13.42 18.38 29.86
N VAL L 134 -13.08 18.20 31.14
CA VAL L 134 -12.02 18.99 31.75
C VAL L 134 -10.68 18.44 31.30
N GLY L 135 -9.85 19.30 30.75
CA GLY L 135 -8.53 18.89 30.30
C GLY L 135 -8.47 18.73 28.80
N ARG L 136 -7.28 18.33 28.34
CA ARG L 136 -7.03 18.09 26.93
C ARG L 136 -7.45 16.69 26.47
N GLU L 137 -8.08 15.91 27.34
CA GLU L 137 -8.58 14.59 27.01
C GLU L 137 -10.09 14.58 27.06
N LEU L 138 -10.71 14.15 25.97
CA LEU L 138 -12.17 14.21 25.81
C LEU L 138 -12.78 12.91 26.34
N TYR L 139 -13.26 12.93 27.57
CA TYR L 139 -13.87 11.78 28.21
C TYR L 139 -15.38 11.99 28.33
N THR L 140 -16.09 10.87 28.51
CA THR L 140 -17.53 10.92 28.73
C THR L 140 -17.86 11.00 30.22
N HIS L 141 -17.24 10.13 31.02
CA HIS L 141 -17.40 10.14 32.46
C HIS L 141 -16.04 10.31 33.13
N PRO L 142 -15.99 10.88 34.32
CA PRO L 142 -14.71 11.05 35.03
C PRO L 142 -14.07 9.70 35.33
N PRO L 143 -12.75 9.62 35.22
CA PRO L 143 -12.07 8.33 35.46
C PRO L 143 -11.99 8.01 36.95
N GLU L 144 -11.70 6.72 37.21
CA GLU L 144 -11.45 6.31 38.59
C GLU L 144 -10.23 7.01 39.17
N HIS L 145 -9.18 7.14 38.37
CA HIS L 145 -7.92 7.75 38.80
C HIS L 145 -7.46 8.78 37.78
N GLY L 146 -6.70 9.75 38.27
CA GLY L 146 -6.21 10.80 37.40
C GLY L 146 -5.47 11.87 38.19
N VAL L 147 -5.18 12.96 37.50
CA VAL L 147 -4.49 14.09 38.09
C VAL L 147 -5.49 15.20 38.34
N GLU L 148 -5.16 16.09 39.28
CA GLU L 148 -6.04 17.18 39.67
C GLU L 148 -5.70 18.42 38.85
N GLN L 149 -6.68 18.93 38.12
CA GLN L 149 -6.51 20.13 37.32
C GLN L 149 -7.61 21.14 37.65
N ALA L 150 -7.32 22.41 37.41
CA ALA L 150 -8.28 23.46 37.68
C ALA L 150 -9.43 23.42 36.68
N CYS L 151 -10.62 23.78 37.17
CA CYS L 151 -11.81 23.78 36.34
C CYS L 151 -12.80 24.78 36.90
N GLN L 152 -13.89 25.00 36.16
CA GLN L 152 -14.98 25.87 36.59
C GLN L 152 -16.26 25.07 36.59
N VAL L 153 -16.92 25.03 37.75
CA VAL L 153 -18.10 24.20 37.96
C VAL L 153 -19.15 24.97 38.74
N TYR L 154 -20.39 24.52 38.62
CA TYR L 154 -21.51 25.12 39.35
C TYR L 154 -21.47 24.66 40.80
N ALA L 155 -21.30 25.59 41.72
CA ALA L 155 -21.38 25.25 43.14
C ALA L 155 -22.83 24.96 43.52
N HIS L 156 -23.02 23.93 44.34
CA HIS L 156 -24.34 23.63 44.87
C HIS L 156 -24.70 24.48 46.08
N ASP L 157 -23.74 25.21 46.63
CA ASP L 157 -24.00 25.99 47.84
C ASP L 157 -25.02 27.08 47.55
N ALA L 158 -25.99 27.21 48.45
CA ALA L 158 -27.00 28.26 48.32
C ALA L 158 -26.44 29.65 48.57
N GLN L 159 -25.22 29.75 49.10
CA GLN L 159 -24.57 31.04 49.29
C GLN L 159 -24.55 31.82 47.99
N ASN L 160 -24.98 33.08 48.06
CA ASN L 160 -25.16 33.90 46.87
C ASN L 160 -24.77 35.33 47.18
N ARG L 161 -23.84 35.86 46.41
CA ARG L 161 -23.39 37.24 46.59
C ARG L 161 -23.39 38.03 45.29
N GLY L 162 -22.99 37.41 44.18
CA GLY L 162 -22.85 38.12 42.92
C GLY L 162 -24.11 38.32 42.12
N ALA L 163 -24.75 37.22 41.74
CA ALA L 163 -25.84 37.26 40.76
C ALA L 163 -27.19 37.49 41.43
N TYR L 164 -28.06 38.20 40.71
CA TYR L 164 -29.41 38.49 41.17
C TYR L 164 -30.29 38.74 39.95
N VAL L 165 -31.60 38.56 40.13
CA VAL L 165 -32.56 38.72 39.05
C VAL L 165 -33.70 39.61 39.52
N GLU L 166 -34.47 40.10 38.55
CA GLU L 166 -35.59 40.99 38.78
C GLU L 166 -36.89 40.20 38.85
N MET L 167 -37.67 40.43 39.91
CA MET L 167 -38.98 39.84 40.08
C MET L 167 -39.99 40.93 40.38
N HIS L 168 -41.23 40.71 39.97
CA HIS L 168 -42.24 41.76 40.04
C HIS L 168 -43.64 41.15 40.18
N LEU L 169 -44.60 42.04 40.45
CA LEU L 169 -45.99 41.63 40.63
C LEU L 169 -46.54 41.00 39.34
N PRO L 170 -47.21 39.86 39.44
CA PRO L 170 -47.85 39.28 38.24
C PRO L 170 -49.07 40.08 37.82
N GLY L 171 -49.43 39.91 36.55
CA GLY L 171 -50.62 40.55 36.00
C GLY L 171 -51.89 39.81 36.37
N SER L 172 -53.00 40.32 35.85
CA SER L 172 -54.29 39.72 36.12
C SER L 172 -54.37 38.31 35.53
N GLU L 173 -54.86 37.37 36.33
CA GLU L 173 -54.94 35.97 35.95
C GLU L 173 -56.40 35.63 35.67
N VAL L 174 -56.74 35.44 34.39
CA VAL L 174 -58.10 35.11 34.00
C VAL L 174 -58.47 33.73 34.54
N ASP L 175 -59.75 33.58 34.91
CA ASP L 175 -60.26 32.29 35.38
C ASP L 175 -61.73 32.21 35.00
N SER L 176 -62.03 31.47 33.93
CA SER L 176 -63.40 31.35 33.46
C SER L 176 -64.26 30.49 34.39
N SER L 177 -63.65 29.67 35.24
CA SER L 177 -64.42 28.86 36.17
C SER L 177 -65.11 29.69 37.24
N LEU L 178 -64.71 30.95 37.41
CA LEU L 178 -65.36 31.82 38.38
C LEU L 178 -66.80 32.15 38.02
N VAL L 179 -67.17 32.06 36.75
CA VAL L 179 -68.41 32.63 36.24
C VAL L 179 -69.32 31.53 35.74
N SER L 180 -70.61 31.63 36.07
CA SER L 180 -71.62 30.72 35.56
C SER L 180 -72.93 31.49 35.44
N LEU L 181 -73.89 30.88 34.74
CA LEU L 181 -75.23 31.44 34.59
C LEU L 181 -76.14 30.73 35.58
N SER L 182 -76.21 31.28 36.80
CA SER L 182 -77.01 30.69 37.88
C SER L 182 -78.38 30.26 37.43
N GLY L 183 -79.26 31.20 37.08
CA GLY L 183 -80.49 30.84 36.43
C GLY L 183 -80.52 31.28 34.98
N SER L 184 -80.23 32.56 34.76
CA SER L 184 -80.05 33.08 33.41
C SER L 184 -79.07 34.24 33.35
N SER L 185 -78.47 34.65 34.47
CA SER L 185 -77.61 35.82 34.51
C SER L 185 -76.21 35.45 34.97
N VAL L 186 -75.26 36.30 34.63
CA VAL L 186 -73.86 36.07 34.97
C VAL L 186 -73.68 36.19 36.48
N THR L 187 -73.16 35.12 37.08
CA THR L 187 -72.87 35.09 38.52
C THR L 187 -71.43 34.64 38.72
N VAL L 188 -70.65 35.45 39.44
CA VAL L 188 -69.22 35.22 39.60
C VAL L 188 -68.90 35.15 41.09
N THR L 189 -68.13 34.13 41.47
CA THR L 189 -67.58 34.09 42.83
C THR L 189 -66.31 34.93 42.89
N PRO L 190 -65.95 35.44 44.06
CA PRO L 190 -64.80 36.34 44.14
C PRO L 190 -63.48 35.62 43.86
N PRO L 191 -63.26 34.41 44.40
CA PRO L 191 -63.91 33.54 45.39
C PRO L 191 -63.46 33.92 46.80
N ASP L 192 -63.68 33.03 47.77
CA ASP L 192 -63.33 33.35 49.16
C ASP L 192 -61.81 33.38 49.29
N GLY L 193 -61.26 34.59 49.30
CA GLY L 193 -59.83 34.80 49.45
C GLY L 193 -59.18 35.54 48.29
N THR L 194 -59.83 35.62 47.13
CA THR L 194 -59.27 36.29 45.97
C THR L 194 -60.22 37.39 45.49
N SER L 195 -59.65 38.52 45.11
CA SER L 195 -60.42 39.62 44.54
C SER L 195 -60.76 39.33 43.09
N ALA L 196 -62.04 39.52 42.73
CA ALA L 196 -62.53 39.23 41.39
C ALA L 196 -62.59 40.51 40.56
N LEU L 197 -61.81 40.57 39.49
CA LEU L 197 -61.83 41.68 38.55
C LEU L 197 -62.63 41.27 37.34
N VAL L 198 -63.77 41.93 37.12
CA VAL L 198 -64.70 41.57 36.06
C VAL L 198 -65.01 42.81 35.24
N GLU L 199 -64.97 42.67 33.92
CA GLU L 199 -65.29 43.75 33.00
C GLU L 199 -66.00 43.15 31.80
N CYS L 200 -67.02 43.85 31.30
CA CYS L 200 -67.82 43.39 30.17
C CYS L 200 -67.62 44.29 28.96
N GLU L 201 -67.56 43.67 27.78
CA GLU L 201 -67.47 44.43 26.54
C GLU L 201 -68.81 45.02 26.14
N CYS L 202 -69.91 44.36 26.50
CA CYS L 202 -71.23 44.83 26.09
C CYS L 202 -71.65 46.01 26.95
N GLY L 203 -72.82 46.58 26.65
CA GLY L 203 -73.25 47.78 27.34
C GLY L 203 -73.65 47.54 28.78
N GLY L 204 -74.37 48.50 29.36
CA GLY L 204 -74.75 48.39 30.77
C GLY L 204 -73.57 48.72 31.66
N THR L 205 -73.27 47.82 32.58
CA THR L 205 -72.16 47.98 33.50
C THR L 205 -70.93 47.25 32.94
N LYS L 206 -69.86 47.99 32.69
CA LYS L 206 -68.65 47.42 32.12
C LYS L 206 -67.49 47.37 33.10
N ILE L 207 -67.71 47.76 34.35
CA ILE L 207 -66.66 47.75 35.37
C ILE L 207 -67.26 47.14 36.64
N SER L 208 -66.53 46.21 37.25
CA SER L 208 -66.95 45.64 38.52
C SER L 208 -65.94 45.92 39.64
N GLU L 209 -64.68 45.48 39.49
CA GLU L 209 -63.71 45.51 40.58
C GLU L 209 -64.30 44.98 41.87
N THR L 210 -65.20 44.01 41.76
CA THR L 210 -65.87 43.43 42.92
C THR L 210 -64.86 42.78 43.86
N ILE L 211 -64.74 43.33 45.06
CA ILE L 211 -63.80 42.77 46.04
C ILE L 211 -64.33 41.45 46.58
N ASN L 212 -65.53 41.49 47.18
CA ASN L 212 -66.16 40.29 47.73
C ASN L 212 -67.67 40.53 47.71
N LYS L 213 -68.32 40.07 46.64
CA LYS L 213 -69.78 40.15 46.53
C LYS L 213 -70.22 39.29 45.36
N THR L 214 -71.29 38.54 45.55
CA THR L 214 -71.91 37.74 44.49
C THR L 214 -72.90 38.63 43.74
N LYS L 215 -72.59 38.94 42.49
CA LYS L 215 -73.39 39.88 41.72
C LYS L 215 -73.99 39.18 40.50
N GLN L 216 -75.16 39.65 40.10
CA GLN L 216 -75.83 39.20 38.89
C GLN L 216 -75.72 40.27 37.81
N PHE L 217 -75.51 39.84 36.57
CA PHE L 217 -75.25 40.75 35.46
C PHE L 217 -76.29 40.51 34.37
N SER L 218 -77.13 41.52 34.13
CA SER L 218 -78.15 41.45 33.09
C SER L 218 -77.55 41.79 31.73
N GLN L 219 -78.36 41.58 30.69
CA GLN L 219 -77.98 41.85 29.29
C GLN L 219 -76.82 40.97 28.82
N CYS L 220 -76.59 39.85 29.51
CA CYS L 220 -75.52 38.90 29.16
C CYS L 220 -76.16 37.53 28.99
N THR L 221 -76.58 37.23 27.76
CA THR L 221 -77.28 35.98 27.48
C THR L 221 -76.47 34.77 27.92
N LYS L 222 -75.18 34.74 27.57
CA LYS L 222 -74.32 33.61 27.86
C LYS L 222 -73.13 34.05 28.70
N LYS L 223 -72.62 33.11 29.50
CA LYS L 223 -71.44 33.39 30.31
C LYS L 223 -70.21 33.68 29.47
N GLU L 224 -70.21 33.27 28.21
CA GLU L 224 -69.12 33.61 27.30
C GLU L 224 -69.03 35.10 27.02
N GLN L 225 -70.12 35.84 27.28
CA GLN L 225 -70.14 37.28 27.02
C GLN L 225 -69.38 38.09 28.06
N CYS L 226 -68.95 37.47 29.15
CA CYS L 226 -68.19 38.15 30.20
C CYS L 226 -66.82 37.51 30.37
N ARG L 227 -65.93 38.26 31.02
CA ARG L 227 -64.61 37.78 31.37
C ARG L 227 -64.31 38.14 32.81
N ALA L 228 -63.52 37.30 33.48
CA ALA L 228 -63.24 37.45 34.90
C ALA L 228 -61.80 37.06 35.17
N TYR L 229 -61.13 37.85 36.00
CA TYR L 229 -59.72 37.66 36.31
C TYR L 229 -59.54 37.49 37.82
N ARG L 230 -58.61 36.62 38.20
CA ARG L 230 -58.20 36.46 39.59
C ARG L 230 -57.02 37.39 39.85
N LEU L 231 -57.18 38.29 40.82
CA LEU L 231 -56.13 39.21 41.22
C LEU L 231 -55.66 38.86 42.63
N GLN L 232 -54.35 38.71 42.79
CA GLN L 232 -53.74 38.45 44.08
C GLN L 232 -53.13 39.70 44.68
N ASN L 233 -52.17 40.31 43.98
CA ASN L 233 -51.53 41.56 44.41
C ASN L 233 -50.86 41.40 45.76
N ASP L 234 -50.46 40.17 46.08
CA ASP L 234 -49.82 39.84 47.35
C ASP L 234 -48.35 39.46 47.19
N LYS L 235 -48.00 38.77 46.11
CA LYS L 235 -46.67 38.22 45.94
C LYS L 235 -46.08 38.67 44.61
N TRP L 236 -44.76 38.55 44.48
CA TRP L 236 -44.04 38.87 43.27
C TRP L 236 -43.85 37.60 42.44
N VAL L 237 -43.55 37.78 41.14
CA VAL L 237 -43.19 36.65 40.31
C VAL L 237 -41.96 36.99 39.49
N TYR L 238 -41.29 35.94 39.03
CA TYR L 238 -40.19 36.10 38.08
C TYR L 238 -40.71 36.71 36.79
N ASN L 239 -39.89 37.55 36.16
CA ASN L 239 -40.28 38.21 34.92
C ASN L 239 -40.32 37.15 33.82
N SER L 240 -41.38 36.36 33.83
CA SER L 240 -41.58 35.33 32.84
C SER L 240 -42.23 35.90 31.59
N ASP L 241 -41.90 35.32 30.45
CA ASP L 241 -42.46 35.74 29.17
C ASP L 241 -43.79 35.07 28.84
N LYS L 242 -44.30 34.20 29.70
CA LYS L 242 -45.56 33.51 29.44
C LYS L 242 -46.71 33.97 30.31
N LEU L 243 -46.47 34.80 31.33
CA LEU L 243 -47.54 35.38 32.12
C LEU L 243 -47.66 36.86 31.83
N PRO L 244 -48.85 37.36 31.49
CA PRO L 244 -48.99 38.78 31.16
C PRO L 244 -48.73 39.66 32.37
N LYS L 245 -48.21 40.86 32.09
CA LYS L 245 -47.85 41.79 33.14
C LYS L 245 -49.06 42.60 33.59
N ALA L 246 -48.93 43.19 34.78
CA ALA L 246 -49.95 44.12 35.29
C ALA L 246 -49.71 45.50 34.70
N ALA L 247 -50.76 46.11 34.16
CA ALA L 247 -50.63 47.40 33.51
C ALA L 247 -50.58 48.56 34.49
N GLY L 248 -51.21 48.40 35.67
CA GLY L 248 -51.27 49.51 36.61
C GLY L 248 -49.90 49.91 37.14
N ALA L 249 -49.10 48.94 37.57
CA ALA L 249 -47.79 49.22 38.13
C ALA L 249 -46.96 47.96 38.12
N THR L 250 -45.63 48.14 38.15
CA THR L 250 -44.67 47.04 38.16
C THR L 250 -43.75 47.23 39.38
N LEU L 251 -44.22 46.78 40.54
CA LEU L 251 -43.40 46.82 41.75
C LEU L 251 -42.35 45.73 41.67
N LYS L 252 -41.08 46.12 41.73
CA LYS L 252 -39.99 45.21 41.42
C LYS L 252 -38.82 45.48 42.35
N GLY L 253 -37.93 44.48 42.44
CA GLY L 253 -36.73 44.57 43.23
C GLY L 253 -35.73 43.54 42.76
N LYS L 254 -34.58 43.52 43.41
CA LYS L 254 -33.49 42.63 43.06
C LYS L 254 -33.40 41.50 44.08
N LEU L 255 -33.36 40.26 43.59
CA LEU L 255 -33.28 39.08 44.44
C LEU L 255 -32.21 38.16 43.90
N HIS L 256 -31.37 37.65 44.80
CA HIS L 256 -30.20 36.88 44.41
C HIS L 256 -30.57 35.43 44.11
N VAL L 257 -29.74 34.77 43.33
CA VAL L 257 -30.04 33.44 42.81
C VAL L 257 -28.96 32.46 43.27
N PRO L 258 -29.31 31.21 43.53
CA PRO L 258 -28.34 30.23 44.02
C PRO L 258 -27.55 29.62 42.86
N PHE L 259 -26.68 28.67 43.20
CA PHE L 259 -25.95 27.86 42.23
C PHE L 259 -25.07 28.72 41.34
N LEU L 260 -24.20 29.50 41.99
CA LEU L 260 -23.27 30.35 41.27
C LEU L 260 -22.15 29.51 40.68
N LEU L 261 -21.73 29.88 39.46
CA LEU L 261 -20.58 29.24 38.84
C LEU L 261 -19.30 29.71 39.51
N ALA L 262 -18.46 28.76 39.92
CA ALA L 262 -17.27 29.09 40.69
C ALA L 262 -16.13 28.15 40.31
N ASP L 263 -14.91 28.61 40.56
CA ASP L 263 -13.72 27.84 40.26
C ASP L 263 -13.60 26.64 41.20
N GLY L 264 -12.96 25.59 40.71
CA GLY L 264 -12.76 24.41 41.53
C GLY L 264 -11.74 23.48 40.93
N LYS L 265 -11.70 22.26 41.48
CA LYS L 265 -10.78 21.22 41.05
C LYS L 265 -11.57 20.05 40.50
N CYS L 266 -11.04 19.43 39.44
CA CYS L 266 -11.69 18.32 38.77
C CYS L 266 -10.71 17.16 38.62
N THR L 267 -11.26 15.95 38.59
CA THR L 267 -10.47 14.75 38.35
C THR L 267 -10.51 14.44 36.86
N VAL L 268 -9.34 14.37 36.24
CA VAL L 268 -9.26 14.21 34.79
C VAL L 268 -8.43 12.97 34.45
N PRO L 269 -8.68 12.32 33.32
CA PRO L 269 -7.86 11.16 32.93
C PRO L 269 -6.44 11.60 32.56
N LEU L 270 -5.53 10.64 32.66
CA LEU L 270 -4.13 10.87 32.31
C LEU L 270 -3.82 10.07 31.05
N ALA L 271 -3.38 10.76 30.01
CA ALA L 271 -3.10 10.14 28.73
C ALA L 271 -2.06 9.03 28.90
N PRO L 272 -2.31 7.83 28.39
CA PRO L 272 -1.34 6.74 28.54
C PRO L 272 0.03 7.11 27.97
N GLU L 273 1.06 6.68 28.68
CA GLU L 273 2.43 7.03 28.30
C GLU L 273 2.81 6.30 27.01
N PRO L 274 3.19 7.02 25.97
CA PRO L 274 3.55 6.35 24.71
C PRO L 274 4.94 5.75 24.76
N MET L 275 5.19 4.84 23.82
CA MET L 275 6.51 4.26 23.64
C MET L 275 7.34 5.17 22.73
N ILE L 276 8.60 5.36 23.11
CA ILE L 276 9.48 6.31 22.44
C ILE L 276 10.65 5.55 21.83
N THR L 277 10.80 5.65 20.51
CA THR L 277 11.87 4.99 19.78
C THR L 277 12.80 6.06 19.20
N PHE L 278 14.11 5.85 19.35
CA PHE L 278 15.10 6.84 19.00
C PHE L 278 15.68 6.57 17.61
N GLY L 279 16.15 7.64 16.97
CA GLY L 279 16.81 7.48 15.68
C GLY L 279 17.54 8.74 15.28
N PHE L 280 18.11 8.70 14.08
CA PHE L 280 18.84 9.84 13.51
C PHE L 280 17.89 10.98 13.19
N ARG L 281 18.01 12.07 13.96
CA ARG L 281 17.21 13.29 13.72
C ARG L 281 15.72 12.99 13.67
N SER L 282 15.28 11.99 14.43
CA SER L 282 13.90 11.53 14.34
C SER L 282 13.55 10.75 15.59
N VAL L 283 12.32 10.92 16.05
CA VAL L 283 11.80 10.22 17.22
C VAL L 283 10.52 9.53 16.80
N SER L 284 10.41 8.24 17.11
CA SER L 284 9.24 7.45 16.77
C SER L 284 8.37 7.29 18.01
N LEU L 285 7.11 7.68 17.90
CA LEU L 285 6.18 7.68 19.03
C LEU L 285 5.06 6.70 18.76
N LYS L 286 4.86 5.77 19.69
CA LYS L 286 3.82 4.75 19.58
C LYS L 286 2.68 5.17 20.50
N LEU L 287 1.61 5.72 19.90
CA LEU L 287 0.47 6.20 20.67
C LEU L 287 -0.56 5.10 20.81
N HIS L 288 -1.15 5.00 22.00
CA HIS L 288 -2.15 3.98 22.32
C HIS L 288 -3.19 4.59 23.26
N PRO L 289 -4.03 5.47 22.75
CA PRO L 289 -4.98 6.18 23.62
C PRO L 289 -6.09 5.28 24.13
N LYS L 290 -6.52 5.56 25.37
CA LYS L 290 -7.73 4.96 25.93
C LYS L 290 -8.98 5.67 25.44
N ASN L 291 -8.85 6.91 25.00
CA ASN L 291 -9.98 7.71 24.52
C ASN L 291 -9.42 8.78 23.58
N PRO L 292 -10.28 9.48 22.83
CA PRO L 292 -9.77 10.57 21.98
C PRO L 292 -8.94 11.58 22.74
N THR L 293 -7.65 11.64 22.43
CA THR L 293 -6.70 12.48 23.13
C THR L 293 -5.95 13.37 22.14
N TYR L 294 -5.82 14.65 22.48
CA TYR L 294 -5.18 15.61 21.60
C TYR L 294 -3.66 15.49 21.70
N LEU L 295 -3.01 15.27 20.57
CA LEU L 295 -1.55 15.31 20.49
C LEU L 295 -1.11 16.65 19.91
N ILE L 296 -0.22 17.34 20.61
CA ILE L 296 0.32 18.62 20.18
C ILE L 296 1.84 18.58 20.29
N THR L 297 2.52 19.08 19.26
CA THR L 297 3.97 19.12 19.22
C THR L 297 4.42 20.44 18.64
N ARG L 298 5.66 20.82 18.93
CA ARG L 298 6.24 22.03 18.39
C ARG L 298 7.75 21.94 18.47
N GLN L 299 8.41 22.69 17.59
CA GLN L 299 9.84 22.86 17.65
C GLN L 299 10.20 24.08 18.50
N LEU L 300 11.46 24.10 18.95
CA LEU L 300 11.97 25.22 19.73
C LEU L 300 12.71 26.23 18.86
N ALA L 301 12.60 26.10 17.53
CA ALA L 301 13.27 26.98 16.61
C ALA L 301 12.39 28.21 16.29
N ASP L 302 12.88 29.06 15.39
CA ASP L 302 12.09 30.20 14.93
C ASP L 302 10.87 29.75 14.14
N GLU L 303 10.93 28.59 13.50
CA GLU L 303 9.82 28.04 12.73
C GLU L 303 9.25 26.84 13.49
N PRO L 304 8.21 27.03 14.30
CA PRO L 304 7.72 25.92 15.13
C PRO L 304 7.10 24.79 14.33
N HIS L 305 6.55 25.08 13.15
CA HIS L 305 5.84 24.09 12.34
C HIS L 305 4.79 23.38 13.17
N TYR L 306 4.03 24.16 13.95
CA TYR L 306 3.08 23.61 14.90
C TYR L 306 2.13 22.63 14.23
N THR L 307 2.05 21.41 14.78
CA THR L 307 1.17 20.38 14.28
C THR L 307 0.39 19.77 15.43
N HIS L 308 -0.91 19.57 15.22
CA HIS L 308 -1.79 19.01 16.24
C HIS L 308 -2.80 18.10 15.57
N GLU L 309 -3.34 17.17 16.36
CA GLU L 309 -4.31 16.21 15.85
C GLU L 309 -4.99 15.53 17.02
N LEU L 310 -6.30 15.33 16.91
CA LEU L 310 -7.04 14.51 17.86
C LEU L 310 -6.98 13.07 17.38
N ILE L 311 -6.33 12.21 18.17
CA ILE L 311 -6.09 10.82 17.79
C ILE L 311 -6.84 9.92 18.75
N SER L 312 -7.71 9.06 18.21
CA SER L 312 -8.52 8.16 19.00
C SER L 312 -8.13 6.69 18.83
N GLU L 313 -7.41 6.35 17.76
CA GLU L 313 -7.02 4.99 17.47
C GLU L 313 -5.50 4.87 17.48
N PRO L 314 -4.96 3.72 17.91
CA PRO L 314 -3.51 3.56 17.97
C PRO L 314 -2.86 3.79 16.60
N ALA L 315 -1.71 4.44 16.63
CA ALA L 315 -0.97 4.78 15.42
C ALA L 315 0.42 5.23 15.79
N VAL L 316 1.38 5.01 14.90
CA VAL L 316 2.77 5.38 15.09
C VAL L 316 3.12 6.48 14.11
N ARG L 317 3.59 7.61 14.63
CA ARG L 317 3.97 8.77 13.83
C ARG L 317 5.41 9.15 14.11
N ASN L 318 6.10 9.62 13.08
CA ASN L 318 7.50 10.01 13.17
C ASN L 318 7.64 11.51 12.96
N PHE L 319 8.41 12.15 13.82
CA PHE L 319 8.68 13.58 13.76
C PHE L 319 10.17 13.82 13.67
N THR L 320 10.55 14.92 13.03
CA THR L 320 11.95 15.27 12.86
C THR L 320 12.37 16.22 13.99
N VAL L 321 13.52 15.92 14.59
CA VAL L 321 14.03 16.67 15.73
C VAL L 321 15.41 17.21 15.39
N THR L 322 15.58 18.52 15.51
CA THR L 322 16.86 19.17 15.29
C THR L 322 17.51 19.53 16.61
N GLU L 323 18.79 19.90 16.54
CA GLU L 323 19.52 20.30 17.74
C GLU L 323 18.92 21.53 18.38
N LYS L 324 18.16 22.33 17.63
CA LYS L 324 17.50 23.50 18.20
C LYS L 324 16.45 23.13 19.24
N GLY L 325 15.91 21.92 19.19
CA GLY L 325 14.99 21.47 20.21
C GLY L 325 13.59 21.15 19.72
N TRP L 326 12.95 20.18 20.37
CA TRP L 326 11.61 19.74 20.02
C TRP L 326 10.85 19.40 21.30
N GLU L 327 9.67 19.97 21.45
CA GLU L 327 8.85 19.79 22.64
C GLU L 327 7.71 18.81 22.35
N PHE L 328 7.35 18.02 23.37
CA PHE L 328 6.34 16.99 23.26
C PHE L 328 5.32 17.15 24.38
N VAL L 329 4.05 17.24 24.02
CA VAL L 329 2.95 17.29 24.98
C VAL L 329 1.92 16.24 24.57
N TRP L 330 1.55 15.37 25.50
CA TRP L 330 0.64 14.26 25.22
C TRP L 330 -0.47 14.24 26.27
N GLY L 331 -1.66 14.70 25.89
CA GLY L 331 -2.77 14.73 26.82
C GLY L 331 -2.47 15.58 28.04
N ASN L 332 -2.78 15.04 29.22
CA ASN L 332 -2.55 15.72 30.48
C ASN L 332 -1.20 15.39 31.10
N HIS L 333 -0.38 14.58 30.43
CA HIS L 333 0.95 14.29 30.94
C HIS L 333 1.80 15.56 30.89
N PRO L 334 2.61 15.81 31.92
CA PRO L 334 3.50 16.98 31.91
C PRO L 334 4.34 17.02 30.66
N PRO L 335 4.46 18.18 30.03
CA PRO L 335 5.23 18.27 28.78
C PRO L 335 6.67 17.79 28.96
N LYS L 336 7.16 17.07 27.96
CA LYS L 336 8.53 16.58 27.91
C LYS L 336 9.20 17.13 26.66
N ARG L 337 10.50 17.31 26.73
CA ARG L 337 11.26 17.85 25.61
C ARG L 337 12.41 16.92 25.29
N PHE L 338 12.73 16.80 24.00
CA PHE L 338 13.85 16.00 23.54
C PHE L 338 14.59 16.78 22.46
N TRP L 339 15.92 16.83 22.59
CA TRP L 339 16.78 17.44 21.58
C TRP L 339 17.54 16.34 20.85
N ALA L 340 18.17 16.70 19.74
CA ALA L 340 18.87 15.74 18.91
C ALA L 340 20.32 16.18 18.72
N GLN L 341 21.18 15.19 18.48
CA GLN L 341 22.60 15.43 18.25
C GLN L 341 23.10 14.36 17.29
N GLU L 342 24.30 14.59 16.76
CA GLU L 342 24.94 13.73 15.76
C GLU L 342 24.81 12.25 16.12
N THR L 343 24.09 11.50 15.29
CA THR L 343 23.83 10.09 15.54
C THR L 343 24.76 9.18 14.76
N ALA L 344 24.68 9.22 13.43
CA ALA L 344 25.38 8.32 12.53
C ALA L 344 25.11 8.77 11.11
N PRO L 345 26.01 8.47 10.16
CA PRO L 345 27.28 7.76 10.27
C PRO L 345 28.41 8.66 10.79
N GLY L 346 28.12 9.96 10.93
CA GLY L 346 29.11 10.88 11.43
C GLY L 346 30.16 11.28 10.39
N ASN L 347 31.38 11.49 10.89
CA ASN L 347 32.52 11.84 10.03
C ASN L 347 33.78 11.20 10.59
N PRO L 348 33.94 9.89 10.39
CA PRO L 348 35.18 9.24 10.82
C PRO L 348 36.34 9.54 9.88
N HIS L 349 37.46 8.84 10.10
CA HIS L 349 38.60 8.98 9.20
C HIS L 349 38.28 8.32 7.86
N GLY L 350 37.88 7.04 7.90
CA GLY L 350 37.47 6.24 6.76
C GLY L 350 38.07 6.47 5.39
N LEU L 351 39.38 6.32 5.26
CA LEU L 351 40.05 6.61 4.00
C LEU L 351 39.86 5.42 3.05
N PRO L 352 39.75 5.66 1.74
CA PRO L 352 39.02 6.81 1.19
C PRO L 352 37.55 6.51 0.98
N HIS L 353 36.85 7.43 0.32
CA HIS L 353 35.42 7.31 0.05
C HIS L 353 34.71 7.18 1.39
N GLU L 354 33.57 6.47 1.43
CA GLU L 354 32.88 6.23 2.70
C GLU L 354 32.54 7.56 3.38
N VAL L 355 33.55 8.20 3.96
CA VAL L 355 33.39 9.46 4.68
C VAL L 355 32.74 10.53 3.82
N ILE L 356 32.88 10.45 2.49
CA ILE L 356 32.21 11.43 1.64
C ILE L 356 30.70 11.33 1.83
N THR L 357 30.17 10.11 1.81
CA THR L 357 28.75 9.93 2.04
C THR L 357 28.40 10.02 3.51
N HIS L 358 29.34 9.74 4.41
CA HIS L 358 29.04 9.95 5.82
C HIS L 358 28.83 11.44 6.11
N TYR L 359 29.67 12.28 5.51
CA TYR L 359 29.55 13.72 5.69
C TYR L 359 28.25 14.25 5.12
N TYR L 360 27.68 13.55 4.12
CA TYR L 360 26.40 13.94 3.55
C TYR L 360 25.33 14.12 4.63
N HIS L 361 25.30 13.22 5.60
CA HIS L 361 24.28 13.28 6.64
C HIS L 361 24.58 14.34 7.70
N ARG L 362 25.85 14.67 7.92
CA ARG L 362 26.23 15.66 8.90
C ARG L 362 26.24 17.05 8.26
N TYR L 363 25.58 18.00 8.92
CA TYR L 363 25.44 19.36 8.44
C TYR L 363 24.91 19.40 7.00
N PRO L 364 23.68 18.93 6.76
CA PRO L 364 23.12 18.99 5.40
C PRO L 364 22.81 20.41 4.97
N MET L 365 22.17 20.57 3.82
CA MET L 365 21.87 21.88 3.23
C MET L 365 23.18 22.61 2.90
N SER L 366 23.81 22.10 1.84
CA SER L 366 25.19 22.30 1.38
C SER L 366 25.83 20.93 1.16
N THR L 367 26.97 20.68 1.80
CA THR L 367 27.69 19.41 1.65
C THR L 367 27.95 19.10 0.18
N ILE L 368 26.91 18.66 -0.53
CA ILE L 368 27.02 18.41 -1.96
C ILE L 368 27.50 19.66 -2.69
N LEU L 369 27.09 20.85 -2.22
CA LEU L 369 27.54 22.09 -2.81
C LEU L 369 29.07 22.17 -2.83
N GLY L 370 29.69 21.95 -1.67
CA GLY L 370 31.15 22.01 -1.60
C GLY L 370 31.83 20.96 -2.47
N LEU L 371 31.26 19.76 -2.51
CA LEU L 371 31.82 18.70 -3.36
C LEU L 371 31.75 19.10 -4.83
N SER L 372 30.62 19.68 -5.25
CA SER L 372 30.49 20.12 -6.64
C SER L 372 31.44 21.27 -6.94
N ILE L 373 31.63 22.18 -5.98
CA ILE L 373 32.60 23.27 -6.16
C ILE L 373 34.00 22.71 -6.34
N CYS L 374 34.37 21.73 -5.51
CA CYS L 374 35.69 21.12 -5.63
C CYS L 374 35.84 20.40 -6.96
N ALA L 375 34.80 19.69 -7.39
CA ALA L 375 34.85 19.00 -8.67
C ALA L 375 34.99 19.99 -9.83
N ALA L 376 34.27 21.11 -9.77
CA ALA L 376 34.38 22.11 -10.82
C ALA L 376 35.77 22.73 -10.85
N ILE L 377 36.34 23.01 -9.67
CA ILE L 377 37.69 23.56 -9.62
C ILE L 377 38.69 22.56 -10.19
N ALA L 378 38.55 21.28 -9.84
CA ALA L 378 39.43 20.26 -10.38
C ALA L 378 39.29 20.14 -11.90
N THR L 379 38.05 20.21 -12.40
CA THR L 379 37.84 20.16 -13.85
C THR L 379 38.49 21.35 -14.54
N VAL L 380 38.34 22.55 -13.97
CA VAL L 380 38.98 23.73 -14.55
C VAL L 380 40.50 23.57 -14.54
N SER L 381 41.05 23.02 -13.45
CA SER L 381 42.49 22.79 -13.38
C SER L 381 42.94 21.81 -14.46
N VAL L 382 42.19 20.72 -14.64
CA VAL L 382 42.55 19.73 -15.66
C VAL L 382 42.49 20.37 -17.05
N ALA L 383 41.45 21.16 -17.32
CA ALA L 383 41.33 21.82 -18.61
C ALA L 383 42.49 22.77 -18.85
N ALA L 384 42.86 23.54 -17.83
CA ALA L 384 44.00 24.46 -17.96
C ALA L 384 45.29 23.70 -18.22
N SER L 385 45.50 22.60 -17.49
CA SER L 385 46.69 21.78 -17.73
C SER L 385 46.71 21.23 -19.14
N THR L 386 45.57 20.76 -19.64
CA THR L 386 45.48 20.25 -21.01
C THR L 386 45.79 21.34 -22.02
N TRP L 387 45.24 22.54 -21.81
CA TRP L 387 45.52 23.66 -22.71
C TRP L 387 47.00 24.02 -22.70
N LEU L 388 47.61 24.04 -21.51
CA LEU L 388 49.03 24.33 -21.41
C LEU L 388 49.87 23.27 -22.13
N PHE L 389 49.48 22.00 -21.97
CA PHE L 389 50.19 20.92 -22.66
C PHE L 389 50.05 21.05 -24.17
N CYS L 390 48.85 21.41 -24.66
CA CYS L 390 48.65 21.59 -26.09
C CYS L 390 49.48 22.75 -26.61
N ARG L 391 49.52 23.86 -25.87
CA ARG L 391 50.34 25.00 -26.30
C ARG L 391 51.82 24.64 -26.29
N SER L 392 52.26 23.88 -25.30
CA SER L 392 53.65 23.43 -25.28
C SER L 392 53.95 22.52 -26.45
N ARG L 393 53.00 21.64 -26.80
CA ARG L 393 53.19 20.78 -27.96
C ARG L 393 53.28 21.59 -29.25
N VAL L 394 52.43 22.62 -29.38
CA VAL L 394 52.50 23.48 -30.56
C VAL L 394 53.86 24.19 -30.62
N ALA L 395 54.30 24.73 -29.48
CA ALA L 395 55.58 25.41 -29.44
C ALA L 395 56.72 24.47 -29.78
N CYS L 396 56.64 23.21 -29.32
CA CYS L 396 57.67 22.23 -29.64
C CYS L 396 57.63 21.86 -31.11
N LEU L 397 56.44 21.71 -31.68
CA LEU L 397 56.30 21.38 -33.08
C LEU L 397 56.73 22.54 -33.98
N THR L 398 56.78 23.75 -33.44
CA THR L 398 57.23 24.90 -34.22
C THR L 398 58.62 24.68 -34.83
N PRO L 399 59.67 24.30 -34.07
CA PRO L 399 60.90 23.83 -34.73
C PRO L 399 60.74 22.47 -35.41
N TYR L 400 59.70 21.70 -35.09
CA TYR L 400 59.50 20.40 -35.72
C TYR L 400 58.75 20.50 -37.05
N ARG L 401 58.86 21.63 -37.74
CA ARG L 401 58.18 21.81 -39.01
C ARG L 401 59.09 21.15 -40.05
N LEU L 402 58.91 21.43 -41.33
CA LEU L 402 59.74 20.78 -42.35
C LEU L 402 61.22 20.97 -42.07
N THR L 403 61.65 22.22 -41.85
CA THR L 403 63.04 22.54 -41.58
C THR L 403 63.91 21.75 -42.55
N PRO L 404 63.95 22.13 -43.83
CA PRO L 404 64.34 21.16 -44.87
C PRO L 404 65.62 20.39 -44.57
N ASN L 405 65.42 19.18 -44.07
CA ASN L 405 66.45 18.16 -43.92
C ASN L 405 65.76 16.79 -43.98
N ALA L 406 64.44 16.81 -43.76
CA ALA L 406 63.62 15.62 -43.56
C ALA L 406 64.11 14.75 -42.41
N ARG L 407 64.94 15.33 -41.54
CA ARG L 407 65.54 14.61 -40.41
C ARG L 407 65.70 15.61 -39.26
N ILE L 408 64.92 15.42 -38.20
CA ILE L 408 65.07 16.24 -36.99
C ILE L 408 65.23 15.40 -35.71
N PRO L 409 66.09 14.36 -35.69
CA PRO L 409 66.28 13.60 -34.45
C PRO L 409 66.65 14.45 -33.24
N PHE L 410 67.52 15.45 -33.42
CA PHE L 410 68.20 16.05 -32.29
C PHE L 410 67.31 16.99 -31.50
N CYS L 411 66.38 17.68 -32.17
CA CYS L 411 65.43 18.52 -31.45
C CYS L 411 64.54 17.67 -30.54
N LEU L 412 64.11 16.52 -31.04
CA LEU L 412 63.30 15.60 -30.24
C LEU L 412 64.12 14.99 -29.11
N ALA L 413 65.39 14.69 -29.39
CA ALA L 413 66.26 14.11 -28.36
C ALA L 413 66.54 15.10 -27.24
N VAL L 414 66.63 16.38 -27.56
CA VAL L 414 66.94 17.37 -26.53
C VAL L 414 65.68 17.78 -25.78
N LEU L 415 64.64 18.21 -26.51
CA LEU L 415 63.46 18.77 -25.87
C LEU L 415 62.61 17.69 -25.21
N CYS L 416 62.41 16.57 -25.90
CA CYS L 416 61.63 15.43 -25.40
C CYS L 416 60.26 15.88 -24.91
N CYS L 417 59.61 16.72 -25.72
CA CYS L 417 58.30 17.25 -25.35
C CYS L 417 57.27 16.14 -25.23
N ALA L 418 57.21 15.29 -26.26
CA ALA L 418 56.42 14.06 -26.29
C ALA L 418 56.62 13.35 -27.62
N ARG L 419 56.44 12.03 -27.62
CA ARG L 419 56.64 11.19 -28.80
C ARG L 419 57.87 11.63 -29.59
N THR L 420 59.02 11.55 -28.92
CA THR L 420 60.27 12.11 -29.42
C THR L 420 61.27 11.01 -29.77
N ALA L 421 62.50 11.44 -30.03
CA ALA L 421 63.53 10.67 -30.75
C ALA L 421 63.50 9.20 -30.43
N ARG L 422 63.42 8.36 -31.48
CA ARG L 422 63.40 6.92 -31.27
C ARG L 422 64.70 6.45 -30.61
N ALA L 423 65.83 7.00 -31.04
CA ALA L 423 67.12 6.66 -30.47
C ALA L 423 67.43 7.56 -29.27
N LYS M 1 73.85 33.92 -65.21
CA LYS M 1 73.59 33.23 -63.94
C LYS M 1 72.09 33.08 -63.70
N ARG M 2 71.36 34.20 -63.84
CA ARG M 2 69.91 34.17 -63.65
C ARG M 2 69.25 33.16 -64.58
N GLN M 3 69.76 33.05 -65.81
CA GLN M 3 69.26 32.03 -66.73
C GLN M 3 69.42 30.64 -66.13
N ARG M 4 70.61 30.33 -65.62
CA ARG M 4 70.84 29.01 -65.02
C ARG M 4 69.97 28.81 -63.78
N MET M 5 69.77 29.86 -62.99
CA MET M 5 68.91 29.74 -61.83
C MET M 5 67.47 29.41 -62.22
N VAL M 6 66.96 30.08 -63.26
CA VAL M 6 65.61 29.80 -63.73
C VAL M 6 65.52 28.39 -64.30
N MET M 7 66.56 27.97 -65.03
CA MET M 7 66.57 26.61 -65.57
C MET M 7 66.56 25.57 -64.46
N LYS M 8 67.32 25.80 -63.40
CA LYS M 8 67.34 24.87 -62.27
C LYS M 8 66.00 24.85 -61.54
N LEU M 9 65.37 26.03 -61.39
CA LEU M 9 64.07 26.08 -60.74
C LEU M 9 62.99 25.39 -61.57
N GLU M 10 63.08 25.49 -62.90
CA GLU M 10 62.09 24.85 -63.75
C GLU M 10 62.30 23.34 -63.85
N SER M 11 63.56 22.91 -64.01
CA SER M 11 63.84 21.47 -64.11
C SER M 11 63.44 20.76 -62.83
N ASP M 12 63.81 21.31 -61.68
CA ASP M 12 63.28 20.82 -60.42
C ASP M 12 61.79 21.10 -60.35
N LYS M 13 61.03 20.12 -59.85
CA LYS M 13 59.58 20.24 -59.87
C LYS M 13 59.14 21.33 -58.90
N THR M 14 58.76 22.48 -59.45
CA THR M 14 58.22 23.60 -58.69
C THR M 14 56.91 24.02 -59.36
N PHE M 15 55.92 24.38 -58.54
CA PHE M 15 54.60 24.64 -59.08
C PHE M 15 53.93 25.81 -58.36
N PRO M 16 53.45 26.81 -59.08
CA PRO M 16 52.77 27.93 -58.43
C PRO M 16 51.43 27.49 -57.85
N ILE M 17 50.92 28.31 -56.94
CA ILE M 17 49.68 28.03 -56.23
C ILE M 17 48.57 28.76 -56.96
N MET M 18 47.78 28.02 -57.73
CA MET M 18 46.75 28.59 -58.57
C MET M 18 45.43 28.68 -57.81
N LEU M 19 44.78 29.84 -57.90
CA LEU M 19 43.46 30.04 -57.32
C LEU M 19 42.63 30.89 -58.27
N GLU M 20 41.56 30.32 -58.82
CA GLU M 20 40.69 30.99 -59.78
C GLU M 20 41.47 31.51 -60.99
N GLY M 21 42.52 30.80 -61.39
CA GLY M 21 43.31 31.18 -62.54
C GLY M 21 44.36 32.23 -62.26
N LYS M 22 44.56 32.60 -61.00
CA LYS M 22 45.51 33.64 -60.61
C LYS M 22 46.65 33.03 -59.83
N ILE M 23 47.87 33.44 -60.16
CA ILE M 23 49.05 32.99 -59.42
C ILE M 23 49.13 33.81 -58.14
N ASN M 24 48.88 33.17 -57.01
CA ASN M 24 48.91 33.83 -55.71
C ASN M 24 50.16 33.51 -54.91
N GLY M 25 51.07 32.72 -55.47
CA GLY M 25 52.27 32.34 -54.75
C GLY M 25 52.97 31.19 -55.47
N TYR M 26 54.00 30.67 -54.81
CA TYR M 26 54.77 29.57 -55.34
C TYR M 26 55.09 28.59 -54.22
N ALA M 27 55.27 27.34 -54.59
CA ALA M 27 55.66 26.29 -53.65
C ALA M 27 56.69 25.39 -54.32
N CYS M 28 57.57 24.81 -53.50
CA CYS M 28 58.67 24.01 -54.00
C CYS M 28 58.89 22.84 -53.06
N VAL M 29 59.74 21.91 -53.50
CA VAL M 29 60.08 20.72 -52.72
C VAL M 29 61.56 20.78 -52.41
N VAL M 30 61.89 20.81 -51.13
CA VAL M 30 63.28 20.85 -50.66
C VAL M 30 63.47 19.74 -49.64
N GLY M 31 64.57 19.02 -49.76
CA GLY M 31 64.84 17.90 -48.87
C GLY M 31 63.85 16.76 -48.97
N GLY M 32 63.13 16.68 -50.09
CA GLY M 32 62.20 15.59 -50.33
C GLY M 32 60.84 15.72 -49.67
N LYS M 33 60.47 16.90 -49.19
CA LYS M 33 59.13 17.13 -48.67
C LYS M 33 58.65 18.51 -49.07
N LEU M 34 57.38 18.58 -49.47
CA LEU M 34 56.79 19.83 -49.95
C LEU M 34 56.54 20.80 -48.82
N PHE M 35 56.79 22.08 -49.09
CA PHE M 35 56.47 23.16 -48.17
C PHE M 35 55.59 24.18 -48.87
N ARG M 36 54.69 24.81 -48.11
CA ARG M 36 53.82 25.81 -48.68
C ARG M 36 53.53 26.90 -47.65
N PRO M 37 53.62 28.16 -48.04
CA PRO M 37 53.24 29.24 -47.12
C PRO M 37 51.76 29.17 -46.77
N MET M 38 51.47 29.17 -45.47
CA MET M 38 50.11 28.95 -45.01
C MET M 38 49.18 30.10 -45.41
N HIS M 39 49.69 31.33 -45.40
CA HIS M 39 48.85 32.47 -45.73
C HIS M 39 48.37 32.45 -47.18
N VAL M 40 49.09 31.77 -48.07
CA VAL M 40 48.68 31.68 -49.46
C VAL M 40 47.65 30.57 -49.61
N GLU M 41 46.50 30.91 -50.18
CA GLU M 41 45.42 29.95 -50.41
C GLU M 41 45.46 29.43 -51.84
N GLY M 42 44.96 28.21 -52.02
CA GLY M 42 44.93 27.54 -53.30
C GLY M 42 45.58 26.18 -53.23
N LYS M 43 45.70 25.54 -54.39
CA LYS M 43 46.26 24.21 -54.51
C LYS M 43 47.48 24.23 -55.42
N ILE M 44 48.44 23.36 -55.11
CA ILE M 44 49.65 23.27 -55.92
C ILE M 44 49.28 22.86 -57.35
N ASP M 45 50.06 23.37 -58.31
CA ASP M 45 49.83 23.07 -59.72
C ASP M 45 50.39 21.70 -60.10
N ASN M 46 49.97 20.67 -59.37
CA ASN M 46 50.42 19.30 -59.64
C ASN M 46 49.42 18.36 -58.98
N ASP M 47 48.66 17.62 -59.79
CA ASP M 47 47.64 16.73 -59.25
C ASP M 47 48.27 15.67 -58.35
N VAL M 48 49.42 15.14 -58.74
CA VAL M 48 50.07 14.10 -57.93
C VAL M 48 50.49 14.67 -56.58
N LEU M 49 51.10 15.85 -56.60
CA LEU M 49 51.50 16.51 -55.35
C LEU M 49 50.28 16.99 -54.56
N ALA M 50 49.22 17.40 -55.24
CA ALA M 50 48.01 17.85 -54.53
C ALA M 50 47.39 16.73 -53.71
N ALA M 51 47.61 15.48 -54.11
CA ALA M 51 47.10 14.34 -53.36
C ALA M 51 47.74 14.21 -51.98
N LEU M 52 48.83 14.92 -51.70
CA LEU M 52 49.51 14.82 -50.43
C LEU M 52 48.84 15.71 -49.40
N LYS M 53 48.58 15.16 -48.22
CA LYS M 53 47.98 15.92 -47.13
C LYS M 53 49.06 16.73 -46.40
N THR M 54 48.80 18.02 -46.21
CA THR M 54 49.75 18.93 -45.58
C THR M 54 49.43 19.10 -44.11
N LYS M 55 50.45 19.47 -43.35
CA LYS M 55 50.31 19.84 -41.95
C LYS M 55 50.61 21.33 -41.77
N LYS M 56 49.92 21.96 -40.84
CA LYS M 56 50.01 23.39 -40.63
C LYS M 56 51.01 23.73 -39.53
N ALA M 57 51.64 24.90 -39.66
CA ALA M 57 52.54 25.44 -38.65
C ALA M 57 52.25 26.94 -38.55
N SER M 58 51.31 27.30 -37.67
CA SER M 58 50.87 28.69 -37.56
C SER M 58 52.03 29.63 -37.21
N LYS M 59 52.94 29.19 -36.33
CA LYS M 59 54.01 30.07 -35.85
C LYS M 59 54.77 30.72 -37.00
N TYR M 60 55.06 29.96 -38.05
CA TYR M 60 55.80 30.49 -39.20
C TYR M 60 54.92 30.74 -40.40
N ASP M 61 53.61 30.49 -40.30
CA ASP M 61 52.68 30.61 -41.42
C ASP M 61 53.15 29.76 -42.60
N LEU M 62 53.57 28.53 -42.31
CA LEU M 62 54.06 27.61 -43.32
C LEU M 62 53.40 26.25 -43.15
N GLU M 63 53.30 25.52 -44.25
CA GLU M 63 52.79 24.17 -44.26
C GLU M 63 53.84 23.21 -44.80
N TYR M 64 53.67 21.93 -44.49
CA TYR M 64 54.60 20.90 -44.95
C TYR M 64 53.83 19.60 -45.17
N ALA M 65 54.42 18.72 -45.97
CA ALA M 65 53.78 17.46 -46.29
C ALA M 65 54.85 16.47 -46.75
N ASP M 66 54.54 15.18 -46.62
CA ASP M 66 55.47 14.14 -47.02
C ASP M 66 55.37 13.89 -48.52
N VAL M 67 56.53 13.77 -49.17
CA VAL M 67 56.59 13.50 -50.60
C VAL M 67 57.04 12.05 -50.81
N PRO M 68 56.43 11.32 -51.74
CA PRO M 68 56.86 9.94 -51.99
C PRO M 68 58.34 9.88 -52.36
N GLN M 69 59.01 8.83 -51.87
CA GLN M 69 60.44 8.68 -52.09
C GLN M 69 60.80 8.74 -53.57
N ASN M 70 60.01 8.07 -54.41
CA ASN M 70 60.26 8.11 -55.86
C ASN M 70 60.23 9.54 -56.38
N MET M 71 59.38 10.38 -55.79
CA MET M 71 59.37 11.80 -56.14
C MET M 71 60.37 12.61 -55.31
N ARG M 72 60.85 12.06 -54.20
CA ARG M 72 61.96 12.65 -53.45
C ARG M 72 63.26 12.55 -54.23
N ALA M 73 63.26 11.81 -55.34
CA ALA M 73 64.47 11.57 -56.13
C ALA M 73 65.20 12.86 -56.48
N ASP M 74 64.47 13.92 -56.82
CA ASP M 74 65.10 15.14 -57.32
C ASP M 74 64.38 16.32 -56.67
N THR M 75 64.98 16.85 -55.60
CA THR M 75 64.46 17.99 -54.86
C THR M 75 65.59 18.99 -54.65
N PHE M 76 65.26 20.09 -53.99
CA PHE M 76 66.27 21.12 -53.73
C PHE M 76 67.30 20.62 -52.73
N LYS M 77 68.54 21.07 -52.92
CA LYS M 77 69.64 20.75 -52.02
C LYS M 77 69.86 21.93 -51.09
N TYR M 78 69.73 21.70 -49.79
CA TYR M 78 69.92 22.75 -48.81
C TYR M 78 71.34 22.72 -48.25
N THR M 79 71.85 23.89 -47.90
CA THR M 79 73.15 24.03 -47.26
C THR M 79 73.05 25.04 -46.13
N HIS M 80 73.92 24.90 -45.14
CA HIS M 80 73.95 25.80 -44.00
C HIS M 80 75.04 26.85 -44.09
N GLU M 81 75.92 26.75 -45.08
CA GLU M 81 77.01 27.71 -45.27
C GLU M 81 76.41 28.96 -45.91
N LYS M 82 76.19 30.00 -45.09
CA LYS M 82 75.54 31.23 -45.53
C LYS M 82 76.45 32.42 -45.21
N PRO M 83 77.56 32.57 -45.93
CA PRO M 83 78.42 33.73 -45.73
C PRO M 83 77.80 35.00 -46.31
N GLN M 84 78.31 36.13 -45.82
CA GLN M 84 77.86 37.42 -46.34
C GLN M 84 78.28 37.58 -47.80
N GLY M 85 77.48 38.31 -48.55
CA GLY M 85 77.71 38.51 -49.96
C GLY M 85 76.39 38.68 -50.69
N TYR M 86 76.34 38.16 -51.91
CA TYR M 86 75.17 38.24 -52.76
C TYR M 86 74.75 36.86 -53.22
N TYR M 87 73.45 36.63 -53.29
CA TYR M 87 72.87 35.38 -53.77
C TYR M 87 71.94 35.69 -54.93
N SER M 88 71.40 34.63 -55.53
CA SER M 88 70.54 34.76 -56.70
C SER M 88 69.17 34.13 -56.42
N TRP M 89 68.13 34.72 -56.99
CA TRP M 89 66.80 34.14 -56.92
C TRP M 89 66.03 34.56 -58.16
N HIS M 90 64.75 34.15 -58.21
CA HIS M 90 63.96 34.26 -59.44
C HIS M 90 63.96 35.67 -60.02
N HIS M 91 63.83 36.69 -59.17
CA HIS M 91 63.76 38.08 -59.64
C HIS M 91 65.11 38.78 -59.54
N GLY M 92 66.21 38.05 -59.73
CA GLY M 92 67.53 38.65 -59.77
C GLY M 92 68.42 38.29 -58.59
N ALA M 93 69.16 39.28 -58.10
CA ALA M 93 70.10 39.08 -57.01
C ALA M 93 69.48 39.52 -55.68
N VAL M 94 70.12 39.08 -54.59
CA VAL M 94 69.74 39.48 -53.25
C VAL M 94 71.00 39.72 -52.43
N GLN M 95 71.02 40.81 -51.68
CA GLN M 95 72.15 41.15 -50.83
C GLN M 95 71.93 40.60 -49.43
N TYR M 96 72.92 39.87 -48.91
CA TYR M 96 72.89 39.33 -47.57
C TYR M 96 73.92 40.07 -46.72
N GLU M 97 73.44 40.72 -45.67
CA GLU M 97 74.31 41.53 -44.81
C GLU M 97 73.65 41.67 -43.45
N ASN M 98 74.46 41.55 -42.39
CA ASN M 98 73.99 41.63 -41.00
C ASN M 98 72.98 40.55 -40.67
N GLY M 99 73.00 39.44 -41.42
CA GLY M 99 72.03 38.39 -41.22
C GLY M 99 70.69 38.60 -41.87
N ARG M 100 70.55 39.62 -42.72
CA ARG M 100 69.30 39.95 -43.38
C ARG M 100 69.48 39.98 -44.89
N PHE M 101 68.43 39.60 -45.59
CA PHE M 101 68.40 39.64 -47.05
C PHE M 101 67.67 40.89 -47.51
N THR M 102 68.25 41.60 -48.48
CA THR M 102 67.68 42.83 -49.01
C THR M 102 67.82 42.82 -50.52
N VAL M 103 66.82 43.37 -51.20
CA VAL M 103 66.84 43.47 -52.66
C VAL M 103 66.45 44.89 -53.06
N PRO M 104 66.88 45.34 -54.24
CA PRO M 104 66.50 46.69 -54.70
C PRO M 104 65.00 46.88 -54.77
N LYS M 105 64.58 48.12 -54.53
CA LYS M 105 63.16 48.47 -54.54
C LYS M 105 62.53 48.15 -55.90
N GLY M 106 61.24 47.80 -55.86
CA GLY M 106 60.52 47.41 -57.05
C GLY M 106 60.64 45.95 -57.42
N VAL M 107 61.38 45.17 -56.63
CA VAL M 107 61.57 43.75 -56.87
C VAL M 107 60.81 42.99 -55.80
N GLY M 108 59.82 42.21 -56.21
CA GLY M 108 59.01 41.47 -55.26
C GLY M 108 57.70 42.17 -54.94
N ALA M 109 56.61 41.41 -54.86
CA ALA M 109 55.29 41.95 -54.61
C ALA M 109 54.38 40.80 -54.19
N LYS M 110 53.13 41.14 -53.88
CA LYS M 110 52.15 40.13 -53.51
C LYS M 110 52.04 39.05 -54.57
N GLY M 111 52.23 37.80 -54.16
CA GLY M 111 52.19 36.68 -55.07
C GLY M 111 53.54 36.01 -55.29
N ASP M 112 54.62 36.60 -54.79
CA ASP M 112 55.96 36.02 -54.94
C ASP M 112 56.34 35.11 -53.78
N SER M 113 55.49 34.99 -52.77
CA SER M 113 55.81 34.14 -51.62
C SER M 113 56.11 32.72 -52.05
N GLY M 114 57.20 32.16 -51.52
CA GLY M 114 57.60 30.80 -51.81
C GLY M 114 58.85 30.68 -52.64
N ARG M 115 59.32 31.77 -53.24
CA ARG M 115 60.53 31.73 -54.06
C ARG M 115 61.75 31.48 -53.18
N PRO M 116 62.53 30.43 -53.41
CA PRO M 116 63.72 30.19 -52.61
C PRO M 116 64.88 31.08 -53.04
N ILE M 117 65.91 31.10 -52.19
CA ILE M 117 67.13 31.85 -52.47
C ILE M 117 68.27 30.85 -52.66
N LEU M 118 68.97 30.96 -53.79
CA LEU M 118 69.99 30.00 -54.17
C LEU M 118 71.38 30.63 -54.06
N ASP M 119 72.36 29.79 -53.76
CA ASP M 119 73.75 30.21 -53.72
C ASP M 119 74.41 30.00 -55.08
N ASN M 120 75.73 30.19 -55.15
CA ASN M 120 76.44 30.02 -56.41
C ASN M 120 76.44 28.57 -56.87
N GLN M 121 76.26 27.62 -55.96
CA GLN M 121 76.21 26.21 -56.29
C GLN M 121 74.79 25.73 -56.56
N GLY M 122 73.80 26.62 -56.53
CA GLY M 122 72.43 26.22 -56.74
C GLY M 122 71.76 25.61 -55.53
N ARG M 123 72.34 25.77 -54.35
CA ARG M 123 71.76 25.24 -53.12
C ARG M 123 70.88 26.29 -52.45
N VAL M 124 69.78 25.84 -51.85
CA VAL M 124 68.86 26.76 -51.19
C VAL M 124 69.45 27.23 -49.88
N VAL M 125 69.35 28.53 -49.61
CA VAL M 125 69.81 29.09 -48.36
C VAL M 125 68.69 29.76 -47.56
N ALA M 126 67.58 30.12 -48.20
CA ALA M 126 66.47 30.78 -47.53
C ALA M 126 65.24 30.71 -48.41
N ILE M 127 64.08 30.96 -47.81
CA ILE M 127 62.80 30.99 -48.52
C ILE M 127 62.16 32.34 -48.29
N VAL M 128 61.76 33.00 -49.38
CA VAL M 128 61.17 34.33 -49.29
C VAL M 128 59.68 34.18 -49.01
N LEU M 129 59.21 34.83 -47.95
CA LEU M 129 57.81 34.80 -47.56
C LEU M 129 57.09 36.13 -47.71
N GLY M 130 57.80 37.24 -47.54
CA GLY M 130 57.19 38.54 -47.65
C GLY M 130 58.24 39.62 -47.81
N GLY M 131 57.85 40.85 -47.48
CA GLY M 131 58.76 41.96 -47.57
C GLY M 131 58.10 43.24 -47.08
N VAL M 132 58.89 44.29 -47.06
CA VAL M 132 58.43 45.60 -46.60
C VAL M 132 59.23 46.67 -47.34
N ASN M 133 58.55 47.76 -47.69
CA ASN M 133 59.21 48.86 -48.39
C ASN M 133 60.35 49.42 -47.54
N GLU M 134 61.53 49.49 -48.14
CA GLU M 134 62.74 49.98 -47.48
C GLU M 134 63.42 51.04 -48.34
N GLY M 135 62.64 52.03 -48.78
CA GLY M 135 63.23 53.13 -49.53
C GLY M 135 63.79 52.68 -50.86
N SER M 136 65.09 52.92 -51.06
CA SER M 136 65.77 52.55 -52.30
C SER M 136 65.84 51.03 -52.51
N ARG M 137 65.60 50.26 -51.45
CA ARG M 137 65.59 48.80 -51.51
C ARG M 137 64.34 48.30 -50.81
N THR M 138 64.21 46.98 -50.71
CA THR M 138 63.19 46.39 -49.84
C THR M 138 63.80 45.19 -49.12
N ALA M 139 63.42 45.01 -47.86
CA ALA M 139 63.92 43.92 -47.04
C ALA M 139 62.91 42.78 -47.03
N LEU M 140 63.38 41.57 -47.36
CA LEU M 140 62.52 40.41 -47.45
C LEU M 140 62.48 39.68 -46.11
N SER M 141 61.30 39.20 -45.75
CA SER M 141 61.14 38.36 -44.57
C SER M 141 61.36 36.91 -44.98
N VAL M 142 62.39 36.27 -44.42
CA VAL M 142 62.83 34.96 -44.85
C VAL M 142 63.04 34.07 -43.64
N VAL M 143 63.13 32.77 -43.91
CA VAL M 143 63.47 31.76 -42.91
C VAL M 143 64.75 31.08 -43.34
N MET M 144 65.68 30.91 -42.39
CA MET M 144 66.95 30.25 -42.67
C MET M 144 67.26 29.28 -41.55
N TRP M 145 68.15 28.32 -41.85
CA TRP M 145 68.44 27.23 -40.94
C TRP M 145 69.94 27.14 -40.72
N ASN M 146 70.37 27.08 -39.46
CA ASN M 146 71.78 27.00 -39.14
C ASN M 146 72.27 25.55 -39.24
N GLU M 147 73.59 25.38 -39.09
CA GLU M 147 74.18 24.05 -39.16
C GLU M 147 73.70 23.14 -38.04
N LYS M 148 73.13 23.71 -36.98
CA LYS M 148 72.55 22.92 -35.90
C LYS M 148 71.10 22.51 -36.16
N GLY M 149 70.51 22.96 -37.27
CA GLY M 149 69.15 22.59 -37.58
C GLY M 149 68.08 23.40 -36.89
N VAL M 150 68.39 24.62 -36.50
CA VAL M 150 67.41 25.48 -35.82
C VAL M 150 66.73 26.36 -36.86
N THR M 151 65.40 26.34 -36.87
CA THR M 151 64.62 27.18 -37.75
C THR M 151 64.50 28.58 -37.17
N VAL M 152 65.00 29.58 -37.90
CA VAL M 152 64.98 30.97 -37.45
C VAL M 152 64.28 31.79 -38.53
N LYS M 153 63.25 32.53 -38.13
CA LYS M 153 62.50 33.39 -39.03
C LYS M 153 62.83 34.84 -38.74
N TYR M 154 63.35 35.54 -39.75
CA TYR M 154 63.67 36.96 -39.63
C TYR M 154 62.53 37.76 -40.26
N THR M 155 61.86 38.55 -39.45
CA THR M 155 60.69 39.33 -39.90
C THR M 155 60.90 40.79 -39.56
N PRO M 156 61.08 41.67 -40.54
CA PRO M 156 61.18 43.10 -40.26
C PRO M 156 59.91 43.62 -39.60
N GLU M 157 60.08 44.64 -38.76
CA GLU M 157 58.94 45.27 -38.10
C GLU M 157 57.94 45.79 -39.11
N ASN M 158 56.68 45.40 -38.95
CA ASN M 158 55.58 45.83 -39.83
C ASN M 158 55.78 45.33 -41.26
N CYS M 159 56.34 44.13 -41.38
CA CYS M 159 56.53 43.53 -42.69
C CYS M 159 55.18 43.15 -43.32
N GLU M 160 55.07 43.39 -44.62
CA GLU M 160 53.86 43.07 -45.36
C GLU M 160 53.97 41.69 -45.99
N GLN M 161 52.84 40.98 -46.03
CA GLN M 161 52.78 39.67 -46.67
C GLN M 161 52.84 39.85 -48.18
N TRP M 162 54.01 39.58 -48.76
CA TRP M 162 54.19 39.69 -50.20
C TRP M 162 54.17 38.32 -50.86
N TYR N 1 -59.36 51.02 -35.57
CA TYR N 1 -57.96 50.78 -35.89
C TYR N 1 -57.41 49.61 -35.09
N GLU N 2 -56.62 48.76 -35.74
CA GLU N 2 -55.97 47.63 -35.10
C GLU N 2 -54.53 48.01 -34.77
N HIS N 3 -54.25 48.19 -33.49
CA HIS N 3 -52.91 48.52 -33.04
C HIS N 3 -52.17 47.25 -32.64
N ALA N 4 -50.97 47.06 -33.20
CA ALA N 4 -50.14 45.90 -32.93
C ALA N 4 -48.92 46.31 -32.12
N THR N 5 -48.59 45.50 -31.11
CA THR N 5 -47.42 45.76 -30.27
C THR N 5 -46.94 44.44 -29.69
N THR N 6 -45.90 44.53 -28.85
CA THR N 6 -45.34 43.36 -28.19
C THR N 6 -45.09 43.68 -26.73
N MET N 7 -45.59 42.84 -25.84
CA MET N 7 -45.41 43.01 -24.41
C MET N 7 -44.48 41.93 -23.88
N PRO N 8 -43.33 42.28 -23.32
CA PRO N 8 -42.45 41.25 -22.73
C PRO N 8 -43.18 40.45 -21.67
N SER N 9 -42.90 39.16 -21.61
CA SER N 9 -43.59 38.24 -20.71
C SER N 9 -42.97 38.35 -19.32
N GLN N 10 -43.44 39.33 -18.55
CA GLN N 10 -43.02 39.49 -17.16
C GLN N 10 -44.15 40.15 -16.40
N ALA N 11 -44.69 39.45 -15.41
CA ALA N 11 -45.80 39.96 -14.63
C ALA N 11 -45.33 41.01 -13.63
N GLY N 12 -46.23 41.94 -13.31
CA GLY N 12 -45.93 43.00 -12.37
C GLY N 12 -45.26 44.22 -12.96
N ILE N 13 -44.97 44.21 -14.26
CA ILE N 13 -44.28 45.30 -14.93
C ILE N 13 -45.30 46.09 -15.74
N SER N 14 -45.39 47.39 -15.49
CA SER N 14 -46.31 48.25 -16.23
C SER N 14 -45.71 48.63 -17.57
N TYR N 15 -46.43 48.35 -18.65
CA TYR N 15 -46.02 48.72 -20.01
C TYR N 15 -47.04 49.70 -20.57
N ASN N 16 -46.58 50.91 -20.87
CA ASN N 16 -47.45 51.99 -21.33
C ASN N 16 -47.16 52.29 -22.80
N THR N 17 -48.22 52.55 -23.56
CA THR N 17 -48.09 52.94 -24.95
C THR N 17 -49.28 53.82 -25.32
N ILE N 18 -49.09 54.62 -26.36
CA ILE N 18 -50.12 55.53 -26.86
C ILE N 18 -50.38 55.20 -28.32
N VAL N 19 -51.65 55.23 -28.71
CA VAL N 19 -52.06 55.02 -30.09
C VAL N 19 -52.36 56.38 -30.70
N ASN N 20 -51.56 56.79 -31.68
CA ASN N 20 -51.72 58.05 -32.37
C ASN N 20 -52.12 57.70 -33.80
N ARG N 21 -53.42 57.76 -34.08
CA ARG N 21 -53.99 57.31 -35.35
C ARG N 21 -54.51 58.53 -36.09
N ALA N 22 -53.86 58.86 -37.21
CA ALA N 22 -54.26 59.93 -38.12
C ALA N 22 -54.32 61.24 -37.34
N GLY N 23 -55.44 61.95 -37.32
CA GLY N 23 -55.55 63.26 -36.72
C GLY N 23 -56.15 63.28 -35.33
N TYR N 24 -56.28 62.14 -34.67
CA TYR N 24 -56.80 62.10 -33.31
C TYR N 24 -55.65 62.12 -32.30
N ALA N 25 -55.91 62.73 -31.15
CA ALA N 25 -54.87 62.89 -30.15
C ALA N 25 -54.45 61.53 -29.60
N PRO N 26 -53.21 61.41 -29.12
CA PRO N 26 -52.74 60.13 -28.59
C PRO N 26 -53.64 59.59 -27.49
N LEU N 27 -54.13 58.37 -27.70
CA LEU N 27 -54.98 57.71 -26.72
C LEU N 27 -54.10 56.90 -25.77
N PRO N 28 -54.00 57.27 -24.49
CA PRO N 28 -53.13 56.52 -23.58
C PRO N 28 -53.70 55.15 -23.26
N ILE N 29 -52.88 54.13 -23.42
CA ILE N 29 -53.23 52.75 -23.06
C ILE N 29 -52.18 52.23 -22.10
N SER N 30 -52.62 51.85 -20.90
CA SER N 30 -51.73 51.35 -19.85
C SER N 30 -52.13 49.92 -19.53
N ILE N 31 -51.19 48.99 -19.71
CA ILE N 31 -51.43 47.57 -19.48
C ILE N 31 -50.38 47.06 -18.50
N THR N 32 -50.82 46.49 -17.39
CA THR N 32 -49.92 45.88 -16.41
C THR N 32 -50.30 44.43 -16.19
N PRO N 33 -49.52 43.47 -16.70
CA PRO N 33 -49.79 42.06 -16.38
C PRO N 33 -49.46 41.76 -14.92
N THR N 34 -50.41 41.15 -14.22
CA THR N 34 -50.26 40.87 -12.80
C THR N 34 -49.93 39.42 -12.50
N LYS N 35 -50.28 38.48 -13.38
CA LYS N 35 -50.03 37.06 -13.13
C LYS N 35 -50.17 36.30 -14.45
N ILE N 36 -49.22 35.42 -14.72
CA ILE N 36 -49.22 34.61 -15.93
C ILE N 36 -49.15 33.15 -15.51
N LYS N 37 -50.21 32.39 -15.83
CA LYS N 37 -50.31 30.99 -15.44
C LYS N 37 -50.09 30.10 -16.66
N LEU N 38 -49.08 29.24 -16.59
CA LEU N 38 -48.83 28.21 -17.60
C LEU N 38 -49.40 26.90 -17.10
N ILE N 39 -50.44 26.41 -17.75
CA ILE N 39 -51.16 25.22 -17.29
C ILE N 39 -51.02 24.11 -18.32
N PRO N 40 -50.33 23.02 -17.99
CA PRO N 40 -50.22 21.90 -18.92
C PRO N 40 -51.48 21.04 -18.95
N THR N 41 -51.58 20.24 -20.01
CA THR N 41 -52.61 19.22 -20.11
C THR N 41 -52.10 17.96 -19.42
N VAL N 42 -52.78 17.55 -18.35
CA VAL N 42 -52.27 16.57 -17.41
C VAL N 42 -53.18 15.36 -17.41
N ASN N 43 -52.57 14.17 -17.53
CA ASN N 43 -53.29 12.91 -17.51
C ASN N 43 -52.72 12.01 -16.43
N LEU N 44 -53.59 11.46 -15.58
CA LEU N 44 -53.16 10.53 -14.54
C LEU N 44 -52.79 9.18 -15.13
N GLU N 45 -51.60 8.69 -14.80
CA GLU N 45 -51.17 7.36 -15.20
C GLU N 45 -51.42 6.31 -14.12
N TYR N 46 -50.92 6.54 -12.91
CA TYR N 46 -51.13 5.62 -11.80
C TYR N 46 -50.65 6.31 -10.52
N VAL N 47 -50.92 5.67 -9.38
CA VAL N 47 -50.48 6.16 -8.08
C VAL N 47 -49.60 5.10 -7.43
N THR N 48 -48.79 5.54 -6.49
CA THR N 48 -47.87 4.65 -5.78
C THR N 48 -47.70 5.16 -4.36
N CYS N 49 -47.36 4.25 -3.46
CA CYS N 49 -47.24 4.55 -2.04
C CYS N 49 -46.57 3.37 -1.36
N HIS N 50 -46.33 3.50 -0.06
CA HIS N 50 -45.80 2.40 0.73
C HIS N 50 -46.86 1.32 0.87
N TYR N 51 -46.41 0.12 1.25
CA TYR N 51 -47.26 -1.06 1.20
C TYR N 51 -47.10 -1.87 2.48
N LYS N 52 -48.01 -2.82 2.67
CA LYS N 52 -47.99 -3.74 3.79
C LYS N 52 -48.08 -5.16 3.25
N THR N 53 -47.28 -6.06 3.83
CA THR N 53 -47.24 -7.45 3.39
C THR N 53 -48.34 -8.23 4.12
N GLY N 54 -49.45 -8.47 3.43
CA GLY N 54 -50.52 -9.26 4.00
C GLY N 54 -50.08 -10.70 4.17
N MET N 55 -50.17 -11.23 5.38
CA MET N 55 -49.73 -12.58 5.69
C MET N 55 -50.90 -13.36 6.27
N ASP N 56 -51.23 -14.48 5.64
CA ASP N 56 -52.34 -15.30 6.11
C ASP N 56 -51.90 -16.18 7.26
N SER N 57 -52.90 -16.71 7.97
CA SER N 57 -52.63 -17.59 9.10
C SER N 57 -52.07 -18.93 8.60
N PRO N 58 -51.07 -19.49 9.28
CA PRO N 58 -50.51 -20.77 8.85
C PRO N 58 -51.55 -21.87 8.81
N ALA N 59 -51.56 -22.63 7.71
CA ALA N 59 -52.41 -23.81 7.57
C ALA N 59 -51.60 -25.01 8.02
N ILE N 60 -51.76 -25.38 9.29
CA ILE N 60 -50.98 -26.46 9.89
C ILE N 60 -51.86 -27.70 9.96
N LYS N 61 -51.45 -28.75 9.25
CA LYS N 61 -52.12 -30.05 9.28
C LYS N 61 -51.27 -31.01 10.10
N CYS N 62 -51.82 -31.49 11.21
CA CYS N 62 -51.12 -32.40 12.11
C CYS N 62 -51.29 -33.83 11.65
N CYS N 63 -50.17 -34.55 11.53
CA CYS N 63 -50.16 -35.97 11.13
C CYS N 63 -50.85 -36.17 9.78
N GLY N 64 -50.48 -35.32 8.82
CA GLY N 64 -51.10 -35.37 7.52
C GLY N 64 -50.40 -34.46 6.54
N SER N 65 -51.07 -34.20 5.42
CA SER N 65 -50.50 -33.39 4.36
C SER N 65 -51.57 -32.53 3.72
N GLN N 66 -51.22 -31.26 3.48
CA GLN N 66 -52.09 -30.32 2.78
C GLN N 66 -51.75 -30.27 1.30
N GLU N 67 -52.68 -29.73 0.52
CA GLU N 67 -52.49 -29.49 -0.90
C GLU N 67 -52.67 -28.00 -1.16
N CYS N 68 -51.75 -27.41 -1.91
CA CYS N 68 -51.82 -25.98 -2.20
C CYS N 68 -52.77 -25.71 -3.36
N THR N 69 -53.38 -24.54 -3.33
CA THR N 69 -54.35 -24.13 -4.34
C THR N 69 -54.01 -22.74 -4.85
N PRO N 70 -54.38 -22.42 -6.08
CA PRO N 70 -54.15 -21.07 -6.61
C PRO N 70 -54.88 -20.02 -5.79
N THR N 71 -54.22 -18.89 -5.57
CA THR N 71 -54.80 -17.75 -4.88
C THR N 71 -54.58 -16.52 -5.75
N TYR N 72 -55.63 -15.71 -5.92
CA TYR N 72 -55.59 -14.58 -6.84
C TYR N 72 -55.42 -13.30 -6.01
N ARG N 73 -54.17 -13.04 -5.65
CA ARG N 73 -53.77 -11.83 -4.92
C ARG N 73 -52.54 -11.24 -5.58
N PRO N 74 -52.36 -9.92 -5.48
CA PRO N 74 -51.15 -9.31 -6.06
C PRO N 74 -49.89 -9.86 -5.41
N ASP N 75 -48.94 -10.28 -6.24
CA ASP N 75 -47.67 -10.86 -5.79
C ASP N 75 -47.90 -11.93 -4.73
N GLU N 76 -48.87 -12.80 -4.99
CA GLU N 76 -49.24 -13.85 -4.05
C GLU N 76 -48.25 -14.99 -4.12
N GLN N 77 -47.68 -15.36 -2.98
CA GLN N 77 -46.78 -16.49 -2.87
C GLN N 77 -47.30 -17.48 -1.84
N CYS N 78 -47.13 -18.76 -2.14
CA CYS N 78 -47.58 -19.83 -1.26
C CYS N 78 -46.64 -21.02 -1.42
N LYS N 79 -46.27 -21.63 -0.30
CA LYS N 79 -45.32 -22.72 -0.30
C LYS N 79 -45.65 -23.68 0.83
N VAL N 80 -45.40 -24.97 0.58
CA VAL N 80 -45.68 -26.03 1.55
C VAL N 80 -44.37 -26.42 2.23
N PHE N 81 -44.41 -26.54 3.55
CA PHE N 81 -43.24 -26.94 4.34
C PHE N 81 -43.59 -28.17 5.16
N THR N 82 -42.68 -29.14 5.15
CA THR N 82 -42.85 -30.40 5.84
C THR N 82 -41.80 -30.56 6.92
N GLY N 83 -42.08 -31.46 7.87
CA GLY N 83 -41.16 -31.71 8.96
C GLY N 83 -41.18 -30.65 10.04
N VAL N 84 -42.37 -30.22 10.46
CA VAL N 84 -42.53 -29.15 11.44
C VAL N 84 -43.27 -29.71 12.63
N TYR N 85 -42.91 -29.23 13.83
CA TYR N 85 -43.56 -29.64 15.08
C TYR N 85 -43.89 -28.37 15.85
N PRO N 86 -44.99 -27.70 15.49
CA PRO N 86 -45.27 -26.39 16.05
C PRO N 86 -45.59 -26.45 17.55
N PHE N 87 -45.17 -25.40 18.25
CA PHE N 87 -45.46 -25.24 19.67
C PHE N 87 -46.34 -24.00 19.89
N MET N 88 -47.17 -24.07 20.91
CA MET N 88 -48.00 -22.96 21.35
C MET N 88 -47.81 -22.74 22.84
N TRP N 89 -48.41 -21.67 23.34
CA TRP N 89 -48.36 -21.37 24.78
C TRP N 89 -48.92 -22.53 25.60
N GLY N 90 -49.86 -23.29 25.03
CA GLY N 90 -50.48 -24.40 25.71
C GLY N 90 -49.81 -25.74 25.53
N GLY N 91 -48.63 -25.78 24.92
CA GLY N 91 -47.92 -27.03 24.70
C GLY N 91 -47.74 -27.32 23.23
N ALA N 92 -47.14 -28.48 22.97
CA ALA N 92 -46.88 -28.91 21.60
C ALA N 92 -48.19 -29.01 20.82
N TYR N 93 -48.24 -28.34 19.67
CA TYR N 93 -49.46 -28.31 18.88
C TYR N 93 -49.77 -29.68 18.28
N CYS N 94 -48.78 -30.29 17.63
CA CYS N 94 -48.98 -31.54 16.92
C CYS N 94 -48.19 -32.65 17.60
N PHE N 95 -48.83 -33.81 17.79
CA PHE N 95 -48.14 -34.96 18.36
C PHE N 95 -47.05 -35.46 17.43
N CYS N 96 -47.39 -35.71 16.17
CA CYS N 96 -46.46 -36.37 15.27
C CYS N 96 -45.21 -35.52 15.03
N ASP N 97 -44.07 -36.19 14.89
CA ASP N 97 -42.81 -35.52 14.59
C ASP N 97 -42.52 -35.49 13.10
N THR N 98 -43.03 -36.47 12.36
CA THR N 98 -42.91 -36.51 10.91
C THR N 98 -44.31 -36.51 10.29
N GLU N 99 -44.35 -36.48 8.96
CA GLU N 99 -45.60 -36.45 8.20
C GLU N 99 -46.47 -35.27 8.63
N ASN N 100 -45.83 -34.15 8.96
CA ASN N 100 -46.51 -32.92 9.34
C ASN N 100 -46.34 -31.88 8.25
N THR N 101 -47.39 -31.09 8.02
CA THR N 101 -47.41 -30.11 6.95
C THR N 101 -47.81 -28.75 7.51
N GLN N 102 -47.02 -27.73 7.20
CA GLN N 102 -47.30 -26.35 7.58
C GLN N 102 -47.24 -25.50 6.31
N VAL N 103 -48.40 -25.01 5.88
CA VAL N 103 -48.50 -24.20 4.68
C VAL N 103 -48.47 -22.73 5.07
N SER N 104 -47.57 -21.98 4.47
CA SER N 104 -47.44 -20.54 4.70
C SER N 104 -47.86 -19.80 3.44
N LYS N 105 -48.71 -18.79 3.60
CA LYS N 105 -49.20 -18.00 2.49
C LYS N 105 -49.11 -16.52 2.83
N ALA N 106 -48.65 -15.72 1.86
CA ALA N 106 -48.49 -14.29 2.06
C ALA N 106 -48.77 -13.57 0.74
N TYR N 107 -49.13 -12.29 0.86
CA TYR N 107 -49.45 -11.48 -0.30
C TYR N 107 -49.15 -10.02 0.03
N VAL N 108 -49.10 -9.19 -1.00
CA VAL N 108 -48.79 -7.78 -0.89
C VAL N 108 -50.08 -6.98 -1.08
N MET N 109 -50.34 -6.04 -0.18
CA MET N 109 -51.52 -5.21 -0.25
C MET N 109 -51.14 -3.76 0.07
N LYS N 110 -51.96 -2.84 -0.42
CA LYS N 110 -51.71 -1.42 -0.18
C LYS N 110 -51.82 -1.09 1.30
N SER N 111 -51.00 -0.12 1.73
CA SER N 111 -51.04 0.34 3.10
C SER N 111 -52.31 1.15 3.37
N ASP N 112 -52.80 1.05 4.61
CA ASP N 112 -54.00 1.79 5.00
C ASP N 112 -53.78 3.30 5.00
N ASP N 113 -52.53 3.75 5.09
CA ASP N 113 -52.22 5.18 5.04
C ASP N 113 -52.16 5.71 3.61
N CYS N 114 -52.16 4.83 2.61
CA CYS N 114 -51.96 5.24 1.22
C CYS N 114 -53.01 6.24 0.77
N LEU N 115 -54.23 6.15 1.31
CA LEU N 115 -55.32 7.04 0.87
C LEU N 115 -54.93 8.51 0.99
N ALA N 116 -54.27 8.89 2.09
CA ALA N 116 -53.87 10.28 2.26
C ALA N 116 -52.46 10.56 1.78
N ASP N 117 -51.53 9.62 2.02
CA ASP N 117 -50.11 9.82 1.70
C ASP N 117 -49.79 8.94 0.50
N HIS N 118 -49.77 9.54 -0.69
CA HIS N 118 -49.44 8.81 -1.91
C HIS N 118 -48.88 9.78 -2.93
N ALA N 119 -48.13 9.24 -3.88
CA ALA N 119 -47.64 9.99 -5.02
C ALA N 119 -48.46 9.66 -6.25
N GLU N 120 -48.65 10.66 -7.11
CA GLU N 120 -49.44 10.52 -8.33
C GLU N 120 -48.54 10.81 -9.52
N ALA N 121 -48.41 9.83 -10.41
CA ALA N 121 -47.58 9.94 -11.60
C ALA N 121 -48.43 10.42 -12.76
N TYR N 122 -48.05 11.57 -13.34
CA TYR N 122 -48.79 12.16 -14.45
C TYR N 122 -47.89 12.24 -15.68
N LYS N 123 -48.53 12.31 -16.83
CA LYS N 123 -47.87 12.67 -18.08
C LYS N 123 -48.50 13.94 -18.63
N ALA N 124 -47.67 14.90 -19.01
CA ALA N 124 -48.14 16.20 -19.45
C ALA N 124 -47.60 16.52 -20.84
N HIS N 125 -48.41 17.24 -21.60
CA HIS N 125 -48.03 17.67 -22.95
C HIS N 125 -48.94 18.81 -23.36
N THR N 126 -48.56 19.48 -24.45
CA THR N 126 -49.36 20.53 -25.09
C THR N 126 -49.94 21.50 -24.05
N ALA N 127 -49.04 22.29 -23.49
CA ALA N 127 -49.40 23.20 -22.41
C ALA N 127 -49.93 24.51 -22.98
N SER N 128 -50.89 25.10 -22.27
CA SER N 128 -51.47 26.37 -22.62
C SER N 128 -51.28 27.36 -21.47
N VAL N 129 -51.15 28.64 -21.82
CA VAL N 129 -50.84 29.69 -20.86
C VAL N 129 -52.06 30.59 -20.71
N GLN N 130 -52.45 30.85 -19.46
CA GLN N 130 -53.52 31.77 -19.14
C GLN N 130 -52.96 32.94 -18.35
N ALA N 131 -53.23 34.16 -18.82
CA ALA N 131 -52.64 35.36 -18.25
C ALA N 131 -53.72 36.27 -17.68
N PHE N 132 -53.36 37.03 -16.65
CA PHE N 132 -54.24 37.99 -16.00
C PHE N 132 -53.65 39.38 -16.24
N LEU N 133 -54.21 40.12 -17.19
CA LEU N 133 -53.72 41.44 -17.57
C LEU N 133 -54.67 42.51 -17.04
N ASN N 134 -54.10 43.53 -16.40
CA ASN N 134 -54.82 44.74 -16.07
C ASN N 134 -54.66 45.73 -17.22
N ILE N 135 -55.73 45.94 -17.99
CA ILE N 135 -55.68 46.73 -19.21
C ILE N 135 -56.58 47.95 -19.01
N THR N 136 -56.00 49.13 -19.18
CA THR N 136 -56.73 50.40 -19.11
C THR N 136 -56.61 51.10 -20.45
N VAL N 137 -57.73 51.25 -21.15
CA VAL N 137 -57.77 51.88 -22.47
C VAL N 137 -58.69 53.09 -22.36
N GLY N 138 -58.10 54.29 -22.32
CA GLY N 138 -58.88 55.51 -22.24
C GLY N 138 -59.70 55.65 -20.97
N GLU N 139 -59.06 55.50 -19.82
CA GLU N 139 -59.71 55.62 -18.52
C GLU N 139 -60.82 54.59 -18.35
N HIS N 140 -60.56 53.37 -18.81
CA HIS N 140 -61.45 52.23 -18.64
C HIS N 140 -60.66 51.12 -17.97
N SER N 141 -60.64 51.14 -16.63
CA SER N 141 -59.87 50.16 -15.87
C SER N 141 -60.70 48.89 -15.70
N ILE N 142 -60.15 47.76 -16.15
CA ILE N 142 -60.82 46.46 -16.04
C ILE N 142 -59.83 45.42 -15.56
N VAL N 143 -60.36 44.31 -15.06
CA VAL N 143 -59.57 43.15 -14.68
C VAL N 143 -59.87 42.05 -15.69
N THR N 144 -58.89 41.74 -16.54
CA THR N 144 -59.08 40.85 -17.66
C THR N 144 -58.44 39.49 -17.39
N THR N 145 -59.22 38.43 -17.51
CA THR N 145 -58.72 37.06 -17.49
C THR N 145 -58.86 36.51 -18.91
N VAL N 146 -57.73 36.29 -19.57
CA VAL N 146 -57.74 35.93 -20.99
C VAL N 146 -56.56 35.00 -21.27
N TYR N 147 -56.77 34.05 -22.17
CA TYR N 147 -55.72 33.14 -22.58
C TYR N 147 -54.74 33.85 -23.52
N VAL N 148 -53.59 33.21 -23.74
CA VAL N 148 -52.57 33.78 -24.60
C VAL N 148 -52.76 33.28 -26.01
N ASN N 149 -53.92 32.68 -26.29
CA ASN N 149 -54.25 32.21 -27.62
C ASN N 149 -54.94 33.33 -28.38
N GLY N 150 -54.45 33.64 -29.57
CA GLY N 150 -55.03 34.71 -30.35
C GLY N 150 -56.34 34.39 -31.02
N GLU N 151 -56.80 33.14 -30.90
CA GLU N 151 -58.09 32.78 -31.47
C GLU N 151 -59.25 33.40 -30.70
N THR N 152 -59.11 33.57 -29.39
CA THR N 152 -60.22 33.97 -28.51
C THR N 152 -59.94 35.34 -27.90
N PRO N 153 -60.44 36.40 -28.50
CA PRO N 153 -60.32 37.73 -27.90
C PRO N 153 -61.37 37.94 -26.81
N VAL N 154 -61.15 39.00 -26.03
CA VAL N 154 -62.11 39.46 -25.03
C VAL N 154 -62.45 40.92 -25.33
N ASN N 155 -63.73 41.25 -25.28
CA ASN N 155 -64.23 42.56 -25.68
C ASN N 155 -64.86 43.23 -24.46
N PHE N 156 -64.25 44.32 -24.01
CA PHE N 156 -64.78 45.13 -22.92
C PHE N 156 -64.90 46.57 -23.40
N ASN N 157 -66.09 47.15 -23.23
CA ASN N 157 -66.37 48.54 -23.62
C ASN N 157 -66.05 48.79 -25.10
N GLY N 158 -66.29 47.79 -25.95
CA GLY N 158 -66.09 47.93 -27.36
C GLY N 158 -64.68 47.67 -27.85
N VAL N 159 -63.74 47.41 -26.95
CA VAL N 159 -62.34 47.18 -27.31
C VAL N 159 -62.10 45.68 -27.39
N LYS N 160 -61.80 45.19 -28.59
CA LYS N 160 -61.52 43.78 -28.79
C LYS N 160 -60.01 43.57 -28.70
N ILE N 161 -59.57 42.86 -27.67
CA ILE N 161 -58.15 42.68 -27.37
C ILE N 161 -57.77 41.25 -27.71
N THR N 162 -56.79 41.09 -28.58
CA THR N 162 -56.25 39.79 -28.96
C THR N 162 -54.88 39.61 -28.33
N ALA N 163 -54.71 38.53 -27.58
CA ALA N 163 -53.47 38.24 -26.87
C ALA N 163 -52.80 36.99 -27.45
N GLY N 164 -51.51 37.12 -27.80
CA GLY N 164 -50.74 36.01 -28.28
C GLY N 164 -50.84 35.81 -29.78
N PRO N 165 -50.47 34.61 -30.26
CA PRO N 165 -49.95 33.46 -29.50
C PRO N 165 -48.56 33.68 -28.93
N LEU N 166 -48.29 33.10 -27.76
CA LEU N 166 -46.97 33.19 -27.14
C LEU N 166 -45.89 32.71 -28.09
N SER N 167 -44.81 33.48 -28.18
CA SER N 167 -43.76 33.20 -29.15
C SER N 167 -42.81 32.08 -28.71
N THR N 168 -42.82 31.74 -27.42
CA THR N 168 -41.94 30.70 -26.90
C THR N 168 -42.77 29.47 -26.55
N ALA N 169 -42.38 28.33 -27.13
CA ALA N 169 -43.07 27.07 -26.88
C ALA N 169 -42.51 26.30 -25.71
N TRP N 170 -41.38 26.74 -25.15
CA TRP N 170 -40.75 26.03 -24.04
C TRP N 170 -41.67 26.01 -22.83
N THR N 171 -41.69 24.88 -22.14
CA THR N 171 -42.42 24.72 -20.89
C THR N 171 -41.49 24.14 -19.83
N PRO N 172 -41.70 24.49 -18.56
CA PRO N 172 -40.84 23.95 -17.51
C PRO N 172 -41.14 22.51 -17.15
N PHE N 173 -42.31 21.99 -17.51
CA PHE N 173 -42.69 20.64 -17.15
C PHE N 173 -42.20 19.65 -18.20
N ASP N 174 -41.71 18.50 -17.73
CA ASP N 174 -41.24 17.44 -18.60
C ASP N 174 -42.39 16.50 -18.94
N ARG N 175 -42.09 15.50 -19.78
CA ARG N 175 -43.10 14.53 -20.17
C ARG N 175 -43.69 13.81 -18.96
N LYS N 176 -42.84 13.41 -18.01
CA LYS N 176 -43.27 12.70 -16.83
C LYS N 176 -43.23 13.63 -15.62
N ILE N 177 -44.28 13.58 -14.81
CA ILE N 177 -44.42 14.42 -13.62
C ILE N 177 -44.87 13.56 -12.45
N VAL N 178 -44.25 13.76 -11.29
CA VAL N 178 -44.61 13.08 -10.05
C VAL N 178 -44.96 14.15 -9.02
N GLN N 179 -46.19 14.09 -8.49
CA GLN N 179 -46.67 15.04 -7.50
C GLN N 179 -46.76 14.33 -6.15
N TYR N 180 -45.81 14.62 -5.27
CA TYR N 180 -45.77 14.04 -3.93
C TYR N 180 -46.16 15.13 -2.93
N ALA N 181 -47.42 15.10 -2.49
CA ALA N 181 -47.91 15.96 -1.41
C ALA N 181 -47.59 17.43 -1.65
N GLY N 182 -47.79 17.88 -2.89
CA GLY N 182 -47.53 19.25 -3.25
C GLY N 182 -46.12 19.51 -3.73
N GLU N 183 -45.23 18.52 -3.65
CA GLU N 183 -43.86 18.63 -4.14
C GLU N 183 -43.79 17.94 -5.50
N ILE N 184 -43.62 18.72 -6.56
CA ILE N 184 -43.63 18.21 -7.92
C ILE N 184 -42.19 17.99 -8.38
N TYR N 185 -41.91 16.81 -8.93
CA TYR N 185 -40.57 16.43 -9.31
C TYR N 185 -40.55 16.02 -10.77
N ASN N 186 -39.44 16.32 -11.44
CA ASN N 186 -39.17 15.82 -12.79
C ASN N 186 -38.48 14.47 -12.63
N TYR N 187 -39.26 13.40 -12.74
CA TYR N 187 -38.74 12.06 -12.50
C TYR N 187 -39.26 11.09 -13.56
N ASP N 188 -38.35 10.34 -14.15
CA ASP N 188 -38.70 9.34 -15.17
C ASP N 188 -39.20 8.08 -14.45
N PHE N 189 -40.44 8.17 -13.97
CA PHE N 189 -41.04 7.04 -13.28
C PHE N 189 -41.32 5.91 -14.25
N PRO N 190 -41.32 4.66 -13.78
CA PRO N 190 -41.57 3.53 -14.68
C PRO N 190 -43.03 3.47 -15.10
N GLU N 191 -43.25 2.86 -16.26
CA GLU N 191 -44.57 2.70 -16.82
C GLU N 191 -45.38 1.66 -16.04
N TYR N 192 -46.71 1.79 -16.14
CA TYR N 192 -47.62 0.91 -15.43
C TYR N 192 -47.35 -0.55 -15.78
N GLY N 193 -47.04 -1.35 -14.77
CA GLY N 193 -46.74 -2.75 -14.95
C GLY N 193 -45.27 -3.09 -15.08
N ALA N 194 -44.40 -2.08 -15.13
CA ALA N 194 -42.96 -2.30 -15.24
C ALA N 194 -42.21 -2.03 -13.95
N GLY N 195 -42.93 -1.93 -12.82
CA GLY N 195 -42.27 -1.62 -11.57
C GLY N 195 -41.28 -2.70 -11.17
N GLN N 196 -40.17 -2.27 -10.59
CA GLN N 196 -39.13 -3.20 -10.12
C GLN N 196 -39.09 -3.22 -8.60
N PRO N 197 -38.64 -4.32 -8.00
CA PRO N 197 -38.56 -4.37 -6.54
C PRO N 197 -37.49 -3.42 -6.00
N GLY N 198 -37.85 -2.69 -4.95
CA GLY N 198 -36.95 -1.74 -4.34
C GLY N 198 -36.78 -0.44 -5.09
N ALA N 199 -37.61 -0.18 -6.10
CA ALA N 199 -37.55 1.03 -6.89
C ALA N 199 -38.89 1.76 -6.82
N PHE N 200 -38.84 3.07 -7.04
CA PHE N 200 -40.05 3.89 -7.06
C PHE N 200 -41.08 3.30 -8.02
N GLY N 201 -42.27 3.03 -7.49
CA GLY N 201 -43.30 2.36 -8.26
C GLY N 201 -43.31 0.86 -8.14
N ASP N 202 -42.78 0.30 -7.05
CA ASP N 202 -42.88 -1.13 -6.83
C ASP N 202 -44.34 -1.56 -6.61
N ILE N 203 -45.14 -0.72 -5.98
CA ILE N 203 -46.57 -0.95 -5.82
C ILE N 203 -47.31 0.14 -6.58
N GLN N 204 -48.06 -0.27 -7.59
CA GLN N 204 -48.77 0.67 -8.46
C GLN N 204 -50.27 0.38 -8.43
N SER N 205 -51.06 1.45 -8.54
CA SER N 205 -52.51 1.34 -8.61
C SER N 205 -53.02 2.31 -9.67
N ARG N 206 -53.78 1.79 -10.63
CA ARG N 206 -54.28 2.61 -11.73
C ARG N 206 -54.96 3.88 -11.23
N THR N 207 -55.88 3.72 -10.27
CA THR N 207 -56.55 4.84 -9.62
C THR N 207 -56.54 4.61 -8.12
N VAL N 208 -56.95 5.64 -7.37
CA VAL N 208 -56.98 5.54 -5.92
C VAL N 208 -57.98 4.48 -5.47
N SER N 209 -59.15 4.45 -6.11
CA SER N 209 -60.21 3.53 -5.73
C SER N 209 -60.09 2.16 -6.41
N SER N 210 -59.16 2.00 -7.34
CA SER N 210 -59.03 0.73 -8.05
C SER N 210 -58.61 -0.38 -7.09
N SER N 211 -59.37 -1.48 -7.12
CA SER N 211 -59.04 -2.62 -6.26
C SER N 211 -57.87 -3.41 -6.84
N ASP N 212 -57.83 -3.60 -8.15
CA ASP N 212 -56.70 -4.26 -8.78
C ASP N 212 -55.47 -3.36 -8.73
N LEU N 213 -54.31 -3.98 -8.49
CA LEU N 213 -53.06 -3.25 -8.39
C LEU N 213 -51.92 -4.15 -8.82
N TYR N 214 -50.83 -3.51 -9.25
CA TYR N 214 -49.62 -4.22 -9.65
C TYR N 214 -48.63 -4.22 -8.50
N ALA N 215 -48.03 -5.38 -8.23
CA ALA N 215 -47.09 -5.53 -7.13
C ALA N 215 -45.90 -6.33 -7.59
N ASN N 216 -44.70 -5.80 -7.37
CA ASN N 216 -43.44 -6.50 -7.66
C ASN N 216 -42.49 -6.21 -6.51
N THR N 217 -42.57 -7.03 -5.47
CA THR N 217 -41.76 -6.85 -4.26
C THR N 217 -40.68 -7.90 -4.11
N ASN N 218 -40.63 -8.90 -4.99
CA ASN N 218 -39.71 -10.04 -4.86
C ASN N 218 -39.98 -10.78 -3.55
N LEU N 219 -41.25 -11.09 -3.31
CA LEU N 219 -41.64 -11.79 -2.09
C LEU N 219 -41.22 -13.25 -2.19
N VAL N 220 -40.42 -13.70 -1.23
CA VAL N 220 -39.94 -15.08 -1.16
C VAL N 220 -40.25 -15.61 0.23
N LEU N 221 -40.96 -16.74 0.29
CA LEU N 221 -41.25 -17.38 1.56
C LEU N 221 -40.05 -18.21 2.01
N GLN N 222 -39.85 -18.27 3.32
CA GLN N 222 -38.70 -18.95 3.91
C GLN N 222 -39.17 -20.11 4.78
N ARG N 223 -38.20 -20.92 5.21
CA ARG N 223 -38.50 -22.05 6.07
C ARG N 223 -38.74 -21.58 7.49
N PRO N 224 -39.86 -21.95 8.11
CA PRO N 224 -40.13 -21.51 9.48
C PRO N 224 -39.23 -22.22 10.49
N LYS N 225 -39.13 -21.62 11.68
CA LYS N 225 -38.36 -22.20 12.75
C LYS N 225 -39.06 -23.41 13.34
N ALA N 226 -38.29 -24.45 13.65
CA ALA N 226 -38.85 -25.65 14.27
C ALA N 226 -39.36 -25.31 15.66
N GLY N 227 -40.62 -25.66 15.92
CA GLY N 227 -41.23 -25.38 17.21
C GLY N 227 -41.80 -24.00 17.36
N ALA N 228 -41.79 -23.18 16.30
CA ALA N 228 -42.30 -21.83 16.35
C ALA N 228 -43.31 -21.63 15.24
N ILE N 229 -44.48 -21.08 15.57
CA ILE N 229 -45.51 -20.76 14.60
C ILE N 229 -45.37 -19.31 14.18
N HIS N 230 -45.05 -19.10 12.91
CA HIS N 230 -44.86 -17.78 12.34
C HIS N 230 -44.77 -17.95 10.83
N VAL N 231 -44.95 -16.84 10.12
CA VAL N 231 -44.87 -16.86 8.66
C VAL N 231 -43.62 -16.11 8.23
N PRO N 232 -42.52 -16.81 7.95
CA PRO N 232 -41.32 -16.13 7.46
C PRO N 232 -41.49 -15.66 6.03
N TYR N 233 -40.78 -14.60 5.69
CA TYR N 233 -40.93 -14.00 4.38
C TYR N 233 -39.69 -13.18 4.05
N THR N 234 -39.54 -12.88 2.76
CA THR N 234 -38.50 -12.02 2.25
C THR N 234 -39.12 -10.99 1.31
N GLN N 235 -38.73 -9.72 1.46
CA GLN N 235 -39.26 -8.69 0.58
C GLN N 235 -38.25 -7.58 0.42
N ALA N 236 -38.34 -6.89 -0.72
CA ALA N 236 -37.51 -5.73 -0.96
C ALA N 236 -38.01 -4.56 -0.12
N PRO N 237 -37.11 -3.71 0.36
CA PRO N 237 -37.55 -2.51 1.10
C PRO N 237 -38.50 -1.67 0.25
N SER N 238 -39.43 -1.02 0.93
CA SER N 238 -40.40 -0.17 0.25
C SER N 238 -39.70 0.86 -0.62
N GLY N 239 -39.91 0.75 -1.93
CA GLY N 239 -39.30 1.70 -2.85
C GLY N 239 -39.81 3.11 -2.67
N PHE N 240 -41.05 3.25 -2.19
CA PHE N 240 -41.57 4.58 -1.87
C PHE N 240 -40.68 5.30 -0.86
N GLU N 241 -40.32 4.61 0.23
CA GLU N 241 -39.45 5.21 1.23
C GLU N 241 -38.08 5.56 0.66
N GLN N 242 -37.50 4.66 -0.13
CA GLN N 242 -36.19 4.92 -0.72
C GLN N 242 -36.24 6.15 -1.62
N TRP N 243 -37.26 6.24 -2.47
CA TRP N 243 -37.41 7.42 -3.31
C TRP N 243 -37.60 8.68 -2.48
N LYS N 244 -38.45 8.60 -1.44
CA LYS N 244 -38.63 9.74 -0.54
C LYS N 244 -37.32 10.19 0.07
N LYS N 245 -36.40 9.26 0.31
CA LYS N 245 -35.11 9.63 0.87
C LYS N 245 -34.21 10.25 -0.21
N ASP N 246 -34.29 9.75 -1.43
CA ASP N 246 -33.46 10.22 -2.55
C ASP N 246 -34.27 11.07 -3.52
N LYS N 247 -35.35 11.69 -3.04
CA LYS N 247 -36.27 12.41 -3.92
C LYS N 247 -35.63 13.59 -4.65
N ALA N 248 -34.50 14.10 -4.15
CA ALA N 248 -33.77 15.21 -4.77
C ALA N 248 -34.60 16.50 -4.69
N PRO N 249 -34.00 17.67 -4.92
CA PRO N 249 -34.77 18.91 -4.86
C PRO N 249 -35.91 18.92 -5.88
N SER N 250 -36.98 19.63 -5.53
CA SER N 250 -38.19 19.60 -6.33
C SER N 250 -38.05 20.47 -7.57
N LEU N 251 -38.94 20.23 -8.53
CA LEU N 251 -38.96 21.03 -9.74
C LEU N 251 -39.19 22.50 -9.41
N LYS N 252 -40.04 22.78 -8.43
CA LYS N 252 -40.31 24.16 -8.02
C LYS N 252 -39.03 24.91 -7.72
N PHE N 253 -38.05 24.24 -7.11
CA PHE N 253 -36.80 24.88 -6.77
C PHE N 253 -35.81 24.89 -7.93
N THR N 254 -35.96 23.98 -8.89
CA THR N 254 -35.01 23.84 -9.98
C THR N 254 -35.50 24.45 -11.29
N ALA N 255 -36.76 24.83 -11.38
CA ALA N 255 -37.31 25.32 -12.64
C ALA N 255 -36.61 26.60 -13.05
N PRO N 256 -36.16 26.70 -14.30
CA PRO N 256 -35.47 27.92 -14.75
C PRO N 256 -36.46 29.06 -14.97
N PHE N 257 -35.89 30.24 -15.28
CA PHE N 257 -36.63 31.47 -15.55
C PHE N 257 -37.43 31.94 -14.34
N GLY N 258 -37.04 31.51 -13.14
CA GLY N 258 -37.77 31.89 -11.95
C GLY N 258 -39.20 31.37 -11.91
N CYS N 259 -39.48 30.31 -12.66
CA CYS N 259 -40.82 29.77 -12.73
C CYS N 259 -41.23 29.20 -11.37
N GLU N 260 -42.41 29.60 -10.89
CA GLU N 260 -42.95 29.11 -9.64
C GLU N 260 -44.01 28.06 -9.94
N ILE N 261 -43.96 26.96 -9.20
CA ILE N 261 -44.84 25.80 -9.43
C ILE N 261 -45.84 25.71 -8.31
N TYR N 262 -47.13 25.59 -8.66
CA TYR N 262 -48.19 25.45 -7.67
C TYR N 262 -49.02 24.23 -8.02
N THR N 263 -49.64 23.64 -7.01
CA THR N 263 -50.32 22.36 -7.14
C THR N 263 -51.83 22.54 -7.14
N ASN N 264 -52.54 21.40 -7.09
CA ASN N 264 -53.99 21.21 -7.13
C ASN N 264 -54.53 21.58 -8.51
N PRO N 265 -54.70 22.87 -8.91
CA PRO N 265 -54.76 23.07 -10.37
C PRO N 265 -53.36 23.26 -10.94
N ILE N 266 -52.70 22.13 -11.23
CA ILE N 266 -51.30 22.09 -11.65
C ILE N 266 -51.02 23.17 -12.68
N ARG N 267 -50.07 24.04 -12.38
CA ARG N 267 -49.87 25.26 -13.15
C ARG N 267 -48.49 25.83 -12.84
N ALA N 268 -47.99 26.62 -13.78
CA ALA N 268 -46.74 27.35 -13.61
C ALA N 268 -47.01 28.84 -13.67
N GLU N 269 -46.38 29.60 -12.79
CA GLU N 269 -46.62 31.03 -12.69
C GLU N 269 -45.32 31.81 -12.72
N ASN N 270 -45.41 33.06 -13.20
CA ASN N 270 -44.32 34.02 -13.16
C ASN N 270 -43.09 33.51 -13.92
N CYS N 271 -43.32 32.83 -15.03
CA CYS N 271 -42.24 32.29 -15.84
C CYS N 271 -41.78 33.42 -16.78
N ALA N 272 -40.64 34.02 -16.44
CA ALA N 272 -40.15 35.20 -17.17
C ALA N 272 -39.32 34.75 -18.36
N VAL N 273 -40.01 34.40 -19.44
CA VAL N 273 -39.35 34.00 -20.68
C VAL N 273 -40.23 34.43 -21.85
N GLY N 274 -39.60 35.03 -22.87
CA GLY N 274 -40.28 35.29 -24.11
C GLY N 274 -41.02 36.62 -24.11
N SER N 275 -41.98 36.70 -25.04
CA SER N 275 -42.84 37.87 -25.18
C SER N 275 -44.15 37.42 -25.81
N ILE N 276 -45.15 38.29 -25.74
CA ILE N 276 -46.49 37.99 -26.22
C ILE N 276 -46.97 39.12 -27.13
N PRO N 277 -47.34 38.83 -28.38
CA PRO N 277 -47.91 39.88 -29.23
C PRO N 277 -49.34 40.22 -28.82
N LEU N 278 -49.72 41.47 -29.06
CA LEU N 278 -51.04 41.96 -28.71
C LEU N 278 -51.65 42.70 -29.88
N ALA N 279 -52.95 42.52 -30.08
CA ALA N 279 -53.70 43.20 -31.12
C ALA N 279 -54.91 43.85 -30.50
N PHE N 280 -55.15 45.12 -30.83
CA PHE N 280 -56.19 45.93 -30.19
C PHE N 280 -57.11 46.49 -31.27
N ASP N 281 -58.26 45.85 -31.47
CA ASP N 281 -59.26 46.33 -32.41
C ASP N 281 -60.12 47.35 -31.66
N ILE N 282 -59.84 48.63 -31.85
CA ILE N 282 -60.51 49.71 -31.14
C ILE N 282 -61.34 50.49 -32.15
N PRO N 283 -62.62 50.73 -31.88
CA PRO N 283 -63.44 51.50 -32.82
C PRO N 283 -63.01 52.96 -32.85
N ASP N 284 -63.21 53.58 -34.02
CA ASP N 284 -62.89 55.00 -34.18
C ASP N 284 -63.74 55.89 -33.27
N ALA N 285 -64.90 55.40 -32.84
CA ALA N 285 -65.76 56.20 -31.96
C ALA N 285 -65.05 56.60 -30.67
N LEU N 286 -64.08 55.81 -30.23
CA LEU N 286 -63.38 56.10 -28.97
C LEU N 286 -62.26 57.12 -29.13
N PHE N 287 -61.88 57.44 -30.36
CA PHE N 287 -60.84 58.43 -30.60
C PHE N 287 -61.37 59.84 -30.38
N THR N 288 -60.51 60.71 -29.86
CA THR N 288 -60.86 62.10 -29.58
C THR N 288 -60.10 63.03 -30.52
N ARG N 289 -60.81 63.99 -31.10
CA ARG N 289 -60.19 64.95 -32.01
C ARG N 289 -59.28 65.92 -31.26
N VAL N 290 -58.22 66.35 -31.95
CA VAL N 290 -57.25 67.27 -31.35
C VAL N 290 -57.92 68.57 -30.93
N SER N 291 -58.95 69.01 -31.66
CA SER N 291 -59.62 70.27 -31.33
C SER N 291 -60.27 70.24 -29.95
N GLU N 292 -60.54 69.05 -29.42
CA GLU N 292 -61.09 68.93 -28.08
C GLU N 292 -60.01 68.88 -27.01
N THR N 293 -58.77 68.62 -27.39
CA THR N 293 -57.64 68.54 -26.49
C THR N 293 -56.87 69.87 -26.47
N PRO N 294 -56.14 70.15 -25.40
CA PRO N 294 -55.36 71.39 -25.34
C PRO N 294 -54.22 71.37 -26.35
N THR N 295 -53.87 72.57 -26.83
CA THR N 295 -52.76 72.74 -27.76
C THR N 295 -51.55 73.28 -27.00
N LEU N 296 -50.42 72.61 -27.16
CA LEU N 296 -49.22 72.91 -26.38
C LEU N 296 -48.23 73.72 -27.21
N SER N 297 -47.64 74.73 -26.58
CA SER N 297 -46.59 75.53 -27.19
C SER N 297 -45.60 75.93 -26.10
N ALA N 298 -44.52 76.59 -26.52
CA ALA N 298 -43.47 77.06 -25.61
C ALA N 298 -42.95 75.94 -24.72
N ALA N 299 -42.65 74.81 -25.36
CA ALA N 299 -42.17 73.63 -24.65
C ALA N 299 -40.66 73.63 -24.59
N GLU N 300 -40.13 73.24 -23.42
CA GLU N 300 -38.69 73.19 -23.20
C GLU N 300 -38.38 72.06 -22.25
N CYS N 301 -37.57 71.09 -22.70
CA CYS N 301 -37.25 69.91 -21.91
C CYS N 301 -35.88 70.09 -21.29
N THR N 302 -35.81 70.02 -19.96
CA THR N 302 -34.57 70.10 -19.22
C THR N 302 -34.46 68.91 -18.28
N LEU N 303 -33.23 68.47 -18.06
CA LEU N 303 -32.95 67.34 -17.17
C LEU N 303 -32.36 67.89 -15.86
N ASN N 304 -33.20 67.95 -14.82
CA ASN N 304 -32.73 68.44 -13.54
C ASN N 304 -31.77 67.44 -12.88
N GLU N 305 -32.09 66.16 -12.98
CA GLU N 305 -31.28 65.11 -12.39
C GLU N 305 -31.64 63.80 -13.07
N CYS N 306 -30.69 62.87 -13.07
CA CYS N 306 -30.90 61.57 -13.70
C CYS N 306 -29.99 60.56 -13.02
N VAL N 307 -30.58 59.47 -12.53
CA VAL N 307 -29.85 58.36 -11.96
C VAL N 307 -30.23 57.11 -12.72
N TYR N 308 -29.28 56.52 -13.44
CA TYR N 308 -29.52 55.24 -14.09
C TYR N 308 -29.49 54.18 -13.01
N SER N 309 -30.66 53.72 -12.57
CA SER N 309 -30.71 52.79 -11.46
C SER N 309 -32.03 52.02 -11.51
N SER N 310 -32.30 51.30 -10.42
CA SER N 310 -33.50 50.47 -10.34
C SER N 310 -34.77 51.29 -10.56
N ASP N 311 -34.93 52.37 -9.81
CA ASP N 311 -36.17 53.13 -9.82
C ASP N 311 -36.10 54.22 -10.90
N PHE N 312 -37.12 55.08 -10.94
CA PHE N 312 -37.16 56.17 -11.91
C PHE N 312 -36.19 57.26 -11.51
N GLY N 313 -34.89 57.01 -11.69
CA GLY N 313 -33.91 57.99 -11.26
C GLY N 313 -33.74 59.19 -12.16
N GLY N 314 -34.32 59.14 -13.36
CA GLY N 314 -34.36 60.32 -14.21
C GLY N 314 -35.51 61.23 -13.81
N ILE N 315 -35.21 62.52 -13.73
CA ILE N 315 -36.19 63.53 -13.30
C ILE N 315 -36.12 64.67 -14.32
N ALA N 316 -37.03 64.65 -15.28
CA ALA N 316 -37.09 65.68 -16.30
C ALA N 316 -38.22 66.65 -15.99
N THR N 317 -37.94 67.94 -16.15
CA THR N 317 -38.93 68.99 -15.95
C THR N 317 -39.11 69.75 -17.25
N VAL N 318 -40.35 69.88 -17.70
CA VAL N 318 -40.67 70.51 -18.99
C VAL N 318 -41.58 71.71 -18.72
N LYS N 319 -41.14 72.89 -19.13
CA LYS N 319 -41.97 74.07 -19.11
C LYS N 319 -42.85 74.10 -20.36
N TYR N 320 -44.09 74.53 -20.19
CA TYR N 320 -45.05 74.48 -21.28
C TYR N 320 -46.04 75.62 -21.15
N SER N 321 -46.71 75.94 -22.27
CA SER N 321 -47.85 76.84 -22.30
C SER N 321 -49.00 76.12 -22.98
N ALA N 322 -50.07 75.86 -22.23
CA ALA N 322 -51.19 75.07 -22.71
C ALA N 322 -52.40 75.98 -22.96
N SER N 323 -53.06 75.76 -24.10
CA SER N 323 -54.26 76.53 -24.41
C SER N 323 -55.41 76.19 -23.49
N LYS N 324 -55.46 74.96 -22.99
CA LYS N 324 -56.50 74.52 -22.08
C LYS N 324 -55.89 73.64 -20.99
N SER N 325 -56.60 73.53 -19.88
CA SER N 325 -56.21 72.61 -18.82
C SER N 325 -56.64 71.18 -19.17
N GLY N 326 -55.98 70.22 -18.53
CA GLY N 326 -56.28 68.82 -18.76
C GLY N 326 -55.06 67.93 -18.77
N LYS N 327 -55.26 66.64 -19.01
CA LYS N 327 -54.19 65.66 -19.02
C LYS N 327 -53.70 65.42 -20.44
N CYS N 328 -52.39 65.24 -20.60
CA CYS N 328 -51.79 64.91 -21.88
C CYS N 328 -51.10 63.55 -21.77
N ALA N 329 -51.26 62.74 -22.81
CA ALA N 329 -50.53 61.48 -22.87
C ALA N 329 -49.06 61.75 -23.18
N VAL N 330 -48.18 60.97 -22.57
CA VAL N 330 -46.74 61.11 -22.74
C VAL N 330 -46.15 59.77 -23.14
N HIS N 331 -45.16 59.81 -24.04
CA HIS N 331 -44.52 58.61 -24.54
C HIS N 331 -43.22 58.99 -25.22
N VAL N 332 -42.20 58.15 -25.03
CA VAL N 332 -40.94 58.26 -25.78
C VAL N 332 -41.00 57.29 -26.94
N PRO N 333 -40.93 57.75 -28.19
CA PRO N 333 -41.01 56.82 -29.33
C PRO N 333 -39.94 55.74 -29.29
N SER N 334 -38.73 56.07 -28.87
CA SER N 334 -37.65 55.11 -28.78
C SER N 334 -37.70 54.37 -27.45
N GLY N 335 -37.35 53.08 -27.49
CA GLY N 335 -37.33 52.29 -26.28
C GLY N 335 -36.17 52.57 -25.35
N THR N 336 -35.24 53.45 -25.74
CA THR N 336 -34.11 53.79 -24.89
C THR N 336 -34.57 54.32 -23.53
N ALA N 337 -35.57 55.19 -23.53
CA ALA N 337 -36.13 55.75 -22.31
C ALA N 337 -37.58 55.32 -22.15
N THR N 338 -37.98 55.08 -20.90
CA THR N 338 -39.35 54.72 -20.58
C THR N 338 -39.87 55.65 -19.49
N LEU N 339 -41.12 56.08 -19.63
CA LEU N 339 -41.70 57.05 -18.72
C LEU N 339 -42.48 56.36 -17.61
N LYS N 340 -42.54 57.03 -16.46
CA LYS N 340 -43.24 56.47 -15.30
C LYS N 340 -44.75 56.50 -15.51
N GLU N 341 -45.31 57.67 -15.80
CA GLU N 341 -46.74 57.82 -15.97
C GLU N 341 -47.11 57.81 -17.44
N ALA N 342 -48.32 57.33 -17.73
CA ALA N 342 -48.83 57.34 -19.09
C ALA N 342 -49.40 58.70 -19.48
N ALA N 343 -49.91 59.45 -18.51
CA ALA N 343 -50.45 60.77 -18.78
C ALA N 343 -50.19 61.67 -17.59
N VAL N 344 -50.00 62.96 -17.86
CA VAL N 344 -49.69 63.96 -16.84
C VAL N 344 -50.72 65.08 -16.93
N GLU N 345 -51.26 65.47 -15.78
CA GLU N 345 -52.20 66.57 -15.72
C GLU N 345 -51.44 67.89 -15.86
N LEU N 346 -51.74 68.65 -16.91
CA LEU N 346 -50.99 69.86 -17.21
C LEU N 346 -51.80 71.09 -16.81
N THR N 347 -51.07 72.11 -16.36
CA THR N 347 -51.64 73.42 -16.03
C THR N 347 -51.77 74.25 -17.29
N GLU N 348 -51.92 75.57 -17.13
CA GLU N 348 -52.11 76.45 -18.27
C GLU N 348 -50.76 76.93 -18.81
N GLN N 349 -49.98 77.62 -17.99
CA GLN N 349 -48.67 78.14 -18.40
C GLN N 349 -47.62 77.84 -17.34
N GLY N 350 -47.64 76.62 -16.80
CA GLY N 350 -46.72 76.22 -15.76
C GLY N 350 -45.61 75.33 -16.29
N SER N 351 -45.16 74.41 -15.43
CA SER N 351 -44.14 73.44 -15.80
C SER N 351 -44.51 72.09 -15.20
N ALA N 352 -44.16 71.03 -15.91
CA ALA N 352 -44.47 69.67 -15.52
C ALA N 352 -43.19 68.89 -15.27
N THR N 353 -43.22 68.03 -14.25
CA THR N 353 -42.09 67.16 -13.93
C THR N 353 -42.53 65.71 -14.14
N ILE N 354 -41.70 64.94 -14.83
CA ILE N 354 -42.01 63.54 -15.13
C ILE N 354 -40.79 62.69 -14.80
N HIS N 355 -41.04 61.55 -14.18
CA HIS N 355 -39.99 60.60 -13.86
C HIS N 355 -39.80 59.61 -15.00
N PHE N 356 -38.55 59.17 -15.18
CA PHE N 356 -38.23 58.22 -16.23
C PHE N 356 -36.97 57.45 -15.82
N SER N 357 -36.58 56.51 -16.67
CA SER N 357 -35.30 55.82 -16.53
C SER N 357 -34.86 55.31 -17.90
N THR N 358 -33.57 55.45 -18.18
CA THR N 358 -33.03 55.11 -19.49
C THR N 358 -31.75 54.29 -19.32
N ALA N 359 -31.58 53.31 -20.20
CA ALA N 359 -30.36 52.50 -20.19
C ALA N 359 -29.14 53.31 -20.62
N ASN N 360 -29.34 54.33 -21.44
CA ASN N 360 -28.24 55.10 -22.02
C ASN N 360 -27.87 56.23 -21.06
N ILE N 361 -26.65 56.17 -20.54
CA ILE N 361 -26.18 57.17 -19.58
C ILE N 361 -26.11 58.57 -20.20
N HIS N 362 -26.16 58.67 -21.53
CA HIS N 362 -26.22 59.95 -22.23
C HIS N 362 -27.54 60.04 -22.97
N PRO N 363 -28.61 60.50 -22.31
CA PRO N 363 -29.93 60.56 -22.95
C PRO N 363 -29.91 61.36 -24.24
N GLU N 364 -30.48 60.78 -25.29
CA GLU N 364 -30.73 61.50 -26.54
C GLU N 364 -31.99 60.90 -27.15
N PHE N 365 -33.13 61.53 -26.88
CA PHE N 365 -34.42 60.97 -27.27
C PHE N 365 -35.44 62.09 -27.34
N ARG N 366 -36.56 61.80 -27.99
CA ARG N 366 -37.67 62.72 -28.13
C ARG N 366 -38.75 62.39 -27.10
N LEU N 367 -39.42 63.42 -26.60
CA LEU N 367 -40.51 63.27 -25.66
C LEU N 367 -41.77 63.87 -26.25
N GLN N 368 -42.80 63.04 -26.42
CA GLN N 368 -44.08 63.46 -26.98
C GLN N 368 -45.06 63.76 -25.84
N ILE N 369 -45.66 64.95 -25.89
CA ILE N 369 -46.71 65.34 -24.96
C ILE N 369 -47.89 65.86 -25.78
N CYS N 370 -49.03 65.20 -25.66
CA CYS N 370 -50.18 65.39 -26.56
C CYS N 370 -49.67 65.33 -28.00
N THR N 371 -50.06 66.26 -28.88
CA THR N 371 -49.70 66.19 -30.28
C THR N 371 -48.31 66.73 -30.57
N SER N 372 -47.70 67.46 -29.64
CA SER N 372 -46.38 68.01 -29.84
C SER N 372 -45.32 67.11 -29.21
N TYR N 373 -44.07 67.33 -29.62
CA TYR N 373 -42.95 66.58 -29.07
C TYR N 373 -41.70 67.45 -29.12
N VAL N 374 -40.78 67.20 -28.19
CA VAL N 374 -39.53 67.94 -28.09
C VAL N 374 -38.40 66.96 -27.87
N THR N 375 -37.18 67.43 -28.06
CA THR N 375 -35.97 66.63 -27.88
C THR N 375 -35.39 66.89 -26.50
N CYS N 376 -35.14 65.83 -25.75
CA CYS N 376 -34.53 65.90 -24.44
C CYS N 376 -33.13 65.33 -24.49
N LYS N 377 -32.25 65.86 -23.64
CA LYS N 377 -30.85 65.47 -23.66
C LYS N 377 -30.21 65.84 -22.33
N GLY N 378 -29.30 65.01 -21.85
CA GLY N 378 -28.66 65.25 -20.58
C GLY N 378 -27.51 64.30 -20.34
N ASP N 379 -27.12 64.20 -19.08
CA ASP N 379 -26.00 63.36 -18.67
C ASP N 379 -26.34 62.71 -17.34
N CYS N 380 -26.47 61.39 -17.35
CA CYS N 380 -26.86 60.63 -16.16
C CYS N 380 -25.62 60.12 -15.43
N HIS N 381 -25.79 59.84 -14.13
CA HIS N 381 -24.68 59.21 -13.44
C HIS N 381 -24.91 57.70 -13.34
N PRO N 382 -23.84 56.90 -13.39
CA PRO N 382 -23.96 55.45 -13.19
C PRO N 382 -24.68 55.10 -11.90
N PRO N 383 -25.13 53.86 -11.74
CA PRO N 383 -25.95 53.50 -10.57
C PRO N 383 -25.22 53.71 -9.25
N LYS N 384 -26.02 54.03 -8.22
CA LYS N 384 -25.50 54.37 -6.90
C LYS N 384 -25.62 53.19 -5.93
N ASP N 385 -26.85 52.71 -5.70
CA ASP N 385 -27.09 51.53 -4.89
C ASP N 385 -27.00 50.32 -5.82
N HIS N 386 -25.97 49.51 -5.66
CA HIS N 386 -25.60 48.54 -6.68
C HIS N 386 -26.35 47.22 -6.57
N ILE N 387 -27.01 46.92 -5.46
CA ILE N 387 -27.84 45.73 -5.32
C ILE N 387 -29.27 46.18 -5.06
N VAL N 388 -30.20 45.67 -5.87
CA VAL N 388 -31.60 46.03 -5.78
C VAL N 388 -32.45 44.77 -5.85
N THR N 389 -33.73 44.92 -5.49
CA THR N 389 -34.62 43.76 -5.39
C THR N 389 -35.03 43.24 -6.76
N HIS N 390 -35.75 44.05 -7.53
CA HIS N 390 -36.24 43.60 -8.84
C HIS N 390 -36.62 44.78 -9.74
N PRO N 391 -35.66 45.43 -10.38
CA PRO N 391 -35.97 46.62 -11.17
C PRO N 391 -36.49 46.26 -12.56
N GLN N 392 -36.99 47.29 -13.24
CA GLN N 392 -37.61 47.21 -14.55
C GLN N 392 -36.67 47.76 -15.63
N TYR N 393 -37.23 47.95 -16.82
CA TYR N 393 -36.60 48.67 -17.94
C TYR N 393 -35.16 48.23 -18.18
N HIS N 394 -35.00 46.94 -18.44
CA HIS N 394 -33.71 46.31 -18.72
C HIS N 394 -33.48 46.15 -20.22
N ALA N 395 -33.90 47.14 -21.01
CA ALA N 395 -33.69 47.11 -22.45
C ALA N 395 -32.22 46.90 -22.80
N GLN N 396 -31.34 47.73 -22.25
CA GLN N 396 -29.89 47.59 -22.42
C GLN N 396 -29.51 47.63 -23.90
N THR N 397 -29.88 48.73 -24.55
CA THR N 397 -29.54 48.95 -25.95
C THR N 397 -28.04 48.75 -26.18
N PHE N 398 -27.70 48.17 -27.32
CA PHE N 398 -26.30 47.86 -27.62
C PHE N 398 -25.42 49.11 -27.54
N THR N 399 -25.81 50.17 -28.22
CA THR N 399 -25.07 51.43 -28.17
C THR N 399 -25.51 52.32 -26.99
N ALA N 400 -25.47 51.75 -25.78
CA ALA N 400 -25.76 52.51 -24.58
C ALA N 400 -24.58 52.66 -23.63
N ALA N 401 -23.55 51.82 -23.76
CA ALA N 401 -22.39 51.88 -22.89
C ALA N 401 -21.36 52.90 -23.36
N VAL N 402 -21.77 53.87 -24.17
CA VAL N 402 -20.83 54.89 -24.65
C VAL N 402 -20.63 55.94 -23.56
N SER N 403 -19.55 56.72 -23.72
CA SER N 403 -19.21 57.76 -22.75
C SER N 403 -18.82 59.04 -23.48
N LYS N 404 -19.55 59.36 -24.55
CA LYS N 404 -19.41 60.58 -25.33
C LYS N 404 -17.97 61.01 -25.57
N THR N 405 -17.32 61.58 -24.55
CA THR N 405 -15.96 62.09 -24.70
C THR N 405 -14.98 60.95 -24.98
N ALA N 406 -14.92 59.97 -24.09
CA ALA N 406 -14.03 58.82 -24.30
C ALA N 406 -14.42 58.06 -25.56
N TRP N 407 -15.71 57.98 -25.86
CA TRP N 407 -16.15 57.36 -27.10
C TRP N 407 -15.55 58.07 -28.32
N THR N 408 -15.55 59.41 -28.29
CA THR N 408 -14.94 60.18 -29.38
C THR N 408 -13.44 59.96 -29.42
N TRP N 409 -12.81 59.86 -28.24
CA TRP N 409 -11.39 59.53 -28.18
C TRP N 409 -11.11 58.21 -28.91
N LEU N 410 -11.93 57.20 -28.64
CA LEU N 410 -11.75 55.91 -29.28
C LEU N 410 -12.04 55.99 -30.78
N THR N 411 -13.05 56.79 -31.15
CA THR N 411 -13.31 57.07 -32.56
C THR N 411 -12.07 57.65 -33.24
N SER N 412 -11.36 58.53 -32.53
CA SER N 412 -10.09 59.03 -33.07
C SER N 412 -9.04 57.93 -33.09
N LEU N 413 -9.12 56.97 -32.17
CA LEU N 413 -8.18 55.86 -32.17
C LEU N 413 -8.54 54.79 -33.21
N LEU N 414 -9.83 54.58 -33.47
CA LEU N 414 -10.28 53.64 -34.50
C LEU N 414 -10.92 54.44 -35.62
N GLY N 415 -10.31 54.43 -36.80
CA GLY N 415 -10.74 55.19 -37.93
C GLY N 415 -9.96 56.47 -38.14
N GLY N 416 -9.46 57.07 -37.05
CA GLY N 416 -8.55 58.20 -37.20
C GLY N 416 -7.28 57.81 -37.91
N SER N 417 -6.71 56.67 -37.53
CA SER N 417 -5.58 56.12 -38.28
C SER N 417 -5.99 55.73 -39.69
N ALA N 418 -7.25 55.33 -39.88
CA ALA N 418 -7.74 55.08 -41.23
C ALA N 418 -7.75 56.37 -42.06
N VAL N 419 -8.19 57.48 -41.46
CA VAL N 419 -8.12 58.76 -42.14
C VAL N 419 -6.66 59.11 -42.45
N ILE N 420 -5.76 58.86 -41.51
CA ILE N 420 -4.34 59.15 -41.72
C ILE N 420 -3.80 58.35 -42.90
N ILE N 421 -4.13 57.07 -42.97
CA ILE N 421 -3.59 56.24 -44.05
C ILE N 421 -4.28 56.55 -45.38
N ILE N 422 -5.53 57.04 -45.35
CA ILE N 422 -6.14 57.50 -46.58
C ILE N 422 -5.43 58.74 -47.10
N ILE N 423 -5.11 59.67 -46.21
CA ILE N 423 -4.33 60.84 -46.61
C ILE N 423 -2.97 60.42 -47.15
N GLY N 424 -2.33 59.46 -46.48
CA GLY N 424 -1.04 58.97 -46.95
C GLY N 424 -1.13 58.31 -48.32
N LEU N 425 -2.19 57.54 -48.55
CA LEU N 425 -2.41 56.93 -49.85
C LEU N 425 -2.59 58.00 -50.93
N VAL N 426 -3.37 59.03 -50.64
CA VAL N 426 -3.56 60.10 -51.61
C VAL N 426 -2.24 60.79 -51.91
N LEU N 427 -1.45 61.07 -50.87
CA LEU N 427 -0.16 61.72 -51.07
C LEU N 427 0.79 60.84 -51.87
N ALA N 428 0.80 59.53 -51.60
CA ALA N 428 1.65 58.62 -52.35
C ALA N 428 1.24 58.55 -53.81
N THR N 429 -0.06 58.51 -54.08
CA THR N 429 -0.54 58.54 -55.46
C THR N 429 -0.14 59.83 -56.15
N ILE N 430 -0.25 60.96 -55.46
CA ILE N 430 0.14 62.25 -56.03
C ILE N 430 1.64 62.25 -56.35
N VAL N 431 2.47 61.74 -55.44
CA VAL N 431 3.91 61.69 -55.68
C VAL N 431 4.23 60.80 -56.86
N ALA N 432 3.57 59.64 -56.95
CA ALA N 432 3.78 58.75 -58.10
C ALA N 432 3.38 59.44 -59.40
N MET N 433 2.26 60.17 -59.41
CA MET N 433 1.84 60.87 -60.61
C MET N 433 2.83 61.97 -60.97
N TYR N 434 3.38 62.66 -59.96
CA TYR N 434 4.41 63.66 -60.22
C TYR N 434 5.65 63.04 -60.83
N VAL N 435 6.07 61.88 -60.32
CA VAL N 435 7.25 61.21 -60.88
C VAL N 435 6.98 60.79 -62.33
N LEU N 436 5.81 60.23 -62.59
CA LEU N 436 5.46 59.85 -63.96
C LEU N 436 5.42 61.06 -64.88
N THR N 437 4.86 62.17 -64.40
CA THR N 437 4.80 63.39 -65.19
C THR N 437 6.19 63.94 -65.47
N ASN N 438 7.07 63.89 -64.47
CA ASN N 438 8.44 64.36 -64.66
C ASN N 438 9.18 63.50 -65.66
N GLN N 439 8.94 62.18 -65.63
CA GLN N 439 9.63 61.29 -66.57
C GLN N 439 9.10 61.47 -67.99
N LYS N 440 7.77 61.49 -68.16
CA LYS N 440 7.18 61.63 -69.47
C LYS N 440 7.29 63.04 -70.03
N HIS N 441 7.58 64.03 -69.18
CA HIS N 441 7.63 65.42 -69.61
C HIS N 441 8.55 65.61 -70.82
N ASN N 442 9.74 65.03 -70.76
CA ASN N 442 10.64 65.09 -71.91
C ASN N 442 10.16 64.17 -73.03
N SER O 1 -72.10 5.74 21.54
CA SER O 1 -72.51 6.60 20.44
C SER O 1 -71.84 6.17 19.14
N THR O 2 -72.66 5.68 18.20
CA THR O 2 -72.25 5.30 16.84
C THR O 2 -71.41 4.03 16.88
N GLU O 3 -71.44 3.26 15.79
CA GLU O 3 -70.76 1.97 15.76
C GLU O 3 -69.25 2.11 15.87
N GLU O 4 -68.70 3.27 15.49
CA GLU O 4 -67.26 3.49 15.61
C GLU O 4 -66.82 3.42 17.07
N LEU O 5 -67.65 3.91 17.99
CA LEU O 5 -67.37 3.80 19.41
C LEU O 5 -67.93 2.53 20.01
N PHE O 6 -69.05 2.02 19.48
CA PHE O 6 -69.51 0.70 19.87
C PHE O 6 -68.48 -0.36 19.52
N ASN O 7 -67.90 -0.28 18.32
CA ASN O 7 -66.72 -1.03 17.92
C ASN O 7 -67.04 -2.49 17.66
N GLU O 8 -66.36 -3.08 16.68
CA GLU O 8 -66.39 -4.52 16.45
C GLU O 8 -65.66 -5.28 17.54
N TYR O 9 -65.02 -4.58 18.48
CA TYR O 9 -64.39 -5.16 19.66
C TYR O 9 -65.21 -6.28 20.29
N LYS O 10 -66.53 -6.10 20.36
CA LYS O 10 -67.37 -7.14 20.95
C LYS O 10 -67.26 -8.45 20.18
N LEU O 11 -66.99 -8.37 18.88
CA LEU O 11 -66.82 -9.56 18.06
C LEU O 11 -65.40 -10.10 18.06
N THR O 12 -64.39 -9.25 18.28
CA THR O 12 -63.02 -9.69 18.03
C THR O 12 -62.40 -10.48 19.18
N ARG O 13 -62.00 -9.79 20.26
CA ARG O 13 -61.31 -10.33 21.44
C ARG O 13 -59.80 -10.28 21.20
N PRO O 14 -59.00 -9.84 22.18
CA PRO O 14 -57.55 -9.84 21.99
C PRO O 14 -56.97 -11.24 21.94
N TYR O 15 -55.77 -11.35 21.38
CA TYR O 15 -55.09 -12.62 21.20
C TYR O 15 -53.61 -12.47 21.53
N MET O 16 -52.91 -13.61 21.56
CA MET O 16 -51.51 -13.69 21.92
C MET O 16 -50.65 -14.03 20.71
N ALA O 17 -49.38 -13.64 20.78
CA ALA O 17 -48.43 -13.91 19.71
C ALA O 17 -47.02 -13.97 20.30
N ARG O 18 -46.09 -14.50 19.50
CA ARG O 18 -44.71 -14.67 19.94
C ARG O 18 -43.93 -13.37 19.87
N CYS O 19 -43.18 -13.09 20.93
CA CYS O 19 -42.19 -12.01 20.95
C CYS O 19 -40.79 -12.58 20.90
N ILE O 20 -39.89 -11.84 20.24
CA ILE O 20 -38.51 -12.29 20.12
C ILE O 20 -37.87 -12.41 21.50
N ARG O 21 -38.02 -11.38 22.32
CA ARG O 21 -37.55 -11.38 23.69
C ARG O 21 -38.65 -10.87 24.61
N CYS O 22 -38.92 -11.63 25.66
CA CYS O 22 -39.92 -11.27 26.66
C CYS O 22 -39.28 -10.84 27.97
N ALA O 23 -37.97 -10.53 27.93
CA ALA O 23 -37.02 -10.35 29.02
C ALA O 23 -36.02 -11.49 28.94
N VAL O 24 -36.30 -12.59 29.65
CA VAL O 24 -35.47 -13.78 29.59
C VAL O 24 -36.08 -14.69 28.52
N GLY O 25 -35.68 -14.45 27.26
CA GLY O 25 -36.09 -15.32 26.18
C GLY O 25 -37.43 -14.95 25.57
N SER O 26 -37.83 -15.75 24.60
CA SER O 26 -39.09 -15.55 23.90
C SER O 26 -40.27 -16.10 24.72
N CYS O 27 -41.48 -15.73 24.30
CA CYS O 27 -42.70 -16.20 24.94
C CYS O 27 -43.88 -15.85 24.04
N HIS O 28 -45.01 -16.48 24.32
CA HIS O 28 -46.27 -16.21 23.61
C HIS O 28 -47.08 -15.22 24.43
N SER O 29 -46.82 -13.92 24.22
CA SER O 29 -47.47 -12.89 25.02
C SER O 29 -48.43 -12.06 24.18
N PRO O 30 -49.51 -11.55 24.79
CA PRO O 30 -50.43 -10.68 24.02
C PRO O 30 -49.85 -9.32 23.69
N ILE O 31 -48.75 -8.91 24.32
CA ILE O 31 -48.16 -7.61 24.05
C ILE O 31 -47.55 -7.50 22.66
N ALA O 32 -47.39 -8.63 21.96
CA ALA O 32 -46.64 -8.66 20.71
C ALA O 32 -47.17 -7.62 19.73
N ILE O 33 -46.24 -6.89 19.11
CA ILE O 33 -46.56 -5.84 18.16
C ILE O 33 -46.53 -6.43 16.75
N GLU O 34 -47.65 -6.33 16.03
CA GLU O 34 -47.71 -6.89 14.69
C GLU O 34 -46.98 -6.01 13.68
N ALA O 35 -47.25 -4.71 13.70
CA ALA O 35 -46.66 -3.81 12.72
C ALA O 35 -46.60 -2.39 13.29
N VAL O 36 -45.70 -1.60 12.74
CA VAL O 36 -45.50 -0.21 13.15
C VAL O 36 -45.43 0.66 11.90
N LYS O 37 -46.17 1.76 11.90
CA LYS O 37 -46.13 2.74 10.84
C LYS O 37 -45.55 4.05 11.36
N SER O 38 -44.74 4.71 10.53
CA SER O 38 -44.03 5.92 10.94
C SER O 38 -44.07 6.96 9.82
N ASP O 39 -45.22 7.10 9.17
CA ASP O 39 -45.35 8.03 8.06
C ASP O 39 -45.68 9.45 8.51
N GLY O 40 -46.25 9.61 9.70
CA GLY O 40 -46.62 10.94 10.16
C GLY O 40 -45.38 11.81 10.35
N HIS O 41 -45.50 13.08 9.96
CA HIS O 41 -44.38 13.99 10.02
C HIS O 41 -44.16 14.58 11.41
N ASP O 42 -45.15 14.50 12.30
CA ASP O 42 -45.05 15.12 13.61
C ASP O 42 -44.33 14.25 14.65
N GLY O 43 -43.92 13.03 14.28
CA GLY O 43 -43.21 12.17 15.19
C GLY O 43 -44.06 11.19 15.97
N TYR O 44 -45.36 11.16 15.75
CA TYR O 44 -46.22 10.20 16.44
C TYR O 44 -46.12 8.82 15.78
N VAL O 45 -46.24 7.79 16.61
CA VAL O 45 -46.12 6.40 16.16
C VAL O 45 -47.48 5.75 16.22
N ARG O 46 -47.77 4.90 15.23
CA ARG O 46 -48.99 4.10 15.21
C ARG O 46 -48.59 2.63 15.28
N LEU O 47 -48.69 2.04 16.47
CA LEU O 47 -48.34 0.65 16.68
C LEU O 47 -49.59 -0.21 16.62
N GLN O 48 -49.47 -1.36 15.96
CA GLN O 48 -50.52 -2.38 15.94
C GLN O 48 -50.06 -3.55 16.79
N THR O 49 -50.75 -3.78 17.90
CA THR O 49 -50.41 -4.87 18.81
C THR O 49 -51.37 -6.04 18.62
N SER O 50 -51.00 -7.18 19.20
CA SER O 50 -51.85 -8.36 19.13
C SER O 50 -53.03 -8.28 20.09
N SER O 51 -52.96 -7.44 21.12
CA SER O 51 -54.07 -7.26 22.05
C SER O 51 -54.95 -6.08 21.62
N GLN O 52 -56.07 -5.94 22.32
CA GLN O 52 -57.02 -4.86 22.08
C GLN O 52 -57.31 -4.15 23.39
N TYR O 53 -57.60 -2.85 23.30
CA TYR O 53 -57.92 -2.07 24.48
C TYR O 53 -58.79 -0.89 24.09
N GLY O 54 -59.24 -0.16 25.11
CA GLY O 54 -60.21 0.90 24.99
C GLY O 54 -61.60 0.51 25.45
N LEU O 55 -61.96 -0.76 25.32
CA LEU O 55 -63.21 -1.31 25.84
C LEU O 55 -62.89 -2.45 26.80
N ASP O 56 -63.67 -2.57 27.86
CA ASP O 56 -63.42 -3.57 28.89
C ASP O 56 -64.01 -4.92 28.47
N SER O 57 -63.97 -5.90 29.39
CA SER O 57 -64.37 -7.25 29.06
C SER O 57 -65.85 -7.35 28.75
N SER O 58 -66.67 -6.43 29.27
CA SER O 58 -68.10 -6.43 29.03
C SER O 58 -68.51 -5.57 27.85
N GLY O 59 -67.56 -4.90 27.21
CA GLY O 59 -67.87 -4.03 26.09
C GLY O 59 -68.18 -2.60 26.45
N ASN O 60 -67.92 -2.19 27.69
CA ASN O 60 -68.18 -0.82 28.10
C ASN O 60 -66.99 0.08 27.72
N LEU O 61 -67.30 1.34 27.43
CA LEU O 61 -66.28 2.30 27.03
C LEU O 61 -65.46 2.70 28.24
N LYS O 62 -64.20 2.24 28.28
CA LYS O 62 -63.30 2.60 29.37
C LYS O 62 -61.88 2.66 28.80
N GLY O 63 -61.42 3.86 28.49
CA GLY O 63 -60.10 4.08 27.96
C GLY O 63 -58.98 4.04 28.98
N ARG O 64 -59.33 3.93 30.27
CA ARG O 64 -58.33 3.94 31.33
C ARG O 64 -57.58 2.62 31.45
N THR O 65 -58.09 1.55 30.85
CA THR O 65 -57.56 0.21 31.04
C THR O 65 -57.20 -0.41 29.69
N MET O 66 -56.44 -1.50 29.74
CA MET O 66 -56.05 -2.24 28.56
C MET O 66 -56.26 -3.74 28.81
N ARG O 67 -56.61 -4.45 27.75
CA ARG O 67 -57.04 -5.84 27.83
C ARG O 67 -56.01 -6.74 27.15
N TYR O 68 -55.52 -7.74 27.88
CA TYR O 68 -54.52 -8.67 27.37
C TYR O 68 -54.91 -10.10 27.72
N ASP O 69 -54.59 -11.01 26.81
CA ASP O 69 -54.94 -12.43 26.96
C ASP O 69 -53.82 -13.09 27.75
N MET O 70 -54.07 -13.37 29.03
CA MET O 70 -53.08 -14.01 29.90
C MET O 70 -53.27 -15.52 29.83
N HIS O 71 -52.62 -16.14 28.84
CA HIS O 71 -52.68 -17.58 28.63
C HIS O 71 -54.12 -18.07 28.47
N GLY O 72 -54.58 -18.87 29.43
CA GLY O 72 -55.92 -19.45 29.34
C GLY O 72 -57.04 -18.52 29.72
N THR O 73 -56.73 -17.38 30.34
CA THR O 73 -57.71 -16.40 30.75
C THR O 73 -57.35 -15.05 30.15
N ILE O 74 -58.22 -14.07 30.36
CA ILE O 74 -58.03 -12.72 29.86
C ILE O 74 -58.10 -11.75 31.03
N LYS O 75 -57.08 -10.91 31.17
CA LYS O 75 -56.98 -9.97 32.28
C LYS O 75 -56.92 -8.54 31.74
N GLU O 76 -57.21 -7.58 32.62
CA GLU O 76 -57.18 -6.17 32.26
C GLU O 76 -56.47 -5.37 33.34
N ILE O 77 -55.66 -4.41 32.91
CA ILE O 77 -54.94 -3.52 33.83
C ILE O 77 -55.10 -2.10 33.33
N PRO O 78 -54.90 -1.11 34.20
CA PRO O 78 -54.97 0.29 33.77
C PRO O 78 -53.98 0.59 32.66
N LEU O 79 -54.41 1.42 31.71
CA LEU O 79 -53.57 1.78 30.58
C LEU O 79 -52.38 2.62 31.02
N HIS O 80 -52.57 3.48 32.03
CA HIS O 80 -51.49 4.34 32.51
C HIS O 80 -50.29 3.54 33.02
N GLN O 81 -50.49 2.29 33.43
CA GLN O 81 -49.37 1.46 33.85
C GLN O 81 -48.49 1.06 32.67
N VAL O 82 -49.07 0.96 31.47
CA VAL O 82 -48.30 0.51 30.31
C VAL O 82 -47.37 1.62 29.86
N SER O 83 -46.09 1.28 29.70
CA SER O 83 -45.07 2.22 29.25
C SER O 83 -44.36 1.65 28.03
N LEU O 84 -43.77 2.54 27.24
CA LEU O 84 -42.99 2.12 26.08
C LEU O 84 -41.94 3.17 25.78
N TYR O 85 -40.88 2.73 25.10
CA TYR O 85 -39.77 3.61 24.76
C TYR O 85 -39.05 3.06 23.55
N THR O 86 -38.29 3.93 22.88
CA THR O 86 -37.38 3.52 21.82
C THR O 86 -35.95 3.85 22.20
N SER O 87 -35.61 5.14 22.29
CA SER O 87 -34.41 5.59 22.99
C SER O 87 -34.72 6.20 24.35
N ARG O 88 -35.86 6.86 24.47
CA ARG O 88 -36.32 7.49 25.70
C ARG O 88 -37.79 7.14 25.88
N PRO O 89 -38.32 7.26 27.10
CA PRO O 89 -39.72 6.90 27.32
C PRO O 89 -40.67 7.67 26.42
N CYS O 90 -41.64 6.97 25.86
CA CYS O 90 -42.65 7.57 25.00
C CYS O 90 -43.84 8.06 25.82
N HIS O 91 -44.67 8.87 25.17
CA HIS O 91 -45.90 9.37 25.76
C HIS O 91 -47.08 8.80 24.99
N ILE O 92 -47.90 8.00 25.66
CA ILE O 92 -49.09 7.44 25.03
C ILE O 92 -50.12 8.55 24.82
N VAL O 93 -50.68 8.61 23.61
CA VAL O 93 -51.60 9.68 23.25
C VAL O 93 -53.02 9.16 23.29
N ASP O 94 -53.29 8.10 22.54
CA ASP O 94 -54.64 7.54 22.45
C ASP O 94 -54.53 6.10 22.00
N GLY O 95 -55.68 5.42 22.00
CA GLY O 95 -55.74 4.04 21.54
C GLY O 95 -57.16 3.60 21.28
N HIS O 96 -57.27 2.59 20.42
CA HIS O 96 -58.58 2.04 20.05
C HIS O 96 -58.38 0.67 19.45
N GLY O 97 -58.89 -0.35 20.12
CA GLY O 97 -58.76 -1.72 19.62
C GLY O 97 -57.31 -2.16 19.56
N TYR O 98 -56.89 -2.61 18.38
CA TYR O 98 -55.54 -3.12 18.19
C TYR O 98 -54.48 -2.04 18.13
N PHE O 99 -54.85 -0.80 17.85
CA PHE O 99 -53.89 0.22 17.45
C PHE O 99 -53.59 1.18 18.60
N LEU O 100 -52.40 1.75 18.57
CA LEU O 100 -51.90 2.59 19.64
C LEU O 100 -51.18 3.78 19.04
N LEU O 101 -51.53 4.98 19.49
CA LEU O 101 -50.91 6.21 19.03
C LEU O 101 -50.15 6.84 20.19
N ALA O 102 -48.85 7.08 20.00
CA ALA O 102 -48.01 7.58 21.07
C ALA O 102 -46.94 8.49 20.48
N ARG O 103 -46.38 9.34 21.34
CA ARG O 103 -45.28 10.22 20.95
C ARG O 103 -43.97 9.52 21.32
N CYS O 104 -43.37 8.86 20.34
CA CYS O 104 -42.07 8.27 20.60
C CYS O 104 -40.96 9.10 19.95
N PRO O 105 -39.77 9.14 20.55
CA PRO O 105 -38.63 9.78 19.91
C PRO O 105 -38.01 8.83 18.88
N ALA O 106 -36.96 9.32 18.22
CA ALA O 106 -36.23 8.49 17.28
C ALA O 106 -35.55 7.34 18.01
N GLY O 107 -35.30 6.26 17.26
CA GLY O 107 -34.66 5.10 17.83
C GLY O 107 -34.56 3.99 16.80
N ASP O 108 -33.84 2.93 17.19
CA ASP O 108 -33.60 1.79 16.33
C ASP O 108 -34.58 0.65 16.55
N SER O 109 -35.27 0.63 17.68
CA SER O 109 -36.24 -0.43 17.97
C SER O 109 -37.26 0.11 18.96
N ILE O 110 -38.38 -0.59 19.05
CA ILE O 110 -39.49 -0.18 19.92
C ILE O 110 -39.66 -1.24 21.00
N THR O 111 -39.61 -0.82 22.26
CA THR O 111 -39.82 -1.70 23.40
C THR O 111 -41.08 -1.26 24.12
N MET O 112 -41.98 -2.22 24.37
CA MET O 112 -43.23 -1.97 25.08
C MET O 112 -43.28 -2.88 26.30
N GLU O 113 -43.75 -2.34 27.42
CA GLU O 113 -43.75 -3.09 28.67
C GLU O 113 -44.92 -2.64 29.54
N PHE O 114 -45.30 -3.52 30.45
CA PHE O 114 -46.32 -3.22 31.44
C PHE O 114 -46.08 -4.10 32.66
N LYS O 115 -46.55 -3.63 33.80
CA LYS O 115 -46.40 -4.35 35.06
C LYS O 115 -47.59 -5.28 35.26
N LYS O 116 -47.31 -6.57 35.38
CA LYS O 116 -48.33 -7.56 35.72
C LYS O 116 -48.49 -7.60 37.23
N ASP O 117 -49.16 -8.64 37.73
CA ASP O 117 -49.18 -8.92 39.16
C ASP O 117 -47.90 -9.58 39.65
N SER O 118 -46.90 -9.69 38.78
CA SER O 118 -45.64 -10.34 39.06
C SER O 118 -44.55 -9.60 38.28
N VAL O 119 -43.43 -10.27 38.04
CA VAL O 119 -42.31 -9.67 37.32
C VAL O 119 -42.82 -8.99 36.04
N ARG O 120 -42.33 -7.78 35.80
CA ARG O 120 -42.79 -6.99 34.68
C ARG O 120 -42.44 -7.65 33.36
N HIS O 121 -43.35 -7.50 32.38
CA HIS O 121 -43.19 -8.09 31.06
C HIS O 121 -42.90 -7.02 30.03
N SER O 122 -42.02 -7.35 29.08
CA SER O 122 -41.59 -6.42 28.05
C SER O 122 -41.42 -7.19 26.75
N CYS O 123 -41.44 -6.45 25.63
CA CYS O 123 -41.22 -7.06 24.33
C CYS O 123 -40.65 -6.01 23.39
N SER O 124 -39.56 -6.36 22.71
CA SER O 124 -38.90 -5.48 21.76
C SER O 124 -38.99 -6.06 20.36
N VAL O 125 -39.30 -5.21 19.39
CA VAL O 125 -39.35 -5.63 17.99
C VAL O 125 -38.46 -4.71 17.17
N PRO O 126 -37.73 -5.24 16.19
CA PRO O 126 -36.85 -4.39 15.35
C PRO O 126 -37.66 -3.67 14.27
N TYR O 127 -37.61 -2.34 14.30
CA TYR O 127 -38.23 -1.54 13.26
C TYR O 127 -37.55 -0.18 13.22
N GLU O 128 -37.20 0.28 12.02
CA GLU O 128 -36.53 1.56 11.86
C GLU O 128 -37.53 2.69 12.10
N VAL O 129 -37.29 3.50 13.11
CA VAL O 129 -38.11 4.67 13.42
C VAL O 129 -37.29 5.91 13.17
N LYS O 130 -37.72 6.72 12.20
CA LYS O 130 -37.00 7.95 11.85
C LYS O 130 -38.00 8.90 11.18
N PHE O 131 -38.51 9.86 11.95
CA PHE O 131 -39.53 10.77 11.46
C PHE O 131 -38.90 11.97 10.75
N ASN O 132 -39.44 12.29 9.59
CA ASN O 132 -38.94 13.40 8.79
C ASN O 132 -39.44 14.70 9.40
N PRO O 133 -38.56 15.61 9.82
CA PRO O 133 -39.02 16.90 10.31
C PRO O 133 -39.81 17.65 9.26
N VAL O 134 -40.82 18.39 9.73
CA VAL O 134 -41.70 19.13 8.83
C VAL O 134 -40.97 20.38 8.37
N GLY O 135 -40.86 20.55 7.05
CA GLY O 135 -40.21 21.72 6.49
C GLY O 135 -38.82 21.40 6.00
N ARG O 136 -38.17 22.45 5.49
CA ARG O 136 -36.81 22.36 4.99
C ARG O 136 -35.75 22.48 6.08
N GLU O 137 -36.16 22.54 7.34
CA GLU O 137 -35.25 22.60 8.48
C GLU O 137 -35.36 21.33 9.29
N LEU O 138 -34.22 20.67 9.52
CA LEU O 138 -34.19 19.36 10.18
C LEU O 138 -34.04 19.57 11.68
N TYR O 139 -35.16 19.51 12.40
CA TYR O 139 -35.18 19.68 13.84
C TYR O 139 -35.45 18.35 14.53
N THR O 140 -35.11 18.28 15.81
CA THR O 140 -35.40 17.11 16.62
C THR O 140 -36.75 17.23 17.31
N HIS O 141 -36.99 18.36 17.96
CA HIS O 141 -38.26 18.66 18.61
C HIS O 141 -38.85 19.94 18.03
N PRO O 142 -40.18 20.07 18.04
CA PRO O 142 -40.81 21.29 17.51
C PRO O 142 -40.38 22.51 18.31
N PRO O 143 -40.18 23.65 17.65
CA PRO O 143 -39.73 24.85 18.34
C PRO O 143 -40.86 25.51 19.13
N GLU O 144 -40.46 26.39 20.05
CA GLU O 144 -41.44 27.18 20.78
C GLU O 144 -42.23 28.08 19.84
N HIS O 145 -41.55 28.68 18.87
CA HIS O 145 -42.15 29.61 17.93
C HIS O 145 -41.75 29.26 16.51
N GLY O 146 -42.60 29.61 15.56
CA GLY O 146 -42.34 29.31 14.17
C GLY O 146 -43.52 29.71 13.29
N VAL O 147 -43.44 29.27 12.04
CA VAL O 147 -44.47 29.54 11.06
C VAL O 147 -45.29 28.27 10.84
N GLU O 148 -46.51 28.44 10.36
CA GLU O 148 -47.43 27.33 10.15
C GLU O 148 -47.30 26.83 8.72
N GLN O 149 -46.95 25.56 8.57
CA GLN O 149 -46.84 24.94 7.25
C GLN O 149 -47.67 23.66 7.20
N ALA O 150 -48.06 23.29 5.99
CA ALA O 150 -48.86 22.08 5.81
C ALA O 150 -48.02 20.83 6.06
N CYS O 151 -48.67 19.81 6.60
CA CYS O 151 -48.02 18.55 6.91
C CYS O 151 -49.05 17.43 6.89
N GLN O 152 -48.56 16.20 7.01
CA GLN O 152 -49.41 15.02 7.08
C GLN O 152 -49.09 14.28 8.36
N VAL O 153 -50.11 14.07 9.20
CA VAL O 153 -49.93 13.50 10.52
C VAL O 153 -51.05 12.50 10.80
N TYR O 154 -50.78 11.60 11.75
CA TYR O 154 -51.77 10.60 12.16
C TYR O 154 -52.80 11.26 13.07
N ALA O 155 -54.06 11.27 12.64
CA ALA O 155 -55.13 11.76 13.49
C ALA O 155 -55.39 10.77 14.61
N HIS O 156 -55.60 11.30 15.82
CA HIS O 156 -55.99 10.47 16.95
C HIS O 156 -57.47 10.14 16.97
N ASP O 157 -58.27 10.80 16.13
CA ASP O 157 -59.70 10.60 16.15
C ASP O 157 -60.04 9.16 15.75
N ALA O 158 -60.94 8.54 16.52
CA ALA O 158 -61.38 7.19 16.21
C ALA O 158 -62.25 7.13 14.96
N GLN O 159 -62.70 8.28 14.46
CA GLN O 159 -63.47 8.31 13.22
C GLN O 159 -62.71 7.61 12.10
N ASN O 160 -63.40 6.71 11.41
CA ASN O 160 -62.78 5.84 10.42
C ASN O 160 -63.72 5.65 9.25
N ARG O 161 -63.27 5.98 8.06
CA ARG O 161 -64.07 5.80 6.86
C ARG O 161 -63.33 5.08 5.74
N GLY O 162 -62.04 5.37 5.56
CA GLY O 162 -61.28 4.82 4.46
C GLY O 162 -60.74 3.41 4.67
N ALA O 163 -59.90 3.23 5.68
CA ALA O 163 -59.13 2.01 5.85
C ALA O 163 -59.89 0.95 6.63
N TYR O 164 -59.65 -0.30 6.27
CA TYR O 164 -60.25 -1.44 6.95
C TYR O 164 -59.36 -2.65 6.74
N VAL O 165 -59.49 -3.64 7.63
CA VAL O 165 -58.68 -4.84 7.59
C VAL O 165 -59.58 -6.07 7.71
N GLU O 166 -58.99 -7.21 7.36
CA GLU O 166 -59.70 -8.49 7.37
C GLU O 166 -59.43 -9.24 8.67
N MET O 167 -60.51 -9.67 9.32
CA MET O 167 -60.43 -10.48 10.53
C MET O 167 -61.27 -11.74 10.35
N HIS O 168 -60.87 -12.81 11.01
CA HIS O 168 -61.49 -14.11 10.77
C HIS O 168 -61.38 -14.98 12.01
N LEU O 169 -62.09 -16.12 11.97
CA LEU O 169 -62.11 -17.06 13.08
C LEU O 169 -60.73 -17.63 13.33
N PRO O 170 -60.27 -17.67 14.58
CA PRO O 170 -58.98 -18.31 14.87
C PRO O 170 -59.06 -19.83 14.76
N GLY O 171 -57.88 -20.43 14.57
CA GLY O 171 -57.78 -21.87 14.50
C GLY O 171 -57.80 -22.52 15.86
N SER O 172 -57.64 -23.84 15.86
CA SER O 172 -57.66 -24.61 17.10
C SER O 172 -56.46 -24.22 17.97
N GLU O 173 -56.73 -23.99 19.25
CA GLU O 173 -55.71 -23.55 20.20
C GLU O 173 -55.38 -24.74 21.11
N VAL O 174 -54.18 -25.31 20.94
CA VAL O 174 -53.74 -26.43 21.75
C VAL O 174 -53.56 -25.99 23.19
N ASP O 175 -53.87 -26.89 24.14
CA ASP O 175 -53.67 -26.61 25.55
C ASP O 175 -53.38 -27.95 26.24
N SER O 176 -52.10 -28.19 26.52
CA SER O 176 -51.69 -29.44 27.16
C SER O 176 -52.13 -29.52 28.62
N SER O 177 -52.44 -28.39 29.25
CA SER O 177 -52.89 -28.42 30.64
C SER O 177 -54.26 -29.05 30.79
N LEU O 178 -55.01 -29.22 29.70
CA LEU O 178 -56.32 -29.88 29.76
C LEU O 178 -56.22 -31.35 30.12
N VAL O 179 -55.08 -32.00 29.88
CA VAL O 179 -54.98 -33.45 29.91
C VAL O 179 -54.05 -33.88 31.03
N SER O 180 -54.45 -34.92 31.75
CA SER O 180 -53.61 -35.54 32.78
C SER O 180 -53.95 -37.02 32.83
N LEU O 181 -53.09 -37.77 33.53
CA LEU O 181 -53.29 -39.20 33.75
C LEU O 181 -53.86 -39.37 35.15
N SER O 182 -55.19 -39.32 35.26
CA SER O 182 -55.89 -39.42 36.53
C SER O 182 -55.34 -40.53 37.42
N GLY O 183 -55.55 -41.79 37.03
CA GLY O 183 -54.85 -42.87 37.69
C GLY O 183 -53.81 -43.51 36.80
N SER O 184 -54.23 -43.89 35.59
CA SER O 184 -53.30 -44.37 34.57
C SER O 184 -53.76 -44.05 33.16
N SER O 185 -54.91 -43.40 32.97
CA SER O 185 -55.49 -43.17 31.66
C SER O 185 -55.63 -41.68 31.40
N VAL O 186 -55.70 -41.34 30.11
CA VAL O 186 -55.82 -39.96 29.67
C VAL O 186 -57.18 -39.42 30.10
N THR O 187 -57.17 -38.33 30.87
CA THR O 187 -58.38 -37.65 31.30
C THR O 187 -58.27 -36.17 30.95
N VAL O 188 -59.25 -35.65 30.23
CA VAL O 188 -59.22 -34.29 29.70
C VAL O 188 -60.46 -33.55 30.17
N THR O 189 -60.26 -32.33 30.68
CA THR O 189 -61.39 -31.46 30.96
C THR O 189 -61.80 -30.72 29.69
N PRO O 190 -63.05 -30.30 29.58
CA PRO O 190 -63.51 -29.69 28.32
C PRO O 190 -62.84 -28.35 28.07
N PRO O 191 -62.71 -27.45 29.07
CA PRO O 191 -63.19 -27.34 30.45
C PRO O 191 -64.58 -26.71 30.50
N ASP O 192 -65.00 -26.23 31.66
CA ASP O 192 -66.35 -25.67 31.79
C ASP O 192 -66.41 -24.35 31.01
N GLY O 193 -66.98 -24.40 29.81
CA GLY O 193 -67.14 -23.25 28.96
C GLY O 193 -66.47 -23.35 27.61
N THR O 194 -65.53 -24.28 27.43
CA THR O 194 -64.80 -24.44 26.18
C THR O 194 -64.98 -25.87 25.66
N SER O 195 -65.17 -26.00 24.36
CA SER O 195 -65.25 -27.31 23.71
C SER O 195 -63.85 -27.89 23.53
N ALA O 196 -63.69 -29.16 23.92
CA ALA O 196 -62.40 -29.84 23.86
C ALA O 196 -62.32 -30.69 22.61
N LEU O 197 -61.38 -30.37 21.73
CA LEU O 197 -61.10 -31.15 20.54
C LEU O 197 -59.87 -32.01 20.80
N VAL O 198 -60.06 -33.32 20.80
CA VAL O 198 -59.01 -34.28 21.15
C VAL O 198 -58.92 -35.32 20.05
N GLU O 199 -57.69 -35.61 19.61
CA GLU O 199 -57.43 -36.63 18.61
C GLU O 199 -56.13 -37.32 18.96
N CYS O 200 -56.08 -38.64 18.77
CA CYS O 200 -54.92 -39.45 19.11
C CYS O 200 -54.29 -40.02 17.84
N GLU O 201 -52.95 -40.04 17.81
CA GLU O 201 -52.24 -40.66 16.71
C GLU O 201 -52.24 -42.19 16.80
N CYS O 202 -52.30 -42.73 18.02
CA CYS O 202 -52.22 -44.16 18.21
C CYS O 202 -53.57 -44.79 17.85
N GLY O 203 -53.64 -46.12 17.92
CA GLY O 203 -54.85 -46.81 17.53
C GLY O 203 -56.02 -46.63 18.48
N GLY O 204 -57.02 -47.49 18.36
CA GLY O 204 -58.21 -47.35 19.19
C GLY O 204 -59.09 -46.23 18.67
N THR O 205 -59.44 -45.31 19.57
CA THR O 205 -60.27 -44.16 19.23
C THR O 205 -59.36 -42.97 18.92
N LYS O 206 -59.45 -42.45 17.69
CA LYS O 206 -58.62 -41.34 17.27
C LYS O 206 -59.40 -40.05 17.08
N ILE O 207 -60.69 -40.04 17.38
CA ILE O 207 -61.52 -38.85 17.25
C ILE O 207 -62.35 -38.71 18.51
N SER O 208 -62.40 -37.51 19.07
CA SER O 208 -63.26 -37.24 20.22
C SER O 208 -64.31 -36.19 19.92
N GLU O 209 -63.91 -34.98 19.54
CA GLU O 209 -64.82 -33.84 19.43
C GLU O 209 -65.72 -33.73 20.66
N THR O 210 -65.19 -34.10 21.81
CA THR O 210 -65.95 -34.07 23.06
C THR O 210 -66.40 -32.66 23.38
N ILE O 211 -67.72 -32.44 23.38
CA ILE O 211 -68.24 -31.11 23.70
C ILE O 211 -68.10 -30.83 25.18
N ASN O 212 -68.71 -31.68 26.02
CA ASN O 212 -68.62 -31.54 27.46
C ASN O 212 -68.81 -32.92 28.08
N LYS O 213 -67.69 -33.59 28.34
CA LYS O 213 -67.70 -34.90 29.01
C LYS O 213 -66.27 -35.24 29.41
N THR O 214 -66.13 -35.75 30.63
CA THR O 214 -64.84 -36.24 31.13
C THR O 214 -64.67 -37.70 30.70
N LYS O 215 -63.71 -37.94 29.81
CA LYS O 215 -63.53 -39.26 29.20
C LYS O 215 -62.17 -39.81 29.58
N GLN O 216 -62.10 -41.14 29.69
CA GLN O 216 -60.86 -41.86 29.90
C GLN O 216 -60.44 -42.54 28.60
N PHE O 217 -59.13 -42.55 28.33
CA PHE O 217 -58.60 -43.05 27.07
C PHE O 217 -57.58 -44.15 27.37
N SER O 218 -57.90 -45.37 26.94
CA SER O 218 -57.01 -46.51 27.13
C SER O 218 -55.95 -46.55 26.03
N GLN O 219 -54.99 -47.45 26.20
CA GLN O 219 -53.89 -47.66 25.26
C GLN O 219 -52.99 -46.43 25.13
N CYS O 220 -53.03 -45.53 26.11
CA CYS O 220 -52.22 -44.32 26.13
C CYS O 220 -51.43 -44.30 27.43
N THR O 221 -50.23 -44.88 27.39
CA THR O 221 -49.41 -45.01 28.59
C THR O 221 -49.16 -43.66 29.26
N LYS O 222 -48.79 -42.66 28.47
CA LYS O 222 -48.44 -41.35 28.98
C LYS O 222 -49.33 -40.29 28.36
N LYS O 223 -49.56 -39.20 29.11
CA LYS O 223 -50.35 -38.08 28.60
C LYS O 223 -49.69 -37.42 27.41
N GLU O 224 -48.38 -37.60 27.22
CA GLU O 224 -47.71 -37.10 26.03
C GLU O 224 -48.20 -37.77 24.75
N GLN O 225 -48.83 -38.93 24.86
CA GLN O 225 -49.30 -39.66 23.69
C GLN O 225 -50.57 -39.07 23.09
N CYS O 226 -51.20 -38.10 23.76
CA CYS O 226 -52.41 -37.46 23.25
C CYS O 226 -52.17 -35.96 23.09
N ARG O 227 -53.06 -35.34 22.31
CA ARG O 227 -53.07 -33.90 22.12
C ARG O 227 -54.50 -33.39 22.26
N ALA O 228 -54.62 -32.16 22.74
CA ALA O 228 -55.92 -31.56 23.04
C ALA O 228 -55.90 -30.09 22.68
N TYR O 229 -56.97 -29.63 22.05
CA TYR O 229 -57.08 -28.25 21.59
C TYR O 229 -58.31 -27.58 22.20
N ARG O 230 -58.16 -26.30 22.54
CA ARG O 230 -59.28 -25.48 22.97
C ARG O 230 -59.90 -24.80 21.76
N LEU O 231 -61.19 -25.06 21.54
CA LEU O 231 -61.94 -24.44 20.46
C LEU O 231 -62.97 -23.48 21.03
N GLN O 232 -62.98 -22.25 20.52
CA GLN O 232 -63.95 -21.24 20.90
C GLN O 232 -65.06 -21.10 19.87
N ASN O 233 -64.70 -20.74 18.63
CA ASN O 233 -65.64 -20.64 17.52
C ASN O 233 -66.71 -19.60 17.82
N ASP O 234 -66.37 -18.62 18.66
CA ASP O 234 -67.28 -17.56 19.08
C ASP O 234 -66.90 -16.20 18.53
N LYS O 235 -65.60 -15.92 18.44
CA LYS O 235 -65.12 -14.59 18.09
C LYS O 235 -64.15 -14.69 16.91
N TRP O 236 -63.91 -13.54 16.27
CA TRP O 236 -62.97 -13.43 15.17
C TRP O 236 -61.62 -12.95 15.69
N VAL O 237 -60.58 -13.15 14.90
CA VAL O 237 -59.27 -12.59 15.23
C VAL O 237 -58.66 -11.94 14.01
N TYR O 238 -57.72 -11.04 14.27
CA TYR O 238 -56.92 -10.46 13.20
C TYR O 238 -56.11 -11.54 12.50
N ASN O 239 -55.95 -11.39 11.19
CA ASN O 239 -55.20 -12.38 10.40
C ASN O 239 -53.73 -12.27 10.79
N SER O 240 -53.40 -12.82 11.96
CA SER O 240 -52.04 -12.83 12.44
C SER O 240 -51.27 -14.01 11.86
N ASP O 241 -49.96 -13.80 11.68
CA ASP O 241 -49.08 -14.83 11.16
C ASP O 241 -48.53 -15.77 12.23
N LYS O 242 -48.88 -15.57 13.49
CA LYS O 242 -48.38 -16.41 14.57
C LYS O 242 -49.42 -17.34 15.18
N LEU O 243 -50.71 -17.20 14.82
CA LEU O 243 -51.72 -18.13 15.26
C LEU O 243 -52.20 -18.96 14.09
N PRO O 244 -52.20 -20.29 14.21
CA PRO O 244 -52.62 -21.13 13.08
C PRO O 244 -54.10 -20.95 12.75
N LYS O 245 -54.40 -21.11 11.46
CA LYS O 245 -55.76 -20.91 10.98
C LYS O 245 -56.61 -22.16 11.19
N ALA O 246 -57.93 -21.97 11.14
CA ALA O 246 -58.87 -23.07 11.17
C ALA O 246 -59.03 -23.65 9.77
N ALA O 247 -58.89 -24.98 9.66
CA ALA O 247 -58.95 -25.63 8.35
C ALA O 247 -60.38 -25.80 7.84
N GLY O 248 -61.35 -25.93 8.75
CA GLY O 248 -62.72 -26.18 8.32
C GLY O 248 -63.31 -25.05 7.50
N ALA O 249 -63.16 -23.81 7.99
CA ALA O 249 -63.74 -22.66 7.31
C ALA O 249 -63.07 -21.39 7.82
N THR O 250 -63.12 -20.34 7.00
CA THR O 250 -62.54 -19.04 7.33
C THR O 250 -63.65 -17.99 7.18
N LEU O 251 -64.46 -17.85 8.22
CA LEU O 251 -65.49 -16.82 8.23
C LEU O 251 -64.85 -15.46 8.47
N LYS O 252 -65.03 -14.54 7.54
CA LYS O 252 -64.26 -13.30 7.53
C LYS O 252 -65.15 -12.15 7.07
N GLY O 253 -64.69 -10.94 7.41
CA GLY O 253 -65.37 -9.73 7.01
C GLY O 253 -64.41 -8.56 7.08
N LYS O 254 -64.91 -7.38 6.75
CA LYS O 254 -64.11 -6.17 6.70
C LYS O 254 -64.45 -5.31 7.91
N LEU O 255 -63.41 -4.87 8.64
CA LEU O 255 -63.58 -4.04 9.81
C LEU O 255 -62.61 -2.87 9.75
N HIS O 256 -63.11 -1.68 10.04
CA HIS O 256 -62.34 -0.45 9.85
C HIS O 256 -61.38 -0.23 11.02
N VAL O 257 -60.34 0.55 10.77
CA VAL O 257 -59.25 0.72 11.73
C VAL O 257 -59.13 2.20 12.09
N PRO O 258 -58.75 2.53 13.32
CA PRO O 258 -58.65 3.93 13.73
C PRO O 258 -57.32 4.52 13.32
N PHE O 259 -57.10 5.78 13.72
CA PHE O 259 -55.82 6.47 13.57
C PHE O 259 -55.43 6.58 12.10
N LEU O 260 -56.34 7.17 11.32
CA LEU O 260 -56.08 7.38 9.90
C LEU O 260 -55.09 8.53 9.71
N LEU O 261 -54.19 8.36 8.73
CA LEU O 261 -53.28 9.44 8.37
C LEU O 261 -54.03 10.52 7.60
N ALA O 262 -53.89 11.76 8.04
CA ALA O 262 -54.66 12.85 7.46
C ALA O 262 -53.83 14.13 7.44
N ASP O 263 -54.21 15.03 6.53
CA ASP O 263 -53.50 16.29 6.38
C ASP O 263 -53.75 17.20 7.59
N GLY O 264 -52.77 18.06 7.86
CA GLY O 264 -52.91 18.99 8.96
C GLY O 264 -51.88 20.09 8.90
N LYS O 265 -51.76 20.81 10.00
CA LYS O 265 -50.82 21.92 10.14
C LYS O 265 -49.81 21.60 11.23
N CYS O 266 -48.57 22.02 11.00
CA CYS O 266 -47.47 21.76 11.92
C CYS O 266 -46.73 23.06 12.22
N THR O 267 -46.14 23.12 13.40
CA THR O 267 -45.30 24.25 13.80
C THR O 267 -43.85 23.92 13.47
N VAL O 268 -43.23 24.76 12.66
CA VAL O 268 -41.88 24.47 12.18
C VAL O 268 -40.93 25.61 12.54
N PRO O 269 -39.65 25.36 12.71
CA PRO O 269 -38.70 26.44 13.00
C PRO O 269 -38.53 27.35 11.79
N LEU O 270 -38.10 28.57 12.07
CA LEU O 270 -37.83 29.56 11.03
C LEU O 270 -36.33 29.81 10.98
N ALA O 271 -35.75 29.57 9.81
CA ALA O 271 -34.31 29.71 9.63
C ALA O 271 -33.87 31.13 9.98
N PRO O 272 -32.85 31.29 10.81
CA PRO O 272 -32.40 32.65 11.18
C PRO O 272 -32.03 33.47 9.97
N GLU O 273 -32.38 34.75 10.02
CA GLU O 273 -32.16 35.66 8.90
C GLU O 273 -30.67 35.91 8.74
N PRO O 274 -30.08 35.62 7.59
CA PRO O 274 -28.64 35.84 7.41
C PRO O 274 -28.33 37.31 7.16
N MET O 275 -27.05 37.64 7.34
CA MET O 275 -26.55 38.96 7.00
C MET O 275 -26.16 39.01 5.53
N ILE O 276 -26.52 40.10 4.88
CA ILE O 276 -26.36 40.25 3.43
C ILE O 276 -25.39 41.38 3.16
N THR O 277 -24.29 41.08 2.48
CA THR O 277 -23.28 42.07 2.12
C THR O 277 -23.24 42.22 0.61
N PHE O 278 -23.21 43.47 0.14
CA PHE O 278 -23.35 43.78 -1.28
C PHE O 278 -21.98 43.97 -1.92
N GLY O 279 -21.91 43.72 -3.23
CA GLY O 279 -20.69 43.97 -3.96
C GLY O 279 -20.92 43.92 -5.45
N PHE O 280 -19.82 44.07 -6.19
CA PHE O 280 -19.83 44.03 -7.65
C PHE O 280 -20.17 42.63 -8.14
N ARG O 281 -21.36 42.46 -8.73
CA ARG O 281 -21.78 41.20 -9.32
C ARG O 281 -21.66 40.05 -8.33
N SER O 282 -21.86 40.33 -7.05
CA SER O 282 -21.62 39.33 -6.01
C SER O 282 -22.35 39.74 -4.75
N VAL O 283 -22.91 38.76 -4.05
CA VAL O 283 -23.60 38.96 -2.79
C VAL O 283 -22.96 38.06 -1.75
N SER O 284 -22.60 38.63 -0.61
CA SER O 284 -21.99 37.86 0.48
C SER O 284 -23.03 37.57 1.54
N LEU O 285 -23.18 36.29 1.87
CA LEU O 285 -24.21 35.83 2.79
C LEU O 285 -23.56 35.23 4.01
N LYS O 286 -23.91 35.75 5.19
CA LYS O 286 -23.37 35.27 6.46
C LYS O 286 -24.43 34.39 7.11
N LEU O 287 -24.24 33.08 7.02
CA LEU O 287 -25.19 32.11 7.55
C LEU O 287 -24.83 31.75 8.98
N HIS O 288 -25.85 31.66 9.83
CA HIS O 288 -25.68 31.34 11.25
C HIS O 288 -26.84 30.47 11.71
N PRO O 289 -26.87 29.21 11.28
CA PRO O 289 -28.02 28.36 11.59
C PRO O 289 -28.09 27.95 13.06
N LYS O 290 -29.31 27.83 13.55
CA LYS O 290 -29.57 27.23 14.86
C LYS O 290 -29.55 25.71 14.80
N ASN O 291 -29.76 25.14 13.62
CA ASN O 291 -29.78 23.70 13.42
C ASN O 291 -29.47 23.44 11.95
N PRO O 292 -29.20 22.17 11.58
CA PRO O 292 -28.95 21.87 10.15
C PRO O 292 -30.08 22.36 9.24
N THR O 293 -29.76 23.34 8.40
CA THR O 293 -30.75 23.99 7.54
C THR O 293 -30.28 23.94 6.10
N TYR O 294 -31.20 23.60 5.19
CA TYR O 294 -30.86 23.46 3.78
C TYR O 294 -30.82 24.83 3.13
N LEU O 295 -29.71 25.15 2.49
CA LEU O 295 -29.59 26.34 1.67
C LEU O 295 -29.70 25.96 0.20
N ILE O 296 -30.60 26.63 -0.51
CA ILE O 296 -30.83 26.39 -1.93
C ILE O 296 -30.83 27.73 -2.66
N THR O 297 -30.15 27.79 -3.79
CA THR O 297 -30.06 28.99 -4.59
C THR O 297 -30.18 28.62 -6.07
N ARG O 298 -30.56 29.60 -6.88
CA ARG O 298 -30.65 29.39 -8.32
C ARG O 298 -30.60 30.74 -9.01
N GLN O 299 -30.16 30.72 -10.27
CA GLN O 299 -30.23 31.89 -11.14
C GLN O 299 -31.55 31.91 -11.90
N LEU O 300 -31.90 33.08 -12.41
CA LEU O 300 -33.10 33.26 -13.21
C LEU O 300 -32.79 33.19 -14.70
N ALA O 301 -31.59 32.76 -15.06
CA ALA O 301 -31.17 32.67 -16.45
C ALA O 301 -31.54 31.31 -17.03
N ASP O 302 -31.14 31.08 -18.29
CA ASP O 302 -31.34 29.78 -18.92
C ASP O 302 -30.49 28.70 -18.25
N GLU O 303 -29.37 29.08 -17.65
CA GLU O 303 -28.48 28.15 -16.96
C GLU O 303 -28.57 28.40 -15.46
N PRO O 304 -29.44 27.68 -14.74
CA PRO O 304 -29.64 28.00 -13.32
C PRO O 304 -28.42 27.73 -12.45
N HIS O 305 -27.56 26.79 -12.85
CA HIS O 305 -26.40 26.39 -12.05
C HIS O 305 -26.83 26.05 -10.62
N TYR O 306 -27.92 25.29 -10.51
CA TYR O 306 -28.53 25.00 -9.22
C TYR O 306 -27.52 24.42 -8.24
N THR O 307 -27.41 25.06 -7.08
CA THR O 307 -26.50 24.61 -6.03
C THR O 307 -27.25 24.55 -4.71
N HIS O 308 -27.04 23.48 -3.95
CA HIS O 308 -27.70 23.28 -2.68
C HIS O 308 -26.72 22.62 -1.71
N GLU O 309 -26.97 22.80 -0.42
CA GLU O 309 -26.10 22.26 0.61
C GLU O 309 -26.82 22.32 1.95
N LEU O 310 -26.69 21.26 2.74
CA LEU O 310 -27.16 21.26 4.12
C LEU O 310 -26.03 21.80 4.99
N ILE O 311 -26.27 22.96 5.61
CA ILE O 311 -25.25 23.66 6.38
C ILE O 311 -25.69 23.71 7.83
N SER O 312 -24.84 23.18 8.72
CA SER O 312 -25.13 23.13 10.14
C SER O 312 -24.25 24.05 10.98
N GLU O 313 -23.11 24.49 10.43
CA GLU O 313 -22.18 25.35 11.14
C GLU O 313 -22.05 26.69 10.44
N PRO O 314 -21.85 27.78 11.19
CA PRO O 314 -21.74 29.10 10.57
C PRO O 314 -20.64 29.14 9.52
N ALA O 315 -20.92 29.85 8.43
CA ALA O 315 -19.99 29.97 7.32
C ALA O 315 -20.48 31.07 6.39
N VAL O 316 -19.53 31.72 5.71
CA VAL O 316 -19.83 32.79 4.77
C VAL O 316 -19.49 32.32 3.37
N ARG O 317 -20.47 32.38 2.47
CA ARG O 317 -20.31 31.96 1.09
C ARG O 317 -20.68 33.10 0.16
N ASN O 318 -19.97 33.17 -0.97
CA ASN O 318 -20.17 34.22 -1.97
C ASN O 318 -20.72 33.62 -3.25
N PHE O 319 -21.75 34.25 -3.80
CA PHE O 319 -22.37 33.82 -5.05
C PHE O 319 -22.34 34.97 -6.05
N THR O 320 -22.29 34.61 -7.33
CA THR O 320 -22.26 35.60 -8.40
C THR O 320 -23.68 35.88 -8.89
N VAL O 321 -24.01 37.16 -9.03
CA VAL O 321 -25.34 37.59 -9.41
C VAL O 321 -25.24 38.43 -10.67
N THR O 322 -25.98 38.03 -11.70
CA THR O 322 -26.04 38.76 -12.96
C THR O 322 -27.34 39.56 -13.05
N GLU O 323 -27.40 40.46 -14.03
CA GLU O 323 -28.60 41.25 -14.24
C GLU O 323 -29.79 40.38 -14.61
N LYS O 324 -29.56 39.17 -15.11
CA LYS O 324 -30.66 38.27 -15.42
C LYS O 324 -31.44 37.83 -14.19
N GLY O 325 -30.83 37.91 -13.00
CA GLY O 325 -31.54 37.61 -11.77
C GLY O 325 -31.03 36.42 -10.99
N TRP O 326 -31.15 36.50 -9.67
CA TRP O 326 -30.70 35.44 -8.77
C TRP O 326 -31.68 35.33 -7.61
N GLU O 327 -32.15 34.10 -7.36
CA GLU O 327 -33.14 33.84 -6.32
C GLU O 327 -32.46 33.22 -5.10
N PHE O 328 -32.98 33.56 -3.92
CA PHE O 328 -32.43 33.11 -2.65
C PHE O 328 -33.54 32.52 -1.80
N VAL O 329 -33.33 31.29 -1.34
CA VAL O 329 -34.24 30.61 -0.42
C VAL O 329 -33.42 30.07 0.74
N TRP O 330 -33.83 30.41 1.97
CA TRP O 330 -33.08 30.06 3.17
C TRP O 330 -34.04 29.43 4.18
N GLY O 331 -34.00 28.11 4.31
CA GLY O 331 -34.88 27.41 5.24
C GLY O 331 -36.34 27.66 4.92
N ASN O 332 -37.11 27.98 5.95
CA ASN O 332 -38.54 28.25 5.82
C ASN O 332 -38.85 29.72 5.60
N HIS O 333 -37.83 30.57 5.52
CA HIS O 333 -38.06 31.97 5.23
C HIS O 333 -38.61 32.13 3.82
N PRO O 334 -39.59 33.01 3.60
CA PRO O 334 -40.11 33.23 2.25
C PRO O 334 -38.99 33.58 1.29
N PRO O 335 -39.00 32.98 0.09
CA PRO O 335 -37.93 33.24 -0.87
C PRO O 335 -37.78 34.72 -1.19
N LYS O 336 -36.52 35.16 -1.29
CA LYS O 336 -36.17 36.52 -1.66
C LYS O 336 -35.31 36.48 -2.92
N ARG O 337 -35.41 37.53 -3.72
CA ARG O 337 -34.66 37.61 -4.96
C ARG O 337 -33.87 38.91 -5.00
N PHE O 338 -32.67 38.85 -5.57
CA PHE O 338 -31.83 40.02 -5.74
C PHE O 338 -31.24 39.99 -7.14
N TRP O 339 -31.31 41.12 -7.83
CA TRP O 339 -30.68 41.30 -9.14
C TRP O 339 -29.48 42.22 -8.99
N ALA O 340 -28.65 42.26 -10.03
CA ALA O 340 -27.43 43.04 -10.01
C ALA O 340 -27.41 44.02 -11.17
N GLN O 341 -26.67 45.12 -10.97
CA GLN O 341 -26.52 46.15 -11.98
C GLN O 341 -25.13 46.77 -11.82
N GLU O 342 -24.73 47.53 -12.83
CA GLU O 342 -23.41 48.16 -12.91
C GLU O 342 -23.01 48.80 -11.59
N THR O 343 -21.95 48.28 -10.97
CA THR O 343 -21.50 48.75 -9.66
C THR O 343 -20.32 49.72 -9.77
N ALA O 344 -19.20 49.24 -10.29
CA ALA O 344 -17.93 49.97 -10.31
C ALA O 344 -16.92 49.12 -11.09
N PRO O 345 -15.90 49.74 -11.71
CA PRO O 345 -15.60 51.17 -11.81
C PRO O 345 -16.43 51.87 -12.87
N GLY O 346 -17.20 51.10 -13.63
CA GLY O 346 -18.04 51.69 -14.66
C GLY O 346 -17.28 52.10 -15.91
N ASN O 347 -17.76 53.20 -16.52
CA ASN O 347 -17.12 53.75 -17.71
C ASN O 347 -17.24 55.26 -17.68
N PRO O 348 -16.42 55.93 -16.85
CA PRO O 348 -16.41 57.39 -16.84
C PRO O 348 -15.68 57.96 -18.05
N HIS O 349 -15.49 59.28 -18.03
CA HIS O 349 -14.71 59.92 -19.08
C HIS O 349 -13.24 59.56 -18.94
N GLY O 350 -12.67 59.79 -17.75
CA GLY O 350 -11.30 59.45 -17.38
C GLY O 350 -10.18 59.47 -18.41
N LEU O 351 -9.94 60.61 -19.03
CA LEU O 351 -8.95 60.68 -20.09
C LEU O 351 -7.56 60.76 -19.48
N PRO O 352 -6.54 60.18 -20.12
CA PRO O 352 -6.65 58.90 -20.81
C PRO O 352 -6.39 57.71 -19.90
N HIS O 353 -6.30 56.52 -20.48
CA HIS O 353 -6.08 55.28 -19.75
C HIS O 353 -7.22 55.13 -18.74
N GLU O 354 -6.96 54.49 -17.60
CA GLU O 354 -7.98 54.37 -16.57
C GLU O 354 -9.24 53.70 -17.12
N VAL O 355 -10.01 54.45 -17.90
CA VAL O 355 -11.26 53.97 -18.49
C VAL O 355 -11.07 52.69 -19.30
N ILE O 356 -9.86 52.46 -19.83
CA ILE O 356 -9.63 51.21 -20.54
C ILE O 356 -9.82 50.02 -19.61
N THR O 357 -9.23 50.11 -18.42
CA THR O 357 -9.40 49.05 -17.44
C THR O 357 -10.76 49.14 -16.74
N HIS O 358 -11.36 50.32 -16.68
CA HIS O 358 -12.71 50.38 -16.12
C HIS O 358 -13.69 49.65 -17.02
N TYR O 359 -13.53 49.81 -18.34
CA TYR O 359 -14.41 49.13 -19.29
C TYR O 359 -14.22 47.63 -19.23
N TYR O 360 -13.04 47.18 -18.80
CA TYR O 360 -12.80 45.73 -18.64
C TYR O 360 -13.88 45.06 -17.79
N HIS O 361 -14.29 45.71 -16.71
CA HIS O 361 -15.28 45.12 -15.81
C HIS O 361 -16.70 45.23 -16.34
N ARG O 362 -16.98 46.22 -17.19
CA ARG O 362 -18.31 46.40 -17.74
C ARG O 362 -18.43 45.61 -19.05
N TYR O 363 -19.50 44.83 -19.16
CA TYR O 363 -19.74 43.97 -20.30
C TYR O 363 -18.53 43.08 -20.62
N PRO O 364 -18.16 42.17 -19.71
CA PRO O 364 -17.02 41.27 -19.99
C PRO O 364 -17.37 40.27 -21.08
N MET O 365 -16.46 39.31 -21.31
CA MET O 365 -16.62 38.31 -22.38
C MET O 365 -16.62 39.00 -23.75
N SER O 366 -15.41 39.45 -24.11
CA SER O 366 -15.04 40.41 -25.17
C SER O 366 -14.16 41.48 -24.56
N THR O 367 -14.53 42.75 -24.72
CA THR O 367 -13.75 43.87 -24.19
C THR O 367 -12.30 43.80 -24.68
N ILE O 368 -11.52 42.90 -24.08
CA ILE O 368 -10.14 42.69 -24.51
C ILE O 368 -10.09 42.33 -25.99
N LEU O 369 -11.10 41.60 -26.48
CA LEU O 369 -11.17 41.27 -27.90
C LEU O 369 -11.13 42.53 -28.76
N GLY O 370 -12.00 43.49 -28.47
CA GLY O 370 -12.01 44.72 -29.25
C GLY O 370 -10.72 45.50 -29.15
N LEU O 371 -10.11 45.53 -27.96
CA LEU O 371 -8.84 46.22 -27.80
C LEU O 371 -7.75 45.56 -28.64
N SER O 372 -7.72 44.22 -28.65
CA SER O 372 -6.74 43.51 -29.46
C SER O 372 -6.98 43.72 -30.94
N ILE O 373 -8.25 43.78 -31.35
CA ILE O 373 -8.58 44.06 -32.75
C ILE O 373 -8.08 45.45 -33.13
N CYS O 374 -8.32 46.44 -32.28
CA CYS O 374 -7.86 47.79 -32.54
C CYS O 374 -6.33 47.85 -32.61
N ALA O 375 -5.66 47.14 -31.70
CA ALA O 375 -4.20 47.10 -31.70
C ALA O 375 -3.67 46.47 -32.98
N ALA O 376 -4.30 45.37 -33.42
CA ALA O 376 -3.87 44.72 -34.65
C ALA O 376 -4.08 45.62 -35.86
N ILE O 377 -5.22 46.33 -35.90
CA ILE O 377 -5.47 47.25 -37.00
C ILE O 377 -4.43 48.38 -37.00
N ALA O 378 -4.12 48.92 -35.82
CA ALA O 378 -3.10 49.95 -35.73
C ALA O 378 -1.74 49.44 -36.16
N THR O 379 -1.39 48.21 -35.77
CA THR O 379 -0.12 47.63 -36.19
C THR O 379 -0.05 47.45 -37.70
N VAL O 380 -1.14 46.97 -38.31
CA VAL O 380 -1.19 46.83 -39.76
C VAL O 380 -1.04 48.19 -40.43
N SER O 381 -1.70 49.21 -39.87
CA SER O 381 -1.58 50.56 -40.42
C SER O 381 -0.14 51.06 -40.35
N VAL O 382 0.52 50.85 -39.21
CA VAL O 382 1.90 51.28 -39.04
C VAL O 382 2.80 50.55 -40.03
N ALA O 383 2.60 49.24 -40.20
CA ALA O 383 3.41 48.47 -41.14
C ALA O 383 3.19 48.97 -42.57
N ALA O 384 1.94 49.26 -42.94
CA ALA O 384 1.67 49.77 -44.28
C ALA O 384 2.32 51.13 -44.48
N SER O 385 2.25 52.00 -43.48
CA SER O 385 2.90 53.31 -43.58
C SER O 385 4.41 53.15 -43.74
N THR O 386 5.01 52.24 -42.97
CA THR O 386 6.45 51.99 -43.08
C THR O 386 6.82 51.48 -44.47
N TRP O 387 6.02 50.55 -45.00
CA TRP O 387 6.27 50.03 -46.34
C TRP O 387 6.16 51.14 -47.39
N LEU O 388 5.14 51.99 -47.26
CA LEU O 388 4.98 53.10 -48.19
C LEU O 388 6.16 54.06 -48.10
N PHE O 389 6.63 54.34 -46.88
CA PHE O 389 7.80 55.21 -46.71
C PHE O 389 9.04 54.59 -47.33
N CYS O 390 9.23 53.28 -47.16
CA CYS O 390 10.38 52.61 -47.75
C CYS O 390 10.31 52.64 -49.27
N ARG O 391 9.13 52.42 -49.84
CA ARG O 391 8.98 52.47 -51.29
C ARG O 391 9.22 53.89 -51.80
N SER O 392 8.76 54.90 -51.06
CA SER O 392 9.01 56.28 -51.45
C SER O 392 10.50 56.60 -51.38
N ARG O 393 11.19 56.07 -50.36
CA ARG O 393 12.63 56.28 -50.27
C ARG O 393 13.36 55.61 -51.41
N VAL O 394 12.93 54.41 -51.81
CA VAL O 394 13.54 53.74 -52.96
C VAL O 394 13.31 54.55 -54.23
N ALA O 395 12.08 55.03 -54.42
CA ALA O 395 11.77 55.84 -55.60
C ALA O 395 12.59 57.12 -55.62
N CYS O 396 12.78 57.74 -54.45
CA CYS O 396 13.60 58.94 -54.37
C CYS O 396 15.07 58.65 -54.65
N LEU O 397 15.57 57.53 -54.13
CA LEU O 397 16.95 57.15 -54.37
C LEU O 397 17.19 56.75 -55.81
N THR O 398 16.13 56.41 -56.55
CA THR O 398 16.28 56.06 -57.96
C THR O 398 16.97 57.16 -58.76
N PRO O 399 16.56 58.44 -58.73
CA PRO O 399 17.42 59.50 -59.27
C PRO O 399 18.65 59.76 -58.44
N TYR O 400 18.71 59.31 -57.18
CA TYR O 400 19.87 59.52 -56.34
C TYR O 400 20.95 58.46 -56.55
N ARG O 401 21.01 57.86 -57.72
CA ARG O 401 22.00 56.83 -58.01
C ARG O 401 23.27 57.58 -58.39
N LEU O 402 24.24 56.93 -59.01
CA LEU O 402 25.48 57.62 -59.36
C LEU O 402 25.22 58.88 -60.17
N THR O 403 24.45 58.76 -61.26
CA THR O 403 24.11 59.88 -62.13
C THR O 403 25.39 60.67 -62.36
N PRO O 404 26.32 60.17 -63.17
CA PRO O 404 27.72 60.63 -63.07
C PRO O 404 27.90 62.13 -63.03
N ASN O 405 28.04 62.64 -61.80
CA ASN O 405 28.46 64.01 -61.52
C ASN O 405 29.14 64.01 -60.16
N ALA O 406 28.88 62.95 -59.39
CA ALA O 406 29.25 62.83 -57.98
C ALA O 406 28.68 63.96 -57.13
N ARG O 407 27.68 64.67 -57.66
CA ARG O 407 27.08 65.82 -56.99
C ARG O 407 25.60 65.85 -57.37
N ILE O 408 24.73 65.59 -56.40
CA ILE O 408 23.28 65.72 -56.63
C ILE O 408 22.60 66.59 -55.59
N PRO O 409 23.13 67.79 -55.24
CA PRO O 409 22.42 68.64 -54.27
C PRO O 409 20.97 68.94 -54.64
N PHE O 410 20.68 69.19 -55.92
CA PHE O 410 19.43 69.84 -56.29
C PHE O 410 18.24 68.89 -56.21
N CYS O 411 18.44 67.60 -56.51
CA CYS O 411 17.36 66.64 -56.36
C CYS O 411 16.94 66.53 -54.89
N LEU O 412 17.92 66.52 -53.99
CA LEU O 412 17.62 66.46 -52.56
C LEU O 412 16.98 67.76 -52.09
N ALA O 413 17.43 68.89 -52.63
CA ALA O 413 16.87 70.18 -52.24
C ALA O 413 15.42 70.32 -52.70
N VAL O 414 15.07 69.74 -53.85
CA VAL O 414 13.70 69.86 -54.35
C VAL O 414 12.80 68.82 -53.70
N LEU O 415 13.18 67.55 -53.77
CA LEU O 415 12.28 66.49 -53.33
C LEU O 415 12.19 66.43 -51.80
N CYS O 416 13.33 66.55 -51.12
CA CYS O 416 13.41 66.53 -49.66
C CYS O 416 12.69 65.31 -49.08
N CYS O 417 12.97 64.16 -49.69
CA CYS O 417 12.31 62.92 -49.27
C CYS O 417 12.71 62.58 -47.83
N ALA O 418 14.03 62.59 -47.56
CA ALA O 418 14.60 62.46 -46.23
C ALA O 418 16.12 62.55 -46.33
N ARG O 419 16.76 62.97 -45.23
CA ARG O 419 18.20 63.16 -45.17
C ARG O 419 18.74 63.78 -46.46
N THR O 420 18.25 64.99 -46.74
CA THR O 420 18.47 65.67 -48.01
C THR O 420 19.36 66.88 -47.85
N ALA O 421 19.44 67.68 -48.91
CA ALA O 421 20.49 68.67 -49.17
C ALA O 421 20.93 69.39 -47.90
N ARG O 422 22.24 69.38 -47.64
CA ARG O 422 22.76 70.06 -46.47
C ARG O 422 22.48 71.55 -46.54
N ALA O 423 22.64 72.15 -47.71
CA ALA O 423 22.37 73.57 -47.91
C ALA O 423 20.91 73.78 -48.28
N LYS P 1 40.32 53.65 -85.23
CA LYS P 1 39.55 54.15 -84.09
C LYS P 1 39.27 53.03 -83.09
N ARG P 2 38.78 51.89 -83.59
CA ARG P 2 38.50 50.76 -82.73
C ARG P 2 39.74 50.33 -81.96
N GLN P 3 40.92 50.39 -82.61
CA GLN P 3 42.16 50.10 -81.91
C GLN P 3 42.36 51.03 -80.72
N ARG P 4 42.16 52.34 -80.93
CA ARG P 4 42.31 53.29 -79.84
C ARG P 4 41.27 53.07 -78.76
N MET P 5 40.04 52.70 -79.15
CA MET P 5 39.02 52.42 -78.15
C MET P 5 39.39 51.23 -77.29
N VAL P 6 39.91 50.16 -77.90
CA VAL P 6 40.34 49.00 -77.14
C VAL P 6 41.53 49.34 -76.24
N MET P 7 42.46 50.15 -76.76
CA MET P 7 43.59 50.57 -75.94
C MET P 7 43.15 51.37 -74.73
N LYS P 8 42.17 52.26 -74.91
CA LYS P 8 41.67 53.05 -73.79
C LYS P 8 40.92 52.18 -72.80
N LEU P 9 40.16 51.20 -73.29
CA LEU P 9 39.45 50.30 -72.38
C LEU P 9 40.41 49.42 -71.59
N GLU P 10 41.51 49.00 -72.22
CA GLU P 10 42.48 48.16 -71.52
C GLU P 10 43.33 48.97 -70.54
N SER P 11 43.80 50.15 -70.94
CA SER P 11 44.61 50.98 -70.04
C SER P 11 43.82 51.37 -68.81
N ASP P 12 42.59 51.82 -68.99
CA ASP P 12 41.69 52.01 -67.87
C ASP P 12 41.36 50.66 -67.25
N LYS P 13 41.34 50.62 -65.92
CA LYS P 13 41.17 49.34 -65.23
C LYS P 13 39.76 48.82 -65.46
N THR P 14 39.64 47.80 -66.32
CA THR P 14 38.38 47.12 -66.60
C THR P 14 38.63 45.64 -66.47
N PHE P 15 37.66 44.91 -65.90
CA PHE P 15 37.88 43.51 -65.59
C PHE P 15 36.62 42.69 -65.85
N PRO P 16 36.71 41.62 -66.62
CA PRO P 16 35.53 40.77 -66.85
C PRO P 16 35.13 40.04 -65.59
N ILE P 17 33.89 39.56 -65.59
CA ILE P 17 33.31 38.87 -64.45
C ILE P 17 33.47 37.38 -64.69
N MET P 18 34.44 36.78 -63.99
CA MET P 18 34.80 35.39 -64.18
C MET P 18 33.98 34.50 -63.26
N LEU P 19 33.42 33.43 -63.82
CA LEU P 19 32.71 32.41 -63.04
C LEU P 19 33.04 31.05 -63.61
N GLU P 20 33.70 30.22 -62.80
CA GLU P 20 34.13 28.87 -63.20
C GLU P 20 34.98 28.91 -64.46
N GLY P 21 35.77 29.96 -64.63
CA GLY P 21 36.64 30.07 -65.79
C GLY P 21 35.98 30.60 -67.04
N LYS P 22 34.72 31.02 -66.95
CA LYS P 22 33.97 31.49 -68.10
C LYS P 22 33.68 32.98 -67.96
N ILE P 23 33.88 33.72 -69.04
CA ILE P 23 33.57 35.15 -69.06
C ILE P 23 32.07 35.29 -69.25
N ASN P 24 31.37 35.73 -68.20
CA ASN P 24 29.93 35.89 -68.23
C ASN P 24 29.51 37.35 -68.36
N GLY P 25 30.46 38.27 -68.46
CA GLY P 25 30.13 39.67 -68.54
C GLY P 25 31.38 40.52 -68.32
N TYR P 26 31.15 41.82 -68.23
CA TYR P 26 32.23 42.77 -68.00
C TYR P 26 31.76 43.83 -67.03
N ALA P 27 32.72 44.42 -66.31
CA ALA P 27 32.46 45.49 -65.38
C ALA P 27 33.57 46.53 -65.49
N CYS P 28 33.23 47.78 -65.23
CA CYS P 28 34.16 48.88 -65.39
C CYS P 28 33.94 49.89 -64.28
N VAL P 29 34.85 50.85 -64.19
CA VAL P 29 34.80 51.91 -63.18
C VAL P 29 34.62 53.23 -63.91
N VAL P 30 33.52 53.92 -63.63
CA VAL P 30 33.22 55.22 -64.22
C VAL P 30 32.91 56.19 -63.10
N GLY P 31 33.46 57.40 -63.19
CA GLY P 31 33.27 58.40 -62.16
C GLY P 31 33.84 58.02 -60.81
N GLY P 32 34.77 57.09 -60.77
CA GLY P 32 35.43 56.69 -59.54
C GLY P 32 34.69 55.72 -58.67
N LYS P 33 33.65 55.05 -59.18
CA LYS P 33 32.97 54.01 -58.44
C LYS P 33 32.59 52.86 -59.37
N LEU P 34 32.78 51.64 -58.90
CA LEU P 34 32.55 50.46 -59.71
C LEU P 34 31.06 50.20 -59.88
N PHE P 35 30.68 49.77 -61.08
CA PHE P 35 29.32 49.34 -61.38
C PHE P 35 29.36 47.93 -61.95
N ARG P 36 28.31 47.16 -61.66
CA ARG P 36 28.23 45.80 -62.16
C ARG P 36 26.77 45.44 -62.44
N PRO P 37 26.50 44.84 -63.60
CA PRO P 37 25.13 44.35 -63.86
C PRO P 37 24.74 43.26 -62.89
N MET P 38 23.58 43.45 -62.23
CA MET P 38 23.17 42.55 -61.17
C MET P 38 22.87 41.15 -61.68
N HIS P 39 22.31 41.04 -62.89
CA HIS P 39 21.96 39.74 -63.42
C HIS P 39 23.17 38.87 -63.70
N VAL P 40 24.34 39.47 -63.90
CA VAL P 40 25.56 38.70 -64.13
C VAL P 40 26.14 38.26 -62.79
N GLU P 41 26.38 36.96 -62.65
CA GLU P 41 26.94 36.39 -61.45
C GLU P 41 28.44 36.18 -61.60
N GLY P 42 29.15 36.23 -60.47
CA GLY P 42 30.59 36.05 -60.43
C GLY P 42 31.25 37.22 -59.73
N LYS P 43 32.58 37.20 -59.74
CA LYS P 43 33.39 38.22 -59.08
C LYS P 43 34.28 38.92 -60.09
N ILE P 44 34.53 40.21 -59.83
CA ILE P 44 35.38 41.00 -60.72
C ILE P 44 36.78 40.39 -60.76
N ASP P 45 37.43 40.51 -61.91
CA ASP P 45 38.78 39.98 -62.09
C ASP P 45 39.83 40.92 -61.49
N ASN P 46 39.67 41.25 -60.22
CA ASN P 46 40.62 42.12 -59.52
C ASN P 46 40.42 41.90 -58.03
N ASP P 47 41.42 41.32 -57.37
CA ASP P 47 41.30 41.04 -55.95
C ASP P 47 41.09 42.31 -55.14
N VAL P 48 41.80 43.38 -55.50
CA VAL P 48 41.67 44.63 -54.76
C VAL P 48 40.26 45.19 -54.91
N LEU P 49 39.75 45.19 -56.14
CA LEU P 49 38.38 45.65 -56.37
C LEU P 49 37.34 44.69 -55.79
N ALA P 50 37.64 43.38 -55.80
CA ALA P 50 36.70 42.43 -55.23
C ALA P 50 36.49 42.64 -53.74
N ALA P 51 37.46 43.25 -53.06
CA ALA P 51 37.32 43.57 -51.64
C ALA P 51 36.25 44.60 -51.36
N LEU P 52 35.77 45.30 -52.39
CA LEU P 52 34.77 46.35 -52.20
C LEU P 52 33.38 45.74 -52.13
N LYS P 53 32.60 46.15 -51.13
CA LYS P 53 31.24 45.68 -50.98
C LYS P 53 30.31 46.48 -51.89
N THR P 54 29.48 45.76 -52.65
CA THR P 54 28.58 46.37 -53.61
C THR P 54 27.18 46.52 -53.02
N LYS P 55 26.43 47.47 -53.56
CA LYS P 55 25.02 47.66 -53.24
C LYS P 55 24.17 47.33 -54.46
N LYS P 56 22.99 46.79 -54.21
CA LYS P 56 22.11 46.31 -55.27
C LYS P 56 21.08 47.37 -55.65
N ALA P 57 20.68 47.35 -56.92
CA ALA P 57 19.60 48.21 -57.44
C ALA P 57 18.76 47.35 -58.38
N SER P 58 17.74 46.71 -57.81
CA SER P 58 16.92 45.77 -58.59
C SER P 58 16.26 46.45 -59.79
N LYS P 59 15.79 47.69 -59.62
CA LYS P 59 15.04 48.37 -60.68
C LYS P 59 15.78 48.37 -62.01
N TYR P 60 17.10 48.57 -61.98
CA TYR P 60 17.89 48.59 -63.20
C TYR P 60 18.73 47.34 -63.37
N ASP P 61 18.65 46.39 -62.44
CA ASP P 61 19.48 45.18 -62.46
C ASP P 61 20.97 45.55 -62.52
N LEU P 62 21.35 46.52 -61.70
CA LEU P 62 22.72 47.01 -61.64
C LEU P 62 23.18 47.09 -60.20
N GLU P 63 24.49 46.96 -60.00
CA GLU P 63 25.12 47.10 -58.70
C GLU P 63 26.15 48.23 -58.75
N TYR P 64 26.50 48.74 -57.57
CA TYR P 64 27.48 49.81 -57.47
C TYR P 64 28.24 49.65 -56.16
N ALA P 65 29.42 50.26 -56.10
CA ALA P 65 30.27 50.17 -54.92
C ALA P 65 31.24 51.33 -54.93
N ASP P 66 31.74 51.67 -53.74
CA ASP P 66 32.68 52.77 -53.60
C ASP P 66 34.10 52.29 -53.92
N VAL P 67 34.82 53.11 -54.69
CA VAL P 67 36.21 52.81 -55.05
C VAL P 67 37.13 53.73 -54.28
N PRO P 68 38.24 53.22 -53.74
CA PRO P 68 39.19 54.09 -53.03
C PRO P 68 39.67 55.24 -53.92
N GLN P 69 39.81 56.42 -53.30
CA GLN P 69 40.21 57.61 -54.04
C GLN P 69 41.49 57.40 -54.82
N ASN P 70 42.48 56.74 -54.22
CA ASN P 70 43.72 56.45 -54.91
C ASN P 70 43.47 55.63 -56.17
N MET P 71 42.47 54.77 -56.15
CA MET P 71 42.07 54.03 -57.33
C MET P 71 41.06 54.79 -58.18
N ARG P 72 40.40 55.80 -57.60
CA ARG P 72 39.57 56.73 -58.36
C ARG P 72 40.40 57.60 -59.28
N ALA P 73 41.73 57.56 -59.13
CA ALA P 73 42.64 58.40 -59.89
C ALA P 73 42.38 58.35 -61.39
N ASP P 74 42.08 57.17 -61.93
CA ASP P 74 41.96 57.00 -63.38
C ASP P 74 40.75 56.12 -63.65
N THR P 75 39.62 56.74 -63.96
CA THR P 75 38.38 56.06 -64.27
C THR P 75 37.80 56.64 -65.55
N PHE P 76 36.65 56.12 -65.96
CA PHE P 76 36.02 56.60 -67.18
C PHE P 76 35.48 58.01 -66.98
N LYS P 77 35.54 58.80 -68.05
CA LYS P 77 35.03 60.16 -68.07
C LYS P 77 33.65 60.14 -68.74
N TYR P 78 32.63 60.57 -68.00
CA TYR P 78 31.28 60.61 -68.53
C TYR P 78 30.94 61.99 -69.06
N THR P 79 30.10 62.02 -70.09
CA THR P 79 29.60 63.27 -70.65
C THR P 79 28.11 63.12 -70.93
N HIS P 80 27.41 64.25 -70.93
CA HIS P 80 25.97 64.25 -71.18
C HIS P 80 25.63 64.68 -72.61
N GLU P 81 26.61 65.15 -73.37
CA GLU P 81 26.40 65.58 -74.75
C GLU P 81 26.29 64.34 -75.62
N LYS P 82 25.05 63.97 -75.97
CA LYS P 82 24.76 62.74 -76.73
C LYS P 82 23.98 63.10 -77.98
N PRO P 83 24.64 63.72 -78.97
CA PRO P 83 23.96 64.02 -80.23
C PRO P 83 23.78 62.76 -81.08
N GLN P 84 22.85 62.85 -82.02
CA GLN P 84 22.63 61.76 -82.96
C GLN P 84 23.84 61.56 -83.85
N GLY P 85 24.06 60.33 -84.25
CA GLY P 85 25.21 59.97 -85.05
C GLY P 85 25.64 58.54 -84.75
N TYR P 86 26.95 58.32 -84.79
CA TYR P 86 27.54 57.01 -84.54
C TYR P 86 28.58 57.12 -83.44
N TYR P 87 28.63 56.09 -82.60
CA TYR P 87 29.61 55.99 -81.53
C TYR P 87 30.39 54.69 -81.69
N SER P 88 31.38 54.48 -80.83
CA SER P 88 32.25 53.32 -80.90
C SER P 88 32.20 52.55 -79.59
N TRP P 89 32.31 51.22 -79.68
CA TRP P 89 32.41 50.38 -78.51
C TRP P 89 33.22 49.14 -78.87
N HIS P 90 33.35 48.22 -77.90
CA HIS P 90 34.28 47.11 -78.02
C HIS P 90 34.09 46.32 -79.31
N HIS P 91 32.85 46.04 -79.70
CA HIS P 91 32.56 45.24 -80.88
C HIS P 91 32.26 46.10 -82.10
N GLY P 92 32.87 47.27 -82.19
CA GLY P 92 32.73 48.11 -83.38
C GLY P 92 31.97 49.39 -83.15
N ALA P 93 31.11 49.75 -84.11
CA ALA P 93 30.35 50.99 -84.05
C ALA P 93 28.93 50.72 -83.55
N VAL P 94 28.26 51.80 -83.16
CA VAL P 94 26.86 51.76 -82.75
C VAL P 94 26.16 53.00 -83.30
N GLN P 95 24.97 52.79 -83.86
CA GLN P 95 24.17 53.87 -84.39
C GLN P 95 23.20 54.39 -83.33
N TYR P 96 23.21 55.70 -83.13
CA TYR P 96 22.30 56.36 -82.19
C TYR P 96 21.30 57.19 -82.98
N GLU P 97 20.02 56.85 -82.83
CA GLU P 97 18.96 57.51 -83.58
C GLU P 97 17.65 57.36 -82.82
N ASN P 98 16.87 58.42 -82.77
CA ASN P 98 15.59 58.46 -82.07
C ASN P 98 15.75 58.19 -80.57
N GLY P 99 16.93 58.44 -80.02
CA GLY P 99 17.19 58.15 -78.64
C GLY P 99 17.54 56.71 -78.33
N ARG P 100 17.76 55.88 -79.35
CA ARG P 100 18.05 54.46 -79.16
C ARG P 100 19.36 54.10 -79.85
N PHE P 101 20.07 53.15 -79.26
CA PHE P 101 21.31 52.62 -79.82
C PHE P 101 21.03 51.32 -80.55
N THR P 102 21.56 51.19 -81.76
CA THR P 102 21.36 50.00 -82.59
C THR P 102 22.69 49.61 -83.22
N VAL P 103 22.93 48.31 -83.35
CA VAL P 103 24.14 47.81 -84.00
C VAL P 103 23.74 46.73 -85.00
N PRO P 104 24.59 46.50 -86.02
CA PRO P 104 24.28 45.46 -87.01
C PRO P 104 24.12 44.09 -86.37
N LYS P 105 23.27 43.27 -87.01
CA LYS P 105 22.98 41.93 -86.51
C LYS P 105 24.25 41.10 -86.43
N GLY P 106 24.28 40.19 -85.46
CA GLY P 106 25.43 39.35 -85.22
C GLY P 106 26.47 39.96 -84.32
N VAL P 107 26.25 41.17 -83.84
CA VAL P 107 27.17 41.87 -82.96
C VAL P 107 26.55 41.91 -81.57
N GLY P 108 27.20 41.29 -80.60
CA GLY P 108 26.68 41.23 -79.26
C GLY P 108 25.94 39.94 -78.96
N ALA P 109 26.15 39.39 -77.78
CA ALA P 109 25.54 38.12 -77.38
C ALA P 109 25.66 37.98 -75.87
N LYS P 110 25.12 36.90 -75.34
CA LYS P 110 25.21 36.62 -73.90
C LYS P 110 26.65 36.65 -73.44
N GLY P 111 26.92 37.49 -72.43
CA GLY P 111 28.27 37.64 -71.90
C GLY P 111 28.90 38.98 -72.21
N ASP P 112 28.28 39.80 -73.04
CA ASP P 112 28.81 41.12 -73.37
C ASP P 112 28.29 42.23 -72.47
N SER P 113 27.39 41.91 -71.52
CA SER P 113 26.84 42.91 -70.62
C SER P 113 27.95 43.64 -69.88
N GLY P 114 27.86 44.96 -69.83
CA GLY P 114 28.81 45.79 -69.13
C GLY P 114 29.71 46.62 -70.03
N ARG P 115 29.73 46.35 -71.33
CA ARG P 115 30.57 47.11 -72.25
C ARG P 115 30.04 48.53 -72.40
N PRO P 116 30.83 49.55 -72.10
CA PRO P 116 30.36 50.93 -72.25
C PRO P 116 30.40 51.37 -73.71
N ILE P 117 29.74 52.50 -73.97
CA ILE P 117 29.72 53.12 -75.28
C ILE P 117 30.48 54.44 -75.20
N LEU P 118 31.46 54.61 -76.09
CA LEU P 118 32.36 55.75 -76.06
C LEU P 118 32.07 56.68 -77.24
N ASP P 119 32.33 57.96 -77.02
CA ASP P 119 32.19 58.97 -78.06
C ASP P 119 33.54 59.16 -78.77
N ASN P 120 33.61 60.16 -79.65
CA ASN P 120 34.85 60.43 -80.37
C ASN P 120 35.97 60.89 -79.45
N GLN P 121 35.63 61.45 -78.29
CA GLN P 121 36.62 61.90 -77.32
C GLN P 121 36.95 60.82 -76.30
N GLY P 122 36.41 59.62 -76.43
CA GLY P 122 36.65 58.57 -75.47
C GLY P 122 35.85 58.67 -74.20
N ARG P 123 34.80 59.49 -74.19
CA ARG P 123 33.95 59.63 -73.02
C ARG P 123 32.78 58.67 -73.09
N VAL P 124 32.38 58.13 -71.93
CA VAL P 124 31.27 57.19 -71.88
C VAL P 124 29.95 57.92 -72.06
N VAL P 125 29.09 57.36 -72.89
CA VAL P 125 27.75 57.92 -73.09
C VAL P 125 26.64 56.95 -72.70
N ALA P 126 26.92 55.65 -72.61
CA ALA P 126 25.91 54.66 -72.27
C ALA P 126 26.60 53.36 -71.89
N ILE P 127 25.85 52.49 -71.23
CA ILE P 127 26.33 51.17 -70.83
C ILE P 127 25.42 50.12 -71.43
N VAL P 128 26.00 49.14 -72.12
CA VAL P 128 25.22 48.10 -72.77
C VAL P 128 24.91 47.00 -71.76
N LEU P 129 23.64 46.68 -71.60
CA LEU P 129 23.19 45.64 -70.67
C LEU P 129 22.60 44.42 -71.36
N GLY P 130 21.97 44.60 -72.50
CA GLY P 130 21.36 43.49 -73.21
C GLY P 130 21.07 43.84 -74.65
N GLY P 131 20.15 43.10 -75.24
CA GLY P 131 19.76 43.36 -76.61
C GLY P 131 18.65 42.42 -77.03
N VAL P 132 18.18 42.63 -78.26
CA VAL P 132 17.09 41.84 -78.83
C VAL P 132 17.27 41.80 -80.34
N ASN P 133 16.98 40.64 -80.93
CA ASN P 133 17.11 40.50 -82.38
C ASN P 133 16.20 41.49 -83.09
N GLU P 134 16.79 42.25 -84.00
CA GLU P 134 16.08 43.27 -84.77
C GLU P 134 16.37 43.09 -86.25
N GLY P 135 16.19 41.88 -86.77
CA GLY P 135 16.36 41.64 -88.19
C GLY P 135 17.78 41.87 -88.64
N SER P 136 17.94 42.79 -89.59
CA SER P 136 19.27 43.11 -90.14
C SER P 136 20.18 43.75 -89.11
N ARG P 137 19.64 44.24 -88.00
CA ARG P 137 20.41 44.84 -86.92
C ARG P 137 19.93 44.24 -85.60
N THR P 138 20.48 44.73 -84.50
CA THR P 138 19.93 44.42 -83.19
C THR P 138 19.96 45.69 -82.33
N ALA P 139 18.92 45.86 -81.52
CA ALA P 139 18.80 47.03 -80.65
C ALA P 139 19.26 46.67 -79.25
N LEU P 140 20.18 47.48 -78.72
CA LEU P 140 20.75 47.22 -77.40
C LEU P 140 19.94 47.95 -76.33
N SER P 141 19.76 47.28 -75.19
CA SER P 141 19.15 47.90 -74.03
C SER P 141 20.23 48.58 -73.21
N VAL P 142 20.15 49.89 -73.07
CA VAL P 142 21.21 50.70 -72.48
C VAL P 142 20.62 51.66 -71.46
N VAL P 143 21.50 52.20 -70.62
CA VAL P 143 21.16 53.25 -69.67
C VAL P 143 21.98 54.48 -70.00
N MET P 144 21.33 55.64 -70.02
CA MET P 144 22.01 56.90 -70.31
C MET P 144 21.54 57.95 -69.32
N TRP P 145 22.35 59.01 -69.19
CA TRP P 145 22.12 60.04 -68.17
C TRP P 145 22.12 61.41 -68.83
N ASN P 146 21.09 62.20 -68.53
CA ASN P 146 20.99 63.53 -69.10
C ASN P 146 21.82 64.53 -68.32
N GLU P 147 21.90 65.76 -68.84
CA GLU P 147 22.66 66.81 -68.18
C GLU P 147 22.09 67.16 -66.82
N LYS P 148 20.85 66.79 -66.53
CA LYS P 148 20.25 67.00 -65.22
C LYS P 148 20.54 65.88 -64.24
N GLY P 149 21.24 64.82 -64.67
CA GLY P 149 21.57 63.74 -63.77
C GLY P 149 20.47 62.72 -63.57
N VAL P 150 19.55 62.58 -64.51
CA VAL P 150 18.47 61.62 -64.38
C VAL P 150 18.87 60.32 -65.06
N THR P 151 18.76 59.21 -64.34
CA THR P 151 19.05 57.89 -64.89
C THR P 151 17.84 57.38 -65.67
N VAL P 152 18.03 57.13 -66.97
CA VAL P 152 16.96 56.67 -67.84
C VAL P 152 17.42 55.38 -68.49
N LYS P 153 16.62 54.32 -68.34
CA LYS P 153 16.91 53.02 -68.93
C LYS P 153 15.97 52.78 -70.10
N TYR P 154 16.55 52.57 -71.28
CA TYR P 154 15.78 52.27 -72.48
C TYR P 154 15.84 50.76 -72.71
N THR P 155 14.68 50.11 -72.64
CA THR P 155 14.59 48.66 -72.77
C THR P 155 13.58 48.31 -73.87
N PRO P 156 14.03 47.77 -75.00
CA PRO P 156 13.08 47.32 -76.02
C PRO P 156 12.14 46.25 -75.49
N GLU P 157 10.93 46.23 -76.04
CA GLU P 157 9.95 45.22 -75.65
C GLU P 157 10.48 43.82 -75.89
N ASN P 158 10.41 42.98 -74.86
CA ASN P 158 10.86 41.59 -74.93
C ASN P 158 12.36 41.50 -75.19
N CYS P 159 13.11 42.44 -74.63
CA CYS P 159 14.56 42.43 -74.77
C CYS P 159 15.17 41.26 -74.00
N GLU P 160 16.17 40.63 -74.60
CA GLU P 160 16.86 39.50 -73.99
C GLU P 160 18.09 39.98 -73.24
N GLN P 161 18.37 39.32 -72.11
CA GLN P 161 19.57 39.62 -71.34
C GLN P 161 20.79 39.10 -72.06
N TRP P 162 21.54 40.01 -72.70
CA TRP P 162 22.75 39.63 -73.43
C TRP P 162 24.00 39.98 -72.63
#